data_4ERM
#
_entry.id   4ERM
#
_cell.length_a   280.471
_cell.length_b   155.744
_cell.length_c   166.919
_cell.angle_alpha   90.00
_cell.angle_beta   119.07
_cell.angle_gamma   90.00
#
_symmetry.space_group_name_H-M   'C 1 2 1'
#
loop_
_entity.id
_entity.type
_entity.pdbx_description
1 polymer 'Ribonucleoside-diphosphate reductase 1 subunit alpha'
2 polymer 'Ribonucleoside-diphosphate reductase 1 subunit beta'
3 non-polymer "2'-DEOXYADENOSINE 5'-TRIPHOSPHATE"
4 non-polymer "2'-DEOXYADENOSINE-5'-DIPHOSPHATE"
5 non-polymer 'MAGNESIUM ION'
6 non-polymer MU-OXO-DIIRON
7 water water
#
loop_
_entity_poly.entity_id
_entity_poly.type
_entity_poly.pdbx_seq_one_letter_code
_entity_poly.pdbx_strand_id
1 'polypeptide(L)'
;MNQNLLVTKRDGSTERINLDKIHRVLDWAAEGLHNVSISQVELRSHIQFYDGIKTSDIHETIIKAAADLISRDAPDYQYL
AARLAIFHLRKKAYGQFEPPALYDHVVKMVEMGKYDNHLLEDYTEEEFKQMDTFIDHDRDMTFSYAAVKQLEGKYLVQNR
VTGEIYESAQFLYILVAACLFSNYPRETRLQYVKRFYDAVSTFKISLPTPIMSGVRTPTRQFSSCVLIECGDSLDSINAT
SSAIVKYVSQRAGIGINAGRIRALGSPIRGGEAFHTGCIPFYKHFQTAVKSCSQGGVRGGAATLFYPMWHLEVESLLVLK
NNRGVEGNRVRHMDYGVQINKLMYTRLLKGEDITLFSPSDVPGLYDAFFADQEEFERLYTKYEKDDSIRKQRVKAVELFS
LMMQERASTGRIYIQNVDHCNTHSPFDPAIAPVRQSNLCLEIALPTKPLNDVNDENGEIALCTLSAFNLGAINNLDELEE
LAILAVRALDALLDYQDYPIPAAKRGAMGRRTLGIGVINFAYYLAKHGKRYSDGSANNLTHKTFEAIQYYLLKASNELAK
EQGACPWFNETTYAKGILPIDTYKKDLDTIANEPLHYDWEALRESIKTHGLRNSTLSALMPSETSSQISNATNGIEPPRG
YVSIKASKDGILRQVVPDYEHLHDAYELLWEMPGNDGYLQLVGIMQKFIDQSISANTNYDPSRFPSGKVPMQQLLKDLLT
AYKFGVKTLYYQNTRDGAEDAQDDLVPSIQDDGCESGACKI
;
A,B,C,D
2 'polypeptide(L)'
;AYTTFSQTKNDQLKEPMFFGQPVNVARYDQQKYDIFEKLIEKQLSFFWRPEEVDVSRDRIDYQALPEHEKHIFISNLKYQ
TLLDSIQGRSPNVALLPLISIPELETWVETWAFSETIHSRSYTHIIRNIVNDPSVVFDDIVTNEQIQKRAEGISSYYDEL
IEMTSYWHLLGEGTHTVNGKTVTVSLRELKKKLYLCLMSVNALEAIRFYVSFACSFAFAERELMEGNAKIIRLIARDEAL
HLTGTQHMLNLLRSGADDPEMAEIAEECKQECYDLFVQAAQQEKDWADYLFRDGSMIGLNKDILCQYVEYITNIRMQAVG
LDLPFQTRSNPIPWINTWLVSDNVQVAPQEVEVSSYLVGQIDSEVDTDDLSNFQL
;
E,F,G,H
#
loop_
_chem_comp.id
_chem_comp.type
_chem_comp.name
_chem_comp.formula
DAT non-polymer 2'-DEOXYADENOSINE-5'-DIPHOSPHATE 'C10 H15 N5 O9 P2'
DTP non-polymer '2'-DEOXYADENOSINE 5'-TRIPHOSPHATE' 'C10 H16 N5 O12 P3'
FEO non-polymer MU-OXO-DIIRON 'Fe2 O'
MG non-polymer 'MAGNESIUM ION' 'Mg 2'
#
# COMPACT_ATOMS: atom_id res chain seq x y z
N ASN A 4 47.56 -50.64 13.40
CA ASN A 4 48.37 -49.54 12.79
C ASN A 4 48.46 -48.34 13.72
N LEU A 5 47.38 -48.08 14.45
CA LEU A 5 47.34 -46.95 15.38
C LEU A 5 48.00 -47.32 16.71
N LEU A 6 48.43 -46.31 17.45
CA LEU A 6 49.08 -46.53 18.74
C LEU A 6 48.31 -45.85 19.88
N VAL A 7 48.57 -46.29 21.10
CA VAL A 7 47.94 -45.74 22.29
C VAL A 7 48.98 -45.42 23.35
N THR A 8 48.67 -44.46 24.21
CA THR A 8 49.58 -44.04 25.27
C THR A 8 49.14 -44.56 26.63
N LYS A 9 49.84 -45.57 27.15
CA LYS A 9 49.49 -46.12 28.45
C LYS A 9 49.79 -45.15 29.59
N ARG A 10 49.18 -45.41 30.73
CA ARG A 10 49.34 -44.58 31.92
C ARG A 10 50.81 -44.33 32.26
N ASP A 11 51.57 -45.39 32.38
CA ASP A 11 52.93 -45.25 32.86
C ASP A 11 53.58 -44.26 31.91
N GLY A 12 53.06 -44.20 30.69
CA GLY A 12 53.65 -43.44 29.60
C GLY A 12 54.27 -44.25 28.47
N SER A 13 54.17 -45.57 28.57
CA SER A 13 54.56 -46.48 27.49
C SER A 13 53.55 -46.46 26.33
N THR A 14 53.99 -46.81 25.13
CA THR A 14 53.11 -46.77 23.97
C THR A 14 53.09 -48.10 23.22
N GLU A 15 51.89 -48.59 22.92
CA GLU A 15 51.73 -49.85 22.21
C GLU A 15 50.57 -49.74 21.23
N ARG A 16 50.60 -50.56 20.18
CA ARG A 16 49.55 -50.54 19.17
C ARG A 16 48.17 -50.79 19.78
N ILE A 17 47.16 -50.15 19.21
CA ILE A 17 45.79 -50.28 19.69
C ILE A 17 45.31 -51.73 19.68
N ASN A 18 44.59 -52.11 20.72
CA ASN A 18 44.06 -53.46 20.85
C ASN A 18 42.66 -53.37 21.45
N LEU A 19 41.66 -53.81 20.70
CA LEU A 19 40.28 -53.73 21.16
C LEU A 19 40.11 -54.55 22.42
N ASP A 20 40.76 -55.71 22.46
CA ASP A 20 40.62 -56.64 23.58
C ASP A 20 40.69 -55.91 24.92
N LYS A 21 41.70 -55.07 25.08
CA LYS A 21 41.91 -54.33 26.32
C LYS A 21 40.62 -53.72 26.84
N ILE A 22 39.78 -53.23 25.93
CA ILE A 22 38.51 -52.62 26.30
C ILE A 22 37.47 -53.70 26.58
N HIS A 23 37.46 -54.73 25.73
CA HIS A 23 36.52 -55.84 25.88
C HIS A 23 36.70 -56.52 27.24
N ARG A 24 37.94 -56.80 27.60
CA ARG A 24 38.24 -57.45 28.87
C ARG A 24 37.68 -56.64 30.04
N VAL A 25 38.00 -55.34 30.04
CA VAL A 25 37.55 -54.43 31.10
C VAL A 25 36.04 -54.41 31.25
N LEU A 26 35.34 -54.04 30.19
CA LEU A 26 33.89 -53.97 30.21
C LEU A 26 33.26 -55.30 30.59
N ASP A 27 33.81 -56.39 30.07
CA ASP A 27 33.31 -57.73 30.36
C ASP A 27 33.40 -58.01 31.86
N TRP A 28 34.38 -57.39 32.50
CA TRP A 28 34.60 -57.56 33.93
C TRP A 28 33.48 -56.93 34.76
N ALA A 29 33.39 -55.60 34.70
CA ALA A 29 32.38 -54.86 35.46
C ALA A 29 30.97 -55.32 35.11
N ALA A 30 30.83 -56.05 34.02
CA ALA A 30 29.52 -56.54 33.59
C ALA A 30 29.21 -57.90 34.21
N GLU A 31 30.22 -58.47 34.89
CA GLU A 31 30.07 -59.77 35.54
C GLU A 31 29.01 -59.72 36.64
N GLY A 32 28.08 -60.66 36.60
CA GLY A 32 27.04 -60.70 37.62
C GLY A 32 25.90 -59.73 37.38
N LEU A 33 25.91 -59.08 36.22
CA LEU A 33 24.86 -58.12 35.88
C LEU A 33 23.97 -58.69 34.78
N HIS A 34 22.76 -58.15 34.67
CA HIS A 34 21.80 -58.61 33.68
C HIS A 34 21.26 -57.46 32.84
N ASN A 35 20.66 -57.79 31.70
CA ASN A 35 20.00 -56.81 30.85
C ASN A 35 21.04 -55.79 30.39
N VAL A 36 22.30 -56.07 30.71
CA VAL A 36 23.41 -55.20 30.34
C VAL A 36 24.22 -55.84 29.22
N SER A 37 24.52 -55.07 28.19
CA SER A 37 25.29 -55.58 27.06
C SER A 37 26.60 -54.83 26.90
N ILE A 38 27.68 -55.58 26.67
CA ILE A 38 29.00 -55.00 26.51
C ILE A 38 29.07 -54.15 25.24
N SER A 39 28.60 -54.73 24.14
CA SER A 39 28.61 -54.04 22.84
C SER A 39 27.97 -52.66 22.91
N GLN A 40 26.91 -52.53 23.70
CA GLN A 40 26.21 -51.25 23.84
C GLN A 40 27.15 -50.11 24.21
N VAL A 41 27.87 -50.29 25.32
CA VAL A 41 28.80 -49.27 25.80
C VAL A 41 29.84 -48.88 24.76
N GLU A 42 30.44 -49.87 24.12
CA GLU A 42 31.46 -49.64 23.10
C GLU A 42 31.00 -48.78 21.93
N LEU A 43 29.80 -49.07 21.43
CA LEU A 43 29.24 -48.31 20.32
C LEU A 43 28.67 -46.98 20.80
N ARG A 44 28.05 -47.00 21.98
CA ARG A 44 27.45 -45.79 22.49
C ARG A 44 28.59 -44.79 22.59
N SER A 45 29.76 -45.31 22.94
CA SER A 45 30.90 -44.45 23.27
C SER A 45 31.36 -43.70 22.06
N HIS A 46 31.19 -44.33 20.90
CA HIS A 46 31.55 -43.69 19.65
C HIS A 46 32.99 -43.27 19.90
N ILE A 47 33.72 -44.12 20.60
CA ILE A 47 35.06 -43.75 21.02
C ILE A 47 35.81 -43.48 19.74
N GLN A 48 36.54 -42.38 19.70
CA GLN A 48 37.25 -42.00 18.50
C GLN A 48 38.76 -42.11 18.66
N PHE A 49 39.17 -43.33 18.09
CA PHE A 49 40.60 -43.57 18.15
C PHE A 49 41.37 -42.64 17.22
N TYR A 50 42.59 -42.29 17.61
CA TYR A 50 43.43 -41.41 16.81
C TYR A 50 44.88 -41.44 17.29
N ASP A 51 45.78 -41.46 16.32
CA ASP A 51 47.09 -42.03 16.50
C ASP A 51 47.65 -41.39 17.73
N GLY A 52 48.15 -42.25 18.61
CA GLY A 52 48.52 -41.84 19.93
C GLY A 52 47.28 -41.28 20.60
N ILE A 53 46.63 -42.12 21.41
CA ILE A 53 45.56 -41.69 22.29
C ILE A 53 45.87 -42.20 23.69
N LYS A 54 45.75 -41.37 24.72
CA LYS A 54 46.09 -41.83 26.06
C LYS A 54 45.06 -42.85 26.57
N THR A 55 45.56 -43.93 27.14
CA THR A 55 44.71 -44.99 27.66
C THR A 55 43.78 -44.50 28.76
N SER A 56 44.16 -43.44 29.45
CA SER A 56 43.33 -42.90 30.53
C SER A 56 42.07 -42.26 29.95
N ASP A 57 42.23 -41.58 28.81
CA ASP A 57 41.10 -40.92 28.17
C ASP A 57 40.09 -41.97 27.67
N ILE A 58 40.61 -43.05 27.11
CA ILE A 58 39.77 -44.12 26.59
C ILE A 58 38.91 -44.73 27.70
N HIS A 59 39.52 -44.92 28.86
CA HIS A 59 38.80 -45.44 30.03
C HIS A 59 37.71 -44.47 30.48
N GLU A 60 38.02 -43.18 30.45
CA GLU A 60 37.09 -42.16 30.93
C GLU A 60 35.90 -42.00 30.01
N THR A 61 36.11 -42.30 28.73
CA THR A 61 35.05 -42.18 27.73
C THR A 61 34.03 -43.31 27.86
N ILE A 62 34.52 -44.52 28.12
CA ILE A 62 33.65 -45.69 28.26
C ILE A 62 32.81 -45.61 29.53
N ILE A 63 33.38 -44.99 30.57
CA ILE A 63 32.68 -44.85 31.85
C ILE A 63 31.47 -43.93 31.68
N LYS A 64 31.65 -42.81 31.00
CA LYS A 64 30.55 -41.88 30.80
C LYS A 64 29.50 -42.50 29.88
N ALA A 65 29.93 -43.48 29.09
CA ALA A 65 29.02 -44.16 28.17
C ALA A 65 28.05 -45.04 28.95
N ALA A 66 28.59 -46.02 29.67
CA ALA A 66 27.79 -46.93 30.47
C ALA A 66 26.99 -46.15 31.51
N ALA A 67 27.37 -44.88 31.69
CA ALA A 67 26.71 -44.01 32.66
C ALA A 67 25.33 -43.59 32.14
N ASP A 68 25.26 -43.33 30.84
CA ASP A 68 24.00 -42.93 30.21
C ASP A 68 23.09 -44.12 30.02
N LEU A 69 23.67 -45.31 29.98
CA LEU A 69 22.88 -46.50 29.75
C LEU A 69 21.87 -46.59 30.89
N ILE A 70 22.29 -46.13 32.07
CA ILE A 70 21.48 -46.45 33.20
C ILE A 70 20.11 -46.00 32.79
N SER A 71 19.17 -46.91 32.91
CA SER A 71 17.78 -46.67 32.55
C SER A 71 16.84 -47.63 33.30
N ARG A 72 15.54 -47.33 33.29
CA ARG A 72 14.60 -48.10 34.09
C ARG A 72 14.62 -49.55 33.65
N ASP A 73 14.69 -49.76 32.33
CA ASP A 73 14.72 -51.11 31.76
C ASP A 73 15.96 -51.89 32.17
N ALA A 74 17.10 -51.21 32.19
CA ALA A 74 18.37 -51.85 32.54
C ALA A 74 19.13 -51.01 33.57
N PRO A 75 18.64 -51.01 34.80
CA PRO A 75 19.27 -50.25 35.88
C PRO A 75 20.69 -50.74 36.19
N ASP A 76 20.98 -52.01 36.00
CA ASP A 76 22.15 -52.57 36.61
C ASP A 76 23.29 -51.65 36.21
N TYR A 77 23.12 -50.97 35.08
CA TYR A 77 24.22 -50.24 34.46
C TYR A 77 24.94 -49.35 35.47
N GLN A 78 24.21 -48.94 36.51
CA GLN A 78 24.72 -47.95 37.45
C GLN A 78 25.61 -48.60 38.51
N TYR A 79 25.70 -49.92 38.48
CA TYR A 79 26.76 -50.64 39.18
C TYR A 79 27.91 -50.87 38.21
N LEU A 80 27.58 -50.99 36.93
CA LEU A 80 28.59 -51.21 35.89
C LEU A 80 29.53 -50.02 35.81
N ALA A 81 28.96 -48.83 35.59
CA ALA A 81 29.75 -47.61 35.49
C ALA A 81 30.53 -47.38 36.79
N ALA A 82 29.87 -47.60 37.91
CA ALA A 82 30.51 -47.43 39.22
C ALA A 82 31.78 -48.26 39.30
N ARG A 83 31.67 -49.53 38.90
CA ARG A 83 32.80 -50.44 38.93
C ARG A 83 33.93 -49.93 38.04
N LEU A 84 33.56 -49.35 36.90
CA LEU A 84 34.53 -48.82 35.96
C LEU A 84 35.22 -47.59 36.55
N ALA A 85 34.45 -46.75 37.23
CA ALA A 85 34.97 -45.55 37.85
C ALA A 85 36.01 -45.83 38.94
N ILE A 86 35.70 -46.77 39.82
CA ILE A 86 36.61 -47.16 40.89
C ILE A 86 37.92 -47.71 40.35
N PHE A 87 37.81 -48.50 39.28
CA PHE A 87 38.97 -49.09 38.64
C PHE A 87 39.85 -47.94 38.15
N HIS A 88 39.21 -46.94 37.56
CA HIS A 88 39.93 -45.78 37.04
C HIS A 88 40.56 -44.95 38.17
N LEU A 89 39.85 -44.84 39.29
CA LEU A 89 40.34 -44.09 40.42
C LEU A 89 41.56 -44.75 41.07
N ARG A 90 41.52 -46.07 41.16
CA ARG A 90 42.62 -46.83 41.76
C ARG A 90 43.92 -46.62 40.99
N LYS A 91 43.80 -46.24 39.73
CA LYS A 91 44.98 -46.01 38.88
C LYS A 91 45.71 -44.71 39.22
N LYS A 92 44.95 -43.63 39.37
CA LYS A 92 45.55 -42.34 39.70
C LYS A 92 45.96 -42.26 41.16
N ALA A 93 45.28 -43.03 42.01
CA ALA A 93 45.57 -43.04 43.43
C ALA A 93 46.75 -43.92 43.81
N TYR A 94 46.81 -45.13 43.27
CA TYR A 94 47.90 -46.06 43.61
C TYR A 94 48.61 -46.64 42.39
N GLY A 95 48.19 -46.23 41.20
CA GLY A 95 48.83 -46.74 39.99
C GLY A 95 48.44 -48.18 39.71
N GLN A 96 47.65 -48.77 40.60
CA GLN A 96 47.21 -50.15 40.44
C GLN A 96 45.97 -50.43 41.28
N PHE A 97 45.28 -51.53 40.95
CA PHE A 97 44.02 -51.85 41.60
C PHE A 97 44.20 -52.24 43.07
N GLU A 98 45.22 -53.04 43.34
CA GLU A 98 45.50 -53.49 44.71
C GLU A 98 46.09 -52.36 45.55
N PRO A 99 45.29 -51.86 46.50
CA PRO A 99 45.71 -50.76 47.37
C PRO A 99 46.89 -51.08 48.29
N PRO A 100 47.72 -50.05 48.53
CA PRO A 100 48.92 -50.11 49.39
C PRO A 100 48.63 -50.10 50.89
N ALA A 101 49.61 -50.46 51.71
CA ALA A 101 49.38 -50.68 53.13
C ALA A 101 48.89 -49.41 53.83
N LEU A 102 47.99 -49.56 54.80
CA LEU A 102 47.33 -48.41 55.37
C LEU A 102 48.40 -47.49 55.93
N TYR A 103 49.42 -48.09 56.56
CA TYR A 103 50.55 -47.34 57.14
C TYR A 103 51.52 -46.62 56.20
N ASP A 104 51.90 -47.29 55.12
CA ASP A 104 52.71 -46.67 54.08
C ASP A 104 51.93 -45.54 53.43
N HIS A 105 50.64 -45.76 53.23
CA HIS A 105 49.78 -44.77 52.55
C HIS A 105 49.64 -43.45 53.31
N VAL A 106 49.43 -43.54 54.61
CA VAL A 106 49.42 -42.36 55.50
C VAL A 106 50.77 -41.64 55.62
N VAL A 107 51.84 -42.42 55.74
CA VAL A 107 53.20 -41.88 55.82
C VAL A 107 53.53 -41.03 54.60
N LYS A 108 53.45 -41.63 53.41
CA LYS A 108 53.73 -40.93 52.17
C LYS A 108 52.93 -39.64 52.06
N MET A 109 51.62 -39.75 52.30
CA MET A 109 50.73 -38.61 52.22
C MET A 109 51.15 -37.48 53.16
N VAL A 110 51.45 -37.83 54.41
CA VAL A 110 51.86 -36.84 55.41
C VAL A 110 53.06 -36.05 54.90
N GLU A 111 53.99 -36.73 54.23
CA GLU A 111 55.18 -36.08 53.70
C GLU A 111 54.78 -35.18 52.52
N MET A 112 53.65 -35.49 51.90
CA MET A 112 53.15 -34.71 50.78
C MET A 112 52.31 -33.54 51.28
N GLY A 113 51.87 -33.64 52.53
CA GLY A 113 51.07 -32.59 53.12
C GLY A 113 49.58 -32.78 52.88
N LYS A 114 49.19 -34.03 52.59
CA LYS A 114 47.79 -34.34 52.34
C LYS A 114 47.03 -34.58 53.65
N TYR A 115 47.50 -35.52 54.45
CA TYR A 115 46.86 -35.82 55.72
C TYR A 115 47.56 -35.05 56.85
N ASP A 116 46.85 -34.85 57.95
CA ASP A 116 47.41 -34.13 59.08
C ASP A 116 48.50 -34.99 59.74
N ASN A 117 49.58 -34.36 60.14
CA ASN A 117 50.70 -35.05 60.76
C ASN A 117 50.37 -35.60 62.15
N HIS A 118 49.21 -35.25 62.68
CA HIS A 118 48.82 -35.72 64.01
C HIS A 118 48.49 -37.21 63.97
N LEU A 119 48.08 -37.69 62.81
CA LEU A 119 47.73 -39.10 62.64
C LEU A 119 48.89 -40.00 63.04
N LEU A 120 50.10 -39.51 62.86
CA LEU A 120 51.30 -40.28 63.21
C LEU A 120 51.68 -40.07 64.67
N GLU A 121 51.23 -38.97 65.24
CA GLU A 121 51.55 -38.65 66.64
C GLU A 121 50.50 -39.24 67.58
N ASP A 122 49.34 -39.62 67.03
CA ASP A 122 48.27 -40.19 67.84
C ASP A 122 48.25 -41.71 67.72
N TYR A 123 48.59 -42.22 66.54
CA TYR A 123 48.61 -43.66 66.30
C TYR A 123 50.02 -44.14 65.97
N THR A 124 50.29 -45.41 66.28
CA THR A 124 51.60 -46.00 66.02
C THR A 124 51.54 -46.94 64.83
N GLU A 125 52.69 -47.25 64.26
CA GLU A 125 52.79 -48.14 63.10
C GLU A 125 52.13 -49.49 63.39
N GLU A 126 52.35 -50.00 64.60
CA GLU A 126 51.80 -51.28 65.01
C GLU A 126 50.26 -51.25 65.02
N GLU A 127 49.71 -50.06 65.20
CA GLU A 127 48.26 -49.89 65.24
C GLU A 127 47.67 -49.78 63.84
N PHE A 128 48.34 -49.01 62.97
CA PHE A 128 47.88 -48.83 61.60
C PHE A 128 47.69 -50.18 60.92
N LYS A 129 48.61 -51.11 61.19
CA LYS A 129 48.54 -52.44 60.60
C LYS A 129 47.35 -53.19 61.19
N GLN A 130 46.92 -52.76 62.37
CA GLN A 130 45.79 -53.38 63.05
C GLN A 130 44.48 -52.83 62.52
N MET A 131 44.52 -51.61 61.99
CA MET A 131 43.33 -50.98 61.44
C MET A 131 43.15 -51.37 59.98
N ASP A 132 44.25 -51.72 59.33
CA ASP A 132 44.22 -52.10 57.92
C ASP A 132 43.38 -53.36 57.75
N THR A 133 43.22 -54.12 58.83
CA THR A 133 42.44 -55.35 58.81
C THR A 133 40.96 -55.04 58.71
N PHE A 134 40.51 -54.01 59.42
CA PHE A 134 39.11 -53.62 59.41
C PHE A 134 38.70 -53.17 58.01
N ILE A 135 39.65 -52.56 57.30
CA ILE A 135 39.40 -52.07 55.95
C ILE A 135 38.97 -53.19 55.01
N ASP A 136 38.06 -52.87 54.10
CA ASP A 136 37.56 -53.84 53.13
C ASP A 136 37.37 -53.13 51.79
N HIS A 137 38.47 -53.00 51.05
CA HIS A 137 38.44 -52.34 49.75
C HIS A 137 37.41 -52.95 48.80
N ASP A 138 36.95 -54.15 49.13
CA ASP A 138 35.96 -54.84 48.29
C ASP A 138 34.59 -54.18 48.47
N ARG A 139 34.53 -53.15 49.31
CA ARG A 139 33.29 -52.44 49.57
C ARG A 139 33.11 -51.28 48.59
N ASP A 140 34.10 -51.06 47.73
CA ASP A 140 34.04 -49.99 46.75
C ASP A 140 33.09 -50.35 45.62
N MET A 141 32.76 -51.64 45.52
CA MET A 141 31.86 -52.13 44.48
C MET A 141 30.41 -52.03 44.93
N THR A 142 30.20 -51.82 46.23
CA THR A 142 28.85 -51.71 46.78
C THR A 142 28.31 -50.32 46.47
N PHE A 143 29.17 -49.48 45.90
CA PHE A 143 28.81 -48.11 45.55
C PHE A 143 28.04 -48.08 44.22
N SER A 144 27.52 -46.90 43.88
CA SER A 144 26.79 -46.71 42.63
C SER A 144 27.46 -45.60 41.85
N TYR A 145 27.22 -45.55 40.54
CA TYR A 145 27.83 -44.52 39.70
C TYR A 145 27.57 -43.13 40.28
N ALA A 146 26.35 -42.92 40.77
CA ALA A 146 25.98 -41.63 41.35
C ALA A 146 26.82 -41.32 42.57
N ALA A 147 27.13 -42.36 43.35
CA ALA A 147 27.94 -42.22 44.55
C ALA A 147 29.41 -42.06 44.22
N VAL A 148 29.93 -43.03 43.46
CA VAL A 148 31.34 -43.01 43.06
C VAL A 148 31.71 -41.72 42.35
N LYS A 149 30.78 -41.20 41.56
CA LYS A 149 31.02 -39.97 40.81
C LYS A 149 31.23 -38.79 41.76
N GLN A 150 30.47 -38.78 42.86
CA GLN A 150 30.57 -37.72 43.85
C GLN A 150 31.94 -37.76 44.53
N LEU A 151 32.30 -38.93 45.04
CA LEU A 151 33.58 -39.12 45.71
C LEU A 151 34.73 -38.70 44.80
N GLU A 152 34.62 -39.08 43.53
CA GLU A 152 35.63 -38.77 42.53
C GLU A 152 35.85 -37.27 42.34
N GLY A 153 34.74 -36.54 42.22
CA GLY A 153 34.80 -35.10 42.08
C GLY A 153 35.27 -34.31 43.29
N LYS A 154 34.66 -34.60 44.44
CA LYS A 154 34.86 -33.79 45.64
C LYS A 154 35.45 -34.59 46.82
N TYR A 155 34.82 -35.72 47.14
CA TYR A 155 34.94 -36.31 48.47
C TYR A 155 36.35 -36.87 48.68
N LEU A 156 36.87 -37.49 47.63
CA LEU A 156 38.23 -38.01 47.61
C LEU A 156 39.27 -36.90 47.69
N VAL A 157 40.31 -37.12 48.48
CA VAL A 157 41.38 -36.14 48.63
C VAL A 157 42.23 -36.12 47.37
N GLN A 158 41.92 -35.15 46.49
CA GLN A 158 42.53 -35.03 45.17
C GLN A 158 43.01 -33.60 44.88
N ASN A 159 44.00 -33.51 44.00
CA ASN A 159 44.56 -32.23 43.65
C ASN A 159 43.56 -31.48 42.82
N ARG A 160 43.30 -30.23 43.21
CA ARG A 160 42.52 -29.28 42.42
C ARG A 160 43.17 -28.84 41.09
N VAL A 161 44.47 -28.59 41.14
CA VAL A 161 45.21 -28.10 39.97
C VAL A 161 45.47 -29.19 38.94
N THR A 162 45.95 -30.34 39.39
CA THR A 162 46.23 -31.45 38.49
C THR A 162 45.02 -32.34 38.24
N GLY A 163 44.29 -32.63 39.32
CA GLY A 163 43.11 -33.48 39.19
C GLY A 163 43.41 -34.92 39.55
N GLU A 164 44.63 -35.15 40.04
CA GLU A 164 45.07 -36.50 40.42
C GLU A 164 44.45 -36.93 41.73
N ILE A 165 44.08 -38.20 41.82
CA ILE A 165 43.48 -38.76 43.03
C ILE A 165 44.60 -39.24 43.95
N TYR A 166 44.32 -39.29 45.25
CA TYR A 166 45.33 -39.73 46.21
C TYR A 166 44.89 -40.83 47.17
N GLU A 167 43.60 -41.12 47.23
CA GLU A 167 43.12 -42.18 48.12
C GLU A 167 41.85 -42.85 47.61
N SER A 168 41.48 -43.95 48.25
CA SER A 168 40.29 -44.70 47.87
C SER A 168 39.14 -44.36 48.80
N ALA A 169 37.94 -44.83 48.45
CA ALA A 169 36.75 -44.57 49.25
C ALA A 169 36.90 -45.14 50.66
N GLN A 170 37.44 -46.35 50.76
CA GLN A 170 37.63 -46.99 52.04
C GLN A 170 38.58 -46.23 52.95
N PHE A 171 39.74 -45.84 52.41
CA PHE A 171 40.72 -45.11 53.20
C PHE A 171 40.10 -43.84 53.80
N LEU A 172 39.02 -43.37 53.18
CA LEU A 172 38.33 -42.18 53.66
C LEU A 172 37.63 -42.47 54.99
N TYR A 173 36.76 -43.48 54.97
CA TYR A 173 36.02 -43.86 56.17
C TYR A 173 36.93 -44.30 57.32
N ILE A 174 37.90 -45.15 57.01
CA ILE A 174 38.82 -45.65 58.03
C ILE A 174 39.56 -44.51 58.73
N LEU A 175 39.93 -43.48 57.97
CA LEU A 175 40.65 -42.35 58.53
C LEU A 175 39.71 -41.41 59.28
N VAL A 176 38.59 -41.06 58.67
CA VAL A 176 37.71 -40.06 59.26
C VAL A 176 37.22 -40.53 60.63
N ALA A 177 36.87 -41.80 60.74
CA ALA A 177 36.48 -42.37 62.02
C ALA A 177 37.64 -42.34 63.03
N ALA A 178 38.84 -42.67 62.56
CA ALA A 178 40.01 -42.74 63.43
C ALA A 178 40.40 -41.39 64.04
N CYS A 179 40.35 -40.33 63.23
CA CYS A 179 40.67 -39.00 63.70
C CYS A 179 39.69 -38.55 64.78
N LEU A 180 38.42 -38.88 64.54
CA LEU A 180 37.33 -38.53 65.44
C LEU A 180 37.49 -39.19 66.81
N PHE A 181 38.09 -40.38 66.83
CA PHE A 181 38.31 -41.10 68.08
C PHE A 181 39.77 -41.11 68.50
N SER A 182 40.54 -40.15 67.98
CA SER A 182 41.95 -40.04 68.31
C SER A 182 42.16 -39.71 69.79
N ASN A 183 41.35 -38.81 70.31
CA ASN A 183 41.44 -38.40 71.71
C ASN A 183 40.74 -39.36 72.67
N TYR A 184 40.47 -40.57 72.20
CA TYR A 184 39.82 -41.58 73.02
C TYR A 184 40.84 -42.46 73.75
N PRO A 185 40.42 -43.10 74.83
CA PRO A 185 41.30 -43.97 75.62
C PRO A 185 41.83 -45.18 74.84
N ARG A 186 43.11 -45.49 75.04
CA ARG A 186 43.77 -46.60 74.36
C ARG A 186 42.98 -47.91 74.53
N GLU A 187 42.11 -47.96 75.54
CA GLU A 187 41.32 -49.15 75.80
C GLU A 187 40.14 -49.33 74.85
N THR A 188 39.60 -48.22 74.35
CA THR A 188 38.47 -48.26 73.44
C THR A 188 38.68 -47.38 72.22
N ARG A 189 39.89 -46.86 72.07
CA ARG A 189 40.23 -45.99 70.95
C ARG A 189 40.12 -46.72 69.61
N LEU A 190 40.75 -47.89 69.52
CA LEU A 190 40.72 -48.68 68.30
C LEU A 190 39.34 -49.29 68.09
N GLN A 191 38.65 -49.58 69.20
CA GLN A 191 37.33 -50.18 69.16
C GLN A 191 36.36 -49.34 68.31
N TYR A 192 36.13 -48.11 68.74
CA TYR A 192 35.23 -47.20 68.03
C TYR A 192 35.64 -47.02 66.58
N VAL A 193 36.95 -46.99 66.32
CA VAL A 193 37.47 -46.82 64.97
C VAL A 193 36.93 -47.91 64.04
N LYS A 194 36.70 -49.09 64.59
CA LYS A 194 36.19 -50.21 63.81
C LYS A 194 34.68 -50.12 63.60
N ARG A 195 33.95 -50.04 64.71
CA ARG A 195 32.48 -49.95 64.64
C ARG A 195 32.00 -48.75 63.84
N PHE A 196 32.63 -47.60 64.03
CA PHE A 196 32.24 -46.40 63.31
C PHE A 196 32.58 -46.57 61.83
N TYR A 197 33.70 -47.23 61.56
CA TYR A 197 34.13 -47.48 60.19
C TYR A 197 33.12 -48.37 59.49
N ASP A 198 32.76 -49.47 60.14
CA ASP A 198 31.80 -50.41 59.59
C ASP A 198 30.38 -49.86 59.75
N ALA A 199 30.28 -48.55 59.99
CA ALA A 199 28.99 -47.90 60.16
C ALA A 199 28.80 -46.85 59.07
N VAL A 200 29.91 -46.33 58.55
CA VAL A 200 29.87 -45.33 57.50
C VAL A 200 30.15 -45.97 56.14
N SER A 201 30.96 -47.03 56.14
CA SER A 201 31.30 -47.73 54.92
C SER A 201 30.17 -48.68 54.53
N THR A 202 29.37 -49.07 55.52
CA THR A 202 28.25 -49.97 55.30
C THR A 202 26.97 -49.19 55.00
N PHE A 203 27.13 -47.87 54.86
CA PHE A 203 26.01 -46.98 54.55
C PHE A 203 24.99 -46.88 55.68
N LYS A 204 25.41 -47.15 56.91
CA LYS A 204 24.51 -47.09 58.06
C LYS A 204 24.34 -45.64 58.52
N ILE A 205 25.37 -44.82 58.35
CA ILE A 205 25.33 -43.43 58.75
C ILE A 205 25.91 -42.53 57.66
N SER A 206 25.20 -41.44 57.36
CA SER A 206 25.64 -40.50 56.34
C SER A 206 26.29 -39.28 56.99
N LEU A 207 27.41 -38.85 56.43
CA LEU A 207 28.12 -37.70 56.97
C LEU A 207 28.23 -36.57 55.94
N PRO A 208 28.11 -35.32 56.40
CA PRO A 208 28.19 -34.11 55.56
C PRO A 208 29.41 -34.06 54.65
N THR A 209 29.32 -33.23 53.62
CA THR A 209 30.41 -33.07 52.66
C THR A 209 31.69 -32.53 53.31
N PRO A 210 31.57 -31.49 54.16
CA PRO A 210 32.75 -30.93 54.81
C PRO A 210 33.47 -31.92 55.72
N ILE A 211 32.78 -32.99 56.09
CA ILE A 211 33.34 -34.01 56.95
C ILE A 211 33.94 -35.14 56.12
N MET A 212 33.21 -35.57 55.09
CA MET A 212 33.66 -36.64 54.22
C MET A 212 34.98 -36.28 53.52
N SER A 213 35.29 -34.99 53.49
CA SER A 213 36.44 -34.50 52.75
C SER A 213 37.59 -34.16 53.69
N GLY A 214 37.26 -33.55 54.83
CA GLY A 214 38.23 -32.78 55.59
C GLY A 214 39.03 -33.64 56.55
N VAL A 215 38.34 -34.38 57.40
CA VAL A 215 39.06 -35.03 58.45
C VAL A 215 40.17 -35.83 57.79
N ARG A 216 41.37 -35.65 58.31
CA ARG A 216 42.57 -36.23 57.70
C ARG A 216 43.15 -35.27 56.67
N THR A 217 42.52 -34.11 56.59
CA THR A 217 43.05 -32.99 55.85
C THR A 217 43.51 -32.03 56.93
N PRO A 218 44.54 -31.24 56.64
CA PRO A 218 45.13 -30.37 57.66
C PRO A 218 44.06 -29.41 58.17
N THR A 219 43.22 -28.94 57.27
CA THR A 219 42.16 -27.99 57.61
C THR A 219 41.24 -28.55 58.68
N ARG A 220 40.96 -27.72 59.69
CA ARG A 220 40.09 -28.11 60.81
C ARG A 220 38.72 -27.46 60.67
N GLN A 221 38.43 -26.97 59.47
CA GLN A 221 37.16 -26.30 59.19
C GLN A 221 36.16 -27.27 58.60
N PHE A 222 35.17 -27.67 59.41
CA PHE A 222 34.17 -28.62 58.97
C PHE A 222 32.75 -28.07 59.15
N SER A 223 32.65 -26.77 59.37
CA SER A 223 31.34 -26.13 59.57
C SER A 223 30.58 -25.99 58.25
N SER A 224 29.47 -26.70 58.15
CA SER A 224 28.62 -26.63 56.95
C SER A 224 27.99 -25.25 56.75
N CYS A 225 27.49 -24.68 57.85
CA CYS A 225 26.84 -23.37 57.80
C CYS A 225 26.87 -22.68 59.16
N VAL A 226 26.75 -21.36 59.16
CA VAL A 226 26.71 -20.59 60.40
C VAL A 226 25.49 -19.67 60.47
N LEU A 227 24.80 -19.68 61.62
CA LEU A 227 23.71 -18.75 61.86
C LEU A 227 24.25 -17.52 62.60
N ILE A 228 23.94 -16.34 62.06
CA ILE A 228 24.40 -15.09 62.67
C ILE A 228 23.26 -14.13 62.90
N GLU A 229 23.17 -13.59 64.11
CA GLU A 229 22.11 -12.64 64.46
C GLU A 229 22.67 -11.22 64.49
N CYS A 230 22.24 -10.40 63.53
CA CYS A 230 22.69 -9.02 63.46
C CYS A 230 21.82 -8.10 64.30
N GLY A 231 22.46 -7.15 64.99
CA GLY A 231 21.73 -6.22 65.82
C GLY A 231 21.49 -4.90 65.11
N ASP A 232 20.67 -4.04 65.69
CA ASP A 232 20.38 -2.76 65.06
C ASP A 232 21.46 -1.73 65.38
N SER A 233 22.67 -1.97 64.89
CA SER A 233 23.78 -1.04 65.06
C SER A 233 24.73 -1.11 63.87
N LEU A 234 25.42 -0.01 63.60
CA LEU A 234 26.45 0.01 62.56
C LEU A 234 27.58 -0.93 62.92
N ASP A 235 27.94 -0.93 64.20
CA ASP A 235 29.01 -1.78 64.71
C ASP A 235 28.63 -3.25 64.57
N SER A 236 27.37 -3.57 64.87
CA SER A 236 26.91 -4.94 64.77
C SER A 236 26.79 -5.37 63.31
N ILE A 237 26.37 -4.44 62.47
CA ILE A 237 26.22 -4.72 61.04
C ILE A 237 27.57 -5.08 60.43
N ASN A 238 28.57 -4.26 60.71
CA ASN A 238 29.91 -4.50 60.19
C ASN A 238 30.47 -5.81 60.75
N ALA A 239 30.14 -6.09 62.01
CA ALA A 239 30.60 -7.31 62.66
C ALA A 239 29.92 -8.51 62.01
N THR A 240 28.64 -8.36 61.71
CA THR A 240 27.87 -9.42 61.08
C THR A 240 28.34 -9.61 59.64
N SER A 241 28.66 -8.50 58.98
CA SER A 241 29.12 -8.53 57.60
C SER A 241 30.48 -9.22 57.53
N SER A 242 31.37 -8.89 58.46
CA SER A 242 32.70 -9.48 58.50
C SER A 242 32.61 -10.96 58.86
N ALA A 243 31.63 -11.31 59.69
CA ALA A 243 31.44 -12.68 60.11
C ALA A 243 31.04 -13.54 58.91
N ILE A 244 30.38 -12.92 57.95
CA ILE A 244 29.94 -13.60 56.74
C ILE A 244 31.13 -13.89 55.84
N VAL A 245 31.90 -12.85 55.54
CA VAL A 245 33.08 -12.97 54.68
C VAL A 245 34.04 -14.03 55.21
N LYS A 246 33.94 -14.32 56.51
CA LYS A 246 34.81 -15.31 57.15
C LYS A 246 34.38 -16.73 56.79
N TYR A 247 33.10 -17.04 56.96
CA TYR A 247 32.59 -18.37 56.70
C TYR A 247 32.33 -18.65 55.22
N VAL A 248 31.95 -17.61 54.47
CA VAL A 248 31.69 -17.79 53.04
C VAL A 248 32.94 -18.32 52.34
N SER A 249 34.11 -17.84 52.79
CA SER A 249 35.37 -18.27 52.22
C SER A 249 35.61 -19.73 52.59
N GLN A 250 34.79 -20.23 53.51
CA GLN A 250 34.89 -21.61 53.96
C GLN A 250 33.77 -22.44 53.33
N ARG A 251 32.99 -21.80 52.47
CA ARG A 251 31.88 -22.45 51.78
C ARG A 251 30.86 -23.01 52.76
N ALA A 252 30.40 -22.17 53.69
CA ALA A 252 29.42 -22.58 54.68
C ALA A 252 28.16 -21.74 54.60
N GLY A 253 27.01 -22.39 54.65
CA GLY A 253 25.74 -21.69 54.58
C GLY A 253 25.64 -20.59 55.63
N ILE A 254 24.87 -19.55 55.33
CA ILE A 254 24.71 -18.43 56.25
C ILE A 254 23.23 -18.17 56.54
N GLY A 255 22.93 -17.87 57.80
CA GLY A 255 21.57 -17.59 58.21
C GLY A 255 21.48 -16.25 58.91
N ILE A 256 21.35 -15.16 58.14
CA ILE A 256 21.12 -13.81 58.67
C ILE A 256 19.68 -13.52 59.20
N ASN A 257 19.64 -12.81 60.31
CA ASN A 257 18.44 -12.16 60.75
C ASN A 257 18.83 -10.71 60.87
N ALA A 258 18.28 -9.90 59.98
CA ALA A 258 18.37 -8.46 60.08
C ALA A 258 17.07 -7.99 60.69
N GLY A 259 16.21 -8.93 61.05
CA GLY A 259 14.84 -8.57 61.41
C GLY A 259 14.79 -7.64 62.60
N ARG A 260 15.97 -7.27 63.11
CA ARG A 260 16.05 -6.37 64.25
C ARG A 260 16.37 -4.95 63.82
N ILE A 261 16.79 -4.81 62.56
CA ILE A 261 17.13 -3.50 62.01
C ILE A 261 15.88 -2.63 61.87
N ARG A 262 15.94 -1.43 62.42
CA ARG A 262 14.82 -0.50 62.36
C ARG A 262 14.41 -0.24 60.91
N ALA A 263 13.13 0.04 60.71
CA ALA A 263 12.61 0.31 59.38
C ALA A 263 13.04 1.67 58.85
N LEU A 264 12.79 1.92 57.57
CA LEU A 264 13.15 3.18 56.94
C LEU A 264 12.37 4.34 57.55
N GLY A 265 13.05 5.48 57.72
CA GLY A 265 12.41 6.64 58.29
C GLY A 265 12.59 6.74 59.80
N SER A 266 12.94 5.62 60.42
CA SER A 266 13.15 5.57 61.86
C SER A 266 14.23 6.56 62.29
N PRO A 267 13.96 7.38 63.31
CA PRO A 267 14.91 8.37 63.82
C PRO A 267 16.11 7.72 64.51
N ILE A 268 17.28 8.33 64.34
CA ILE A 268 18.51 7.82 64.94
C ILE A 268 19.06 8.82 65.96
N ARG A 269 19.41 8.32 67.14
CA ARG A 269 19.95 9.16 68.20
C ARG A 269 19.04 10.37 68.46
N GLY A 270 17.77 10.09 68.74
CA GLY A 270 16.82 11.17 69.00
C GLY A 270 16.25 11.76 67.72
N GLY A 271 17.13 12.10 66.78
CA GLY A 271 16.69 12.68 65.53
C GLY A 271 17.82 13.34 64.76
N GLU A 272 19.05 13.11 65.22
CA GLU A 272 20.22 13.68 64.56
C GLU A 272 20.32 13.22 63.11
N ALA A 273 19.64 12.12 62.81
CA ALA A 273 19.64 11.55 61.47
C ALA A 273 18.56 10.49 61.35
N PHE A 274 18.07 10.28 60.14
CA PHE A 274 17.04 9.27 59.90
C PHE A 274 17.59 8.04 59.20
N HIS A 275 17.06 6.88 59.57
CA HIS A 275 17.48 5.61 59.00
C HIS A 275 17.37 5.63 57.48
N THR A 276 18.33 5.03 56.80
CA THR A 276 18.33 5.00 55.33
C THR A 276 17.48 3.85 54.80
N GLY A 277 17.12 2.92 55.67
CA GLY A 277 16.30 1.78 55.25
C GLY A 277 17.02 0.47 55.45
N CYS A 278 16.31 -0.63 55.18
CA CYS A 278 16.88 -1.97 55.33
C CYS A 278 17.55 -2.43 54.04
N ILE A 279 16.88 -2.22 52.92
CA ILE A 279 17.39 -2.62 51.61
C ILE A 279 18.87 -2.26 51.45
N PRO A 280 19.25 -1.01 51.78
CA PRO A 280 20.65 -0.59 51.65
C PRO A 280 21.64 -1.53 52.35
N PHE A 281 21.26 -1.99 53.54
CA PHE A 281 22.12 -2.89 54.31
C PHE A 281 22.04 -4.33 53.80
N TYR A 282 20.84 -4.76 53.44
CA TYR A 282 20.65 -6.11 52.92
C TYR A 282 21.61 -6.42 51.78
N LYS A 283 21.86 -5.42 50.94
CA LYS A 283 22.76 -5.59 49.80
C LYS A 283 24.18 -5.83 50.28
N HIS A 284 24.61 -5.07 51.28
CA HIS A 284 25.95 -5.20 51.83
C HIS A 284 26.21 -6.63 52.27
N PHE A 285 25.18 -7.30 52.76
CA PHE A 285 25.29 -8.68 53.23
C PHE A 285 25.49 -9.62 52.04
N GLN A 286 24.78 -9.34 50.95
CA GLN A 286 24.88 -10.17 49.74
C GLN A 286 26.32 -10.22 49.24
N THR A 287 26.89 -9.05 48.97
CA THR A 287 28.27 -8.96 48.47
C THR A 287 29.21 -9.71 49.42
N ALA A 288 28.88 -9.70 50.71
CA ALA A 288 29.70 -10.38 51.70
C ALA A 288 29.65 -11.88 51.47
N VAL A 289 28.49 -12.37 51.04
CA VAL A 289 28.30 -13.79 50.78
C VAL A 289 28.85 -14.14 49.39
N LYS A 290 28.92 -13.13 48.53
CA LYS A 290 29.46 -13.31 47.18
C LYS A 290 30.93 -12.91 47.09
N SER A 291 31.49 -12.46 48.21
CA SER A 291 32.85 -11.92 48.24
C SER A 291 33.87 -12.93 47.73
N CYS A 292 33.61 -14.21 48.00
CA CYS A 292 34.37 -15.33 47.43
C CYS A 292 33.64 -16.08 46.28
N SER A 293 32.41 -15.72 45.99
CA SER A 293 31.74 -16.32 44.84
C SER A 293 32.49 -15.91 43.58
N GLN A 294 32.68 -16.86 42.66
CA GLN A 294 33.25 -16.61 41.33
C GLN A 294 32.24 -15.84 40.45
N GLY A 295 32.75 -14.99 39.59
CA GLY A 295 31.87 -14.15 38.80
C GLY A 295 31.14 -13.00 39.48
N GLY A 296 30.57 -13.34 40.65
CA GLY A 296 29.51 -12.62 41.33
C GLY A 296 28.13 -13.28 41.36
N VAL A 297 28.06 -14.61 41.18
CA VAL A 297 26.82 -15.26 40.75
C VAL A 297 26.40 -16.36 41.70
N ARG A 298 27.34 -17.27 41.98
CA ARG A 298 27.01 -18.63 42.39
C ARG A 298 27.96 -19.07 43.49
N GLY A 299 27.48 -19.96 44.36
CA GLY A 299 28.11 -20.14 45.67
C GLY A 299 27.78 -19.20 46.84
N GLY A 300 28.05 -19.66 48.06
CA GLY A 300 27.66 -18.93 49.24
C GLY A 300 26.15 -18.77 49.24
N ALA A 301 25.48 -19.56 50.06
CA ALA A 301 24.03 -19.51 50.15
C ALA A 301 23.65 -18.95 51.52
N ALA A 302 22.80 -17.92 51.52
CA ALA A 302 22.48 -17.23 52.76
C ALA A 302 21.00 -16.83 52.79
N THR A 303 20.29 -17.28 53.81
CA THR A 303 18.88 -16.98 53.96
C THR A 303 18.67 -15.91 55.02
N LEU A 304 18.05 -14.80 54.63
CA LEU A 304 17.78 -13.70 55.55
C LEU A 304 16.36 -13.80 56.08
N PHE A 305 16.20 -13.65 57.40
CA PHE A 305 14.89 -13.73 58.02
C PHE A 305 14.42 -12.40 58.59
N TYR A 306 13.13 -12.31 58.85
CA TYR A 306 12.52 -11.10 59.39
C TYR A 306 11.05 -11.34 59.73
N PRO A 307 10.50 -10.57 60.68
CA PRO A 307 9.10 -10.71 61.09
C PRO A 307 8.13 -10.23 60.02
N MET A 308 6.96 -10.85 59.96
CA MET A 308 5.94 -10.48 58.98
C MET A 308 5.29 -9.14 59.34
N TRP A 309 5.24 -8.85 60.63
CA TRP A 309 4.64 -7.60 61.11
C TRP A 309 5.61 -6.43 60.91
N HIS A 310 6.72 -6.67 60.24
CA HIS A 310 7.71 -5.64 60.00
C HIS A 310 7.10 -4.55 59.10
N LEU A 311 7.58 -3.32 59.27
CA LEU A 311 7.09 -2.20 58.49
C LEU A 311 7.47 -2.29 57.02
N GLU A 312 8.71 -2.68 56.74
CA GLU A 312 9.18 -2.80 55.37
C GLU A 312 8.96 -4.19 54.79
N VAL A 313 8.06 -4.96 55.41
CA VAL A 313 7.77 -6.31 54.94
C VAL A 313 7.36 -6.32 53.47
N GLU A 314 6.48 -5.40 53.09
CA GLU A 314 6.00 -5.32 51.71
C GLU A 314 7.14 -5.03 50.74
N SER A 315 8.20 -4.40 51.24
CA SER A 315 9.35 -4.07 50.40
C SER A 315 10.42 -5.15 50.45
N LEU A 316 10.24 -6.13 51.32
CA LEU A 316 11.19 -7.23 51.46
C LEU A 316 10.71 -8.51 50.77
N LEU A 317 9.40 -8.65 50.63
CA LEU A 317 8.83 -9.83 50.00
C LEU A 317 9.05 -9.84 48.49
N VAL A 318 9.21 -8.67 47.89
CA VAL A 318 9.42 -8.55 46.46
C VAL A 318 10.88 -8.33 46.08
N LEU A 319 11.79 -8.55 47.03
CA LEU A 319 13.21 -8.35 46.78
C LEU A 319 13.74 -9.28 45.69
N LYS A 320 13.31 -10.54 45.71
CA LYS A 320 13.77 -11.51 44.72
C LYS A 320 13.07 -11.33 43.38
N ASN A 321 12.15 -10.37 43.31
CA ASN A 321 11.41 -10.11 42.09
C ASN A 321 12.17 -9.16 41.16
N ASN A 322 12.21 -9.51 39.87
CA ASN A 322 12.90 -8.70 38.87
C ASN A 322 12.41 -7.25 38.86
N ARG A 323 11.12 -7.08 38.56
CA ARG A 323 10.70 -5.73 38.34
C ARG A 323 11.14 -5.08 39.62
N GLY A 324 11.71 -3.89 39.45
CA GLY A 324 12.37 -3.17 40.52
C GLY A 324 13.84 -3.00 40.19
N VAL A 325 14.21 -1.77 39.85
CA VAL A 325 15.60 -1.47 39.54
C VAL A 325 16.49 -1.72 40.76
N GLU A 326 17.74 -2.08 40.55
CA GLU A 326 18.41 -2.85 41.55
C GLU A 326 18.24 -2.02 42.81
N GLY A 327 18.14 -0.70 42.65
CA GLY A 327 18.02 0.18 43.80
C GLY A 327 17.38 -0.47 45.01
N ASN A 328 16.32 -1.23 44.78
CA ASN A 328 15.62 -1.92 45.86
C ASN A 328 15.34 -3.38 45.51
N ARG A 329 16.42 -4.14 45.31
CA ARG A 329 16.29 -5.55 44.95
C ARG A 329 17.43 -6.42 45.48
N VAL A 330 17.13 -7.70 45.67
CA VAL A 330 18.11 -8.68 46.12
C VAL A 330 17.66 -10.05 45.61
N ARG A 331 18.24 -10.48 44.51
CA ARG A 331 17.88 -11.77 43.91
C ARG A 331 18.93 -12.84 44.17
N HIS A 332 19.98 -12.49 44.91
CA HIS A 332 21.04 -13.43 45.21
C HIS A 332 21.01 -13.99 46.63
N MET A 333 19.90 -13.80 47.32
CA MET A 333 19.76 -14.29 48.68
C MET A 333 18.35 -14.80 48.97
N ASP A 334 18.25 -15.85 49.76
CA ASP A 334 16.96 -16.42 50.13
C ASP A 334 16.38 -15.68 51.32
N TYR A 335 15.10 -15.91 51.58
CA TYR A 335 14.42 -15.26 52.69
C TYR A 335 13.47 -16.21 53.41
N GLY A 336 13.13 -15.85 54.65
CA GLY A 336 12.23 -16.68 55.44
C GLY A 336 11.35 -15.83 56.33
N VAL A 337 10.13 -15.56 55.87
CA VAL A 337 9.18 -14.75 56.63
C VAL A 337 8.74 -15.46 57.91
N GLN A 338 9.02 -14.84 59.04
CA GLN A 338 8.66 -15.41 60.34
C GLN A 338 7.21 -15.09 60.65
N ILE A 339 6.44 -16.11 61.01
CA ILE A 339 5.03 -15.95 61.32
C ILE A 339 4.66 -16.62 62.64
N ASN A 340 3.69 -16.05 63.34
CA ASN A 340 3.23 -16.60 64.62
C ASN A 340 1.72 -16.81 64.58
N LYS A 341 1.19 -17.44 65.62
CA LYS A 341 -0.24 -17.72 65.72
C LYS A 341 -1.09 -16.51 65.36
N LEU A 342 -0.90 -15.41 66.08
CA LEU A 342 -1.66 -14.19 65.84
C LEU A 342 -1.78 -13.83 64.36
N MET A 343 -0.67 -13.91 63.63
CA MET A 343 -0.66 -13.58 62.21
C MET A 343 -1.71 -14.38 61.45
N TYR A 344 -1.64 -15.71 61.54
CA TYR A 344 -2.58 -16.57 60.85
C TYR A 344 -4.02 -16.26 61.27
N THR A 345 -4.19 -15.87 62.53
CA THR A 345 -5.51 -15.55 63.07
C THR A 345 -6.16 -14.42 62.26
N ARG A 346 -5.39 -13.35 62.02
CA ARG A 346 -5.89 -12.22 61.27
C ARG A 346 -6.27 -12.61 59.85
N LEU A 347 -5.61 -13.64 59.33
CA LEU A 347 -5.88 -14.12 57.98
C LEU A 347 -7.22 -14.85 57.91
N LEU A 348 -7.42 -15.80 58.81
CA LEU A 348 -8.65 -16.57 58.86
C LEU A 348 -9.87 -15.67 59.00
N LYS A 349 -9.78 -14.69 59.90
CA LYS A 349 -10.88 -13.76 60.13
C LYS A 349 -10.88 -12.65 59.09
N GLY A 350 -9.94 -12.73 58.14
CA GLY A 350 -9.86 -11.73 57.10
C GLY A 350 -9.55 -10.34 57.62
N GLU A 351 -9.14 -10.27 58.89
CA GLU A 351 -8.72 -9.02 59.55
C GLU A 351 -7.34 -8.50 59.13
N ASP A 352 -7.15 -7.19 59.31
CA ASP A 352 -5.90 -6.49 58.98
C ASP A 352 -4.72 -6.75 59.93
N ILE A 353 -3.51 -6.55 59.42
CA ILE A 353 -2.31 -6.71 60.21
C ILE A 353 -1.57 -5.38 60.27
N THR A 354 -1.25 -4.95 61.49
CA THR A 354 -0.52 -3.72 61.70
C THR A 354 0.98 -3.92 61.49
N LEU A 355 1.58 -3.10 60.65
CA LEU A 355 3.01 -3.19 60.37
C LEU A 355 3.81 -2.19 61.21
N PHE A 356 4.35 -2.68 62.32
CA PHE A 356 5.13 -1.83 63.22
C PHE A 356 6.61 -1.87 62.87
N SER A 357 7.43 -1.34 63.77
CA SER A 357 8.87 -1.30 63.60
C SER A 357 9.50 -1.80 64.91
N PRO A 358 10.64 -2.50 64.83
CA PRO A 358 11.30 -3.03 66.02
C PRO A 358 11.60 -1.98 67.10
N SER A 359 12.02 -0.80 66.67
CA SER A 359 12.35 0.28 67.60
C SER A 359 11.13 0.92 68.25
N ASP A 360 10.09 1.16 67.45
CA ASP A 360 8.87 1.78 67.96
C ASP A 360 8.13 0.94 69.00
N VAL A 361 8.11 -0.38 68.80
CA VAL A 361 7.42 -1.27 69.72
C VAL A 361 8.38 -2.04 70.64
N PRO A 362 8.64 -1.50 71.84
CA PRO A 362 9.54 -2.13 72.81
C PRO A 362 9.01 -3.46 73.33
N GLY A 363 9.90 -4.44 73.46
CA GLY A 363 9.51 -5.74 73.96
C GLY A 363 8.60 -6.52 73.03
N LEU A 364 7.93 -5.82 72.13
CA LEU A 364 7.03 -6.46 71.17
C LEU A 364 7.79 -7.46 70.31
N TYR A 365 9.06 -7.14 70.03
CA TYR A 365 9.90 -8.01 69.21
C TYR A 365 10.25 -9.30 69.96
N ASP A 366 10.71 -9.15 71.20
CA ASP A 366 11.09 -10.30 72.01
C ASP A 366 9.88 -11.18 72.31
N ALA A 367 8.74 -10.55 72.51
CA ALA A 367 7.54 -11.29 72.84
C ALA A 367 7.32 -12.24 71.68
N PHE A 368 7.74 -11.85 70.49
CA PHE A 368 7.32 -12.55 69.30
C PHE A 368 7.71 -14.02 69.36
N PHE A 369 8.89 -14.31 69.92
CA PHE A 369 9.36 -15.69 70.00
C PHE A 369 9.31 -16.29 71.41
N ALA A 370 9.91 -15.59 72.37
CA ALA A 370 10.03 -16.09 73.73
C ALA A 370 8.67 -16.28 74.38
N ASP A 371 7.75 -15.32 74.22
CA ASP A 371 6.37 -15.47 74.75
C ASP A 371 5.20 -15.11 73.79
N GLN A 372 4.27 -16.04 73.59
CA GLN A 372 3.06 -15.82 72.76
C GLN A 372 1.95 -14.84 73.23
N GLU A 373 1.58 -14.92 74.50
CA GLU A 373 0.55 -14.08 75.12
C GLU A 373 0.94 -12.62 75.26
N GLU A 374 2.19 -12.37 75.67
CA GLU A 374 2.69 -11.01 75.81
C GLU A 374 2.60 -10.28 74.47
N PHE A 375 2.84 -11.02 73.39
CA PHE A 375 2.80 -10.46 72.05
C PHE A 375 1.39 -9.98 71.70
N GLU A 376 0.40 -10.81 72.01
CA GLU A 376 -1.00 -10.48 71.72
C GLU A 376 -1.48 -9.32 72.60
N ARG A 377 -0.75 -9.05 73.67
CA ARG A 377 -1.11 -7.97 74.58
C ARG A 377 -0.48 -6.65 74.13
N LEU A 378 0.81 -6.71 73.79
CA LEU A 378 1.54 -5.53 73.33
C LEU A 378 1.08 -5.10 71.95
N TYR A 379 0.95 -6.07 71.05
CA TYR A 379 0.50 -5.80 69.68
C TYR A 379 -0.79 -5.00 69.70
N THR A 380 -1.83 -5.59 70.28
CA THR A 380 -3.13 -4.93 70.37
C THR A 380 -3.03 -3.60 71.10
N LYS A 381 -1.99 -3.46 71.92
CA LYS A 381 -1.78 -2.23 72.68
C LYS A 381 -1.23 -1.12 71.79
N TYR A 382 -0.15 -1.41 71.08
CA TYR A 382 0.47 -0.43 70.20
C TYR A 382 -0.42 -0.06 69.01
N GLU A 383 -1.43 -0.90 68.75
CA GLU A 383 -2.35 -0.64 67.64
C GLU A 383 -3.21 0.59 67.92
N LYS A 384 -3.74 0.66 69.14
CA LYS A 384 -4.58 1.79 69.53
C LYS A 384 -3.74 3.04 69.76
N ASP A 385 -2.48 2.83 70.13
CA ASP A 385 -1.57 3.95 70.38
C ASP A 385 -1.27 4.66 69.06
N ASP A 386 -1.63 5.94 69.00
CA ASP A 386 -1.42 6.73 67.79
C ASP A 386 -0.06 7.43 67.76
N SER A 387 0.66 7.38 68.87
CA SER A 387 1.97 8.03 68.95
C SER A 387 3.06 7.11 68.40
N ILE A 388 2.66 6.05 67.72
CA ILE A 388 3.59 5.09 67.14
C ILE A 388 3.28 4.87 65.67
N ARG A 389 4.25 5.15 64.80
CA ARG A 389 4.08 4.98 63.37
C ARG A 389 3.74 3.52 63.04
N LYS A 390 2.70 3.34 62.23
CA LYS A 390 2.28 2.00 61.84
C LYS A 390 1.66 2.02 60.45
N GLN A 391 1.03 0.91 60.07
CA GLN A 391 0.38 0.80 58.76
C GLN A 391 -0.57 -0.38 58.73
N ARG A 392 -1.81 -0.12 58.32
CA ARG A 392 -2.84 -1.15 58.25
C ARG A 392 -2.83 -1.85 56.89
N VAL A 393 -2.82 -3.18 56.90
CA VAL A 393 -2.83 -3.96 55.68
C VAL A 393 -3.65 -5.24 55.86
N LYS A 394 -4.53 -5.52 54.90
CA LYS A 394 -5.37 -6.70 54.97
C LYS A 394 -4.52 -7.97 55.05
N ALA A 395 -4.77 -8.78 56.08
CA ALA A 395 -4.03 -10.03 56.27
C ALA A 395 -4.18 -10.92 55.05
N VAL A 396 -5.28 -10.75 54.33
CA VAL A 396 -5.54 -11.54 53.13
C VAL A 396 -4.62 -11.13 52.00
N GLU A 397 -4.29 -9.85 51.94
CA GLU A 397 -3.41 -9.33 50.89
C GLU A 397 -1.94 -9.64 51.18
N LEU A 398 -1.50 -9.35 52.40
CA LEU A 398 -0.12 -9.60 52.79
C LEU A 398 0.27 -11.06 52.58
N PHE A 399 -0.62 -11.97 53.00
CA PHE A 399 -0.37 -13.40 52.85
C PHE A 399 -0.37 -13.82 51.39
N SER A 400 -1.03 -13.04 50.55
CA SER A 400 -1.10 -13.34 49.12
C SER A 400 0.18 -12.89 48.43
N LEU A 401 0.70 -11.74 48.84
CA LEU A 401 1.92 -11.20 48.27
C LEU A 401 3.11 -12.09 48.61
N MET A 402 3.03 -12.75 49.76
CA MET A 402 4.09 -13.64 50.22
C MET A 402 4.09 -14.92 49.39
N MET A 403 2.94 -15.58 49.33
CA MET A 403 2.82 -16.82 48.56
C MET A 403 3.05 -16.56 47.09
N GLN A 404 2.84 -15.32 46.66
CA GLN A 404 3.04 -14.94 45.28
C GLN A 404 4.52 -15.03 44.91
N GLU A 405 5.35 -14.32 45.67
CA GLU A 405 6.79 -14.34 45.43
C GLU A 405 7.35 -15.72 45.75
N ARG A 406 6.62 -16.46 46.58
CA ARG A 406 7.03 -17.81 46.98
C ARG A 406 6.75 -18.81 45.86
N ALA A 407 5.76 -18.51 45.04
CA ALA A 407 5.38 -19.37 43.94
C ALA A 407 6.20 -19.07 42.69
N SER A 408 6.63 -17.81 42.56
CA SER A 408 7.43 -17.38 41.43
C SER A 408 8.90 -17.75 41.59
N THR A 409 9.46 -17.42 42.76
CA THR A 409 10.86 -17.71 43.03
C THR A 409 11.03 -19.09 43.66
N GLY A 410 10.17 -19.41 44.63
CA GLY A 410 10.25 -20.69 45.29
C GLY A 410 11.40 -20.72 46.28
N ARG A 411 11.79 -19.54 46.76
CA ARG A 411 12.89 -19.43 47.71
C ARG A 411 12.38 -18.84 49.02
N ILE A 412 11.30 -18.09 48.95
CA ILE A 412 10.71 -17.47 50.13
C ILE A 412 10.22 -18.55 51.09
N TYR A 413 10.95 -18.74 52.18
CA TYR A 413 10.59 -19.75 53.18
C TYR A 413 9.70 -19.18 54.27
N ILE A 414 9.08 -20.07 55.04
CA ILE A 414 8.21 -19.68 56.13
C ILE A 414 8.74 -20.26 57.45
N GLN A 415 8.69 -19.47 58.51
CA GLN A 415 9.17 -19.92 59.81
C GLN A 415 8.20 -19.55 60.94
N ASN A 416 7.58 -20.57 61.52
CA ASN A 416 6.63 -20.36 62.61
C ASN A 416 7.39 -20.24 63.93
N VAL A 417 7.78 -19.02 64.27
CA VAL A 417 8.53 -18.76 65.50
C VAL A 417 7.79 -19.22 66.76
N ASP A 418 6.46 -19.24 66.70
CA ASP A 418 5.66 -19.65 67.84
C ASP A 418 5.87 -21.12 68.17
N HIS A 419 6.01 -21.96 67.13
CA HIS A 419 6.23 -23.38 67.33
C HIS A 419 7.66 -23.67 67.79
N CYS A 420 8.60 -22.85 67.31
CA CYS A 420 10.00 -23.02 67.67
C CYS A 420 10.23 -22.80 69.17
N ASN A 421 9.51 -21.82 69.71
CA ASN A 421 9.57 -21.51 71.15
C ASN A 421 8.51 -22.22 71.99
N THR A 422 7.45 -22.69 71.32
CA THR A 422 6.44 -23.56 71.92
C THR A 422 6.87 -25.00 72.28
N HIS A 423 7.62 -25.64 71.37
CA HIS A 423 8.12 -26.99 71.58
C HIS A 423 9.58 -27.09 71.16
N SER A 424 10.45 -26.50 71.95
CA SER A 424 11.88 -26.57 71.67
C SER A 424 12.65 -26.85 72.96
N PRO A 425 13.80 -27.51 72.83
CA PRO A 425 14.63 -27.80 74.00
C PRO A 425 14.99 -26.51 74.72
N PHE A 426 15.30 -25.48 73.95
CA PHE A 426 15.67 -24.18 74.51
C PHE A 426 14.50 -23.51 75.23
N ASP A 427 14.82 -22.83 76.33
CA ASP A 427 13.85 -22.06 77.10
C ASP A 427 13.65 -20.70 76.45
N PRO A 428 12.43 -20.44 75.93
CA PRO A 428 12.09 -19.18 75.27
C PRO A 428 12.44 -17.93 76.09
N ALA A 429 12.72 -18.12 77.38
CA ALA A 429 13.05 -17.02 78.26
C ALA A 429 14.56 -16.76 78.33
N ILE A 430 15.34 -17.83 78.38
CA ILE A 430 16.79 -17.70 78.45
C ILE A 430 17.46 -17.78 77.09
N ALA A 431 17.16 -18.84 76.34
CA ALA A 431 17.74 -19.03 75.02
C ALA A 431 16.67 -19.41 74.00
N PRO A 432 15.83 -18.44 73.60
CA PRO A 432 14.75 -18.66 72.63
C PRO A 432 15.25 -18.75 71.18
N VAL A 433 14.52 -19.50 70.36
CA VAL A 433 14.87 -19.65 68.96
C VAL A 433 14.34 -18.45 68.18
N ARG A 434 15.23 -17.74 67.51
CA ARG A 434 14.85 -16.58 66.72
C ARG A 434 15.57 -16.57 65.37
N GLN A 435 15.77 -17.76 64.81
CA GLN A 435 16.55 -17.88 63.59
C GLN A 435 16.39 -19.24 62.92
N SER A 436 16.78 -19.32 61.65
CA SER A 436 16.93 -20.58 60.97
C SER A 436 18.18 -20.55 60.09
N ASN A 437 18.87 -21.68 59.97
CA ASN A 437 19.96 -21.79 59.00
C ASN A 437 19.43 -21.76 57.57
N LEU A 438 20.33 -21.59 56.62
CA LEU A 438 19.99 -21.53 55.20
C LEU A 438 18.94 -22.57 54.81
N CYS A 439 19.18 -23.82 55.19
CA CYS A 439 18.27 -24.91 54.86
C CYS A 439 16.99 -24.90 55.70
N LEU A 440 17.00 -24.16 56.81
CA LEU A 440 15.85 -24.05 57.69
C LEU A 440 15.65 -25.26 58.62
N GLU A 441 16.65 -26.12 58.72
CA GLU A 441 16.53 -27.29 59.57
C GLU A 441 17.00 -27.02 60.99
N ILE A 442 17.98 -26.14 61.13
CA ILE A 442 18.52 -25.81 62.45
C ILE A 442 17.70 -24.79 63.22
N ALA A 443 17.63 -24.98 64.53
CA ALA A 443 16.89 -24.08 65.41
C ALA A 443 17.68 -23.89 66.70
N LEU A 444 18.75 -23.09 66.63
CA LEU A 444 19.60 -22.84 67.78
C LEU A 444 19.66 -21.36 68.11
N PRO A 445 19.75 -21.03 69.42
CA PRO A 445 19.83 -19.64 69.89
C PRO A 445 20.97 -18.86 69.25
N THR A 446 20.82 -17.55 69.19
CA THR A 446 21.86 -16.69 68.61
C THR A 446 21.95 -15.37 69.36
N LYS A 447 23.09 -14.71 69.26
CA LYS A 447 23.30 -13.43 69.93
C LYS A 447 24.08 -12.47 69.03
N PRO A 448 23.67 -11.19 69.01
CA PRO A 448 24.34 -10.18 68.18
C PRO A 448 25.75 -9.86 68.67
N LEU A 449 26.65 -9.60 67.73
CA LEU A 449 28.04 -9.30 68.06
C LEU A 449 28.31 -7.80 67.92
N ASN A 450 29.02 -7.25 68.90
CA ASN A 450 29.36 -5.83 68.89
C ASN A 450 30.59 -5.60 68.03
N ASP A 451 31.28 -6.69 67.72
CA ASP A 451 32.49 -6.62 66.90
C ASP A 451 32.77 -8.00 66.27
N VAL A 452 33.79 -8.05 65.42
CA VAL A 452 34.16 -9.30 64.76
C VAL A 452 34.68 -10.31 65.77
N ASN A 453 35.14 -9.82 66.91
CA ASN A 453 35.68 -10.68 67.97
C ASN A 453 34.94 -10.48 69.29
N ASP A 454 33.66 -10.13 69.20
CA ASP A 454 32.85 -9.91 70.38
C ASP A 454 32.71 -11.20 71.18
N GLU A 455 32.85 -11.09 72.50
CA GLU A 455 32.74 -12.25 73.39
C GLU A 455 31.29 -12.62 73.68
N ASN A 456 30.51 -11.62 74.08
CA ASN A 456 29.10 -11.83 74.40
C ASN A 456 28.34 -12.43 73.20
N GLY A 457 28.86 -12.19 72.00
CA GLY A 457 28.22 -12.72 70.80
C GLY A 457 28.16 -14.23 70.80
N GLU A 458 27.21 -14.77 70.04
CA GLU A 458 27.04 -16.22 69.95
C GLU A 458 26.61 -16.64 68.55
N ILE A 459 27.54 -17.20 67.79
CA ILE A 459 27.26 -17.66 66.44
C ILE A 459 26.83 -19.13 66.46
N ALA A 460 25.54 -19.36 66.28
CA ALA A 460 25.00 -20.70 66.27
C ALA A 460 25.66 -21.56 65.19
N LEU A 461 26.23 -22.68 65.60
CA LEU A 461 26.89 -23.60 64.68
C LEU A 461 26.32 -24.99 64.85
N CYS A 462 26.53 -25.88 63.89
CA CYS A 462 26.02 -27.22 64.05
C CYS A 462 26.76 -28.25 63.22
N THR A 463 26.63 -29.49 63.65
CA THR A 463 27.28 -30.64 63.03
C THR A 463 26.18 -31.55 62.50
N LEU A 464 26.14 -31.75 61.19
CA LEU A 464 25.11 -32.56 60.57
C LEU A 464 25.48 -34.04 60.45
N SER A 465 24.44 -34.87 60.30
CA SER A 465 24.57 -36.32 60.16
C SER A 465 23.17 -36.90 59.97
N ALA A 466 23.10 -38.18 59.64
CA ALA A 466 21.80 -38.83 59.44
C ALA A 466 21.91 -40.35 59.45
N PHE A 467 20.77 -41.00 59.67
CA PHE A 467 20.71 -42.46 59.71
C PHE A 467 20.02 -42.98 58.44
N ASN A 468 20.63 -44.00 57.83
CA ASN A 468 20.09 -44.59 56.61
C ASN A 468 19.00 -45.59 56.97
N LEU A 469 17.75 -45.11 56.98
CA LEU A 469 16.61 -45.96 57.31
C LEU A 469 16.55 -47.22 56.45
N GLY A 470 17.16 -47.15 55.26
CA GLY A 470 17.17 -48.29 54.37
C GLY A 470 18.41 -49.14 54.54
N ALA A 471 18.95 -49.16 55.75
CA ALA A 471 20.14 -49.95 56.04
C ALA A 471 19.94 -50.78 57.31
N ILE A 472 19.02 -50.33 58.16
CA ILE A 472 18.73 -51.03 59.41
C ILE A 472 17.53 -51.95 59.26
N ASN A 473 17.58 -53.08 59.97
CA ASN A 473 16.48 -54.05 59.91
C ASN A 473 15.34 -53.61 60.82
N ASN A 474 15.68 -53.22 62.04
CA ASN A 474 14.69 -52.77 63.02
C ASN A 474 15.09 -51.42 63.62
N LEU A 475 14.19 -50.85 64.42
CA LEU A 475 14.44 -49.57 65.05
C LEU A 475 15.42 -49.70 66.21
N ASP A 476 15.56 -50.92 66.73
CA ASP A 476 16.46 -51.18 67.85
C ASP A 476 17.92 -51.08 67.43
N GLU A 477 18.19 -51.21 66.15
CA GLU A 477 19.57 -51.12 65.64
C GLU A 477 20.11 -49.70 65.79
N LEU A 478 19.22 -48.74 65.99
CA LEU A 478 19.62 -47.35 66.14
C LEU A 478 20.33 -47.13 67.47
N GLU A 479 20.16 -48.07 68.39
CA GLU A 479 20.79 -47.98 69.71
C GLU A 479 22.30 -47.88 69.58
N GLU A 480 22.87 -48.67 68.67
CA GLU A 480 24.30 -48.68 68.44
C GLU A 480 24.72 -47.48 67.60
N LEU A 481 24.01 -47.25 66.51
CA LEU A 481 24.30 -46.14 65.61
C LEU A 481 24.24 -44.79 66.33
N ALA A 482 23.25 -44.64 67.20
CA ALA A 482 23.07 -43.41 67.96
C ALA A 482 24.33 -43.06 68.76
N ILE A 483 24.73 -43.97 69.64
CA ILE A 483 25.91 -43.76 70.47
C ILE A 483 27.17 -43.66 69.63
N LEU A 484 27.22 -44.44 68.56
CA LEU A 484 28.38 -44.44 67.66
C LEU A 484 28.40 -43.21 66.76
N ALA A 485 27.30 -42.45 66.77
CA ALA A 485 27.21 -41.25 65.95
C ALA A 485 27.38 -39.99 66.79
N VAL A 486 26.63 -39.90 67.88
CA VAL A 486 26.70 -38.75 68.77
C VAL A 486 28.13 -38.49 69.23
N ARG A 487 28.86 -39.56 69.54
CA ARG A 487 30.23 -39.45 70.00
C ARG A 487 31.13 -38.85 68.93
N ALA A 488 31.03 -39.38 67.72
CA ALA A 488 31.83 -38.91 66.60
C ALA A 488 31.64 -37.42 66.35
N LEU A 489 30.38 -36.97 66.37
CA LEU A 489 30.05 -35.58 66.15
C LEU A 489 30.49 -34.71 67.32
N ASP A 490 30.20 -35.18 68.53
CA ASP A 490 30.56 -34.46 69.75
C ASP A 490 32.05 -34.20 69.80
N ALA A 491 32.84 -35.23 69.51
CA ALA A 491 34.29 -35.12 69.51
C ALA A 491 34.77 -34.15 68.45
N LEU A 492 34.04 -34.10 67.34
CA LEU A 492 34.38 -33.21 66.23
C LEU A 492 34.35 -31.76 66.67
N LEU A 493 33.36 -31.41 67.50
CA LEU A 493 33.21 -30.05 68.00
C LEU A 493 34.49 -29.57 68.68
N ASP A 494 35.26 -30.53 69.20
CA ASP A 494 36.51 -30.21 69.89
C ASP A 494 37.70 -30.38 68.96
N TYR A 495 37.51 -31.18 67.91
CA TYR A 495 38.57 -31.44 66.94
C TYR A 495 38.75 -30.25 65.99
N GLN A 496 37.64 -29.61 65.65
CA GLN A 496 37.67 -28.47 64.73
C GLN A 496 37.93 -27.17 65.49
N ASP A 497 38.32 -26.14 64.76
CA ASP A 497 38.60 -24.83 65.34
C ASP A 497 37.47 -23.86 65.06
N TYR A 498 37.60 -22.64 65.55
CA TYR A 498 36.58 -21.61 65.35
C TYR A 498 37.23 -20.26 65.07
N PRO A 499 37.09 -19.77 63.82
CA PRO A 499 37.66 -18.49 63.40
C PRO A 499 36.97 -17.27 64.02
N ILE A 500 35.95 -17.53 64.84
CA ILE A 500 35.21 -16.46 65.50
C ILE A 500 34.90 -16.81 66.95
N PRO A 501 35.19 -15.90 67.88
CA PRO A 501 34.94 -16.11 69.32
C PRO A 501 33.49 -16.49 69.61
N ALA A 502 32.55 -15.70 69.10
CA ALA A 502 31.13 -15.95 69.30
C ALA A 502 30.75 -17.36 68.86
N ALA A 503 31.38 -17.81 67.78
CA ALA A 503 31.11 -19.14 67.24
C ALA A 503 31.52 -20.22 68.24
N LYS A 504 32.72 -20.07 68.79
CA LYS A 504 33.25 -21.04 69.76
C LYS A 504 32.39 -21.02 71.02
N ARG A 505 31.96 -19.82 71.42
CA ARG A 505 31.14 -19.65 72.60
C ARG A 505 29.90 -20.54 72.58
N GLY A 506 29.12 -20.43 71.52
CA GLY A 506 27.92 -21.24 71.39
C GLY A 506 28.21 -22.69 71.09
N ALA A 507 29.31 -22.95 70.42
CA ALA A 507 29.71 -24.31 70.07
C ALA A 507 30.06 -25.13 71.31
N MET A 508 30.91 -24.56 72.16
CA MET A 508 31.32 -25.24 73.38
C MET A 508 30.29 -25.04 74.49
N GLY A 509 29.45 -24.02 74.34
CA GLY A 509 28.44 -23.73 75.32
C GLY A 509 27.40 -24.83 75.46
N ARG A 510 26.54 -24.97 74.45
CA ARG A 510 25.50 -25.99 74.47
C ARG A 510 25.87 -27.23 73.67
N ARG A 511 26.94 -27.15 72.89
CA ARG A 511 27.41 -28.26 72.09
C ARG A 511 26.26 -28.95 71.34
N THR A 512 25.50 -28.17 70.58
CA THR A 512 24.37 -28.71 69.84
C THR A 512 24.80 -29.51 68.61
N LEU A 513 23.97 -30.47 68.22
CA LEU A 513 24.24 -31.31 67.06
C LEU A 513 22.97 -31.50 66.24
N GLY A 514 23.14 -31.82 64.96
CA GLY A 514 22.00 -32.02 64.09
C GLY A 514 22.06 -33.32 63.32
N ILE A 515 21.38 -34.34 63.84
CA ILE A 515 21.35 -35.65 63.19
C ILE A 515 19.96 -35.94 62.64
N GLY A 516 19.87 -36.08 61.32
CA GLY A 516 18.60 -36.35 60.69
C GLY A 516 18.51 -37.77 60.14
N VAL A 517 17.66 -37.96 59.14
CA VAL A 517 17.47 -39.26 58.52
C VAL A 517 17.49 -39.14 57.01
N ILE A 518 17.88 -40.22 56.33
CA ILE A 518 17.93 -40.25 54.88
C ILE A 518 17.29 -41.53 54.35
N ASN A 519 16.97 -41.52 53.07
CA ASN A 519 16.36 -42.69 52.42
C ASN A 519 15.01 -43.02 53.07
N PHE A 520 14.26 -41.98 53.41
CA PHE A 520 12.95 -42.17 54.03
C PHE A 520 11.95 -42.77 53.05
N ALA A 521 12.03 -42.35 51.80
CA ALA A 521 11.15 -42.85 50.76
C ALA A 521 11.23 -44.37 50.66
N TYR A 522 12.45 -44.88 50.58
CA TYR A 522 12.67 -46.32 50.49
C TYR A 522 12.16 -47.03 51.73
N TYR A 523 12.29 -46.38 52.89
CA TYR A 523 11.83 -46.94 54.15
C TYR A 523 10.35 -47.28 54.09
N LEU A 524 9.54 -46.32 53.65
CA LEU A 524 8.10 -46.53 53.53
C LEU A 524 7.79 -47.51 52.42
N ALA A 525 8.67 -47.58 51.43
CA ALA A 525 8.50 -48.49 50.30
C ALA A 525 8.51 -49.94 50.74
N LYS A 526 9.47 -50.28 51.61
CA LYS A 526 9.59 -51.63 52.13
C LYS A 526 8.37 -52.03 52.94
N HIS A 527 7.92 -51.13 53.81
CA HIS A 527 6.75 -51.39 54.65
C HIS A 527 5.46 -51.18 53.88
N GLY A 528 5.58 -50.86 52.59
CA GLY A 528 4.40 -50.65 51.77
C GLY A 528 3.53 -49.52 52.29
N LYS A 529 4.10 -48.32 52.34
CA LYS A 529 3.37 -47.15 52.82
C LYS A 529 3.47 -46.01 51.81
N ARG A 530 2.68 -44.96 52.02
CA ARG A 530 2.69 -43.82 51.11
C ARG A 530 2.61 -42.51 51.89
N TYR A 531 2.44 -41.40 51.16
CA TYR A 531 2.36 -40.08 51.77
C TYR A 531 0.93 -39.53 51.74
N SER A 532 0.36 -39.47 50.54
CA SER A 532 -0.99 -38.95 50.35
C SER A 532 -2.02 -39.59 51.29
N ASP A 533 -2.15 -40.91 51.21
CA ASP A 533 -3.09 -41.64 52.06
C ASP A 533 -2.77 -41.48 53.54
N GLY A 534 -1.48 -41.39 53.86
CA GLY A 534 -1.08 -41.25 55.23
C GLY A 534 -1.14 -42.55 56.00
N SER A 535 -0.88 -43.66 55.32
CA SER A 535 -0.90 -44.97 55.94
C SER A 535 0.43 -45.26 56.62
N ALA A 536 1.23 -44.21 56.80
CA ALA A 536 2.53 -44.34 57.44
C ALA A 536 2.65 -43.44 58.67
N ASN A 537 1.55 -42.76 59.00
CA ASN A 537 1.54 -41.87 60.16
C ASN A 537 1.97 -42.61 61.43
N ASN A 538 1.45 -43.81 61.63
CA ASN A 538 1.78 -44.61 62.79
C ASN A 538 3.23 -45.09 62.71
N LEU A 539 3.62 -45.56 61.51
CA LEU A 539 4.96 -46.05 61.30
C LEU A 539 5.98 -44.93 61.50
N THR A 540 5.68 -43.76 60.94
CA THR A 540 6.54 -42.60 61.07
C THR A 540 6.70 -42.20 62.52
N HIS A 541 5.63 -42.37 63.29
CA HIS A 541 5.64 -42.03 64.71
C HIS A 541 6.52 -43.00 65.48
N LYS A 542 6.40 -44.29 65.18
CA LYS A 542 7.18 -45.33 65.84
C LYS A 542 8.67 -45.23 65.47
N THR A 543 8.95 -45.12 64.18
CA THR A 543 10.32 -45.03 63.69
C THR A 543 11.10 -43.88 64.34
N PHE A 544 10.60 -42.67 64.16
CA PHE A 544 11.26 -41.49 64.72
C PHE A 544 11.28 -41.50 66.25
N GLU A 545 10.27 -42.12 66.85
CA GLU A 545 10.20 -42.20 68.31
C GLU A 545 11.48 -42.83 68.84
N ALA A 546 11.97 -43.84 68.13
CA ALA A 546 13.19 -44.53 68.51
C ALA A 546 14.41 -43.68 68.15
N ILE A 547 14.38 -43.12 66.94
CA ILE A 547 15.47 -42.28 66.46
C ILE A 547 15.82 -41.21 67.48
N GLN A 548 14.80 -40.66 68.13
CA GLN A 548 15.00 -39.62 69.13
C GLN A 548 15.39 -40.20 70.49
N TYR A 549 14.71 -41.28 70.87
CA TYR A 549 14.98 -41.94 72.15
C TYR A 549 16.44 -42.33 72.31
N TYR A 550 16.96 -43.06 71.32
CA TYR A 550 18.35 -43.51 71.36
C TYR A 550 19.36 -42.37 71.29
N LEU A 551 19.03 -41.31 70.55
CA LEU A 551 19.92 -40.16 70.45
C LEU A 551 20.11 -39.54 71.82
N LEU A 552 19.01 -39.29 72.52
CA LEU A 552 19.05 -38.71 73.85
C LEU A 552 19.70 -39.68 74.82
N LYS A 553 19.37 -40.97 74.67
CA LYS A 553 19.92 -42.01 75.52
C LYS A 553 21.41 -42.15 75.27
N ALA A 554 21.85 -41.70 74.10
CA ALA A 554 23.27 -41.77 73.73
C ALA A 554 24.01 -40.58 74.31
N SER A 555 23.45 -39.39 74.13
CA SER A 555 24.06 -38.16 74.63
C SER A 555 23.94 -38.11 76.15
N ASN A 556 23.09 -38.97 76.70
CA ASN A 556 22.87 -39.04 78.14
C ASN A 556 24.05 -39.76 78.78
N GLU A 557 24.36 -40.95 78.26
CA GLU A 557 25.47 -41.75 78.78
C GLU A 557 26.77 -41.01 78.53
N LEU A 558 26.82 -40.25 77.45
CA LEU A 558 28.01 -39.49 77.10
C LEU A 558 28.24 -38.42 78.15
N ALA A 559 27.15 -37.87 78.68
CA ALA A 559 27.24 -36.80 79.66
C ALA A 559 27.94 -37.22 80.95
N LYS A 560 27.63 -38.43 81.41
CA LYS A 560 28.24 -38.97 82.63
C LYS A 560 29.74 -39.14 82.44
N GLU A 561 30.12 -39.61 81.25
CA GLU A 561 31.52 -39.83 80.91
C GLU A 561 32.30 -38.52 80.82
N GLN A 562 31.72 -37.51 80.16
CA GLN A 562 32.40 -36.22 79.95
C GLN A 562 31.69 -34.99 80.54
N GLY A 563 30.52 -35.21 81.12
CA GLY A 563 29.70 -34.15 81.69
C GLY A 563 28.68 -33.58 80.71
N ALA A 564 27.62 -33.01 81.25
CA ALA A 564 26.58 -32.34 80.44
C ALA A 564 27.09 -31.01 79.90
N CYS A 565 26.55 -30.56 78.77
CA CYS A 565 26.97 -29.28 78.22
C CYS A 565 26.90 -28.17 79.26
N PRO A 566 27.83 -27.22 79.18
CA PRO A 566 27.94 -26.18 80.20
C PRO A 566 26.69 -25.30 80.33
N TRP A 567 26.02 -25.01 79.21
CA TRP A 567 24.90 -24.07 79.22
C TRP A 567 23.54 -24.73 79.48
N PHE A 568 23.56 -26.04 79.71
CA PHE A 568 22.36 -26.88 79.69
C PHE A 568 21.22 -26.40 80.60
N ASN A 569 21.54 -25.77 81.71
CA ASN A 569 20.48 -25.48 82.65
C ASN A 569 19.46 -24.71 81.83
N GLU A 570 19.94 -24.07 80.77
CA GLU A 570 19.08 -23.26 79.93
C GLU A 570 18.01 -24.12 79.27
N THR A 571 18.42 -25.31 78.86
CA THR A 571 17.56 -26.24 78.10
C THR A 571 16.44 -26.84 78.94
N THR A 572 15.33 -27.17 78.28
CA THR A 572 14.17 -27.74 78.97
C THR A 572 14.49 -29.11 79.55
N TYR A 573 15.39 -29.84 78.90
CA TYR A 573 15.78 -31.17 79.36
C TYR A 573 16.24 -31.14 80.81
N ALA A 574 16.83 -30.02 81.23
CA ALA A 574 17.32 -29.87 82.59
C ALA A 574 16.17 -29.83 83.57
N LYS A 575 15.09 -29.15 83.18
CA LYS A 575 13.91 -29.03 84.03
C LYS A 575 12.97 -30.22 83.83
N GLY A 576 13.53 -31.36 83.44
CA GLY A 576 12.74 -32.55 83.23
C GLY A 576 11.63 -32.34 82.21
N ILE A 577 12.01 -31.92 81.02
CA ILE A 577 11.04 -31.68 79.95
C ILE A 577 11.46 -32.40 78.68
N LEU A 578 10.57 -33.24 78.15
CA LEU A 578 10.86 -33.99 76.92
C LEU A 578 9.91 -33.57 75.80
N PRO A 579 10.36 -33.72 74.55
CA PRO A 579 9.55 -33.36 73.36
C PRO A 579 8.16 -33.97 73.39
N ILE A 580 8.01 -35.08 74.11
CA ILE A 580 6.72 -35.77 74.22
C ILE A 580 5.75 -35.01 75.11
N ASP A 581 6.12 -33.79 75.51
CA ASP A 581 5.28 -32.98 76.37
C ASP A 581 4.87 -31.67 75.69
N THR A 582 5.81 -31.03 75.02
CA THR A 582 5.54 -29.77 74.35
C THR A 582 5.20 -29.93 72.86
N TYR A 583 4.83 -31.14 72.45
CA TYR A 583 4.49 -31.37 71.05
C TYR A 583 3.08 -30.87 70.76
N LYS A 584 2.80 -30.61 69.49
CA LYS A 584 1.48 -30.13 69.09
C LYS A 584 0.41 -31.16 69.42
N LYS A 585 -0.43 -30.84 70.39
CA LYS A 585 -1.50 -31.75 70.82
C LYS A 585 -2.46 -32.10 69.69
N ASP A 586 -2.37 -31.36 68.59
CA ASP A 586 -3.23 -31.60 67.44
C ASP A 586 -2.74 -32.78 66.60
N LEU A 587 -1.67 -33.42 67.06
CA LEU A 587 -1.11 -34.56 66.35
C LEU A 587 -1.81 -35.85 66.77
N ASP A 588 -2.59 -35.77 67.84
CA ASP A 588 -3.33 -36.93 68.34
C ASP A 588 -4.59 -37.17 67.52
N THR A 589 -4.68 -36.53 66.37
CA THR A 589 -5.83 -36.66 65.49
C THR A 589 -5.44 -37.30 64.16
N ILE A 590 -4.13 -37.51 63.99
CA ILE A 590 -3.60 -38.11 62.76
C ILE A 590 -2.72 -39.32 63.07
N ALA A 591 -2.67 -39.68 64.36
CA ALA A 591 -1.85 -40.81 64.79
C ALA A 591 -2.21 -41.21 66.22
N ASN A 592 -2.10 -42.50 66.51
CA ASN A 592 -2.41 -43.01 67.83
C ASN A 592 -1.32 -43.98 68.31
N GLU A 593 -0.24 -44.05 67.54
CA GLU A 593 0.88 -44.93 67.87
C GLU A 593 1.47 -44.56 69.23
N PRO A 594 1.28 -45.44 70.23
CA PRO A 594 1.79 -45.21 71.58
C PRO A 594 3.31 -45.30 71.67
N LEU A 595 3.87 -44.79 72.76
CA LEU A 595 5.32 -44.82 72.98
C LEU A 595 5.79 -46.24 73.28
N HIS A 596 6.57 -46.81 72.38
CA HIS A 596 7.23 -48.08 72.62
C HIS A 596 8.25 -48.01 73.77
N TYR A 597 9.00 -46.91 73.84
CA TYR A 597 10.15 -46.80 74.74
C TYR A 597 9.90 -46.02 76.04
N ASP A 598 10.40 -46.55 77.15
CA ASP A 598 10.00 -46.02 78.45
C ASP A 598 10.77 -44.75 78.77
N TRP A 599 10.25 -43.64 78.25
CA TRP A 599 10.87 -42.33 78.41
C TRP A 599 10.92 -41.88 79.87
N GLU A 600 9.85 -42.13 80.63
CA GLU A 600 9.86 -41.71 82.03
C GLU A 600 11.20 -42.09 82.65
N ALA A 601 11.83 -43.11 82.06
CA ALA A 601 13.13 -43.58 82.53
C ALA A 601 14.20 -42.57 82.15
N LEU A 602 14.18 -42.16 80.88
CA LEU A 602 15.16 -41.20 80.38
C LEU A 602 14.94 -39.84 81.04
N ARG A 603 13.69 -39.57 81.41
CA ARG A 603 13.35 -38.30 82.06
C ARG A 603 14.15 -38.17 83.36
N GLU A 604 14.13 -39.21 84.17
CA GLU A 604 14.87 -39.23 85.43
C GLU A 604 16.37 -39.24 85.20
N SER A 605 16.79 -39.91 84.13
CA SER A 605 18.20 -40.01 83.81
C SER A 605 18.79 -38.66 83.36
N ILE A 606 18.06 -37.96 82.51
CA ILE A 606 18.53 -36.66 82.02
C ILE A 606 18.35 -35.57 83.08
N LYS A 607 17.34 -35.75 83.93
CA LYS A 607 17.07 -34.78 84.99
C LYS A 607 18.16 -34.82 86.06
N THR A 608 19.14 -35.71 85.88
CA THR A 608 20.23 -35.84 86.83
C THR A 608 21.59 -35.51 86.23
N HIS A 609 21.95 -36.20 85.15
CA HIS A 609 23.23 -35.97 84.49
C HIS A 609 23.11 -34.99 83.34
N GLY A 610 21.93 -34.92 82.74
CA GLY A 610 21.72 -34.02 81.63
C GLY A 610 22.13 -34.64 80.31
N LEU A 611 22.45 -33.80 79.33
CA LEU A 611 22.85 -34.28 78.02
C LEU A 611 24.13 -33.59 77.56
N ARG A 612 25.03 -34.37 76.95
CA ARG A 612 26.29 -33.84 76.45
C ARG A 612 26.03 -32.77 75.40
N ASN A 613 24.85 -32.83 74.79
CA ASN A 613 24.47 -31.88 73.75
C ASN A 613 23.07 -31.33 74.03
N SER A 614 22.81 -30.11 73.60
CA SER A 614 21.51 -29.48 73.81
C SER A 614 20.47 -29.99 72.81
N THR A 615 20.89 -30.16 71.56
CA THR A 615 20.00 -30.64 70.51
C THR A 615 20.67 -31.78 69.76
N LEU A 616 19.92 -32.88 69.55
CA LEU A 616 20.49 -34.08 68.94
C LEU A 616 19.83 -34.54 67.64
N SER A 617 18.61 -34.06 67.38
CA SER A 617 17.86 -34.49 66.21
C SER A 617 17.58 -33.32 65.27
N ALA A 618 18.02 -33.49 64.03
CA ALA A 618 17.72 -32.53 63.00
C ALA A 618 17.43 -33.31 61.74
N LEU A 619 16.36 -32.95 61.06
CA LEU A 619 16.13 -33.45 59.71
C LEU A 619 16.54 -32.41 58.66
N MET A 620 17.48 -32.78 57.81
CA MET A 620 17.97 -31.88 56.77
C MET A 620 17.93 -32.51 55.39
N PRO A 621 17.82 -31.69 54.33
CA PRO A 621 17.78 -32.16 52.94
C PRO A 621 19.16 -32.63 52.50
N SER A 622 19.39 -33.93 52.25
CA SER A 622 20.77 -34.32 51.92
C SER A 622 21.03 -35.08 50.59
N GLU A 623 21.00 -34.36 49.48
CA GLU A 623 21.29 -34.93 48.15
C GLU A 623 22.72 -35.44 47.90
N THR A 624 23.72 -34.69 48.33
CA THR A 624 25.13 -35.03 48.14
C THR A 624 25.58 -36.23 48.98
N SER A 625 25.13 -36.22 50.23
CA SER A 625 25.36 -37.27 51.21
C SER A 625 24.58 -38.55 50.90
N SER A 626 23.30 -38.40 50.57
CA SER A 626 22.46 -39.55 50.26
C SER A 626 22.90 -40.24 48.98
N GLN A 627 23.33 -39.45 48.00
CA GLN A 627 23.78 -39.99 46.72
C GLN A 627 24.84 -41.08 46.92
N ILE A 628 25.60 -40.97 48.01
CA ILE A 628 26.64 -41.95 48.30
C ILE A 628 26.02 -43.28 48.67
N SER A 629 25.03 -43.26 49.54
CA SER A 629 24.34 -44.47 49.97
C SER A 629 23.32 -44.88 48.93
N ASN A 630 23.34 -44.19 47.79
CA ASN A 630 22.41 -44.48 46.70
C ASN A 630 20.98 -44.53 47.24
N ALA A 631 20.70 -43.66 48.20
CA ALA A 631 19.39 -43.59 48.82
C ALA A 631 18.63 -42.34 48.40
N THR A 632 17.37 -42.25 48.80
CA THR A 632 16.53 -41.10 48.46
C THR A 632 16.92 -39.89 49.30
N ASN A 633 16.96 -38.73 48.66
CA ASN A 633 17.40 -37.56 49.37
C ASN A 633 16.47 -37.35 50.54
N GLY A 634 17.07 -37.14 51.70
CA GLY A 634 16.32 -36.89 52.92
C GLY A 634 15.00 -37.62 52.97
N ILE A 635 13.96 -36.93 53.42
CA ILE A 635 12.62 -37.52 53.50
C ILE A 635 11.86 -37.26 52.21
N GLU A 636 12.41 -36.38 51.37
CA GLU A 636 11.81 -36.03 50.10
C GLU A 636 11.61 -37.25 49.22
N PRO A 637 10.39 -37.46 48.70
CA PRO A 637 10.11 -38.60 47.83
C PRO A 637 10.82 -38.45 46.49
N PRO A 638 11.18 -39.58 45.86
CA PRO A 638 11.87 -39.55 44.56
C PRO A 638 11.05 -38.88 43.47
N ARG A 639 11.65 -37.91 42.79
CA ARG A 639 10.97 -37.19 41.72
C ARG A 639 10.63 -38.17 40.60
N GLY A 640 11.43 -39.23 40.50
CA GLY A 640 11.22 -40.24 39.49
C GLY A 640 11.99 -41.51 39.81
N TYR A 641 11.57 -42.62 39.24
CA TYR A 641 12.23 -43.90 39.48
C TYR A 641 13.73 -43.81 39.21
N VAL A 642 14.10 -42.99 38.24
CA VAL A 642 15.50 -42.80 37.89
C VAL A 642 15.81 -41.30 37.84
N SER A 643 15.76 -40.66 38.99
CA SER A 643 16.02 -39.21 39.09
C SER A 643 17.35 -38.85 38.45
N ILE A 644 17.41 -37.67 37.85
CA ILE A 644 18.64 -37.21 37.23
C ILE A 644 19.20 -36.05 38.04
N LYS A 645 20.45 -36.20 38.48
CA LYS A 645 21.13 -35.13 39.19
C LYS A 645 22.32 -34.71 38.34
N ALA A 646 22.41 -33.42 38.07
CA ALA A 646 23.49 -32.91 37.22
C ALA A 646 24.55 -32.20 38.06
N SER A 647 25.70 -32.85 38.23
CA SER A 647 26.80 -32.21 38.94
C SER A 647 28.19 -32.79 38.73
N LYS A 648 29.18 -31.94 38.95
CA LYS A 648 28.98 -30.53 38.73
C LYS A 648 28.83 -30.33 37.23
N ASP A 649 29.74 -30.97 36.50
CA ASP A 649 29.82 -30.92 35.04
C ASP A 649 28.72 -31.60 34.19
N GLY A 650 28.32 -32.79 34.61
CA GLY A 650 27.28 -33.52 33.91
C GLY A 650 26.27 -34.17 34.83
N ILE A 651 25.03 -34.28 34.37
CA ILE A 651 23.98 -34.95 35.14
C ILE A 651 24.27 -36.44 35.26
N LEU A 652 23.97 -37.01 36.43
CA LEU A 652 24.19 -38.44 36.65
C LEU A 652 22.87 -39.14 36.97
N ARG A 653 22.63 -40.26 36.29
CA ARG A 653 21.40 -41.02 36.50
C ARG A 653 21.51 -41.90 37.74
N GLN A 654 20.64 -41.64 38.71
CA GLN A 654 20.61 -42.42 39.96
C GLN A 654 19.28 -43.12 40.13
N VAL A 655 19.28 -44.45 39.98
CA VAL A 655 18.06 -45.23 40.11
C VAL A 655 17.74 -45.47 41.59
N VAL A 656 16.46 -45.40 41.93
CA VAL A 656 16.03 -45.61 43.31
C VAL A 656 16.48 -46.97 43.82
N PRO A 657 16.62 -47.12 45.15
CA PRO A 657 17.06 -48.37 45.76
C PRO A 657 16.01 -49.49 45.65
N ASP A 658 16.49 -50.70 45.36
CA ASP A 658 15.62 -51.87 45.23
C ASP A 658 14.43 -51.59 44.31
N TYR A 659 14.74 -51.21 43.08
CA TYR A 659 13.71 -50.90 42.09
C TYR A 659 13.14 -52.17 41.46
N GLU A 660 13.97 -53.20 41.33
CA GLU A 660 13.55 -54.45 40.74
C GLU A 660 12.45 -55.14 41.55
N HIS A 661 12.24 -54.70 42.78
CA HIS A 661 11.22 -55.30 43.64
C HIS A 661 10.27 -54.28 44.27
N LEU A 662 10.59 -52.99 44.12
CA LEU A 662 9.78 -51.91 44.71
C LEU A 662 9.03 -50.96 43.74
N HIS A 663 8.91 -51.37 42.49
CA HIS A 663 8.49 -50.45 41.44
C HIS A 663 7.12 -49.88 41.73
N ASP A 664 6.22 -50.76 42.15
CA ASP A 664 4.86 -50.38 42.57
C ASP A 664 4.79 -49.54 43.84
N ALA A 665 5.59 -49.92 44.83
CA ALA A 665 5.58 -49.28 46.15
C ALA A 665 5.81 -47.78 46.12
N TYR A 666 6.89 -47.36 45.48
CA TYR A 666 7.23 -45.93 45.40
C TYR A 666 6.12 -45.03 44.90
N GLU A 667 6.00 -43.87 45.53
CA GLU A 667 4.99 -42.87 45.18
C GLU A 667 5.71 -41.60 44.74
N LEU A 668 6.12 -41.57 43.47
CA LEU A 668 6.84 -40.43 42.92
C LEU A 668 6.22 -39.10 43.31
N LEU A 669 7.08 -38.13 43.64
CA LEU A 669 6.65 -36.79 44.06
C LEU A 669 5.51 -36.24 43.21
N TRP A 670 5.65 -36.22 41.90
CA TRP A 670 4.65 -35.53 41.08
C TRP A 670 3.27 -36.16 41.27
N GLU A 671 3.28 -37.40 41.73
CA GLU A 671 2.17 -38.35 41.61
C GLU A 671 1.18 -38.23 42.77
N MET A 672 1.56 -37.51 43.80
CA MET A 672 0.70 -37.35 44.98
C MET A 672 -0.41 -36.33 44.73
N PRO A 673 -1.63 -36.62 45.24
CA PRO A 673 -2.78 -35.74 45.08
C PRO A 673 -2.51 -34.33 45.60
N GLY A 674 -2.06 -34.23 46.84
CA GLY A 674 -1.77 -32.94 47.43
C GLY A 674 -0.62 -32.99 48.41
N ASN A 675 -0.65 -32.08 49.39
CA ASN A 675 0.40 -32.02 50.40
C ASN A 675 -0.15 -32.36 51.78
N ASP A 676 -1.47 -32.41 51.89
CA ASP A 676 -2.12 -32.72 53.15
C ASP A 676 -1.58 -34.02 53.76
N GLY A 677 -1.11 -34.90 52.89
CA GLY A 677 -0.56 -36.17 53.37
C GLY A 677 0.90 -36.04 53.75
N TYR A 678 1.66 -35.29 52.96
CA TYR A 678 3.08 -35.09 53.23
C TYR A 678 3.28 -34.31 54.52
N LEU A 679 2.76 -33.09 54.57
CA LEU A 679 2.89 -32.24 55.74
C LEU A 679 2.34 -32.91 56.98
N GLN A 680 1.40 -33.83 56.79
CA GLN A 680 0.79 -34.55 57.90
C GLN A 680 1.82 -35.46 58.57
N LEU A 681 2.82 -35.88 57.80
CA LEU A 681 3.87 -36.74 58.31
C LEU A 681 4.96 -35.92 58.99
N VAL A 682 5.22 -34.74 58.44
CA VAL A 682 6.24 -33.84 58.98
C VAL A 682 5.88 -33.42 60.40
N GLY A 683 4.61 -33.12 60.62
CA GLY A 683 4.16 -32.71 61.94
C GLY A 683 4.39 -33.81 62.96
N ILE A 684 4.23 -35.06 62.53
CA ILE A 684 4.42 -36.21 63.40
C ILE A 684 5.89 -36.39 63.72
N MET A 685 6.74 -36.09 62.73
CA MET A 685 8.18 -36.23 62.90
C MET A 685 8.69 -35.15 63.86
N GLN A 686 8.23 -33.92 63.65
CA GLN A 686 8.63 -32.80 64.49
C GLN A 686 8.39 -33.10 65.96
N LYS A 687 7.44 -33.99 66.23
CA LYS A 687 7.10 -34.36 67.60
C LYS A 687 8.29 -34.97 68.31
N PHE A 688 9.29 -35.39 67.55
CA PHE A 688 10.50 -35.99 68.11
C PHE A 688 11.76 -35.32 67.58
N ILE A 689 11.59 -34.13 67.01
CA ILE A 689 12.74 -33.42 66.50
C ILE A 689 12.98 -32.15 67.32
N ASP A 690 14.16 -32.05 67.91
CA ASP A 690 14.52 -30.89 68.71
C ASP A 690 14.77 -29.67 67.83
N GLN A 691 14.84 -29.99 66.53
CA GLN A 691 15.19 -29.11 65.43
C GLN A 691 14.19 -29.32 64.30
N SER A 692 14.17 -28.35 63.38
CA SER A 692 13.11 -28.14 62.41
C SER A 692 13.39 -28.88 61.11
N ILE A 693 12.39 -29.61 60.62
CA ILE A 693 12.53 -30.37 59.39
C ILE A 693 12.36 -29.44 58.19
N SER A 694 13.29 -29.55 57.24
CA SER A 694 13.25 -28.73 56.04
C SER A 694 12.25 -29.29 55.05
N ALA A 695 10.98 -29.35 55.46
CA ALA A 695 9.92 -29.86 54.61
C ALA A 695 9.52 -28.82 53.56
N ASN A 696 9.40 -29.26 52.32
CA ASN A 696 9.03 -28.38 51.22
C ASN A 696 7.72 -28.83 50.58
N THR A 697 6.95 -27.86 50.10
CA THR A 697 5.66 -28.15 49.47
C THR A 697 5.83 -28.48 47.99
N ASN A 698 4.75 -28.92 47.36
CA ASN A 698 4.76 -29.28 45.95
C ASN A 698 3.43 -28.95 45.30
N TYR A 699 3.48 -28.40 44.10
CA TYR A 699 2.26 -28.02 43.37
C TYR A 699 2.39 -28.29 41.88
N ASP A 700 1.40 -28.98 41.32
CA ASP A 700 1.39 -29.31 39.90
C ASP A 700 0.22 -28.62 39.19
N PRO A 701 0.51 -27.58 38.39
CA PRO A 701 -0.51 -26.84 37.65
C PRO A 701 -1.37 -27.73 36.75
N SER A 702 -0.93 -28.97 36.56
CA SER A 702 -1.65 -29.92 35.73
C SER A 702 -2.79 -30.59 36.49
N ARG A 703 -2.79 -30.42 37.81
CA ARG A 703 -3.83 -31.01 38.66
C ARG A 703 -4.91 -29.99 39.02
N PHE A 704 -4.66 -28.73 38.67
CA PHE A 704 -5.61 -27.66 38.96
C PHE A 704 -6.25 -27.13 37.68
N PRO A 705 -7.46 -26.58 37.78
CA PRO A 705 -8.16 -26.04 36.60
C PRO A 705 -7.47 -24.81 36.02
N SER A 706 -7.66 -24.59 34.73
CA SER A 706 -7.06 -23.45 34.04
C SER A 706 -5.54 -23.51 34.11
N GLY A 707 -5.01 -24.68 34.47
CA GLY A 707 -3.57 -24.85 34.56
C GLY A 707 -2.91 -23.77 35.39
N LYS A 708 -3.58 -23.41 36.47
CA LYS A 708 -3.04 -22.46 37.44
C LYS A 708 -3.26 -22.98 38.86
N VAL A 709 -2.24 -22.86 39.69
CA VAL A 709 -2.37 -23.17 41.11
C VAL A 709 -3.13 -22.07 41.85
N PRO A 710 -4.31 -22.40 42.38
CA PRO A 710 -5.14 -21.43 43.11
C PRO A 710 -4.54 -21.03 44.46
N MET A 711 -4.69 -19.75 44.80
CA MET A 711 -4.16 -19.23 46.06
C MET A 711 -4.88 -19.88 47.24
N GLN A 712 -6.07 -20.40 46.97
CA GLN A 712 -6.88 -21.05 48.00
C GLN A 712 -6.16 -22.28 48.55
N GLN A 713 -5.53 -23.05 47.67
CA GLN A 713 -4.81 -24.25 48.07
C GLN A 713 -3.50 -23.90 48.75
N LEU A 714 -2.83 -22.86 48.26
CA LEU A 714 -1.55 -22.42 48.82
C LEU A 714 -1.70 -22.10 50.30
N LEU A 715 -2.67 -21.27 50.64
CA LEU A 715 -2.91 -20.87 52.01
C LEU A 715 -3.45 -22.04 52.83
N LYS A 716 -4.17 -22.94 52.17
CA LYS A 716 -4.75 -24.11 52.82
C LYS A 716 -3.65 -24.97 53.44
N ASP A 717 -2.71 -25.41 52.60
CA ASP A 717 -1.61 -26.24 53.06
C ASP A 717 -0.78 -25.53 54.12
N LEU A 718 -0.59 -24.22 53.94
CA LEU A 718 0.17 -23.41 54.87
C LEU A 718 -0.42 -23.52 56.26
N LEU A 719 -1.75 -23.39 56.34
CA LEU A 719 -2.46 -23.46 57.61
C LEU A 719 -2.49 -24.90 58.12
N THR A 720 -2.61 -25.85 57.20
CA THR A 720 -2.66 -27.26 57.56
C THR A 720 -1.37 -27.67 58.26
N ALA A 721 -0.24 -27.21 57.73
CA ALA A 721 1.06 -27.54 58.31
C ALA A 721 1.17 -26.94 59.71
N TYR A 722 0.83 -25.65 59.83
CA TYR A 722 0.88 -24.95 61.11
C TYR A 722 0.04 -25.68 62.16
N LYS A 723 -1.03 -26.31 61.70
CA LYS A 723 -1.93 -27.03 62.60
C LYS A 723 -1.28 -28.25 63.24
N PHE A 724 -0.33 -28.86 62.54
CA PHE A 724 0.35 -30.04 63.06
C PHE A 724 1.68 -29.73 63.72
N GLY A 725 1.95 -28.45 63.94
CA GLY A 725 3.19 -28.05 64.59
C GLY A 725 4.39 -27.89 63.67
N VAL A 726 4.14 -27.84 62.35
CA VAL A 726 5.22 -27.68 61.39
C VAL A 726 5.95 -26.37 61.67
N LYS A 727 7.24 -26.49 62.01
CA LYS A 727 8.05 -25.31 62.31
C LYS A 727 8.33 -24.42 61.11
N THR A 728 9.01 -24.97 60.10
CA THR A 728 9.34 -24.18 58.91
C THR A 728 9.01 -24.90 57.61
N LEU A 729 9.03 -24.14 56.51
CA LEU A 729 8.76 -24.66 55.19
C LEU A 729 9.90 -24.27 54.25
N TYR A 730 10.46 -25.26 53.56
CA TYR A 730 11.57 -25.03 52.65
C TYR A 730 11.08 -24.62 51.27
N TYR A 731 11.67 -25.24 50.24
CA TYR A 731 11.34 -24.93 48.87
C TYR A 731 9.85 -25.11 48.62
N GLN A 732 9.41 -24.69 47.43
CA GLN A 732 8.06 -24.99 46.98
C GLN A 732 8.13 -25.33 45.50
N ASN A 733 8.66 -26.52 45.24
CA ASN A 733 8.80 -27.06 43.90
C ASN A 733 7.51 -27.01 43.07
N THR A 734 7.59 -26.34 41.93
CA THR A 734 6.45 -26.22 41.03
C THR A 734 6.77 -26.98 39.75
N ARG A 735 6.01 -28.04 39.50
CA ARG A 735 6.23 -28.87 38.32
C ARG A 735 6.30 -28.05 37.04
N ASP A 736 7.43 -28.15 36.36
CA ASP A 736 7.69 -27.43 35.11
C ASP A 736 7.68 -28.38 33.92
N ASN B 4 -9.86 43.49 50.80
CA ASN B 4 -10.89 43.01 51.70
C ASN B 4 -10.47 41.74 52.44
N LEU B 5 -9.99 40.76 51.66
CA LEU B 5 -9.45 39.50 52.20
C LEU B 5 -8.19 39.79 52.99
N LEU B 6 -7.92 39.00 54.04
CA LEU B 6 -6.93 39.45 55.02
C LEU B 6 -5.72 38.54 55.11
N VAL B 7 -4.52 39.14 55.14
CA VAL B 7 -3.34 38.28 55.16
C VAL B 7 -3.04 37.79 56.57
N THR B 8 -2.94 36.47 56.73
CA THR B 8 -2.63 35.86 58.02
C THR B 8 -1.18 36.17 58.41
N LYS B 9 -1.02 37.04 59.41
CA LYS B 9 0.32 37.41 59.87
C LYS B 9 1.03 36.26 60.56
N ARG B 10 2.35 36.38 60.68
CA ARG B 10 3.17 35.37 61.32
C ARG B 10 2.67 35.01 62.71
N ASP B 11 2.59 36.01 63.58
CA ASP B 11 2.14 35.81 64.96
C ASP B 11 0.79 35.09 64.99
N GLY B 12 0.09 35.10 63.86
CA GLY B 12 -1.21 34.45 63.81
C GLY B 12 -2.35 35.43 63.65
N SER B 13 -2.05 36.72 63.83
CA SER B 13 -3.06 37.76 63.72
C SER B 13 -3.53 37.89 62.27
N THR B 14 -4.72 38.44 62.09
CA THR B 14 -5.28 38.62 60.75
C THR B 14 -5.74 40.05 60.51
N GLU B 15 -5.30 40.62 59.38
CA GLU B 15 -5.67 41.97 59.02
C GLU B 15 -5.91 42.05 57.51
N ARG B 16 -6.75 43.00 57.10
CA ARG B 16 -7.14 43.13 55.71
C ARG B 16 -5.96 43.54 54.83
N ILE B 17 -5.92 43.00 53.61
CA ILE B 17 -4.73 43.05 52.77
C ILE B 17 -4.32 44.48 52.43
N ASN B 18 -3.02 44.72 52.42
CA ASN B 18 -2.49 46.06 52.18
C ASN B 18 -1.25 45.96 51.32
N LEU B 19 -1.33 46.48 50.10
CA LEU B 19 -0.22 46.43 49.17
C LEU B 19 1.03 47.14 49.68
N ASP B 20 0.84 48.18 50.50
CA ASP B 20 1.96 48.92 51.06
C ASP B 20 2.98 48.01 51.74
N LYS B 21 2.49 47.10 52.57
CA LYS B 21 3.36 46.17 53.28
C LYS B 21 4.39 45.54 52.36
N ILE B 22 4.00 45.24 51.13
CA ILE B 22 4.90 44.64 50.17
C ILE B 22 5.80 45.70 49.54
N HIS B 23 5.22 46.86 49.24
CA HIS B 23 5.95 47.96 48.63
C HIS B 23 7.06 48.47 49.53
N ARG B 24 6.78 48.58 50.83
CA ARG B 24 7.78 49.00 51.79
C ARG B 24 8.99 48.06 51.77
N VAL B 25 8.71 46.77 51.93
CA VAL B 25 9.75 45.75 51.95
C VAL B 25 10.64 45.80 50.71
N LEU B 26 10.05 45.56 49.54
CA LEU B 26 10.79 45.56 48.29
C LEU B 26 11.55 46.87 48.08
N ASP B 27 10.94 47.98 48.50
CA ASP B 27 11.57 49.29 48.36
C ASP B 27 12.80 49.38 49.27
N TRP B 28 12.82 48.54 50.30
CA TRP B 28 13.93 48.52 51.25
C TRP B 28 15.15 47.81 50.68
N ALA B 29 15.01 46.51 50.42
CA ALA B 29 16.11 45.71 49.88
C ALA B 29 16.64 46.27 48.56
N ALA B 30 15.90 47.20 47.97
CA ALA B 30 16.31 47.81 46.71
C ALA B 30 17.10 49.09 46.95
N GLU B 31 17.22 49.47 48.21
CA GLU B 31 17.95 50.68 48.58
C GLU B 31 19.43 50.55 48.25
N GLY B 32 19.94 51.50 47.46
CA GLY B 32 21.35 51.47 47.09
C GLY B 32 21.65 50.58 45.90
N LEU B 33 20.61 50.15 45.18
CA LEU B 33 20.78 49.29 44.02
C LEU B 33 20.38 50.04 42.75
N HIS B 34 20.84 49.55 41.60
CA HIS B 34 20.55 50.18 40.33
C HIS B 34 20.01 49.18 39.31
N ASN B 35 19.36 49.69 38.27
CA ASN B 35 18.85 48.86 37.18
C ASN B 35 17.83 47.88 37.75
N VAL B 36 17.46 48.11 39.01
CA VAL B 36 16.49 47.26 39.70
C VAL B 36 15.16 48.01 39.83
N SER B 37 14.07 47.36 39.46
CA SER B 37 12.75 47.98 39.54
C SER B 37 11.87 47.23 40.52
N ILE B 38 11.18 47.98 41.38
CA ILE B 38 10.30 47.40 42.38
C ILE B 38 9.08 46.77 41.72
N SER B 39 8.47 47.49 40.79
CA SER B 39 7.30 47.02 40.06
C SER B 39 7.52 45.67 39.40
N GLN B 40 8.74 45.44 38.91
CA GLN B 40 9.08 44.19 38.24
C GLN B 40 8.81 42.97 39.12
N VAL B 41 9.42 42.95 40.29
CA VAL B 41 9.26 41.84 41.22
C VAL B 41 7.80 41.54 41.55
N GLU B 42 7.03 42.59 41.83
CA GLU B 42 5.62 42.44 42.15
C GLU B 42 4.86 41.79 40.99
N LEU B 43 5.08 42.29 39.78
CA LEU B 43 4.43 41.75 38.60
C LEU B 43 4.92 40.34 38.31
N ARG B 44 6.24 40.18 38.28
CA ARG B 44 6.84 38.87 38.01
C ARG B 44 6.38 37.83 39.03
N SER B 45 5.94 38.31 40.19
CA SER B 45 5.46 37.44 41.25
C SER B 45 4.11 36.82 40.89
N HIS B 46 3.27 37.60 40.22
CA HIS B 46 1.96 37.12 39.82
C HIS B 46 1.38 36.61 41.12
N ILE B 47 1.68 37.32 42.21
CA ILE B 47 1.29 36.83 43.50
C ILE B 47 -0.21 36.73 43.47
N GLN B 48 -0.73 35.61 43.95
CA GLN B 48 -2.16 35.39 43.90
C GLN B 48 -2.81 35.40 45.27
N PHE B 49 -3.37 36.68 45.47
CA PHE B 49 -4.05 36.85 46.76
C PHE B 49 -5.33 36.04 46.83
N TYR B 50 -5.60 35.56 48.04
CA TYR B 50 -6.85 34.92 48.44
C TYR B 50 -6.98 35.19 49.95
N ASP B 51 -8.19 35.11 50.46
CA ASP B 51 -8.43 35.35 51.88
C ASP B 51 -7.49 34.52 52.75
N GLY B 52 -7.08 35.09 53.86
CA GLY B 52 -6.39 34.36 54.90
C GLY B 52 -5.12 33.78 54.35
N ILE B 53 -4.58 34.42 53.32
CA ILE B 53 -3.29 34.02 52.82
C ILE B 53 -2.30 34.37 53.92
N LYS B 54 -1.41 33.43 54.24
CA LYS B 54 -0.38 33.67 55.23
C LYS B 54 0.60 34.73 54.72
N THR B 55 1.03 35.62 55.61
CA THR B 55 2.03 36.63 55.28
C THR B 55 3.40 36.02 55.00
N SER B 56 3.66 34.86 55.58
CA SER B 56 4.91 34.13 55.35
C SER B 56 5.04 33.70 53.89
N ASP B 57 3.92 33.24 53.32
CA ASP B 57 3.91 32.73 51.95
C ASP B 57 4.13 33.87 50.97
N ILE B 58 3.52 35.01 51.25
CA ILE B 58 3.64 36.19 50.39
C ILE B 58 5.09 36.65 50.30
N HIS B 59 5.77 36.64 51.44
CA HIS B 59 7.18 37.01 51.49
C HIS B 59 8.03 36.04 50.70
N GLU B 60 7.70 34.76 50.78
CA GLU B 60 8.49 33.71 50.13
C GLU B 60 8.31 33.74 48.62
N THR B 61 7.13 34.19 48.17
CA THR B 61 6.84 34.26 46.75
C THR B 61 7.58 35.40 46.07
N ILE B 62 7.69 36.53 46.76
CA ILE B 62 8.38 37.69 46.22
C ILE B 62 9.89 37.45 46.14
N ILE B 63 10.42 36.70 47.08
CA ILE B 63 11.84 36.39 47.11
C ILE B 63 12.24 35.54 45.91
N LYS B 64 11.43 34.53 45.60
CA LYS B 64 11.71 33.67 44.46
C LYS B 64 11.56 34.44 43.17
N ALA B 65 10.77 35.52 43.22
CA ALA B 65 10.55 36.35 42.03
C ALA B 65 11.80 37.17 41.72
N ALA B 66 12.23 37.99 42.69
CA ALA B 66 13.42 38.81 42.51
C ALA B 66 14.64 37.92 42.30
N ALA B 67 14.47 36.62 42.54
CA ALA B 67 15.54 35.66 42.37
C ALA B 67 15.78 35.37 40.90
N ASP B 68 14.69 35.36 40.13
CA ASP B 68 14.78 35.09 38.69
C ASP B 68 15.23 36.35 37.95
N LEU B 69 14.98 37.51 38.54
CA LEU B 69 15.37 38.78 37.93
C LEU B 69 16.88 38.91 37.81
N ILE B 70 17.59 38.05 38.54
CA ILE B 70 19.05 38.08 38.51
C ILE B 70 19.52 37.77 37.10
N SER B 71 19.99 38.80 36.40
CA SER B 71 20.46 38.64 35.03
C SER B 71 21.73 39.46 34.77
N ARG B 72 22.28 39.30 33.58
CA ARG B 72 23.49 40.02 33.20
C ARG B 72 23.25 41.52 33.21
N ASP B 73 22.13 41.95 32.65
CA ASP B 73 21.78 43.36 32.59
C ASP B 73 21.64 43.95 33.99
N ALA B 74 20.85 43.29 34.84
CA ALA B 74 20.64 43.76 36.19
C ALA B 74 21.14 42.73 37.22
N PRO B 75 22.45 42.71 37.47
CA PRO B 75 23.07 41.79 38.43
C PRO B 75 22.78 42.13 39.88
N ASP B 76 22.42 43.40 40.14
CA ASP B 76 22.12 43.85 41.49
C ASP B 76 21.02 43.03 42.14
N TYR B 77 20.19 42.39 41.34
CA TYR B 77 19.09 41.59 41.85
C TYR B 77 19.55 40.42 42.73
N GLN B 78 20.84 40.09 42.66
CA GLN B 78 21.43 39.11 43.55
C GLN B 78 21.24 39.50 45.01
N TYR B 79 21.48 40.77 45.31
CA TYR B 79 21.49 41.24 46.69
C TYR B 79 20.12 41.77 47.10
N LEU B 80 19.29 42.08 46.12
CA LEU B 80 17.87 42.29 46.35
C LEU B 80 17.23 41.09 47.02
N ALA B 81 17.33 39.93 46.36
CA ALA B 81 16.71 38.71 46.86
C ALA B 81 17.39 38.26 48.14
N ALA B 82 18.71 38.36 48.18
CA ALA B 82 19.49 37.97 49.34
C ALA B 82 18.99 38.71 50.58
N ARG B 83 18.83 40.02 50.45
CA ARG B 83 18.35 40.84 51.54
C ARG B 83 16.96 40.41 51.99
N LEU B 84 16.13 40.03 51.02
CA LEU B 84 14.77 39.58 51.31
C LEU B 84 14.80 38.26 52.06
N ALA B 85 15.67 37.36 51.63
CA ALA B 85 15.80 36.05 52.26
C ALA B 85 16.28 36.20 53.70
N ILE B 86 17.29 37.04 53.91
CA ILE B 86 17.83 37.28 55.24
C ILE B 86 16.74 37.76 56.18
N PHE B 87 15.94 38.72 55.70
CA PHE B 87 14.85 39.29 56.48
C PHE B 87 13.83 38.19 56.82
N HIS B 88 13.56 37.33 55.86
CA HIS B 88 12.60 36.24 56.04
C HIS B 88 13.09 35.23 57.07
N LEU B 89 14.39 34.94 57.05
CA LEU B 89 14.98 33.99 57.98
C LEU B 89 14.97 34.51 59.41
N ARG B 90 15.24 35.80 59.57
CA ARG B 90 15.26 36.42 60.89
C ARG B 90 13.91 36.28 61.61
N LYS B 91 12.85 36.11 60.82
CA LYS B 91 11.50 35.96 61.36
C LYS B 91 11.27 34.60 62.00
N LYS B 92 11.72 33.54 61.33
CA LYS B 92 11.54 32.19 61.84
C LYS B 92 12.54 31.88 62.94
N ALA B 93 13.70 32.53 62.88
CA ALA B 93 14.75 32.32 63.87
C ALA B 93 14.57 33.09 65.16
N TYR B 94 14.14 34.35 65.05
CA TYR B 94 13.96 35.18 66.24
C TYR B 94 12.62 35.91 66.29
N GLY B 95 11.79 35.69 65.28
CA GLY B 95 10.49 36.35 65.25
C GLY B 95 10.58 37.82 64.93
N GLN B 96 11.82 38.32 64.82
CA GLN B 96 12.06 39.73 64.50
C GLN B 96 13.42 39.92 63.86
N PHE B 97 13.66 41.10 63.31
CA PHE B 97 14.88 41.39 62.57
C PHE B 97 16.08 41.55 63.50
N GLU B 98 15.84 42.19 64.65
CA GLU B 98 16.91 42.42 65.63
C GLU B 98 17.23 41.16 66.42
N PRO B 99 18.37 40.52 66.12
CA PRO B 99 18.79 39.30 66.82
C PRO B 99 18.93 39.48 68.32
N PRO B 100 18.65 38.43 69.10
CA PRO B 100 18.75 38.50 70.56
C PRO B 100 20.19 38.58 71.04
N ALA B 101 20.36 38.72 72.34
CA ALA B 101 21.69 38.81 72.92
C ALA B 101 22.46 37.53 72.62
N LEU B 102 23.77 37.67 72.40
CA LEU B 102 24.62 36.53 72.11
C LEU B 102 24.57 35.49 73.23
N TYR B 103 24.41 35.98 74.47
CA TYR B 103 24.35 35.10 75.63
C TYR B 103 23.01 34.37 75.70
N ASP B 104 21.94 35.14 75.79
CA ASP B 104 20.59 34.58 75.87
C ASP B 104 20.33 33.58 74.75
N HIS B 105 20.94 33.83 73.60
CA HIS B 105 20.78 32.97 72.44
C HIS B 105 21.38 31.59 72.72
N VAL B 106 22.65 31.58 73.12
CA VAL B 106 23.35 30.33 73.41
C VAL B 106 22.66 29.55 74.54
N VAL B 107 22.34 30.26 75.62
CA VAL B 107 21.67 29.65 76.77
C VAL B 107 20.43 28.86 76.35
N LYS B 108 19.49 29.55 75.71
CA LYS B 108 18.25 28.94 75.26
C LYS B 108 18.54 27.70 74.39
N MET B 109 19.42 27.87 73.42
CA MET B 109 19.79 26.77 72.52
C MET B 109 20.32 25.56 73.27
N VAL B 110 21.26 25.80 74.19
CA VAL B 110 21.85 24.72 74.97
C VAL B 110 20.76 23.90 75.65
N GLU B 111 19.75 24.58 76.18
CA GLU B 111 18.65 23.91 76.85
C GLU B 111 17.84 23.11 75.84
N MET B 112 17.91 23.52 74.58
CA MET B 112 17.18 22.85 73.50
C MET B 112 18.03 21.72 72.94
N GLY B 113 19.33 21.76 73.21
CA GLY B 113 20.22 20.73 72.73
C GLY B 113 20.80 21.05 71.36
N LYS B 114 20.73 22.32 70.97
CA LYS B 114 21.24 22.74 69.67
C LYS B 114 22.76 22.93 69.71
N TYR B 115 23.24 23.72 70.65
CA TYR B 115 24.68 23.96 70.78
C TYR B 115 25.25 23.08 71.88
N ASP B 116 26.55 22.82 71.83
CA ASP B 116 27.20 22.00 72.84
C ASP B 116 27.22 22.75 74.16
N ASN B 117 26.98 22.02 75.25
CA ASN B 117 26.96 22.61 76.59
C ASN B 117 28.33 23.06 77.07
N HIS B 118 29.37 22.75 76.32
CA HIS B 118 30.72 23.15 76.71
C HIS B 118 30.91 24.65 76.56
N LEU B 119 30.17 25.23 75.63
CA LEU B 119 30.26 26.67 75.37
C LEU B 119 30.03 27.47 76.65
N LEU B 120 29.22 26.93 77.55
CA LEU B 120 28.92 27.59 78.81
C LEU B 120 29.95 27.26 79.88
N GLU B 121 30.65 26.14 79.70
CA GLU B 121 31.67 25.70 80.64
C GLU B 121 33.04 26.28 80.29
N ASP B 122 33.18 26.75 79.07
CA ASP B 122 34.43 27.33 78.61
C ASP B 122 34.40 28.85 78.67
N TYR B 123 33.23 29.43 78.39
CA TYR B 123 33.07 30.87 78.42
C TYR B 123 32.07 31.30 79.49
N THR B 124 32.24 32.52 79.98
CA THR B 124 31.35 33.06 81.01
C THR B 124 30.40 34.09 80.43
N GLU B 125 29.32 34.37 81.16
CA GLU B 125 28.33 35.35 80.72
C GLU B 125 28.96 36.70 80.44
N GLU B 126 29.90 37.10 81.29
CA GLU B 126 30.57 38.39 81.14
C GLU B 126 31.38 38.44 79.84
N GLU B 127 31.78 37.27 79.35
CA GLU B 127 32.56 37.19 78.12
C GLU B 127 31.67 37.21 76.88
N PHE B 128 30.56 36.49 76.94
CA PHE B 128 29.62 36.43 75.83
C PHE B 128 29.18 37.84 75.44
N LYS B 129 28.96 38.68 76.44
CA LYS B 129 28.55 40.06 76.21
C LYS B 129 29.69 40.83 75.57
N GLN B 130 30.91 40.34 75.76
CA GLN B 130 32.10 40.98 75.20
C GLN B 130 32.31 40.54 73.75
N MET B 131 31.79 39.36 73.41
CA MET B 131 31.93 38.84 72.07
C MET B 131 30.78 39.32 71.19
N ASP B 132 29.66 39.68 71.82
CA ASP B 132 28.50 40.17 71.09
C ASP B 132 28.83 41.48 70.40
N THR B 133 29.86 42.16 70.91
CA THR B 133 30.29 43.43 70.34
C THR B 133 30.96 43.23 68.99
N PHE B 134 31.77 42.17 68.88
CA PHE B 134 32.48 41.87 67.65
C PHE B 134 31.48 41.55 66.54
N ILE B 135 30.37 40.93 66.92
CA ILE B 135 29.33 40.56 65.98
C ILE B 135 28.78 41.77 65.22
N ASP B 136 28.47 41.58 63.95
CA ASP B 136 27.93 42.63 63.11
C ASP B 136 26.86 42.05 62.20
N HIS B 137 25.65 41.92 62.74
CA HIS B 137 24.52 41.36 61.98
C HIS B 137 24.27 42.10 60.67
N ASP B 138 24.85 43.29 60.54
CA ASP B 138 24.68 44.09 59.33
C ASP B 138 25.51 43.50 58.20
N ARG B 139 26.22 42.42 58.49
CA ARG B 139 27.06 41.76 57.50
C ARG B 139 26.28 40.69 56.74
N ASP B 140 25.03 40.48 57.13
CA ASP B 140 24.18 39.49 56.47
C ASP B 140 23.73 39.99 55.10
N MET B 141 23.86 41.30 54.89
CA MET B 141 23.46 41.91 53.63
C MET B 141 24.60 41.87 52.62
N THR B 142 25.80 41.57 53.10
CA THR B 142 26.97 41.51 52.22
C THR B 142 26.94 40.17 51.48
N PHE B 143 25.99 39.33 51.84
CA PHE B 143 25.83 38.02 51.22
C PHE B 143 25.09 38.13 49.89
N SER B 144 25.01 37.02 49.17
CA SER B 144 24.33 36.96 47.89
C SER B 144 23.27 35.87 47.96
N TYR B 145 22.28 35.93 47.08
CA TYR B 145 21.23 34.93 47.07
C TYR B 145 21.80 33.53 47.03
N ALA B 146 22.83 33.34 46.21
CA ALA B 146 23.49 32.04 46.08
C ALA B 146 24.08 31.60 47.41
N ALA B 147 24.63 32.56 48.16
CA ALA B 147 25.23 32.28 49.46
C ALA B 147 24.16 32.07 50.53
N VAL B 148 23.29 33.05 50.67
CA VAL B 148 22.22 33.00 51.65
C VAL B 148 21.37 31.75 51.49
N LYS B 149 21.15 31.34 50.25
CA LYS B 149 20.34 30.15 49.97
C LYS B 149 21.01 28.90 50.54
N GLN B 150 22.34 28.85 50.43
CA GLN B 150 23.09 27.70 50.95
C GLN B 150 22.97 27.62 52.46
N LEU B 151 23.25 28.74 53.14
CA LEU B 151 23.17 28.80 54.59
C LEU B 151 21.78 28.38 55.06
N GLU B 152 20.75 28.89 54.39
CA GLU B 152 19.39 28.58 54.84
C GLU B 152 19.09 27.09 54.75
N GLY B 153 19.38 26.50 53.59
CA GLY B 153 19.18 25.07 53.41
C GLY B 153 20.05 24.17 54.25
N LYS B 154 21.35 24.45 54.26
CA LYS B 154 22.30 23.58 54.99
C LYS B 154 23.06 24.24 56.14
N TYR B 155 23.64 25.41 55.89
CA TYR B 155 24.58 26.04 56.83
C TYR B 155 24.00 26.41 58.20
N LEU B 156 22.79 26.95 58.22
CA LEU B 156 22.16 27.36 59.46
C LEU B 156 21.78 26.13 60.29
N VAL B 157 21.91 26.21 61.61
CA VAL B 157 21.51 25.10 62.44
C VAL B 157 20.00 25.22 62.46
N GLN B 158 19.38 24.27 61.77
CA GLN B 158 17.93 24.22 61.60
C GLN B 158 17.37 22.79 61.73
N ASN B 159 16.11 22.72 62.12
CA ASN B 159 15.47 21.44 62.30
C ASN B 159 15.25 20.82 60.94
N ARG B 160 15.66 19.55 60.81
CA ARG B 160 15.37 18.71 59.65
C ARG B 160 13.88 18.34 59.49
N VAL B 161 13.22 18.00 60.59
CA VAL B 161 11.85 17.56 60.58
C VAL B 161 10.85 18.70 60.35
N THR B 162 11.04 19.80 61.06
CA THR B 162 10.16 20.95 60.93
C THR B 162 10.63 21.93 59.86
N GLY B 163 11.93 22.19 59.83
CA GLY B 163 12.47 23.12 58.85
C GLY B 163 12.66 24.51 59.44
N GLU B 164 12.45 24.63 60.74
CA GLU B 164 12.58 25.89 61.44
C GLU B 164 14.05 26.27 61.63
N ILE B 165 14.35 27.56 61.44
CA ILE B 165 15.71 28.06 61.61
C ILE B 165 15.94 28.40 63.07
N TYR B 166 17.18 28.36 63.51
CA TYR B 166 17.50 28.66 64.91
C TYR B 166 18.59 29.71 65.13
N GLU B 167 19.33 30.05 64.08
CA GLU B 167 20.45 30.99 64.18
C GLU B 167 20.70 31.81 62.92
N SER B 168 21.39 32.94 63.06
CA SER B 168 21.70 33.78 61.90
C SER B 168 23.09 33.44 61.38
N ALA B 169 23.43 33.98 60.21
CA ALA B 169 24.73 33.75 59.60
C ALA B 169 25.86 34.20 60.51
N GLN B 170 25.71 35.36 61.12
CA GLN B 170 26.74 35.90 62.01
C GLN B 170 26.97 35.02 63.23
N PHE B 171 25.91 34.61 63.90
CA PHE B 171 26.04 33.76 65.07
C PHE B 171 26.82 32.50 64.75
N LEU B 172 26.86 32.15 63.46
CA LEU B 172 27.58 30.97 63.02
C LEU B 172 29.09 31.20 63.13
N TYR B 173 29.57 32.24 62.46
CA TYR B 173 30.99 32.58 62.48
C TYR B 173 31.51 32.87 63.88
N ILE B 174 30.78 33.70 64.63
CA ILE B 174 31.20 34.06 65.98
C ILE B 174 31.37 32.83 66.88
N LEU B 175 30.49 31.84 66.71
CA LEU B 175 30.56 30.62 67.51
C LEU B 175 31.65 29.69 67.02
N VAL B 176 31.74 29.52 65.71
CA VAL B 176 32.71 28.59 65.15
C VAL B 176 34.09 29.07 65.59
N ALA B 177 34.27 30.37 65.62
CA ALA B 177 35.50 30.96 66.14
C ALA B 177 35.69 30.63 67.62
N ALA B 178 34.60 30.66 68.39
CA ALA B 178 34.68 30.40 69.83
C ALA B 178 35.09 28.98 70.20
N CYS B 179 34.53 28.01 69.50
CA CYS B 179 34.74 26.60 69.79
C CYS B 179 36.13 26.14 69.37
N LEU B 180 36.73 26.84 68.42
CA LEU B 180 38.06 26.48 67.94
C LEU B 180 39.16 27.03 68.85
N PHE B 181 38.91 28.19 69.45
CA PHE B 181 39.89 28.81 70.34
C PHE B 181 39.49 28.68 71.81
N SER B 182 38.59 27.75 72.09
CA SER B 182 38.12 27.53 73.45
C SER B 182 39.26 27.07 74.37
N ASN B 183 40.10 26.17 73.87
CA ASN B 183 41.23 25.66 74.63
C ASN B 183 42.44 26.58 74.61
N TYR B 184 42.22 27.84 74.26
CA TYR B 184 43.30 28.82 74.21
C TYR B 184 43.42 29.58 75.53
N PRO B 185 44.60 30.16 75.81
CA PRO B 185 44.84 30.91 77.04
C PRO B 185 43.95 32.14 77.19
N ARG B 186 43.46 32.35 78.41
CA ARG B 186 42.59 33.48 78.71
C ARG B 186 43.17 34.80 78.23
N GLU B 187 44.48 34.84 78.02
CA GLU B 187 45.16 36.05 77.57
C GLU B 187 44.96 36.34 76.09
N THR B 188 44.75 35.29 75.30
CA THR B 188 44.56 35.46 73.86
C THR B 188 43.36 34.65 73.35
N ARG B 189 42.60 34.09 74.27
CA ARG B 189 41.43 33.30 73.93
C ARG B 189 40.37 34.13 73.20
N LEU B 190 40.06 35.30 73.76
CA LEU B 190 39.07 36.19 73.16
C LEU B 190 39.64 36.87 71.92
N GLN B 191 40.93 37.17 71.95
CA GLN B 191 41.61 37.82 70.85
C GLN B 191 41.35 37.10 69.53
N TYR B 192 41.82 35.86 69.43
CA TYR B 192 41.65 35.07 68.22
C TYR B 192 40.18 34.97 67.80
N VAL B 193 39.29 34.87 68.80
CA VAL B 193 37.86 34.78 68.53
C VAL B 193 37.38 35.96 67.68
N LYS B 194 38.00 37.11 67.88
CA LYS B 194 37.64 38.32 67.14
C LYS B 194 38.24 38.32 65.74
N ARG B 195 39.56 38.19 65.66
CA ARG B 195 40.26 38.20 64.39
C ARG B 195 39.79 37.10 63.45
N PHE B 196 39.59 35.89 63.99
CA PHE B 196 39.13 34.78 63.17
C PHE B 196 37.70 35.04 62.71
N TYR B 197 36.91 35.65 63.59
CA TYR B 197 35.53 35.97 63.28
C TYR B 197 35.49 36.98 62.13
N ASP B 198 36.26 38.04 62.25
CA ASP B 198 36.33 39.07 61.23
C ASP B 198 37.18 38.61 60.06
N ALA B 199 37.39 37.29 59.98
CA ALA B 199 38.19 36.69 58.92
C ALA B 199 37.31 35.75 58.08
N VAL B 200 36.29 35.19 58.72
CA VAL B 200 35.37 34.27 58.06
C VAL B 200 34.09 35.01 57.65
N SER B 201 33.72 36.01 58.43
CA SER B 201 32.51 36.79 58.16
C SER B 201 32.81 37.82 57.07
N THR B 202 34.08 38.18 56.94
CA THR B 202 34.51 39.16 55.95
C THR B 202 34.88 38.47 54.64
N PHE B 203 34.63 37.17 54.58
CA PHE B 203 34.92 36.37 53.40
C PHE B 203 36.42 36.25 53.09
N LYS B 204 37.25 36.41 54.12
CA LYS B 204 38.69 36.31 53.94
C LYS B 204 39.15 34.85 53.90
N ILE B 205 38.42 33.99 54.62
CA ILE B 205 38.75 32.57 54.66
C ILE B 205 37.48 31.73 54.51
N SER B 206 37.55 30.71 53.66
CA SER B 206 36.43 29.82 53.43
C SER B 206 36.60 28.52 54.21
N LEU B 207 35.51 28.05 54.82
CA LEU B 207 35.56 26.83 55.61
C LEU B 207 34.59 25.77 55.07
N PRO B 208 35.01 24.50 55.08
CA PRO B 208 34.22 23.36 54.60
C PRO B 208 32.81 23.29 55.18
N THR B 209 31.93 22.57 54.49
CA THR B 209 30.55 22.42 54.90
C THR B 209 30.42 21.76 56.28
N PRO B 210 31.21 20.73 56.53
CA PRO B 210 31.08 20.02 57.81
C PRO B 210 31.35 21.01 58.92
N ILE B 211 32.26 21.93 58.67
CA ILE B 211 32.75 22.85 59.69
C ILE B 211 31.77 24.01 59.87
N MET B 212 31.27 24.54 58.76
CA MET B 212 30.33 25.65 58.79
C MET B 212 29.05 25.27 59.52
N SER B 213 28.80 23.97 59.70
CA SER B 213 27.64 23.52 60.47
C SER B 213 27.92 22.95 61.87
N GLY B 214 28.88 22.04 61.95
CA GLY B 214 29.07 21.24 63.15
C GLY B 214 29.44 22.08 64.36
N VAL B 215 30.48 22.89 64.22
CA VAL B 215 31.17 23.41 65.39
C VAL B 215 30.23 24.29 66.21
N ARG B 216 30.19 24.07 67.52
CA ARG B 216 29.14 24.62 68.35
C ARG B 216 27.88 23.75 68.26
N THR B 217 28.03 22.62 67.58
CA THR B 217 27.04 21.56 67.58
C THR B 217 27.59 20.51 68.54
N PRO B 218 26.71 19.76 69.19
CA PRO B 218 27.14 18.79 70.19
C PRO B 218 28.06 17.75 69.58
N THR B 219 27.74 17.32 68.36
CA THR B 219 28.54 16.34 67.66
C THR B 219 29.96 16.85 67.40
N ARG B 220 30.87 15.94 67.09
CA ARG B 220 32.28 16.28 66.96
C ARG B 220 32.86 15.66 65.68
N GLN B 221 31.99 15.38 64.72
CA GLN B 221 32.40 14.79 63.45
C GLN B 221 32.45 15.85 62.36
N PHE B 222 33.66 16.27 62.02
CA PHE B 222 33.84 17.30 60.99
C PHE B 222 34.69 16.82 59.83
N SER B 223 34.89 15.51 59.74
CA SER B 223 35.70 14.94 58.68
C SER B 223 34.98 14.93 57.35
N SER B 224 35.57 15.61 56.36
CA SER B 224 34.99 15.68 55.03
C SER B 224 35.59 14.54 54.21
N CYS B 225 36.91 14.52 54.12
CA CYS B 225 37.61 13.51 53.34
C CYS B 225 38.28 12.45 54.21
N VAL B 226 38.23 11.20 53.75
CA VAL B 226 38.85 10.08 54.43
C VAL B 226 39.52 9.13 53.44
N LEU B 227 40.76 8.76 53.72
CA LEU B 227 41.51 7.85 52.87
C LEU B 227 41.83 6.56 53.62
N ILE B 228 41.50 5.43 53.01
CA ILE B 228 41.75 4.13 53.63
C ILE B 228 42.51 3.20 52.69
N GLU B 229 43.58 2.60 53.21
CA GLU B 229 44.40 1.68 52.44
C GLU B 229 44.10 0.23 52.83
N CYS B 230 43.49 -0.51 51.91
CA CYS B 230 43.14 -1.91 52.16
C CYS B 230 44.29 -2.84 51.79
N GLY B 231 44.52 -3.85 52.64
CA GLY B 231 45.58 -4.80 52.38
C GLY B 231 45.06 -6.06 51.73
N ASP B 232 45.97 -6.91 51.25
CA ASP B 232 45.55 -8.12 50.55
C ASP B 232 45.23 -9.25 51.52
N SER B 233 44.16 -9.07 52.28
CA SER B 233 43.69 -10.11 53.20
C SER B 233 42.18 -9.94 53.46
N LEU B 234 41.54 -11.02 53.90
CA LEU B 234 40.13 -10.95 54.29
C LEU B 234 39.95 -10.08 55.53
N ASP B 235 40.83 -10.26 56.51
CA ASP B 235 40.76 -9.49 57.74
C ASP B 235 40.88 -8.00 57.46
N SER B 236 41.76 -7.63 56.54
CA SER B 236 41.97 -6.25 56.17
C SER B 236 40.80 -5.72 55.35
N ILE B 237 40.25 -6.58 54.49
CA ILE B 237 39.13 -6.21 53.64
C ILE B 237 37.91 -5.87 54.51
N ASN B 238 37.61 -6.74 55.47
CA ASN B 238 36.48 -6.53 56.36
C ASN B 238 36.70 -5.28 57.20
N ALA B 239 37.95 -5.07 57.60
CA ALA B 239 38.31 -3.90 58.40
C ALA B 239 38.15 -2.64 57.57
N THR B 240 38.55 -2.72 56.31
CA THR B 240 38.44 -1.59 55.39
C THR B 240 36.97 -1.35 55.06
N SER B 241 36.22 -2.43 54.93
CA SER B 241 34.79 -2.33 54.62
C SER B 241 34.03 -1.71 55.79
N SER B 242 34.37 -2.13 57.01
CA SER B 242 33.73 -1.61 58.20
C SER B 242 34.12 -0.15 58.41
N ALA B 243 35.35 0.19 58.02
CA ALA B 243 35.85 1.55 58.16
C ALA B 243 35.05 2.49 57.27
N ILE B 244 34.56 1.95 56.16
CA ILE B 244 33.78 2.74 55.21
C ILE B 244 32.39 3.02 55.78
N VAL B 245 31.70 1.97 56.21
CA VAL B 245 30.37 2.10 56.78
C VAL B 245 30.35 3.08 57.95
N LYS B 246 31.51 3.30 58.55
CA LYS B 246 31.64 4.22 59.68
C LYS B 246 31.63 5.68 59.24
N TYR B 247 32.42 6.02 58.24
CA TYR B 247 32.49 7.39 57.75
C TYR B 247 31.36 7.77 56.79
N VAL B 248 30.89 6.80 56.01
CA VAL B 248 29.81 7.06 55.07
C VAL B 248 28.58 7.57 55.81
N SER B 249 28.36 7.04 57.01
CA SER B 249 27.23 7.44 57.83
C SER B 249 27.45 8.86 58.31
N GLN B 250 28.67 9.35 58.13
CA GLN B 250 29.04 10.70 58.53
C GLN B 250 29.11 11.60 57.30
N ARG B 251 28.76 11.05 56.16
CA ARG B 251 28.76 11.78 54.90
C ARG B 251 30.15 12.32 54.56
N ALA B 252 31.15 11.45 54.61
CA ALA B 252 32.53 11.85 54.32
C ALA B 252 33.09 11.05 53.14
N GLY B 253 33.73 11.75 52.22
CA GLY B 253 34.31 11.11 51.05
C GLY B 253 35.23 9.97 51.43
N ILE B 254 35.34 8.98 50.56
CA ILE B 254 36.19 7.83 50.81
C ILE B 254 37.20 7.59 49.69
N GLY B 255 38.42 7.24 50.06
CA GLY B 255 39.46 6.98 49.07
C GLY B 255 40.07 5.61 49.28
N ILE B 256 39.40 4.59 48.75
CA ILE B 256 39.88 3.21 48.89
C ILE B 256 41.08 2.95 47.98
N ASN B 257 41.93 2.01 48.41
CA ASN B 257 43.11 1.65 47.64
C ASN B 257 43.27 0.13 47.59
N ALA B 258 42.41 -0.52 46.81
CA ALA B 258 42.44 -1.97 46.68
C ALA B 258 43.43 -2.41 45.60
N GLY B 259 44.44 -1.58 45.38
CA GLY B 259 45.45 -1.89 44.37
C GLY B 259 46.46 -2.90 44.88
N ARG B 260 46.28 -3.35 46.12
CA ARG B 260 47.20 -4.32 46.72
C ARG B 260 46.60 -5.72 46.67
N ILE B 261 45.31 -5.80 46.39
CA ILE B 261 44.62 -7.09 46.31
C ILE B 261 45.12 -7.89 45.11
N ARG B 262 45.53 -9.13 45.36
CA ARG B 262 46.03 -10.02 44.32
C ARG B 262 45.00 -10.17 43.20
N ALA B 263 45.49 -10.38 41.99
CA ALA B 263 44.61 -10.55 40.82
C ALA B 263 43.91 -11.89 40.85
N LEU B 264 42.93 -12.06 39.95
CA LEU B 264 42.17 -13.30 39.85
C LEU B 264 43.06 -14.46 39.42
N GLY B 265 42.82 -15.63 40.00
CA GLY B 265 43.61 -16.80 39.67
C GLY B 265 44.79 -16.99 40.60
N SER B 266 45.18 -15.92 41.29
CA SER B 266 46.31 -15.98 42.21
C SER B 266 46.08 -17.02 43.30
N PRO B 267 47.08 -17.89 43.53
CA PRO B 267 46.99 -18.94 44.55
C PRO B 267 46.98 -18.39 45.97
N ILE B 268 46.21 -19.03 46.84
CA ILE B 268 46.10 -18.61 48.23
C ILE B 268 46.66 -19.69 49.16
N ARG B 269 47.50 -19.29 50.11
CA ARG B 269 48.11 -20.20 51.05
C ARG B 269 48.77 -21.38 50.33
N GLY B 270 49.67 -21.07 49.41
CA GLY B 270 50.36 -22.11 48.67
C GLY B 270 49.55 -22.61 47.48
N GLY B 271 48.28 -22.93 47.73
CA GLY B 271 47.41 -23.42 46.66
C GLY B 271 46.16 -24.07 47.18
N GLU B 272 45.91 -23.93 48.48
CA GLU B 272 44.74 -24.51 49.11
C GLU B 272 43.46 -23.98 48.48
N ALA B 273 43.59 -22.82 47.82
CA ALA B 273 42.46 -22.19 47.16
C ALA B 273 42.94 -21.07 46.25
N PHE B 274 42.16 -20.76 45.21
CA PHE B 274 42.53 -19.70 44.28
C PHE B 274 41.68 -18.46 44.48
N HIS B 275 42.29 -17.29 44.29
CA HIS B 275 41.61 -16.02 44.45
C HIS B 275 40.37 -15.96 43.56
N THR B 276 39.31 -15.35 44.07
CA THR B 276 38.07 -15.22 43.33
C THR B 276 38.07 -14.01 42.40
N GLY B 277 39.04 -13.12 42.60
CA GLY B 277 39.13 -11.94 41.77
C GLY B 277 38.97 -10.66 42.56
N CYS B 278 39.13 -9.52 41.89
CA CYS B 278 39.00 -8.22 42.55
C CYS B 278 37.57 -7.71 42.49
N ILE B 279 36.95 -7.82 41.32
CA ILE B 279 35.58 -7.38 41.12
C ILE B 279 34.66 -7.79 42.28
N PRO B 280 34.71 -9.07 42.68
CA PRO B 280 33.87 -9.56 43.78
C PRO B 280 33.99 -8.70 45.05
N PHE B 281 35.21 -8.29 45.37
CA PHE B 281 35.45 -7.48 46.55
C PHE B 281 35.09 -6.01 46.33
N TYR B 282 35.41 -5.49 45.14
CA TYR B 282 35.11 -4.11 44.81
C TYR B 282 33.64 -3.79 45.05
N LYS B 283 32.77 -4.74 44.76
CA LYS B 283 31.34 -4.54 44.96
C LYS B 283 31.01 -4.39 46.43
N HIS B 284 31.63 -5.23 47.26
CA HIS B 284 31.41 -5.20 48.70
C HIS B 284 31.69 -3.80 49.25
N PHE B 285 32.68 -3.13 48.67
CA PHE B 285 33.04 -1.77 49.10
C PHE B 285 31.96 -0.78 48.71
N GLN B 286 31.38 -0.95 47.53
CA GLN B 286 30.32 -0.07 47.05
C GLN B 286 29.14 -0.05 48.01
N THR B 287 28.60 -1.23 48.30
CA THR B 287 27.47 -1.35 49.21
C THR B 287 27.79 -0.71 50.55
N ALA B 288 29.06 -0.75 50.92
CA ALA B 288 29.51 -0.17 52.18
C ALA B 288 29.38 1.34 52.12
N VAL B 289 29.62 1.91 50.94
CA VAL B 289 29.53 3.35 50.74
C VAL B 289 28.07 3.75 50.53
N LYS B 290 27.27 2.79 50.07
CA LYS B 290 25.85 3.03 49.81
C LYS B 290 24.99 2.43 50.92
N SER B 291 25.64 2.06 52.03
CA SER B 291 24.93 1.59 53.22
C SER B 291 24.29 2.76 53.96
N CYS B 292 24.83 3.95 53.76
CA CYS B 292 24.38 5.14 54.48
C CYS B 292 23.65 6.10 53.55
N SER B 293 23.10 5.55 52.48
CA SER B 293 22.78 6.35 51.32
C SER B 293 21.33 6.07 51.01
N GLN B 294 20.54 7.10 50.76
CA GLN B 294 19.15 6.82 50.57
C GLN B 294 19.18 5.85 49.41
N GLY B 295 18.55 4.70 49.61
CA GLY B 295 18.09 3.81 48.57
C GLY B 295 19.07 3.31 47.52
N GLY B 296 20.33 3.20 47.91
CA GLY B 296 21.29 2.39 47.20
C GLY B 296 21.81 3.12 45.98
N VAL B 297 21.30 4.32 45.76
CA VAL B 297 21.77 5.10 44.63
C VAL B 297 22.34 6.48 44.91
N ARG B 298 22.38 6.94 46.16
CA ARG B 298 22.63 8.37 46.35
C ARG B 298 23.72 8.62 47.36
N GLY B 299 24.49 9.70 47.19
CA GLY B 299 25.52 9.91 48.19
C GLY B 299 26.27 8.62 48.45
N GLY B 300 26.94 8.57 49.60
CA GLY B 300 28.11 7.72 49.76
C GLY B 300 28.90 7.57 48.47
N ALA B 301 29.78 8.51 48.21
CA ALA B 301 30.64 8.45 47.03
C ALA B 301 32.10 8.28 47.42
N ALA B 302 32.82 7.53 46.58
CA ALA B 302 34.19 7.09 46.88
C ALA B 302 35.01 7.02 45.60
N THR B 303 36.33 7.07 45.72
CA THR B 303 37.23 6.75 44.61
C THR B 303 38.12 5.55 44.94
N LEU B 304 38.19 4.59 44.02
CA LEU B 304 39.05 3.42 44.20
C LEU B 304 40.24 3.48 43.26
N PHE B 305 41.44 3.34 43.81
CA PHE B 305 42.66 3.45 43.02
C PHE B 305 43.35 2.10 42.82
N TYR B 306 44.23 2.05 41.83
CA TYR B 306 44.98 0.84 41.52
C TYR B 306 46.04 1.13 40.45
N PRO B 307 47.12 0.33 40.42
CA PRO B 307 48.19 0.50 39.44
C PRO B 307 47.77 0.12 38.03
N MET B 308 48.35 0.78 37.04
CA MET B 308 48.03 0.52 35.64
C MET B 308 48.63 -0.81 35.20
N TRP B 309 49.77 -1.17 35.78
CA TRP B 309 50.44 -2.41 35.44
C TRP B 309 49.75 -3.62 36.07
N HIS B 310 48.61 -3.37 36.71
CA HIS B 310 47.85 -4.44 37.36
C HIS B 310 47.37 -5.44 36.31
N LEU B 311 47.24 -6.70 36.72
CA LEU B 311 46.80 -7.76 35.82
C LEU B 311 45.34 -7.60 35.40
N GLU B 312 44.48 -7.23 36.35
CA GLU B 312 43.06 -7.06 36.06
C GLU B 312 42.72 -5.62 35.66
N VAL B 313 43.72 -4.87 35.24
CA VAL B 313 43.51 -3.48 34.84
C VAL B 313 42.46 -3.36 33.73
N GLU B 314 42.57 -4.21 32.72
CA GLU B 314 41.63 -4.20 31.60
C GLU B 314 40.20 -4.47 32.06
N SER B 315 40.07 -5.19 33.18
CA SER B 315 38.75 -5.52 33.72
C SER B 315 38.26 -4.48 34.72
N LEU B 316 39.13 -3.55 35.07
CA LEU B 316 38.79 -2.51 36.04
C LEU B 316 38.48 -1.16 35.37
N LEU B 317 39.04 -0.96 34.18
CA LEU B 317 38.83 0.28 33.44
C LEU B 317 37.42 0.37 32.84
N VAL B 318 36.80 -0.78 32.61
CA VAL B 318 35.45 -0.82 32.03
C VAL B 318 34.37 -1.10 33.07
N LEU B 319 34.71 -0.95 34.34
CA LEU B 319 33.76 -1.19 35.42
C LEU B 319 32.57 -0.24 35.38
N LYS B 320 32.84 1.03 35.09
CA LYS B 320 31.78 2.03 35.04
C LYS B 320 31.01 1.99 33.73
N ASN B 321 31.41 1.09 32.83
CA ASN B 321 30.73 0.94 31.54
C ASN B 321 29.31 0.45 31.78
N ASN B 322 28.34 1.33 31.57
CA ASN B 322 26.93 1.01 31.76
C ASN B 322 26.54 -0.32 31.12
N ARG B 323 26.98 -0.55 29.89
CA ARG B 323 26.65 -1.78 29.18
C ARG B 323 27.49 -2.96 29.68
N GLY B 324 26.82 -3.93 30.29
CA GLY B 324 27.52 -5.11 30.79
C GLY B 324 26.81 -5.69 31.99
N VAL B 325 26.82 -7.02 32.10
CA VAL B 325 26.17 -7.70 33.20
C VAL B 325 26.77 -7.24 34.53
N GLU B 326 25.91 -7.10 35.54
CA GLU B 326 26.34 -6.67 36.86
C GLU B 326 27.46 -7.56 37.39
N GLY B 327 27.49 -8.80 36.93
CA GLY B 327 28.51 -9.75 37.37
C GLY B 327 29.89 -9.13 37.51
N ASN B 328 30.26 -8.29 36.54
CA ASN B 328 31.57 -7.64 36.56
C ASN B 328 31.44 -6.15 36.25
N ARG B 329 30.74 -5.42 37.10
CA ARG B 329 30.54 -3.99 36.91
C ARG B 329 30.38 -3.21 38.20
N VAL B 330 30.79 -1.94 38.15
CA VAL B 330 30.69 -1.03 39.29
C VAL B 330 30.53 0.38 38.74
N ARG B 331 29.29 0.87 38.69
CA ARG B 331 29.02 2.20 38.17
C ARG B 331 28.73 3.21 39.28
N HIS B 332 28.78 2.75 40.52
CA HIS B 332 28.51 3.63 41.66
C HIS B 332 29.76 4.09 42.41
N MET B 333 30.92 3.92 41.79
CA MET B 333 32.18 4.33 42.40
C MET B 333 33.16 4.87 41.37
N ASP B 334 33.91 5.90 41.77
CA ASP B 334 34.91 6.50 40.89
C ASP B 334 36.20 5.72 40.95
N TYR B 335 37.10 5.98 40.01
CA TYR B 335 38.38 5.29 39.95
C TYR B 335 39.51 6.23 39.58
N GLY B 336 40.73 5.82 39.90
CA GLY B 336 41.89 6.63 39.60
C GLY B 336 43.10 5.78 39.25
N VAL B 337 43.33 5.59 37.96
CA VAL B 337 44.45 4.78 37.49
C VAL B 337 45.79 5.43 37.82
N GLN B 338 46.60 4.74 38.60
CA GLN B 338 47.91 5.24 38.99
C GLN B 338 48.93 4.97 37.89
N ILE B 339 49.66 6.00 37.49
CA ILE B 339 50.66 5.88 36.43
C ILE B 339 51.99 6.48 36.84
N ASN B 340 53.08 5.90 36.34
CA ASN B 340 54.41 6.40 36.65
C ASN B 340 55.17 6.70 35.35
N LYS B 341 56.36 7.27 35.48
CA LYS B 341 57.19 7.62 34.33
C LYS B 341 57.30 6.48 33.33
N LEU B 342 57.74 5.32 33.80
CA LEU B 342 57.92 4.15 32.94
C LEU B 342 56.71 3.88 32.04
N MET B 343 55.51 3.95 32.62
CA MET B 343 54.29 3.71 31.86
C MET B 343 54.21 4.59 30.62
N TYR B 344 54.27 5.90 30.83
CA TYR B 344 54.22 6.85 29.72
C TYR B 344 55.31 6.58 28.69
N THR B 345 56.46 6.13 29.17
CA THR B 345 57.59 5.82 28.29
C THR B 345 57.21 4.78 27.26
N ARG B 346 56.58 3.70 27.72
CA ARG B 346 56.17 2.61 26.83
C ARG B 346 55.15 3.11 25.80
N LEU B 347 54.40 4.15 26.16
CA LEU B 347 53.40 4.71 25.27
C LEU B 347 54.06 5.49 24.13
N LEU B 348 54.95 6.42 24.49
CA LEU B 348 55.65 7.23 23.51
C LEU B 348 56.38 6.37 22.49
N LYS B 349 57.07 5.35 22.96
CA LYS B 349 57.82 4.45 22.08
C LYS B 349 56.89 3.40 21.47
N GLY B 350 55.62 3.42 21.83
CA GLY B 350 54.66 2.52 21.22
C GLY B 350 54.93 1.09 21.66
N GLU B 351 55.77 0.96 22.68
CA GLU B 351 56.08 -0.35 23.26
C GLU B 351 54.96 -0.91 24.14
N ASP B 352 54.90 -2.24 24.23
CA ASP B 352 53.92 -2.96 25.05
C ASP B 352 54.23 -2.90 26.56
N ILE B 353 53.19 -3.04 27.37
CA ILE B 353 53.32 -3.02 28.84
C ILE B 353 52.91 -4.34 29.49
N THR B 354 53.77 -4.85 30.35
CA THR B 354 53.49 -6.08 31.08
C THR B 354 52.43 -5.82 32.14
N LEU B 355 51.50 -6.75 32.26
CA LEU B 355 50.57 -6.73 33.36
C LEU B 355 51.02 -7.81 34.31
N PHE B 356 51.40 -7.36 35.51
CA PHE B 356 51.89 -8.19 36.61
C PHE B 356 51.08 -7.93 37.89
N SER B 357 51.10 -8.92 38.78
CA SER B 357 50.20 -8.96 39.94
C SER B 357 50.96 -8.77 41.26
N PRO B 358 50.36 -8.07 42.20
CA PRO B 358 51.13 -7.55 43.33
C PRO B 358 51.85 -8.68 44.05
N SER B 359 51.19 -9.83 44.15
CA SER B 359 51.79 -10.98 44.84
C SER B 359 52.95 -11.61 44.08
N ASP B 360 52.80 -11.77 42.77
CA ASP B 360 53.84 -12.37 41.95
C ASP B 360 55.13 -11.56 41.90
N VAL B 361 55.02 -10.24 41.87
CA VAL B 361 56.19 -9.37 41.82
C VAL B 361 56.48 -8.69 43.16
N PRO B 362 57.37 -9.30 43.96
CA PRO B 362 57.75 -8.77 45.28
C PRO B 362 58.51 -7.44 45.18
N GLY B 363 58.20 -6.51 46.07
CA GLY B 363 58.87 -5.23 46.08
C GLY B 363 58.57 -4.37 44.87
N LEU B 364 58.08 -4.98 43.80
CA LEU B 364 57.75 -4.27 42.58
C LEU B 364 56.64 -3.25 42.86
N TYR B 365 55.75 -3.59 43.77
CA TYR B 365 54.65 -2.70 44.13
C TYR B 365 55.13 -1.49 44.90
N ASP B 366 55.96 -1.73 45.92
CA ASP B 366 56.50 -0.65 46.74
C ASP B 366 57.40 0.27 45.92
N ALA B 367 58.15 -0.34 45.00
CA ALA B 367 59.11 0.35 44.17
C ALA B 367 58.39 1.38 43.31
N PHE B 368 57.13 1.08 42.99
CA PHE B 368 56.35 1.92 42.09
C PHE B 368 56.22 3.35 42.62
N PHE B 369 56.03 3.51 43.92
CA PHE B 369 55.93 4.88 44.45
C PHE B 369 57.17 5.40 45.20
N ALA B 370 57.75 4.56 46.04
CA ALA B 370 59.03 4.91 46.67
C ALA B 370 60.19 5.14 45.68
N ASP B 371 60.38 4.25 44.71
CA ASP B 371 61.52 4.39 43.80
C ASP B 371 61.22 4.40 42.30
N GLN B 372 61.67 5.44 41.61
CA GLN B 372 61.64 5.50 40.15
C GLN B 372 62.58 4.48 39.50
N GLU B 373 63.78 4.36 40.08
CA GLU B 373 64.82 3.41 39.62
C GLU B 373 64.65 1.92 39.93
N GLU B 374 64.26 1.60 41.16
CA GLU B 374 64.08 0.21 41.59
C GLU B 374 62.97 -0.44 40.79
N PHE B 375 61.95 0.36 40.46
CA PHE B 375 60.81 -0.13 39.69
C PHE B 375 61.23 -0.52 38.28
N GLU B 376 62.02 0.33 37.64
CA GLU B 376 62.50 0.08 36.29
C GLU B 376 63.46 -1.10 36.24
N ARG B 377 64.00 -1.47 37.40
CA ARG B 377 64.94 -2.59 37.48
C ARG B 377 64.19 -3.90 37.69
N LEU B 378 63.25 -3.88 38.64
CA LEU B 378 62.44 -5.06 38.94
C LEU B 378 61.49 -5.39 37.79
N TYR B 379 60.81 -4.37 37.30
CA TYR B 379 59.86 -4.55 36.20
C TYR B 379 60.52 -5.29 35.05
N THR B 380 61.57 -4.69 34.50
CA THR B 380 62.29 -5.30 33.39
C THR B 380 62.84 -6.67 33.76
N LYS B 381 62.99 -6.90 35.06
CA LYS B 381 63.51 -8.16 35.55
C LYS B 381 62.44 -9.26 35.49
N TYR B 382 61.27 -8.97 36.06
CA TYR B 382 60.17 -9.93 36.07
C TYR B 382 59.62 -10.19 34.68
N GLU B 383 59.92 -9.30 33.74
CA GLU B 383 59.44 -9.45 32.37
C GLU B 383 60.09 -10.65 31.70
N LYS B 384 61.41 -10.77 31.85
CA LYS B 384 62.15 -11.87 31.27
C LYS B 384 61.88 -13.17 32.03
N ASP B 385 61.55 -13.04 33.31
CA ASP B 385 61.26 -14.21 34.14
C ASP B 385 59.96 -14.85 33.66
N ASP B 386 60.05 -16.11 33.24
CA ASP B 386 58.89 -16.84 32.75
C ASP B 386 58.14 -17.59 33.84
N SER B 387 58.71 -17.64 35.04
CA SER B 387 58.08 -18.34 36.14
C SER B 387 57.07 -17.45 36.85
N ILE B 388 56.75 -16.32 36.24
CA ILE B 388 55.79 -15.37 36.80
C ILE B 388 54.70 -15.05 35.79
N ARG B 389 53.45 -15.33 36.15
CA ARG B 389 52.33 -15.07 35.27
C ARG B 389 52.25 -13.59 34.92
N LYS B 390 52.09 -13.30 33.63
CA LYS B 390 52.01 -11.92 33.15
C LYS B 390 51.15 -11.84 31.90
N GLN B 391 51.18 -10.68 31.25
CA GLN B 391 50.40 -10.47 30.02
C GLN B 391 50.90 -9.25 29.27
N ARG B 392 51.19 -9.44 27.98
CA ARG B 392 51.70 -8.36 27.13
C ARG B 392 50.55 -7.59 26.48
N VAL B 393 50.58 -6.26 26.60
CA VAL B 393 49.55 -5.41 26.01
C VAL B 393 50.17 -4.11 25.49
N LYS B 394 49.82 -3.74 24.26
CA LYS B 394 50.34 -2.52 23.66
C LYS B 394 50.01 -1.30 24.51
N ALA B 395 51.04 -0.54 24.88
CA ALA B 395 50.86 0.66 25.70
C ALA B 395 49.92 1.62 25.00
N VAL B 396 49.87 1.55 23.67
CA VAL B 396 49.01 2.42 22.89
C VAL B 396 47.54 2.04 23.06
N GLU B 397 47.29 0.74 23.23
CA GLU B 397 45.93 0.25 23.40
C GLU B 397 45.42 0.48 24.82
N LEU B 398 46.22 0.10 25.81
CA LEU B 398 45.84 0.27 27.21
C LEU B 398 45.52 1.73 27.53
N PHE B 399 46.35 2.65 27.04
CA PHE B 399 46.14 4.07 27.27
C PHE B 399 44.90 4.58 26.54
N SER B 400 44.48 3.87 25.50
CA SER B 400 43.31 4.25 24.73
C SER B 400 42.04 3.79 25.44
N LEU B 401 42.09 2.60 26.02
CA LEU B 401 40.95 2.04 26.73
C LEU B 401 40.66 2.86 27.98
N MET B 402 41.71 3.44 28.55
CA MET B 402 41.58 4.26 29.75
C MET B 402 40.90 5.59 29.42
N MET B 403 41.46 6.30 28.45
CA MET B 403 40.92 7.58 28.02
C MET B 403 39.52 7.41 27.44
N GLN B 404 39.23 6.20 26.97
CA GLN B 404 37.92 5.89 26.39
C GLN B 404 36.85 5.95 27.48
N GLU B 405 37.04 5.16 28.54
CA GLU B 405 36.10 5.13 29.65
C GLU B 405 36.12 6.47 30.38
N ARG B 406 37.24 7.19 30.24
CA ARG B 406 37.40 8.49 30.88
C ARG B 406 36.61 9.57 30.13
N ALA B 407 36.42 9.34 28.83
CA ALA B 407 35.69 10.30 27.99
C ALA B 407 34.19 10.02 28.03
N SER B 408 33.83 8.76 28.26
CA SER B 408 32.43 8.38 28.32
C SER B 408 31.82 8.66 29.68
N THR B 409 32.52 8.24 30.74
CA THR B 409 32.04 8.46 32.10
C THR B 409 32.53 9.79 32.67
N GLY B 410 33.80 10.09 32.45
CA GLY B 410 34.37 11.33 32.95
C GLY B 410 34.61 11.25 34.44
N ARG B 411 34.79 10.03 34.94
CA ARG B 411 35.03 9.81 36.36
C ARG B 411 36.40 9.16 36.57
N ILE B 412 36.89 8.47 35.54
CA ILE B 412 38.19 7.81 35.60
C ILE B 412 39.29 8.85 35.76
N TYR B 413 39.83 8.94 36.96
CA TYR B 413 40.90 9.90 37.24
C TYR B 413 42.28 9.31 37.01
N ILE B 414 43.28 10.19 36.93
CA ILE B 414 44.66 9.77 36.73
C ILE B 414 45.53 10.25 37.89
N GLN B 415 46.45 9.40 38.34
CA GLN B 415 47.32 9.75 39.45
C GLN B 415 48.77 9.37 39.18
N ASN B 416 49.62 10.37 39.03
CA ASN B 416 51.04 10.14 38.76
C ASN B 416 51.77 9.91 40.08
N VAL B 417 51.83 8.64 40.49
CA VAL B 417 52.49 8.26 41.73
C VAL B 417 53.96 8.69 41.80
N ASP B 418 54.59 8.77 40.63
CA ASP B 418 56.00 9.15 40.58
C ASP B 418 56.20 10.59 41.04
N HIS B 419 55.29 11.49 40.65
CA HIS B 419 55.38 12.89 41.05
C HIS B 419 55.03 13.07 42.52
N CYS B 420 54.11 12.24 43.00
CA CYS B 420 53.67 12.32 44.39
C CYS B 420 54.83 12.02 45.35
N ASN B 421 55.68 11.09 44.96
CA ASN B 421 56.91 10.77 45.68
C ASN B 421 58.10 11.61 45.23
N THR B 422 57.96 12.28 44.08
CA THR B 422 58.99 13.19 43.58
C THR B 422 58.95 14.54 44.27
N HIS B 423 57.74 15.07 44.48
CA HIS B 423 57.58 16.34 45.17
C HIS B 423 56.52 16.20 46.25
N SER B 424 56.83 15.40 47.26
CA SER B 424 55.93 15.23 48.40
C SER B 424 56.64 15.58 49.70
N PRO B 425 55.96 16.29 50.58
CA PRO B 425 56.65 16.75 51.79
C PRO B 425 57.17 15.50 52.46
N PHE B 426 56.49 14.38 52.21
CA PHE B 426 56.79 13.08 52.82
C PHE B 426 58.01 12.38 52.21
N ASP B 427 58.61 11.47 52.99
CA ASP B 427 59.74 10.68 52.51
C ASP B 427 59.25 9.37 51.91
N PRO B 428 59.44 9.19 50.59
CA PRO B 428 59.02 7.99 49.87
C PRO B 428 59.48 6.68 50.52
N ALA B 429 60.46 6.78 51.42
CA ALA B 429 61.00 5.62 52.10
C ALA B 429 60.27 5.31 53.40
N ILE B 430 59.97 6.34 54.18
CA ILE B 430 59.29 6.15 55.45
C ILE B 430 57.76 6.24 55.32
N ALA B 431 57.29 7.33 54.71
CA ALA B 431 55.86 7.52 54.52
C ALA B 431 55.55 8.01 53.11
N PRO B 432 55.62 7.11 52.12
CA PRO B 432 55.36 7.44 50.72
C PRO B 432 53.87 7.58 50.39
N VAL B 433 53.55 8.47 49.47
CA VAL B 433 52.17 8.70 49.06
C VAL B 433 51.76 7.57 48.12
N ARG B 434 50.69 6.86 48.48
CA ARG B 434 50.20 5.75 47.68
C ARG B 434 48.68 5.81 47.56
N GLN B 435 48.08 6.89 48.00
CA GLN B 435 46.64 7.02 47.96
C GLN B 435 46.19 8.46 47.73
N SER B 436 44.99 8.62 47.16
CA SER B 436 44.44 9.94 46.89
C SER B 436 42.98 9.98 47.33
N ASN B 437 42.56 11.12 47.89
CA ASN B 437 41.19 11.27 48.36
C ASN B 437 40.21 11.37 47.19
N LEU B 438 38.94 11.16 47.47
CA LEU B 438 37.88 11.21 46.46
C LEU B 438 38.12 12.30 45.43
N CYS B 439 38.29 13.54 45.89
CA CYS B 439 38.50 14.67 45.01
C CYS B 439 39.88 14.67 44.34
N LEU B 440 40.80 13.86 44.86
CA LEU B 440 42.14 13.74 44.31
C LEU B 440 43.07 14.90 44.69
N GLU B 441 42.68 15.69 45.68
CA GLU B 441 43.51 16.81 46.10
C GLU B 441 44.47 16.44 47.23
N ILE B 442 44.06 15.48 48.05
CA ILE B 442 44.88 15.05 49.19
C ILE B 442 45.95 14.03 48.81
N ALA B 443 47.11 14.16 49.43
CA ALA B 443 48.24 13.26 49.21
C ALA B 443 48.91 12.96 50.54
N LEU B 444 48.25 12.14 51.35
CA LEU B 444 48.77 11.76 52.66
C LEU B 444 49.00 10.26 52.79
N PRO B 445 50.04 9.86 53.53
CA PRO B 445 50.38 8.45 53.73
C PRO B 445 49.22 7.66 54.33
N THR B 446 49.21 6.35 54.09
CA THR B 446 48.16 5.48 54.60
C THR B 446 48.73 4.12 54.98
N LYS B 447 48.03 3.42 55.87
CA LYS B 447 48.46 2.10 56.31
C LYS B 447 47.27 1.16 56.46
N PRO B 448 47.43 -0.09 56.01
CA PRO B 448 46.36 -1.09 56.08
C PRO B 448 46.03 -1.50 57.52
N LEU B 449 44.76 -1.74 57.80
CA LEU B 449 44.31 -2.13 59.13
C LEU B 449 44.01 -3.62 59.19
N ASN B 450 44.46 -4.26 60.26
CA ASN B 450 44.24 -5.69 60.45
C ASN B 450 42.86 -5.92 61.04
N ASP B 451 42.26 -4.84 61.55
CA ASP B 451 40.93 -4.91 62.16
C ASP B 451 40.29 -3.52 62.16
N VAL B 452 39.04 -3.46 62.59
CA VAL B 452 38.32 -2.19 62.66
C VAL B 452 38.94 -1.27 63.68
N ASN B 453 39.66 -1.84 64.64
CA ASN B 453 40.31 -1.07 65.69
C ASN B 453 41.81 -1.30 65.73
N ASP B 454 42.39 -1.60 64.57
CA ASP B 454 43.82 -1.86 64.47
C ASP B 454 44.61 -0.62 64.86
N GLU B 455 45.66 -0.81 65.64
CA GLU B 455 46.50 0.29 66.09
C GLU B 455 47.51 0.71 65.03
N ASN B 456 48.24 -0.26 64.49
CA ASN B 456 49.24 -0.01 63.46
C ASN B 456 48.63 0.69 62.25
N GLY B 457 47.33 0.49 62.06
CA GLY B 457 46.65 1.11 60.93
C GLY B 457 46.73 2.62 60.97
N GLU B 458 46.59 3.25 59.80
CA GLU B 458 46.64 4.71 59.70
C GLU B 458 45.67 5.22 58.65
N ILE B 459 44.56 5.80 59.09
CA ILE B 459 43.57 6.34 58.18
C ILE B 459 43.84 7.82 57.92
N ALA B 460 44.36 8.12 56.74
CA ALA B 460 44.68 9.49 56.36
C ALA B 460 43.44 10.37 56.43
N LEU B 461 43.52 11.45 57.20
CA LEU B 461 42.41 12.37 57.35
C LEU B 461 42.84 13.79 57.00
N CYS B 462 41.88 14.63 56.61
CA CYS B 462 42.18 16.01 56.23
C CYS B 462 41.21 17.05 56.80
N THR B 463 41.73 18.25 57.02
CA THR B 463 40.95 19.43 57.40
C THR B 463 41.10 20.42 56.25
N LEU B 464 39.99 20.72 55.59
CA LEU B 464 40.00 21.63 54.45
C LEU B 464 39.77 23.10 54.80
N SER B 465 40.33 23.97 53.96
CA SER B 465 40.23 25.42 54.11
C SER B 465 40.54 26.11 52.79
N ALA B 466 40.14 27.37 52.65
CA ALA B 466 40.44 28.13 51.44
C ALA B 466 40.76 29.60 51.72
N PHE B 467 41.54 30.23 50.84
CA PHE B 467 41.79 31.66 50.93
C PHE B 467 41.14 32.36 49.75
N ASN B 468 40.36 33.40 50.02
CA ASN B 468 39.62 34.09 48.98
C ASN B 468 40.52 35.12 48.30
N LEU B 469 41.15 34.71 47.20
CA LEU B 469 42.04 35.59 46.45
C LEU B 469 41.36 36.90 46.06
N GLY B 470 40.04 36.88 45.97
CA GLY B 470 39.30 38.08 45.61
C GLY B 470 38.84 38.86 46.82
N ALA B 471 39.60 38.78 47.90
CA ALA B 471 39.27 39.48 49.14
C ALA B 471 40.48 40.22 49.67
N ILE B 472 41.67 39.78 49.27
CA ILE B 472 42.92 40.39 49.71
C ILE B 472 43.43 41.39 48.67
N ASN B 473 44.06 42.46 49.14
CA ASN B 473 44.61 43.48 48.25
C ASN B 473 45.96 43.04 47.71
N ASN B 474 46.82 42.54 48.61
CA ASN B 474 48.15 42.08 48.22
C ASN B 474 48.41 40.68 48.76
N LEU B 475 49.54 40.10 48.37
CA LEU B 475 49.91 38.76 48.82
C LEU B 475 50.41 38.77 50.26
N ASP B 476 50.82 39.95 50.73
CA ASP B 476 51.32 40.10 52.08
C ASP B 476 50.22 39.95 53.12
N GLU B 477 48.97 40.16 52.71
CA GLU B 477 47.84 40.05 53.62
C GLU B 477 47.63 38.60 54.07
N LEU B 478 48.23 37.68 53.33
CA LEU B 478 48.10 36.26 53.65
C LEU B 478 48.87 35.91 54.92
N GLU B 479 49.79 36.80 55.32
CA GLU B 479 50.59 36.59 56.52
C GLU B 479 49.70 36.44 57.75
N GLU B 480 48.66 37.25 57.82
CA GLU B 480 47.72 37.21 58.93
C GLU B 480 46.74 36.06 58.78
N LEU B 481 46.17 35.93 57.58
CA LEU B 481 45.21 34.86 57.30
C LEU B 481 45.81 33.49 57.51
N ALA B 482 47.07 33.32 57.11
CA ALA B 482 47.76 32.04 57.25
C ALA B 482 47.79 31.59 58.71
N ILE B 483 48.38 32.41 59.57
CA ILE B 483 48.47 32.10 60.99
C ILE B 483 47.09 31.99 61.62
N LEU B 484 46.17 32.85 61.18
CA LEU B 484 44.81 32.85 61.71
C LEU B 484 43.99 31.69 61.18
N ALA B 485 44.53 30.97 60.20
CA ALA B 485 43.84 29.84 59.60
C ALA B 485 44.43 28.52 60.09
N VAL B 486 45.75 28.39 60.01
CA VAL B 486 46.44 27.18 60.43
C VAL B 486 46.09 26.83 61.87
N ARG B 487 46.03 27.84 62.74
CA ARG B 487 45.71 27.63 64.14
C ARG B 487 44.31 27.06 64.32
N ALA B 488 43.34 27.68 63.66
CA ALA B 488 41.95 27.23 63.73
C ALA B 488 41.80 25.78 63.33
N LEU B 489 42.44 25.41 62.22
CA LEU B 489 42.37 24.03 61.72
C LEU B 489 43.13 23.08 62.63
N ASP B 490 44.33 23.49 63.05
CA ASP B 490 45.15 22.67 63.92
C ASP B 490 44.42 22.34 65.22
N ALA B 491 43.80 23.35 65.81
CA ALA B 491 43.05 23.18 67.05
C ALA B 491 41.86 22.26 66.85
N LEU B 492 41.28 22.31 65.65
CA LEU B 492 40.13 21.48 65.32
C LEU B 492 40.47 20.00 65.41
N LEU B 493 41.69 19.65 64.97
CA LEU B 493 42.14 18.27 64.99
C LEU B 493 42.06 17.69 66.40
N ASP B 494 42.14 18.57 67.39
CA ASP B 494 42.07 18.14 68.79
C ASP B 494 40.66 18.33 69.35
N TYR B 495 39.89 19.20 68.71
CA TYR B 495 38.52 19.48 69.14
C TYR B 495 37.58 18.35 68.72
N GLN B 496 37.84 17.78 67.54
CA GLN B 496 37.02 16.70 67.02
C GLN B 496 37.49 15.34 67.53
N ASP B 497 36.61 14.34 67.43
CA ASP B 497 36.93 12.99 67.88
C ASP B 497 37.24 12.10 66.68
N TYR B 498 37.54 10.84 66.96
CA TYR B 498 37.86 9.88 65.91
C TYR B 498 37.24 8.52 66.21
N PRO B 499 36.22 8.11 65.43
CA PRO B 499 35.53 6.84 65.60
C PRO B 499 36.38 5.62 65.25
N ILE B 500 37.61 5.88 64.81
CA ILE B 500 38.52 4.79 64.44
C ILE B 500 39.94 5.07 64.92
N PRO B 501 40.56 4.08 65.59
CA PRO B 501 41.92 4.21 66.12
C PRO B 501 42.93 4.63 65.06
N ALA B 502 42.95 3.91 63.94
CA ALA B 502 43.87 4.23 62.84
C ALA B 502 43.71 5.67 62.39
N ALA B 503 42.49 6.17 62.42
CA ALA B 503 42.21 7.55 62.02
C ALA B 503 42.88 8.53 62.96
N LYS B 504 42.73 8.30 64.25
CA LYS B 504 43.33 9.16 65.27
C LYS B 504 44.85 9.13 65.17
N ARG B 505 45.39 7.93 64.94
CA ARG B 505 46.83 7.73 64.82
C ARG B 505 47.44 8.69 63.80
N GLY B 506 46.94 8.65 62.58
CA GLY B 506 47.46 9.50 61.53
C GLY B 506 47.12 10.97 61.73
N ALA B 507 45.97 11.22 62.37
CA ALA B 507 45.53 12.59 62.63
C ALA B 507 46.44 13.29 63.62
N MET B 508 46.70 12.64 64.75
CA MET B 508 47.58 13.20 65.78
C MET B 508 49.04 12.99 65.43
N GLY B 509 49.30 12.01 64.57
CA GLY B 509 50.67 11.71 64.18
C GLY B 509 51.35 12.85 63.44
N ARG B 510 50.94 13.09 62.20
CA ARG B 510 51.53 14.14 61.39
C ARG B 510 50.69 15.42 61.39
N ARG B 511 49.47 15.32 61.90
CA ARG B 511 48.57 16.47 61.97
C ARG B 511 48.54 17.26 60.66
N THR B 512 48.28 16.56 59.57
CA THR B 512 48.29 17.19 58.26
C THR B 512 47.22 18.26 58.15
N LEU B 513 47.58 19.39 57.55
CA LEU B 513 46.64 20.50 57.37
C LEU B 513 46.43 20.80 55.89
N GLY B 514 45.17 20.91 55.48
CA GLY B 514 44.85 21.20 54.10
C GLY B 514 44.24 22.57 53.94
N ILE B 515 44.78 23.51 53.18
CA ILE B 515 44.25 24.81 52.81
C ILE B 515 44.43 24.99 51.31
N GLY B 516 43.36 25.49 50.68
CA GLY B 516 43.29 25.72 49.24
C GLY B 516 42.68 27.08 48.91
N VAL B 517 42.92 27.56 47.68
CA VAL B 517 42.50 28.91 47.26
C VAL B 517 41.28 28.95 46.35
N ILE B 518 40.37 29.88 46.63
CA ILE B 518 39.09 30.00 45.94
C ILE B 518 39.01 31.34 45.21
N ASN B 519 38.07 31.43 44.27
CA ASN B 519 37.88 32.66 43.51
C ASN B 519 39.13 33.01 42.71
N PHE B 520 39.78 31.99 42.16
CA PHE B 520 40.99 32.19 41.37
C PHE B 520 40.68 32.90 40.06
N ALA B 521 39.55 32.55 39.46
CA ALA B 521 39.13 33.16 38.20
C ALA B 521 39.05 34.68 38.34
N TYR B 522 38.38 35.14 39.39
CA TYR B 522 38.23 36.56 39.63
C TYR B 522 39.59 37.21 39.88
N TYR B 523 40.48 36.47 40.52
CA TYR B 523 41.82 36.98 40.83
C TYR B 523 42.54 37.39 39.55
N LEU B 524 42.54 36.51 38.56
CA LEU B 524 43.20 36.78 37.29
C LEU B 524 42.44 37.86 36.52
N ALA B 525 41.13 37.94 36.77
CA ALA B 525 40.29 38.93 36.11
C ALA B 525 40.71 40.35 36.46
N LYS B 526 40.97 40.58 37.74
CA LYS B 526 41.39 41.90 38.21
C LYS B 526 42.73 42.30 37.61
N HIS B 527 43.68 41.37 37.60
CA HIS B 527 45.01 41.62 37.05
C HIS B 527 45.01 41.52 35.53
N GLY B 528 43.83 41.29 34.95
CA GLY B 528 43.72 41.18 33.51
C GLY B 528 44.57 40.06 32.95
N LYS B 529 44.29 38.84 33.37
CA LYS B 529 45.04 37.68 32.90
C LYS B 529 44.08 36.60 32.38
N ARG B 530 44.64 35.57 31.76
CA ARG B 530 43.83 34.48 31.21
C ARG B 530 44.49 33.13 31.44
N TYR B 531 43.91 32.09 30.87
CA TYR B 531 44.43 30.73 31.01
C TYR B 531 45.12 30.25 29.73
N SER B 532 44.39 30.29 28.63
CA SER B 532 44.90 29.85 27.34
C SER B 532 46.25 30.47 26.99
N ASP B 533 46.29 31.80 26.91
CA ASP B 533 47.52 32.51 26.58
C ASP B 533 48.62 32.25 27.60
N GLY B 534 48.22 32.06 28.86
CA GLY B 534 49.20 31.81 29.91
C GLY B 534 49.93 33.07 30.34
N SER B 535 49.25 34.20 30.28
CA SER B 535 49.85 35.47 30.68
C SER B 535 49.75 35.66 32.18
N ALA B 536 49.46 34.57 32.89
CA ALA B 536 49.34 34.60 34.34
C ALA B 536 50.30 33.61 35.01
N ASN B 537 51.13 32.96 34.19
CA ASN B 537 52.10 32.00 34.71
C ASN B 537 52.98 32.63 35.78
N ASN B 538 53.46 33.84 35.51
CA ASN B 538 54.31 34.55 36.44
C ASN B 538 53.52 34.97 37.67
N LEU B 539 52.32 35.49 37.44
CA LEU B 539 51.45 35.94 38.52
C LEU B 539 51.06 34.76 39.41
N THR B 540 50.70 33.66 38.78
CA THR B 540 50.32 32.45 39.51
C THR B 540 51.48 31.95 40.36
N HIS B 541 52.70 32.11 39.84
CA HIS B 541 53.89 31.68 40.56
C HIS B 541 54.14 32.56 41.77
N LYS B 542 53.96 33.87 41.60
CA LYS B 542 54.16 34.84 42.68
C LYS B 542 53.10 34.68 43.77
N THR B 543 51.84 34.63 43.35
CA THR B 543 50.72 34.50 44.28
C THR B 543 50.85 33.28 45.19
N PHE B 544 50.89 32.10 44.58
CA PHE B 544 51.00 30.86 45.33
C PHE B 544 52.30 30.76 46.12
N GLU B 545 53.35 31.44 45.62
CA GLU B 545 54.63 31.42 46.30
C GLU B 545 54.46 31.96 47.72
N ALA B 546 53.61 32.98 47.86
CA ALA B 546 53.34 33.59 49.15
C ALA B 546 52.37 32.72 49.94
N ILE B 547 51.36 32.23 49.27
CA ILE B 547 50.35 31.37 49.90
C ILE B 547 51.01 30.21 50.63
N GLN B 548 52.07 29.67 50.05
CA GLN B 548 52.79 28.55 50.65
C GLN B 548 53.77 29.03 51.72
N TYR B 549 54.49 30.12 51.42
CA TYR B 549 55.46 30.67 52.34
C TYR B 549 54.87 31.00 53.71
N TYR B 550 53.77 31.75 53.70
CA TYR B 550 53.11 32.14 54.94
C TYR B 550 52.50 30.96 55.69
N LEU B 551 51.99 29.97 54.96
CA LEU B 551 51.41 28.79 55.59
C LEU B 551 52.47 28.08 56.41
N LEU B 552 53.62 27.84 55.79
CA LEU B 552 54.73 27.17 56.47
C LEU B 552 55.25 28.05 57.59
N LYS B 553 55.34 29.34 57.32
CA LYS B 553 55.82 30.30 58.30
C LYS B 553 54.84 30.39 59.48
N ALA B 554 53.59 30.01 59.23
CA ALA B 554 52.55 30.03 60.25
C ALA B 554 52.63 28.77 61.10
N SER B 555 52.73 27.63 60.43
CA SER B 555 52.82 26.34 61.12
C SER B 555 54.17 26.20 61.80
N ASN B 556 55.12 27.04 61.39
CA ASN B 556 56.46 27.04 61.96
C ASN B 556 56.44 27.67 63.35
N GLU B 557 55.85 28.86 63.43
CA GLU B 557 55.75 29.57 64.69
C GLU B 557 54.84 28.80 65.64
N LEU B 558 53.86 28.11 65.06
CA LEU B 558 52.93 27.28 65.82
C LEU B 558 53.66 26.15 66.52
N ALA B 559 54.65 25.59 65.84
CA ALA B 559 55.45 24.50 66.38
C ALA B 559 56.18 24.98 67.62
N LYS B 560 56.66 26.22 67.58
CA LYS B 560 57.38 26.80 68.70
C LYS B 560 56.51 26.86 69.94
N GLU B 561 55.24 27.22 69.77
CA GLU B 561 54.32 27.25 70.90
C GLU B 561 53.87 25.86 71.36
N GLN B 562 53.48 25.02 70.40
CA GLN B 562 52.99 23.67 70.70
C GLN B 562 53.89 22.51 70.27
N GLY B 563 55.09 22.79 69.78
CA GLY B 563 55.96 21.76 69.25
C GLY B 563 55.46 21.21 67.92
N ALA B 564 56.40 20.74 67.10
CA ALA B 564 56.06 20.19 65.79
C ALA B 564 55.32 18.86 65.94
N CYS B 565 54.78 18.37 64.83
CA CYS B 565 54.05 17.11 64.83
C CYS B 565 54.95 15.94 65.22
N PRO B 566 54.40 14.97 65.91
CA PRO B 566 55.22 13.86 66.42
C PRO B 566 55.91 13.11 65.29
N TRP B 567 55.25 13.01 64.14
CA TRP B 567 55.70 12.16 63.03
C TRP B 567 56.60 12.88 62.04
N PHE B 568 57.00 14.10 62.36
CA PHE B 568 57.70 14.97 61.41
C PHE B 568 59.03 14.41 60.89
N ASN B 569 59.75 13.65 61.69
CA ASN B 569 61.08 13.28 61.28
C ASN B 569 60.89 12.62 59.92
N GLU B 570 59.71 12.06 59.72
CA GLU B 570 59.39 11.36 58.49
C GLU B 570 59.41 12.30 57.29
N THR B 571 58.90 13.51 57.51
CA THR B 571 58.71 14.46 56.43
C THR B 571 60.04 15.02 55.93
N THR B 572 60.05 15.53 54.71
CA THR B 572 61.26 16.09 54.12
C THR B 572 61.64 17.42 54.77
N TYR B 573 60.64 18.13 55.29
CA TYR B 573 60.88 19.42 55.94
C TYR B 573 61.87 19.28 57.08
N ALA B 574 61.90 18.11 57.72
CA ALA B 574 62.82 17.85 58.82
C ALA B 574 64.26 17.79 58.32
N LYS B 575 64.44 17.19 57.16
CA LYS B 575 65.77 17.05 56.57
C LYS B 575 66.13 18.29 55.75
N GLY B 576 65.54 19.43 56.12
CA GLY B 576 65.80 20.67 55.42
C GLY B 576 65.51 20.58 53.94
N ILE B 577 64.27 20.24 53.61
CA ILE B 577 63.86 20.12 52.21
C ILE B 577 62.56 20.90 51.98
N LEU B 578 62.59 21.81 51.01
CA LEU B 578 61.42 22.62 50.68
C LEU B 578 60.93 22.32 49.26
N PRO B 579 59.63 22.54 49.01
CA PRO B 579 59.03 22.30 47.70
C PRO B 579 59.80 22.97 46.56
N ILE B 580 60.51 24.05 46.88
CA ILE B 580 61.27 24.79 45.89
C ILE B 580 62.52 24.03 45.46
N ASP B 581 62.61 22.76 45.86
CA ASP B 581 63.76 21.93 45.52
C ASP B 581 63.35 20.69 44.72
N THR B 582 62.28 20.04 45.16
CA THR B 582 61.80 18.83 44.50
C THR B 582 60.72 19.08 43.47
N TYR B 583 60.58 20.33 43.03
CA TYR B 583 59.56 20.67 42.04
C TYR B 583 60.02 20.25 40.65
N LYS B 584 59.08 20.11 39.72
CA LYS B 584 59.40 19.70 38.36
C LYS B 584 60.27 20.76 37.69
N LYS B 585 61.52 20.42 37.45
CA LYS B 585 62.46 21.34 36.81
C LYS B 585 61.99 21.81 35.45
N ASP B 586 60.98 21.15 34.90
CA ASP B 586 60.44 21.51 33.59
C ASP B 586 59.51 22.71 33.68
N LEU B 587 59.38 23.26 34.88
CA LEU B 587 58.53 24.43 35.09
C LEU B 587 59.28 25.71 34.80
N ASP B 588 60.60 25.60 34.65
CA ASP B 588 61.45 26.74 34.36
C ASP B 588 61.41 27.10 32.89
N THR B 589 60.44 26.54 32.17
CA THR B 589 60.29 26.80 30.74
C THR B 589 58.96 27.49 30.46
N ILE B 590 58.15 27.66 31.50
CA ILE B 590 56.85 28.31 31.36
C ILE B 590 56.70 29.45 32.37
N ALA B 591 57.77 29.73 33.10
CA ALA B 591 57.77 30.78 34.10
C ALA B 591 59.19 31.10 34.55
N ASN B 592 59.43 32.37 34.88
CA ASN B 592 60.74 32.81 35.33
C ASN B 592 60.62 33.68 36.57
N GLU B 593 59.41 33.77 37.11
CA GLU B 593 59.14 34.58 38.30
C GLU B 593 59.99 34.10 39.47
N PRO B 594 60.97 34.91 39.88
CA PRO B 594 61.87 34.57 41.00
C PRO B 594 61.16 34.59 42.35
N LEU B 595 61.79 33.98 43.35
CA LEU B 595 61.22 33.93 44.69
C LEU B 595 61.29 35.29 45.36
N HIS B 596 60.16 35.93 45.59
CA HIS B 596 60.16 37.25 46.21
C HIS B 596 60.77 37.15 47.61
N TYR B 597 60.52 36.00 48.22
CA TYR B 597 60.56 35.75 49.66
C TYR B 597 61.85 35.01 50.04
N ASP B 598 62.29 35.21 51.28
CA ASP B 598 63.50 34.57 51.77
C ASP B 598 63.17 33.18 52.32
N TRP B 599 63.27 32.17 51.47
CA TRP B 599 62.98 30.80 51.89
C TRP B 599 64.13 30.19 52.67
N GLU B 600 65.36 30.53 52.28
CA GLU B 600 66.54 30.03 52.97
C GLU B 600 66.40 30.32 54.47
N ALA B 601 65.61 31.33 54.78
CA ALA B 601 65.36 31.73 56.16
C ALA B 601 64.46 30.70 56.83
N LEU B 602 63.37 30.36 56.13
CA LEU B 602 62.41 29.39 56.64
C LEU B 602 63.04 28.00 56.69
N ARG B 603 64.01 27.77 55.81
CA ARG B 603 64.70 26.49 55.75
C ARG B 603 65.37 26.21 57.10
N GLU B 604 66.12 27.19 57.58
CA GLU B 604 66.81 27.06 58.86
C GLU B 604 65.83 27.01 60.02
N SER B 605 64.74 27.77 59.91
CA SER B 605 63.73 27.83 60.95
C SER B 605 63.00 26.49 61.11
N ILE B 606 62.61 25.88 59.99
CA ILE B 606 61.91 24.59 60.03
C ILE B 606 62.88 23.46 60.35
N LYS B 607 64.13 23.61 59.93
CA LYS B 607 65.14 22.59 60.18
C LYS B 607 65.50 22.52 61.66
N THR B 608 64.91 23.40 62.46
CA THR B 608 65.19 23.44 63.88
C THR B 608 63.97 23.07 64.73
N HIS B 609 62.87 23.78 64.51
CA HIS B 609 61.64 23.53 65.26
C HIS B 609 60.67 22.63 64.51
N GLY B 610 60.75 22.68 63.18
CA GLY B 610 59.87 21.86 62.37
C GLY B 610 58.55 22.55 62.09
N LEU B 611 57.52 21.77 61.82
CA LEU B 611 56.19 22.31 61.54
C LEU B 611 55.12 21.60 62.34
N ARG B 612 54.18 22.36 62.88
CA ARG B 612 53.08 21.81 63.67
C ARG B 612 52.28 20.83 62.82
N ASN B 613 52.36 20.99 61.50
CA ASN B 613 51.65 20.12 60.58
C ASN B 613 52.59 19.62 59.49
N SER B 614 52.30 18.45 58.94
CA SER B 614 53.12 17.87 57.88
C SER B 614 52.82 18.48 56.52
N THR B 615 51.54 18.73 56.26
CA THR B 615 51.12 19.42 55.06
C THR B 615 50.42 20.71 55.45
N LEU B 616 50.92 21.83 54.93
CA LEU B 616 50.32 23.13 55.17
C LEU B 616 49.43 23.61 54.03
N SER B 617 49.30 22.80 52.97
CA SER B 617 48.55 23.23 51.79
C SER B 617 47.78 22.14 51.05
N ALA B 618 46.73 22.55 50.35
CA ALA B 618 45.99 21.72 49.43
C ALA B 618 45.26 22.64 48.48
N LEU B 619 44.97 22.12 47.29
CA LEU B 619 44.06 22.77 46.36
C LEU B 619 42.86 21.86 46.14
N MET B 620 41.65 22.37 46.34
CA MET B 620 40.44 21.56 46.24
C MET B 620 39.30 22.28 45.53
N PRO B 621 38.38 21.52 44.95
CA PRO B 621 37.22 22.09 44.27
C PRO B 621 36.17 22.52 45.29
N SER B 622 35.82 23.79 45.41
CA SER B 622 34.83 24.15 46.44
C SER B 622 33.57 24.94 46.04
N GLU B 623 32.59 24.25 45.44
CA GLU B 623 31.30 24.85 45.06
C GLU B 623 30.34 25.34 46.18
N THR B 624 30.16 24.54 47.23
CA THR B 624 29.34 24.92 48.38
C THR B 624 29.97 26.04 49.21
N SER B 625 31.28 25.94 49.39
CA SER B 625 32.04 26.92 50.17
C SER B 625 32.21 28.25 49.45
N SER B 626 32.59 28.20 48.18
CA SER B 626 32.78 29.41 47.39
C SER B 626 31.47 30.16 47.19
N GLN B 627 30.39 29.41 46.99
CA GLN B 627 29.08 30.00 46.78
C GLN B 627 28.74 31.03 47.86
N ILE B 628 29.27 30.81 49.06
CA ILE B 628 29.03 31.72 50.17
C ILE B 628 29.71 33.07 49.93
N SER B 629 30.98 33.02 49.51
CA SER B 629 31.73 34.24 49.24
C SER B 629 31.37 34.77 47.85
N ASN B 630 30.37 34.13 47.23
CA ASN B 630 29.92 34.53 45.91
C ASN B 630 31.12 34.61 44.96
N ALA B 631 32.06 33.70 45.14
CA ALA B 631 33.27 33.65 44.33
C ALA B 631 33.25 32.47 43.36
N THR B 632 34.24 32.41 42.49
CA THR B 632 34.34 31.33 41.52
C THR B 632 34.81 30.04 42.19
N ASN B 633 34.19 28.93 41.80
CA ASN B 633 34.52 27.62 42.36
C ASN B 633 36.00 27.31 42.22
N GLY B 634 36.70 27.22 43.36
CA GLY B 634 38.13 26.92 43.34
C GLY B 634 38.86 27.69 42.27
N ILE B 635 39.77 27.01 41.56
CA ILE B 635 40.54 27.63 40.50
C ILE B 635 39.80 27.50 39.18
N GLU B 636 38.81 26.61 39.16
CA GLU B 636 38.00 26.37 37.96
C GLU B 636 37.39 27.66 37.42
N PRO B 637 37.60 27.95 36.13
CA PRO B 637 37.06 29.16 35.53
C PRO B 637 35.53 29.08 35.42
N PRO B 638 34.86 30.24 35.49
CA PRO B 638 33.39 30.26 35.41
C PRO B 638 32.86 29.72 34.09
N ARG B 639 31.94 28.76 34.18
CA ARG B 639 31.34 28.15 33.00
C ARG B 639 30.58 29.21 32.21
N GLY B 640 30.10 30.23 32.93
CA GLY B 640 29.36 31.31 32.31
C GLY B 640 29.30 32.51 33.23
N TYR B 641 29.03 33.68 32.66
CA TYR B 641 28.93 34.91 33.46
C TYR B 641 27.93 34.76 34.60
N VAL B 642 26.88 33.99 34.34
CA VAL B 642 25.83 33.75 35.35
C VAL B 642 25.57 32.25 35.45
N SER B 643 26.54 31.52 35.99
CA SER B 643 26.41 30.08 36.15
C SER B 643 25.18 29.70 36.96
N ILE B 644 24.62 28.53 36.66
CA ILE B 644 23.44 28.05 37.36
C ILE B 644 23.79 26.85 38.24
N LYS B 645 23.48 26.93 39.51
CA LYS B 645 23.75 25.84 40.43
C LYS B 645 22.45 25.30 40.99
N ALA B 646 22.24 23.99 40.90
CA ALA B 646 21.01 23.41 41.41
C ALA B 646 21.25 22.63 42.69
N SER B 647 20.54 23.11 43.72
CA SER B 647 20.46 22.55 45.06
C SER B 647 19.00 22.22 45.32
N LYS B 648 18.68 21.78 46.53
CA LYS B 648 17.36 21.21 46.84
C LYS B 648 16.13 22.11 46.65
N ASP B 649 16.20 23.38 47.05
CA ASP B 649 15.01 24.23 46.95
C ASP B 649 14.55 24.60 45.53
N GLY B 650 15.53 24.87 44.65
CA GLY B 650 15.30 25.47 43.35
C GLY B 650 16.57 25.73 42.53
N ILE B 651 16.42 26.04 41.24
CA ILE B 651 17.56 26.49 40.46
C ILE B 651 18.09 27.82 41.01
N LEU B 652 19.41 27.98 41.00
CA LEU B 652 20.06 29.08 41.69
C LEU B 652 21.04 29.79 40.77
N ARG B 653 20.73 31.05 40.47
CA ARG B 653 21.57 31.85 39.59
C ARG B 653 22.62 32.64 40.37
N GLN B 654 23.89 32.35 40.12
CA GLN B 654 24.98 33.03 40.79
C GLN B 654 25.85 33.78 39.78
N VAL B 655 25.75 35.10 39.80
CA VAL B 655 26.53 35.93 38.89
C VAL B 655 27.96 36.08 39.38
N VAL B 656 28.91 36.07 38.44
CA VAL B 656 30.33 36.20 38.78
C VAL B 656 30.59 37.51 39.53
N PRO B 657 31.65 37.55 40.35
CA PRO B 657 32.00 38.74 41.12
C PRO B 657 32.49 39.91 40.26
N ASP B 658 32.03 41.11 40.59
CA ASP B 658 32.41 42.32 39.86
C ASP B 658 32.21 42.15 38.36
N TYR B 659 30.99 41.84 37.96
CA TYR B 659 30.65 41.65 36.55
C TYR B 659 30.46 42.97 35.83
N GLU B 660 29.96 43.96 36.55
CA GLU B 660 29.70 45.28 35.98
C GLU B 660 30.98 45.97 35.51
N HIS B 661 32.13 45.45 35.92
CA HIS B 661 33.41 46.04 35.52
C HIS B 661 34.40 45.02 34.97
N LEU B 662 34.07 43.73 35.07
CA LEU B 662 34.97 42.65 34.60
C LEU B 662 34.47 41.82 33.40
N HIS B 663 33.46 42.29 32.68
CA HIS B 663 32.72 41.49 31.72
C HIS B 663 33.62 40.99 30.60
N ASP B 664 34.63 41.79 30.24
CA ASP B 664 35.55 41.43 29.18
C ASP B 664 36.73 40.60 29.69
N ALA B 665 37.13 40.85 30.94
CA ALA B 665 38.24 40.14 31.55
C ALA B 665 38.06 38.63 31.62
N TYR B 666 36.93 38.18 32.19
CA TYR B 666 36.65 36.77 32.32
C TYR B 666 36.79 35.95 31.05
N GLU B 667 37.29 34.72 31.20
CA GLU B 667 37.48 33.80 30.08
C GLU B 667 36.69 32.53 30.39
N LEU B 668 35.39 32.57 30.13
CA LEU B 668 34.50 31.45 30.37
C LEU B 668 35.11 30.12 29.94
N LEU B 669 34.82 29.06 30.69
CA LEU B 669 35.49 27.80 30.51
C LEU B 669 35.32 27.24 29.09
N TRP B 670 34.13 27.39 28.50
CA TRP B 670 33.94 26.82 27.17
C TRP B 670 34.84 27.51 26.14
N GLU B 671 35.15 28.78 26.43
CA GLU B 671 35.78 29.66 25.46
C GLU B 671 37.17 29.20 25.06
N MET B 672 37.93 28.70 26.03
CA MET B 672 39.36 28.50 25.87
C MET B 672 39.72 27.53 24.74
N PRO B 673 40.76 27.88 24.00
CA PRO B 673 41.20 27.06 22.86
C PRO B 673 41.45 25.60 23.26
N GLY B 674 42.29 25.41 24.27
CA GLY B 674 42.61 24.06 24.72
C GLY B 674 42.86 23.99 26.21
N ASN B 675 43.67 23.03 26.63
CA ASN B 675 44.00 22.86 28.04
C ASN B 675 45.47 23.13 28.30
N ASP B 676 46.24 23.25 27.23
CA ASP B 676 47.67 23.52 27.33
C ASP B 676 47.95 24.74 28.20
N GLY B 677 46.99 25.65 28.24
CA GLY B 677 47.14 26.86 29.04
C GLY B 677 46.73 26.64 30.48
N TYR B 678 45.63 25.91 30.67
CA TYR B 678 45.13 25.62 32.01
C TYR B 678 46.10 24.75 32.79
N LEU B 679 46.38 23.56 32.25
CA LEU B 679 47.30 22.62 32.90
C LEU B 679 48.67 23.25 33.11
N GLN B 680 49.01 24.21 32.28
CA GLN B 680 50.30 24.89 32.38
C GLN B 680 50.38 25.70 33.66
N LEU B 681 49.22 26.14 34.16
CA LEU B 681 49.16 26.92 35.38
C LEU B 681 49.13 26.01 36.60
N VAL B 682 48.49 24.85 36.45
CA VAL B 682 48.40 23.88 37.54
C VAL B 682 49.78 23.39 37.93
N GLY B 683 50.61 23.12 36.94
CA GLY B 683 51.96 22.64 37.19
C GLY B 683 52.75 23.65 37.99
N ILE B 684 52.50 24.93 37.74
CA ILE B 684 53.20 26.01 38.43
C ILE B 684 52.71 26.09 39.88
N MET B 685 51.42 25.86 40.07
CA MET B 685 50.83 25.91 41.39
C MET B 685 51.34 24.76 42.25
N GLN B 686 51.38 23.56 41.66
CA GLN B 686 51.85 22.37 42.35
C GLN B 686 53.25 22.58 42.91
N LYS B 687 54.00 23.48 42.29
CA LYS B 687 55.36 23.79 42.72
C LYS B 687 55.39 24.29 44.17
N PHE B 688 54.23 24.73 44.65
CA PHE B 688 54.12 25.23 46.02
C PHE B 688 53.00 24.53 46.77
N ILE B 689 52.55 23.39 46.25
CA ILE B 689 51.48 22.63 46.89
C ILE B 689 52.01 21.31 47.45
N ASP B 690 51.80 21.11 48.75
CA ASP B 690 52.25 19.88 49.40
C ASP B 690 51.38 18.72 48.93
N GLN B 691 50.08 19.01 48.98
CA GLN B 691 48.97 18.23 48.44
C GLN B 691 48.73 18.53 46.97
N SER B 692 47.91 17.68 46.36
CA SER B 692 47.59 17.75 44.93
C SER B 692 46.53 18.78 44.60
N ILE B 693 46.49 19.20 43.35
CA ILE B 693 45.54 20.20 42.90
C ILE B 693 44.42 19.50 42.15
N SER B 694 43.18 19.87 42.46
CA SER B 694 42.03 19.22 41.85
C SER B 694 41.78 19.86 40.50
N ALA B 695 42.60 19.49 39.53
CA ALA B 695 42.56 20.07 38.21
C ALA B 695 41.91 19.11 37.22
N ASN B 696 40.89 19.59 36.54
CA ASN B 696 40.12 18.80 35.59
C ASN B 696 40.27 19.34 34.17
N THR B 697 40.21 18.45 33.18
CA THR B 697 40.35 18.84 31.79
C THR B 697 39.00 19.26 31.20
N ASN B 698 39.05 19.80 29.99
CA ASN B 698 37.84 20.25 29.30
C ASN B 698 37.96 20.01 27.80
N TYR B 699 36.87 19.54 27.19
CA TYR B 699 36.87 19.27 25.75
C TYR B 699 35.53 19.62 25.12
N ASP B 700 35.58 20.40 24.04
CA ASP B 700 34.38 20.81 23.33
C ASP B 700 34.35 20.24 21.91
N PRO B 701 33.48 19.24 21.68
CA PRO B 701 33.34 18.60 20.38
C PRO B 701 33.05 19.59 19.24
N SER B 702 32.70 20.81 19.61
CA SER B 702 32.39 21.85 18.63
C SER B 702 33.66 22.51 18.09
N ARG B 703 34.78 22.26 18.76
CA ARG B 703 36.06 22.83 18.34
C ARG B 703 36.89 21.85 17.52
N PHE B 704 36.42 20.60 17.47
CA PHE B 704 37.12 19.56 16.73
C PHE B 704 36.32 19.15 15.49
N PRO B 705 37.01 18.65 14.46
CA PRO B 705 36.36 18.22 13.22
C PRO B 705 35.46 17.00 13.43
N SER B 706 34.44 16.87 12.58
CA SER B 706 33.51 15.75 12.66
C SER B 706 32.77 15.75 14.00
N GLY B 707 32.87 16.85 14.73
CA GLY B 707 32.22 16.96 16.03
C GLY B 707 32.56 15.80 16.94
N LYS B 708 33.83 15.43 16.97
CA LYS B 708 34.29 14.33 17.81
C LYS B 708 35.71 14.58 18.33
N VAL B 709 35.86 14.57 19.65
CA VAL B 709 37.16 14.80 20.27
C VAL B 709 38.14 13.69 19.92
N PRO B 710 39.22 14.03 19.21
CA PRO B 710 40.24 13.06 18.81
C PRO B 710 41.07 12.54 19.98
N MET B 711 41.40 11.25 19.93
CA MET B 711 42.19 10.62 20.98
C MET B 711 43.58 11.22 21.02
N GLN B 712 43.99 11.82 19.91
CA GLN B 712 45.30 12.44 19.79
C GLN B 712 45.46 13.59 20.78
N GLN B 713 44.40 14.39 20.92
CA GLN B 713 44.41 15.52 21.84
C GLN B 713 44.31 15.07 23.28
N LEU B 714 43.50 14.04 23.52
CA LEU B 714 43.32 13.50 24.87
C LEU B 714 44.66 13.10 25.48
N LEU B 715 45.41 12.27 24.76
CA LEU B 715 46.71 11.81 25.23
C LEU B 715 47.72 12.95 25.27
N LYS B 716 47.54 13.92 24.37
CA LYS B 716 48.45 15.07 24.30
C LYS B 716 48.43 15.85 25.62
N ASP B 717 47.25 16.28 26.03
CA ASP B 717 47.11 17.05 27.27
C ASP B 717 47.56 16.22 28.46
N LEU B 718 47.27 14.92 28.43
CA LEU B 718 47.65 14.02 29.51
C LEU B 718 49.16 14.05 29.71
N LEU B 719 49.89 13.98 28.61
CA LEU B 719 51.36 14.01 28.65
C LEU B 719 51.86 15.40 28.99
N THR B 720 51.17 16.42 28.49
CA THR B 720 51.54 17.80 28.73
C THR B 720 51.49 18.12 30.22
N ALA B 721 50.44 17.63 30.89
CA ALA B 721 50.27 17.85 32.32
C ALA B 721 51.40 17.17 33.08
N TYR B 722 51.63 15.90 32.75
CA TYR B 722 52.67 15.12 33.40
C TYR B 722 54.03 15.80 33.27
N LYS B 723 54.21 16.53 32.17
CA LYS B 723 55.47 17.23 31.91
C LYS B 723 55.73 18.36 32.90
N PHE B 724 54.66 18.98 33.38
CA PHE B 724 54.80 20.09 34.32
C PHE B 724 54.67 19.67 35.78
N GLY B 725 54.68 18.37 36.02
CA GLY B 725 54.58 17.86 37.38
C GLY B 725 53.17 17.72 37.92
N VAL B 726 52.18 17.75 37.04
CA VAL B 726 50.79 17.61 37.46
C VAL B 726 50.60 16.26 38.14
N LYS B 727 50.24 16.29 39.42
CA LYS B 727 50.05 15.07 40.19
C LYS B 727 48.85 14.24 39.76
N THR B 728 47.65 14.83 39.84
CA THR B 728 46.43 14.12 39.46
C THR B 728 45.51 14.93 38.57
N LEU B 729 44.54 14.23 37.97
CA LEU B 729 43.55 14.86 37.10
C LEU B 729 42.15 14.48 37.58
N TYR B 730 41.31 15.48 37.77
CA TYR B 730 39.95 15.26 38.25
C TYR B 730 38.99 14.96 37.10
N TYR B 731 37.84 15.63 37.08
CA TYR B 731 36.85 15.41 36.02
C TYR B 731 37.41 15.70 34.63
N GLN B 732 36.61 15.36 33.64
CA GLN B 732 36.74 15.89 32.30
C GLN B 732 35.35 16.42 32.04
N ASN B 733 35.24 17.70 31.74
CA ASN B 733 33.93 18.24 31.47
C ASN B 733 33.76 18.26 29.97
N THR B 734 32.84 17.46 29.46
CA THR B 734 32.65 17.44 28.02
C THR B 734 31.41 18.27 27.70
N ARG B 735 31.61 19.38 26.99
CA ARG B 735 30.52 20.28 26.64
C ARG B 735 29.37 19.56 25.95
N ASP B 736 28.16 19.77 26.46
CA ASP B 736 26.96 19.16 25.89
C ASP B 736 26.30 20.08 24.88
N GLY B 737 26.75 20.01 23.63
CA GLY B 737 26.19 20.86 22.60
C GLY B 737 25.74 20.07 21.38
N VAL C 7 -5.13 53.01 -44.63
CA VAL C 7 -6.22 52.02 -44.86
C VAL C 7 -6.60 51.95 -46.34
N THR C 8 -7.69 51.26 -46.63
CA THR C 8 -8.15 51.13 -48.00
C THR C 8 -9.65 51.42 -48.10
N LYS C 9 -10.02 52.08 -49.20
CA LYS C 9 -11.40 52.41 -49.58
C LYS C 9 -12.14 51.28 -50.29
N ARG C 10 -13.45 51.42 -50.44
CA ARG C 10 -14.25 50.39 -51.06
C ARG C 10 -13.73 50.20 -52.47
N ASP C 11 -13.36 51.31 -53.10
CA ASP C 11 -12.97 51.31 -54.50
C ASP C 11 -11.50 50.94 -54.66
N GLY C 12 -10.88 50.54 -53.56
CA GLY C 12 -9.47 50.17 -53.58
C GLY C 12 -8.57 51.35 -53.31
N SER C 13 -9.17 52.53 -53.15
CA SER C 13 -8.42 53.75 -52.88
C SER C 13 -7.68 53.65 -51.55
N THR C 14 -6.76 54.59 -51.31
CA THR C 14 -5.99 54.61 -50.07
C THR C 14 -6.07 55.98 -49.40
N GLU C 15 -5.96 55.98 -48.08
CA GLU C 15 -6.01 57.21 -47.30
C GLU C 15 -5.74 56.92 -45.83
N ARG C 16 -5.25 57.92 -45.11
CA ARG C 16 -4.98 57.81 -43.68
C ARG C 16 -6.27 57.66 -42.87
N ILE C 17 -6.20 56.91 -41.78
CA ILE C 17 -7.38 56.63 -40.97
C ILE C 17 -8.04 57.86 -40.35
N ASN C 18 -9.36 57.87 -40.41
CA ASN C 18 -10.15 58.91 -39.79
C ASN C 18 -11.12 58.24 -38.86
N LEU C 19 -11.01 58.59 -37.58
CA LEU C 19 -12.00 58.23 -36.58
C LEU C 19 -13.35 58.91 -36.80
N ASP C 20 -13.31 60.19 -37.18
CA ASP C 20 -14.51 61.01 -37.34
C ASP C 20 -15.53 60.34 -38.25
N LYS C 21 -15.06 59.76 -39.35
CA LYS C 21 -15.96 59.10 -40.29
C LYS C 21 -16.65 57.91 -39.66
N ILE C 22 -15.89 57.09 -38.95
CA ILE C 22 -16.44 55.92 -38.29
C ILE C 22 -17.53 56.34 -37.29
N HIS C 23 -17.27 57.43 -36.57
CA HIS C 23 -18.25 57.98 -35.64
C HIS C 23 -19.48 58.47 -36.40
N ARG C 24 -19.23 59.09 -37.55
CA ARG C 24 -20.29 59.64 -38.39
C ARG C 24 -21.37 58.60 -38.71
N VAL C 25 -20.92 57.43 -39.18
CA VAL C 25 -21.84 56.35 -39.54
C VAL C 25 -22.69 55.89 -38.36
N LEU C 26 -22.06 55.76 -37.20
CA LEU C 26 -22.76 55.31 -36.00
C LEU C 26 -23.82 56.30 -35.54
N ASP C 27 -23.43 57.55 -35.37
CA ASP C 27 -24.35 58.60 -34.95
C ASP C 27 -25.60 58.63 -35.82
N TRP C 28 -25.43 58.26 -37.08
CA TRP C 28 -26.54 58.24 -38.03
C TRP C 28 -27.55 57.15 -37.69
N ALA C 29 -27.05 55.94 -37.50
CA ALA C 29 -27.90 54.80 -37.17
C ALA C 29 -28.48 54.90 -35.76
N ALA C 30 -27.86 55.72 -34.92
CA ALA C 30 -28.32 55.90 -33.55
C ALA C 30 -29.40 56.97 -33.43
N GLU C 31 -29.62 57.73 -34.50
CA GLU C 31 -30.62 58.79 -34.50
C GLU C 31 -32.02 58.28 -34.19
N GLY C 32 -32.69 58.97 -33.26
CA GLY C 32 -34.04 58.59 -32.89
C GLY C 32 -34.13 57.40 -31.96
N LEU C 33 -32.99 56.90 -31.51
CA LEU C 33 -32.97 55.74 -30.61
C LEU C 33 -32.74 56.15 -29.16
N HIS C 34 -33.28 55.36 -28.24
CA HIS C 34 -33.15 55.63 -26.82
C HIS C 34 -32.21 54.64 -26.12
N ASN C 35 -31.43 55.14 -25.17
CA ASN C 35 -30.49 54.34 -24.41
C ASN C 35 -29.38 53.76 -25.28
N VAL C 36 -29.11 54.41 -26.41
CA VAL C 36 -28.07 53.97 -27.32
C VAL C 36 -26.79 54.79 -27.14
N SER C 37 -25.68 54.10 -26.98
CA SER C 37 -24.38 54.76 -26.79
C SER C 37 -23.48 54.54 -28.00
N ILE C 38 -22.95 55.63 -28.53
CA ILE C 38 -22.07 55.56 -29.70
C ILE C 38 -20.73 54.96 -29.30
N SER C 39 -20.08 55.59 -28.32
CA SER C 39 -18.79 55.15 -27.84
C SER C 39 -18.82 53.72 -27.30
N GLN C 40 -19.99 53.30 -26.82
CA GLN C 40 -20.13 51.95 -26.28
C GLN C 40 -19.74 50.91 -27.31
N VAL C 41 -20.23 51.08 -28.54
CA VAL C 41 -19.93 50.16 -29.62
C VAL C 41 -18.45 50.30 -30.02
N GLU C 42 -17.94 51.52 -29.89
CA GLU C 42 -16.54 51.79 -30.23
C GLU C 42 -15.60 51.01 -29.34
N LEU C 43 -15.94 50.90 -28.07
CA LEU C 43 -15.12 50.17 -27.11
C LEU C 43 -15.49 48.70 -27.07
N ARG C 44 -16.68 48.38 -27.58
CA ARG C 44 -17.16 47.00 -27.62
C ARG C 44 -16.62 46.26 -28.84
N SER C 45 -16.26 47.02 -29.87
CA SER C 45 -15.73 46.43 -31.09
C SER C 45 -14.29 45.97 -30.92
N HIS C 46 -13.53 46.72 -30.14
CA HIS C 46 -12.14 46.38 -29.88
C HIS C 46 -11.55 46.33 -31.26
N ILE C 47 -12.01 47.23 -32.12
CA ILE C 47 -11.61 47.17 -33.51
C ILE C 47 -10.12 47.31 -33.51
N GLN C 48 -9.44 46.45 -34.27
CA GLN C 48 -7.99 46.47 -34.28
C GLN C 48 -7.43 46.94 -35.61
N PHE C 49 -6.97 48.19 -35.66
CA PHE C 49 -6.44 48.76 -36.89
C PHE C 49 -5.08 48.15 -37.23
N TYR C 50 -4.76 48.13 -38.52
CA TYR C 50 -3.40 47.88 -38.98
C TYR C 50 -3.21 48.59 -40.30
N ASP C 51 -1.97 48.83 -40.69
CA ASP C 51 -1.79 49.48 -41.95
C ASP C 51 -2.50 48.53 -42.88
N GLY C 52 -3.36 49.09 -43.72
CA GLY C 52 -3.97 48.37 -44.83
C GLY C 52 -5.31 47.68 -44.65
N ILE C 53 -5.98 47.89 -43.52
CA ILE C 53 -7.34 47.39 -43.35
C ILE C 53 -8.30 48.08 -44.31
N LYS C 54 -9.24 47.31 -44.87
CA LYS C 54 -10.27 47.84 -45.77
C LYS C 54 -11.42 48.54 -45.04
N THR C 55 -12.11 49.45 -45.73
CA THR C 55 -13.29 50.09 -45.18
C THR C 55 -14.43 49.10 -45.02
N SER C 56 -14.44 48.08 -45.88
CA SER C 56 -15.49 47.06 -45.85
C SER C 56 -15.43 46.26 -44.54
N ASP C 57 -14.22 45.92 -44.12
CA ASP C 57 -14.03 45.16 -42.89
C ASP C 57 -14.34 46.01 -41.66
N ILE C 58 -13.81 47.22 -41.65
CA ILE C 58 -14.02 48.14 -40.53
C ILE C 58 -15.51 48.33 -40.23
N HIS C 59 -16.31 48.49 -41.28
CA HIS C 59 -17.76 48.63 -41.18
C HIS C 59 -18.51 47.38 -40.67
N GLU C 60 -18.13 46.21 -41.16
CA GLU C 60 -18.73 44.96 -40.73
C GLU C 60 -18.35 44.65 -39.28
N THR C 61 -17.23 45.19 -38.84
CA THR C 61 -16.75 44.97 -37.48
C THR C 61 -17.61 45.68 -36.44
N ILE C 62 -17.86 46.97 -36.65
CA ILE C 62 -18.67 47.74 -35.72
C ILE C 62 -20.13 47.27 -35.72
N ILE C 63 -20.53 46.62 -36.80
CA ILE C 63 -21.90 46.12 -36.93
C ILE C 63 -22.13 44.95 -35.99
N LYS C 64 -21.13 44.06 -35.90
CA LYS C 64 -21.21 42.89 -35.03
C LYS C 64 -21.19 43.30 -33.57
N ALA C 65 -20.45 44.37 -33.27
CA ALA C 65 -20.34 44.88 -31.91
C ALA C 65 -21.67 45.47 -31.46
N ALA C 66 -22.24 46.34 -32.28
CA ALA C 66 -23.51 46.98 -31.97
C ALA C 66 -24.62 45.93 -31.90
N ALA C 67 -24.49 44.89 -32.72
CA ALA C 67 -25.47 43.82 -32.75
C ALA C 67 -25.35 42.95 -31.50
N ASP C 68 -24.14 42.89 -30.95
CA ASP C 68 -23.88 42.10 -29.74
C ASP C 68 -24.35 42.85 -28.50
N LEU C 69 -24.80 44.09 -28.70
CA LEU C 69 -25.27 44.91 -27.60
C LEU C 69 -26.78 44.77 -27.40
N ILE C 70 -27.42 43.99 -28.27
CA ILE C 70 -28.85 43.77 -28.19
C ILE C 70 -29.21 43.14 -26.84
N SER C 71 -29.78 43.95 -25.96
CA SER C 71 -30.16 43.48 -24.64
C SER C 71 -31.57 43.95 -24.28
N ARG C 72 -32.14 43.37 -23.23
CA ARG C 72 -33.47 43.73 -22.79
C ARG C 72 -33.46 45.19 -22.35
N ASP C 73 -32.38 45.59 -21.69
CA ASP C 73 -32.25 46.96 -21.20
C ASP C 73 -32.21 47.96 -22.35
N ALA C 74 -31.72 47.52 -23.50
CA ALA C 74 -31.64 48.38 -24.67
C ALA C 74 -32.16 47.66 -25.91
N PRO C 75 -33.47 47.74 -26.16
CA PRO C 75 -34.12 47.10 -27.31
C PRO C 75 -33.86 47.84 -28.62
N ASP C 76 -33.51 49.11 -28.52
CA ASP C 76 -33.25 49.93 -29.71
C ASP C 76 -32.00 49.49 -30.46
N TYR C 77 -31.04 48.91 -29.75
CA TYR C 77 -29.81 48.44 -30.37
C TYR C 77 -30.14 47.43 -31.47
N GLN C 78 -31.36 46.90 -31.43
CA GLN C 78 -31.79 45.93 -32.42
C GLN C 78 -31.92 46.55 -33.80
N TYR C 79 -32.31 47.82 -33.84
CA TYR C 79 -32.42 48.56 -35.10
C TYR C 79 -31.13 49.28 -35.41
N LEU C 80 -30.34 49.55 -34.37
CA LEU C 80 -29.08 50.26 -34.55
C LEU C 80 -28.13 49.47 -35.45
N ALA C 81 -27.97 48.18 -35.17
CA ALA C 81 -27.10 47.34 -35.97
C ALA C 81 -27.79 47.03 -37.30
N ALA C 82 -29.11 47.12 -37.30
CA ALA C 82 -29.90 46.86 -38.50
C ALA C 82 -29.65 47.94 -39.54
N ARG C 83 -29.63 49.19 -39.10
CA ARG C 83 -29.40 50.32 -40.00
C ARG C 83 -27.98 50.27 -40.56
N LEU C 84 -27.08 49.66 -39.80
CA LEU C 84 -25.68 49.54 -40.22
C LEU C 84 -25.54 48.44 -41.26
N ALA C 85 -26.34 47.39 -41.11
CA ALA C 85 -26.31 46.27 -42.05
C ALA C 85 -26.82 46.71 -43.42
N ILE C 86 -27.98 47.37 -43.44
CA ILE C 86 -28.57 47.85 -44.68
C ILE C 86 -27.59 48.75 -45.44
N PHE C 87 -26.95 49.66 -44.71
CA PHE C 87 -25.99 50.57 -45.30
C PHE C 87 -24.87 49.81 -45.99
N HIS C 88 -24.30 48.84 -45.27
CA HIS C 88 -23.21 48.04 -45.81
C HIS C 88 -23.62 47.28 -47.06
N LEU C 89 -24.88 46.85 -47.09
CA LEU C 89 -25.41 46.10 -48.23
C LEU C 89 -25.54 46.97 -49.47
N ARG C 90 -25.98 48.21 -49.29
CA ARG C 90 -26.15 49.15 -50.39
C ARG C 90 -24.84 49.39 -51.13
N LYS C 91 -23.74 49.47 -50.38
CA LYS C 91 -22.43 49.71 -50.95
C LYS C 91 -21.88 48.50 -51.70
N LYS C 92 -22.43 47.33 -51.42
CA LYS C 92 -21.98 46.10 -52.07
C LYS C 92 -22.84 45.71 -53.26
N ALA C 93 -23.94 46.43 -53.47
CA ALA C 93 -24.83 46.14 -54.58
C ALA C 93 -25.06 47.34 -55.48
N TYR C 94 -24.75 48.53 -54.97
CA TYR C 94 -24.93 49.76 -55.75
C TYR C 94 -23.69 50.65 -55.69
N GLY C 95 -22.70 50.25 -54.92
CA GLY C 95 -21.49 51.04 -54.78
C GLY C 95 -21.81 52.40 -54.17
N GLN C 96 -23.08 52.58 -53.83
CA GLN C 96 -23.53 53.82 -53.18
C GLN C 96 -24.93 53.64 -52.61
N PHE C 97 -25.29 54.50 -51.67
CA PHE C 97 -26.51 54.33 -50.89
C PHE C 97 -27.76 54.58 -51.72
N GLU C 98 -27.62 55.42 -52.75
CA GLU C 98 -28.75 55.75 -53.62
C GLU C 98 -29.02 54.65 -54.65
N PRO C 99 -30.11 53.90 -54.47
CA PRO C 99 -30.49 52.81 -55.38
C PRO C 99 -30.79 53.33 -56.79
N PRO C 100 -30.35 52.59 -57.83
CA PRO C 100 -30.58 52.97 -59.22
C PRO C 100 -32.06 52.81 -59.63
N ALA C 101 -32.44 53.31 -60.79
CA ALA C 101 -33.82 53.21 -61.27
C ALA C 101 -34.29 51.75 -61.34
N LEU C 102 -35.57 51.53 -61.07
CA LEU C 102 -36.14 50.18 -61.11
C LEU C 102 -35.91 49.53 -62.47
N TYR C 103 -35.93 50.33 -63.52
CA TYR C 103 -35.73 49.83 -64.87
C TYR C 103 -34.27 49.48 -65.13
N ASP C 104 -33.40 50.49 -65.00
CA ASP C 104 -31.97 50.30 -65.21
C ASP C 104 -31.44 49.14 -64.39
N HIS C 105 -32.03 48.92 -63.23
CA HIS C 105 -31.62 47.83 -62.35
C HIS C 105 -31.92 46.48 -62.98
N VAL C 106 -33.17 46.28 -63.38
CA VAL C 106 -33.58 45.03 -64.00
C VAL C 106 -32.80 44.75 -65.28
N VAL C 107 -32.71 45.78 -66.14
CA VAL C 107 -31.99 45.65 -67.41
C VAL C 107 -30.58 45.10 -67.19
N LYS C 108 -29.80 45.79 -66.38
CA LYS C 108 -28.43 45.38 -66.09
C LYS C 108 -28.39 43.93 -65.59
N MET C 109 -29.23 43.63 -64.62
CA MET C 109 -29.30 42.28 -64.04
C MET C 109 -29.58 41.22 -65.10
N VAL C 110 -30.59 41.45 -65.93
CA VAL C 110 -30.94 40.50 -66.98
C VAL C 110 -29.74 40.16 -67.84
N GLU C 111 -28.93 41.19 -68.15
CA GLU C 111 -27.73 40.99 -68.96
C GLU C 111 -26.70 40.19 -68.18
N MET C 112 -26.83 40.20 -66.85
CA MET C 112 -25.92 39.47 -65.99
C MET C 112 -26.51 38.11 -65.67
N GLY C 113 -27.75 37.90 -66.06
CA GLY C 113 -28.42 36.65 -65.82
C GLY C 113 -28.94 36.54 -64.39
N LYS C 114 -28.92 37.67 -63.69
CA LYS C 114 -29.49 37.82 -62.36
C LYS C 114 -31.02 37.72 -62.29
N TYR C 115 -31.69 38.31 -63.27
CA TYR C 115 -33.14 38.47 -63.25
C TYR C 115 -33.79 37.96 -64.53
N ASP C 116 -35.07 37.59 -64.45
CA ASP C 116 -35.72 36.92 -65.56
C ASP C 116 -36.06 37.89 -66.68
N ASN C 117 -35.57 37.59 -67.89
CA ASN C 117 -35.81 38.44 -69.04
C ASN C 117 -37.28 38.50 -69.43
N HIS C 118 -38.04 37.54 -68.93
CA HIS C 118 -39.47 37.56 -69.16
C HIS C 118 -39.88 38.91 -68.60
N LEU C 119 -39.23 39.32 -67.51
CA LEU C 119 -39.60 40.58 -66.86
C LEU C 119 -39.62 41.73 -67.85
N LEU C 120 -38.77 41.64 -68.87
CA LEU C 120 -38.68 42.68 -69.89
C LEU C 120 -39.65 42.42 -71.03
N GLU C 121 -40.11 41.18 -71.15
CA GLU C 121 -41.05 40.80 -72.20
C GLU C 121 -42.49 40.94 -71.73
N ASP C 122 -42.70 40.99 -70.42
CA ASP C 122 -44.03 41.12 -69.85
C ASP C 122 -44.33 42.58 -69.49
N TYR C 123 -43.32 43.29 -69.03
CA TYR C 123 -43.47 44.69 -68.64
C TYR C 123 -42.66 45.60 -69.56
N THR C 124 -43.08 46.86 -69.66
CA THR C 124 -42.40 47.83 -70.50
C THR C 124 -41.66 48.85 -69.65
N GLU C 125 -40.72 49.56 -70.27
CA GLU C 125 -39.94 50.57 -69.58
C GLU C 125 -40.82 51.63 -68.93
N GLU C 126 -41.87 52.03 -69.63
CA GLU C 126 -42.80 53.03 -69.14
C GLU C 126 -43.53 52.55 -67.88
N GLU C 127 -43.63 51.23 -67.74
CA GLU C 127 -44.32 50.65 -66.59
C GLU C 127 -43.38 50.53 -65.39
N PHE C 128 -42.13 50.13 -65.64
CA PHE C 128 -41.15 49.98 -64.57
C PHE C 128 -41.00 51.30 -63.81
N LYS C 129 -41.07 52.40 -64.55
CA LYS C 129 -40.95 53.73 -63.94
C LYS C 129 -42.20 54.02 -63.13
N GLN C 130 -43.28 53.33 -63.44
CA GLN C 130 -44.54 53.51 -62.74
C GLN C 130 -44.58 52.66 -61.48
N MET C 131 -43.80 51.58 -61.46
CA MET C 131 -43.73 50.70 -60.31
C MET C 131 -42.67 51.17 -59.33
N ASP C 132 -41.70 51.92 -59.83
CA ASP C 132 -40.62 52.44 -59.00
C ASP C 132 -41.18 53.42 -57.97
N THR C 133 -42.34 53.98 -58.28
CA THR C 133 -42.99 54.94 -57.40
C THR C 133 -43.53 54.24 -56.15
N PHE C 134 -44.10 53.06 -56.33
CA PHE C 134 -44.65 52.29 -55.22
C PHE C 134 -43.55 51.91 -54.24
N ILE C 135 -42.35 51.68 -54.77
CA ILE C 135 -41.20 51.30 -53.96
C ILE C 135 -40.87 52.35 -52.92
N ASP C 136 -40.46 51.90 -51.74
CA ASP C 136 -40.10 52.79 -50.65
C ASP C 136 -38.86 52.24 -49.94
N HIS C 137 -37.70 52.57 -50.48
CA HIS C 137 -36.43 52.10 -49.92
C HIS C 137 -36.25 52.51 -48.46
N ASP C 138 -37.05 53.46 -48.00
CA ASP C 138 -36.97 53.93 -46.62
C ASP C 138 -37.56 52.88 -45.67
N ARG C 139 -38.12 51.83 -46.25
CA ARG C 139 -38.72 50.75 -45.47
C ARG C 139 -37.66 49.73 -45.03
N ASP C 140 -36.42 49.97 -45.43
CA ASP C 140 -35.33 49.08 -45.07
C ASP C 140 -34.90 49.30 -43.63
N MET C 141 -35.31 50.42 -43.05
CA MET C 141 -34.97 50.75 -41.67
C MET C 141 -36.00 50.17 -40.71
N THR C 142 -37.13 49.72 -41.25
CA THR C 142 -38.19 49.15 -40.44
C THR C 142 -37.83 47.71 -40.09
N PHE C 143 -36.71 47.25 -40.64
CA PHE C 143 -36.22 45.90 -40.39
C PHE C 143 -35.41 45.82 -39.10
N SER C 144 -35.10 44.60 -38.68
CA SER C 144 -34.32 44.38 -37.48
C SER C 144 -33.06 43.61 -37.86
N TYR C 145 -32.05 43.67 -37.00
CA TYR C 145 -30.80 42.97 -37.28
C TYR C 145 -31.05 41.51 -37.64
N ALA C 146 -31.96 40.88 -36.90
CA ALA C 146 -32.30 39.48 -37.14
C ALA C 146 -32.88 39.30 -38.53
N ALA C 147 -33.70 40.26 -38.96
CA ALA C 147 -34.32 40.21 -40.28
C ALA C 147 -33.32 40.56 -41.37
N VAL C 148 -32.65 41.69 -41.22
CA VAL C 148 -31.67 42.15 -42.19
C VAL C 148 -30.57 41.12 -42.41
N LYS C 149 -30.12 40.49 -41.32
CA LYS C 149 -29.07 39.48 -41.41
C LYS C 149 -29.51 38.30 -42.25
N GLN C 150 -30.78 37.92 -42.13
CA GLN C 150 -31.32 36.81 -42.89
C GLN C 150 -31.28 37.12 -44.38
N LEU C 151 -31.77 38.30 -44.75
CA LEU C 151 -31.78 38.73 -46.15
C LEU C 151 -30.37 38.74 -46.71
N GLU C 152 -29.46 39.37 -45.98
CA GLU C 152 -28.06 39.48 -46.37
C GLU C 152 -27.41 38.18 -46.82
N GLY C 153 -27.82 37.05 -46.24
CA GLY C 153 -27.31 35.76 -46.65
C GLY C 153 -28.17 34.95 -47.60
N LYS C 154 -29.44 34.76 -47.24
CA LYS C 154 -30.35 33.91 -48.02
C LYS C 154 -31.40 34.62 -48.90
N TYR C 155 -32.07 35.62 -48.34
CA TYR C 155 -33.19 36.29 -49.02
C TYR C 155 -32.77 37.08 -50.25
N LEU C 156 -31.65 37.79 -50.12
CA LEU C 156 -31.11 38.63 -51.18
C LEU C 156 -30.47 37.81 -52.29
N VAL C 157 -30.63 38.27 -53.54
CA VAL C 157 -29.97 37.60 -54.65
C VAL C 157 -28.50 38.00 -54.69
N GLN C 158 -27.63 37.10 -54.24
CA GLN C 158 -26.20 37.36 -54.22
C GLN C 158 -25.42 36.26 -54.94
N ASN C 159 -24.11 36.41 -55.00
CA ASN C 159 -23.24 35.45 -55.65
C ASN C 159 -22.60 34.57 -54.57
N ARG C 160 -22.82 33.26 -54.67
CA ARG C 160 -22.28 32.32 -53.69
C ARG C 160 -20.76 32.17 -53.81
N VAL C 161 -20.20 32.58 -54.93
CA VAL C 161 -18.77 32.47 -55.16
C VAL C 161 -17.98 33.61 -54.51
N THR C 162 -18.43 34.84 -54.73
CA THR C 162 -17.75 36.01 -54.17
C THR C 162 -18.50 36.59 -52.98
N GLY C 163 -19.81 36.34 -52.92
CA GLY C 163 -20.60 36.86 -51.82
C GLY C 163 -21.10 38.27 -52.07
N GLU C 164 -20.95 38.74 -53.30
CA GLU C 164 -21.38 40.08 -53.67
C GLU C 164 -22.90 40.16 -53.77
N ILE C 165 -23.45 41.26 -53.26
CA ILE C 165 -24.90 41.47 -53.29
C ILE C 165 -25.30 42.11 -54.62
N TYR C 166 -26.55 41.92 -55.01
CA TYR C 166 -27.04 42.47 -56.28
C TYR C 166 -28.40 43.14 -56.19
N GLU C 167 -28.99 43.16 -54.99
CA GLU C 167 -30.30 43.78 -54.81
C GLU C 167 -30.53 44.27 -53.39
N SER C 168 -31.66 44.95 -53.18
CA SER C 168 -32.02 45.46 -51.86
C SER C 168 -33.32 44.79 -51.42
N ALA C 169 -33.67 44.98 -50.15
CA ALA C 169 -34.89 44.40 -49.60
C ALA C 169 -36.14 44.79 -50.39
N GLN C 170 -36.24 46.07 -50.73
CA GLN C 170 -37.40 46.57 -51.46
C GLN C 170 -37.49 46.01 -52.87
N PHE C 171 -36.37 46.01 -53.60
CA PHE C 171 -36.35 45.49 -54.96
C PHE C 171 -36.79 44.03 -55.00
N LEU C 172 -36.77 43.38 -53.85
CA LEU C 172 -37.18 41.98 -53.75
C LEU C 172 -38.69 41.87 -53.78
N TYR C 173 -39.35 42.57 -52.86
CA TYR C 173 -40.81 42.53 -52.77
C TYR C 173 -41.48 43.05 -54.04
N ILE C 174 -40.97 44.15 -54.59
CA ILE C 174 -41.53 44.74 -55.79
C ILE C 174 -41.51 43.77 -56.98
N LEU C 175 -40.42 43.03 -57.11
CA LEU C 175 -40.29 42.08 -58.21
C LEU C 175 -41.11 40.81 -57.96
N VAL C 176 -41.06 40.31 -56.74
CA VAL C 176 -41.74 39.05 -56.43
C VAL C 176 -43.24 39.19 -56.66
N ALA C 177 -43.81 40.31 -56.24
CA ALA C 177 -45.22 40.60 -56.47
C ALA C 177 -45.53 40.70 -57.96
N ALA C 178 -44.66 41.37 -58.70
CA ALA C 178 -44.87 41.59 -60.13
C ALA C 178 -44.88 40.29 -60.94
N CYS C 179 -43.97 39.38 -60.61
CA CYS C 179 -43.88 38.10 -61.29
C CYS C 179 -45.15 37.28 -61.07
N LEU C 180 -45.65 37.33 -59.84
CA LEU C 180 -46.84 36.59 -59.45
C LEU C 180 -48.10 37.11 -60.13
N PHE C 181 -48.06 38.37 -60.57
CA PHE C 181 -49.20 38.99 -61.24
C PHE C 181 -48.89 39.33 -62.69
N SER C 182 -47.88 38.68 -63.25
CA SER C 182 -47.50 38.92 -64.64
C SER C 182 -48.58 38.47 -65.62
N ASN C 183 -49.17 37.31 -65.35
CA ASN C 183 -50.22 36.76 -66.22
C ASN C 183 -51.59 37.38 -65.96
N TYR C 184 -51.61 38.53 -65.28
CA TYR C 184 -52.86 39.21 -64.97
C TYR C 184 -53.21 40.24 -66.05
N PRO C 185 -54.49 40.63 -66.14
CA PRO C 185 -54.95 41.60 -67.13
C PRO C 185 -54.30 42.98 -66.97
N ARG C 186 -53.91 43.57 -68.09
CA ARG C 186 -53.27 44.88 -68.11
C ARG C 186 -53.96 45.94 -67.26
N GLU C 187 -55.29 45.84 -67.16
CA GLU C 187 -56.07 46.82 -66.38
C GLU C 187 -55.85 46.70 -64.88
N THR C 188 -55.59 45.48 -64.40
CA THR C 188 -55.38 45.26 -62.97
C THR C 188 -54.06 44.58 -62.67
N ARG C 189 -53.23 44.44 -63.69
CA ARG C 189 -51.92 43.79 -63.53
C ARG C 189 -51.01 44.62 -62.64
N LEU C 190 -51.06 45.94 -62.80
CA LEU C 190 -50.23 46.84 -62.00
C LEU C 190 -50.86 47.04 -60.62
N GLN C 191 -52.19 47.06 -60.58
CA GLN C 191 -52.93 47.23 -59.35
C GLN C 191 -52.46 46.26 -58.26
N TYR C 192 -52.59 44.97 -58.53
CA TYR C 192 -52.18 43.94 -57.59
C TYR C 192 -50.71 44.08 -57.20
N VAL C 193 -49.87 44.44 -58.17
CA VAL C 193 -48.44 44.60 -57.93
C VAL C 193 -48.18 45.59 -56.81
N LYS C 194 -49.06 46.59 -56.69
CA LYS C 194 -48.92 47.61 -55.66
C LYS C 194 -49.40 47.12 -54.30
N ARG C 195 -50.66 46.71 -54.23
CA ARG C 195 -51.25 46.23 -53.00
C ARG C 195 -50.49 45.06 -52.40
N PHE C 196 -50.11 44.10 -53.23
CA PHE C 196 -49.35 42.95 -52.75
C PHE C 196 -47.98 43.40 -52.25
N TYR C 197 -47.41 44.37 -52.95
CA TYR C 197 -46.10 44.91 -52.57
C TYR C 197 -46.21 45.56 -51.20
N ASP C 198 -47.20 46.42 -51.02
CA ASP C 198 -47.42 47.11 -49.76
C ASP C 198 -48.07 46.16 -48.76
N ALA C 199 -47.99 44.87 -49.03
CA ALA C 199 -48.56 43.85 -48.16
C ALA C 199 -47.45 42.95 -47.62
N VAL C 200 -46.39 42.81 -48.39
CA VAL C 200 -45.25 41.99 -48.00
C VAL C 200 -44.13 42.86 -47.43
N SER C 201 -44.06 44.10 -47.88
CA SER C 201 -43.04 45.03 -47.42
C SER C 201 -43.48 45.68 -46.11
N THR C 202 -44.78 45.64 -45.86
CA THR C 202 -45.34 46.21 -44.64
C THR C 202 -45.50 45.15 -43.55
N PHE C 203 -44.97 43.95 -43.84
CA PHE C 203 -45.03 42.84 -42.90
C PHE C 203 -46.44 42.31 -42.65
N LYS C 204 -47.33 42.50 -43.63
CA LYS C 204 -48.70 42.03 -43.49
C LYS C 204 -48.81 40.56 -43.86
N ILE C 205 -47.93 40.11 -44.75
CA ILE C 205 -47.94 38.71 -45.19
C ILE C 205 -46.51 38.18 -45.30
N SER C 206 -46.26 37.02 -44.69
CA SER C 206 -44.94 36.41 -44.72
C SER C 206 -44.88 35.33 -45.80
N LEU C 207 -43.78 35.30 -46.54
CA LEU C 207 -43.62 34.32 -47.62
C LEU C 207 -42.41 33.41 -47.37
N PRO C 208 -42.51 32.14 -47.78
CA PRO C 208 -41.47 31.13 -47.64
C PRO C 208 -40.10 31.56 -48.17
N THR C 209 -39.07 30.83 -47.77
CA THR C 209 -37.70 31.11 -48.20
C THR C 209 -37.51 30.93 -49.71
N PRO C 210 -37.99 29.80 -50.26
CA PRO C 210 -37.83 29.57 -51.70
C PRO C 210 -38.56 30.60 -52.55
N ILE C 211 -39.53 31.28 -51.94
CA ILE C 211 -40.30 32.31 -52.65
C ILE C 211 -39.59 33.66 -52.55
N MET C 212 -39.09 34.04 -51.39
CA MET C 212 -38.46 35.35 -51.35
C MET C 212 -37.27 35.40 -52.31
N SER C 213 -36.42 34.39 -52.30
CA SER C 213 -35.29 34.30 -53.24
C SER C 213 -35.60 34.04 -54.73
N GLY C 214 -36.48 33.07 -54.99
CA GLY C 214 -36.72 32.55 -56.33
C GLY C 214 -37.33 33.42 -57.42
N VAL C 215 -38.35 34.17 -57.02
CA VAL C 215 -39.06 35.07 -57.91
C VAL C 215 -38.16 36.23 -58.30
N ARG C 216 -38.31 36.69 -59.53
CA ARG C 216 -37.52 37.80 -60.03
C ARG C 216 -36.15 37.33 -60.52
N THR C 217 -35.92 36.02 -60.50
CA THR C 217 -34.70 35.48 -61.08
C THR C 217 -35.11 34.43 -62.11
N PRO C 218 -34.17 33.98 -62.91
CA PRO C 218 -34.37 33.00 -63.96
C PRO C 218 -34.88 31.64 -63.56
N THR C 219 -34.70 31.28 -62.28
CA THR C 219 -35.15 29.98 -61.74
C THR C 219 -36.67 29.82 -61.65
N ARG C 220 -37.15 28.60 -61.91
CA ARG C 220 -38.58 28.30 -61.91
C ARG C 220 -39.11 27.43 -60.74
N GLN C 221 -38.30 27.18 -59.72
CA GLN C 221 -38.70 26.25 -58.65
C GLN C 221 -38.92 26.92 -57.29
N PHE C 222 -40.01 26.58 -56.61
CA PHE C 222 -40.33 27.24 -55.35
C PHE C 222 -40.95 26.28 -54.33
N SER C 223 -40.94 24.99 -54.65
CA SER C 223 -41.50 23.98 -53.76
C SER C 223 -40.68 23.81 -52.49
N SER C 224 -41.30 24.13 -51.35
CA SER C 224 -40.64 23.99 -50.06
C SER C 224 -40.88 22.59 -49.54
N CYS C 225 -42.15 22.22 -49.44
CA CYS C 225 -42.52 20.90 -48.91
C CYS C 225 -43.00 19.95 -50.01
N VAL C 226 -42.61 18.69 -49.90
CA VAL C 226 -43.02 17.66 -50.83
C VAL C 226 -43.43 16.38 -50.09
N LEU C 227 -44.55 15.80 -50.50
CA LEU C 227 -45.05 14.57 -49.90
C LEU C 227 -45.11 13.47 -50.96
N ILE C 228 -44.50 12.33 -50.66
CA ILE C 228 -44.47 11.21 -51.59
C ILE C 228 -44.92 9.91 -50.93
N GLU C 229 -45.79 9.18 -51.62
CA GLU C 229 -46.30 7.91 -51.11
C GLU C 229 -45.67 6.74 -51.85
N CYS C 230 -44.81 6.00 -51.16
CA CYS C 230 -44.16 4.84 -51.75
C CYS C 230 -45.02 3.60 -51.63
N GLY C 231 -45.09 2.82 -52.70
CA GLY C 231 -45.89 1.60 -52.68
C GLY C 231 -45.06 0.38 -52.38
N ASP C 232 -45.74 -0.76 -52.19
CA ASP C 232 -45.05 -2.01 -51.89
C ASP C 232 -44.59 -2.69 -53.18
N SER C 233 -43.58 -2.13 -53.81
CA SER C 233 -43.03 -2.67 -55.05
C SER C 233 -41.69 -2.04 -55.38
N LEU C 234 -40.79 -2.84 -55.95
CA LEU C 234 -39.46 -2.37 -56.31
C LEU C 234 -39.55 -1.20 -57.28
N ASP C 235 -40.47 -1.29 -58.23
CA ASP C 235 -40.65 -0.23 -59.22
C ASP C 235 -41.10 1.06 -58.57
N SER C 236 -41.89 0.94 -57.50
CA SER C 236 -42.39 2.11 -56.78
C SER C 236 -41.32 2.65 -55.85
N ILE C 237 -40.52 1.76 -55.27
CA ILE C 237 -39.45 2.15 -54.36
C ILE C 237 -38.42 2.99 -55.10
N ASN C 238 -37.99 2.51 -56.26
CA ASN C 238 -37.01 3.22 -57.07
C ASN C 238 -37.60 4.54 -57.58
N ALA C 239 -38.88 4.50 -57.90
CA ALA C 239 -39.58 5.69 -58.38
C ALA C 239 -39.67 6.72 -57.27
N THR C 240 -39.97 6.24 -56.06
CA THR C 240 -40.08 7.12 -54.89
C THR C 240 -38.70 7.64 -54.52
N SER C 241 -37.69 6.79 -54.62
CA SER C 241 -36.32 7.15 -54.31
C SER C 241 -35.82 8.20 -55.30
N SER C 242 -36.10 7.98 -56.58
CA SER C 242 -35.68 8.90 -57.63
C SER C 242 -36.42 10.23 -57.49
N ALA C 243 -37.67 10.17 -57.04
CA ALA C 243 -38.48 11.36 -56.85
C ALA C 243 -37.88 12.23 -55.75
N ILE C 244 -37.25 11.57 -54.78
CA ILE C 244 -36.63 12.27 -53.67
C ILE C 244 -35.38 13.03 -54.15
N VAL C 245 -34.51 12.33 -54.86
CA VAL C 245 -33.29 12.91 -55.38
C VAL C 245 -33.57 14.13 -56.25
N LYS C 246 -34.80 14.21 -56.76
CA LYS C 246 -35.20 15.33 -57.61
C LYS C 246 -35.48 16.61 -56.80
N TYR C 247 -36.28 16.48 -55.75
CA TYR C 247 -36.62 17.62 -54.91
C TYR C 247 -35.54 17.99 -53.89
N VAL C 248 -34.79 17.00 -53.42
CA VAL C 248 -33.73 17.27 -52.45
C VAL C 248 -32.71 18.23 -53.03
N SER C 249 -32.44 18.07 -54.33
CA SER C 249 -31.49 18.93 -55.02
C SER C 249 -32.08 20.34 -55.11
N GLN C 250 -33.37 20.43 -54.84
CA GLN C 250 -34.07 21.71 -54.87
C GLN C 250 -34.26 22.24 -53.45
N ARG C 251 -33.70 21.51 -52.49
CA ARG C 251 -33.77 21.89 -51.08
C ARG C 251 -35.22 21.97 -50.61
N ALA C 252 -35.99 20.91 -50.82
CA ALA C 252 -37.39 20.88 -50.40
C ALA C 252 -37.67 19.70 -49.47
N GLY C 253 -38.28 20.00 -48.33
CA GLY C 253 -38.59 18.95 -47.37
C GLY C 253 -39.30 17.79 -48.01
N ILE C 254 -39.09 16.59 -47.47
CA ILE C 254 -39.71 15.39 -48.00
C ILE C 254 -40.59 14.69 -46.96
N GLY C 255 -41.72 14.17 -47.41
CA GLY C 255 -42.64 13.47 -46.52
C GLY C 255 -42.96 12.08 -47.03
N ILE C 256 -42.02 11.16 -46.85
CA ILE C 256 -42.19 9.79 -47.29
C ILE C 256 -43.23 9.05 -46.45
N ASN C 257 -43.86 8.04 -47.06
CA ASN C 257 -44.88 7.25 -46.38
C ASN C 257 -44.72 5.78 -46.75
N ALA C 258 -43.61 5.18 -46.31
CA ALA C 258 -43.31 3.78 -46.59
C ALA C 258 -44.06 2.87 -45.62
N GLY C 259 -45.18 3.34 -45.10
CA GLY C 259 -45.96 2.54 -44.17
C GLY C 259 -46.77 1.47 -44.87
N ARG C 260 -46.66 1.41 -46.19
CA ARG C 260 -47.38 0.42 -46.98
C ARG C 260 -46.50 -0.78 -47.31
N ILE C 261 -45.20 -0.60 -47.14
CA ILE C 261 -44.23 -1.66 -47.42
C ILE C 261 -44.43 -2.84 -46.46
N ARG C 262 -44.54 -4.03 -47.03
CA ARG C 262 -44.73 -5.24 -46.23
C ARG C 262 -43.62 -5.40 -45.20
N ALA C 263 -43.95 -6.03 -44.08
CA ALA C 263 -42.98 -6.26 -43.01
C ALA C 263 -42.00 -7.36 -43.38
N LEU C 264 -40.97 -7.52 -42.55
CA LEU C 264 -39.95 -8.53 -42.77
C LEU C 264 -40.53 -9.93 -42.66
N GLY C 265 -40.06 -10.83 -43.52
CA GLY C 265 -40.54 -12.20 -43.51
C GLY C 265 -41.72 -12.42 -44.45
N SER C 266 -42.37 -11.33 -44.85
CA SER C 266 -43.51 -11.41 -45.74
C SER C 266 -43.13 -12.07 -47.06
N PRO C 267 -43.92 -13.05 -47.51
CA PRO C 267 -43.66 -13.76 -48.76
C PRO C 267 -43.88 -12.89 -49.99
N ILE C 268 -43.02 -13.08 -51.00
CA ILE C 268 -43.12 -12.31 -52.23
C ILE C 268 -43.49 -13.21 -53.41
N ARG C 269 -44.45 -12.77 -54.21
CA ARG C 269 -44.90 -13.54 -55.37
C ARG C 269 -45.24 -14.98 -54.97
N GLY C 270 -46.08 -15.13 -53.95
CA GLY C 270 -46.47 -16.45 -53.50
C GLY C 270 -45.48 -17.04 -52.52
N GLY C 271 -44.19 -16.98 -52.88
CA GLY C 271 -43.16 -17.51 -52.00
C GLY C 271 -41.83 -17.69 -52.72
N GLU C 272 -41.73 -17.12 -53.92
CA GLU C 272 -40.52 -17.22 -54.72
C GLU C 272 -39.35 -16.54 -53.99
N ALA C 273 -39.68 -15.72 -52.99
CA ALA C 273 -38.67 -15.02 -52.21
C ALA C 273 -39.33 -14.32 -51.02
N PHE C 274 -38.56 -14.13 -49.95
CA PHE C 274 -39.09 -13.48 -48.76
C PHE C 274 -38.57 -12.05 -48.63
N HIS C 275 -39.41 -11.18 -48.09
CA HIS C 275 -39.06 -9.77 -47.91
C HIS C 275 -37.80 -9.65 -47.07
N THR C 276 -36.94 -8.71 -47.44
CA THR C 276 -35.68 -8.48 -46.73
C THR C 276 -35.88 -7.61 -45.49
N GLY C 277 -37.01 -6.92 -45.44
CA GLY C 277 -37.30 -6.06 -44.31
C GLY C 277 -37.52 -4.62 -44.73
N CYS C 278 -37.86 -3.76 -43.77
CA CYS C 278 -38.09 -2.36 -44.04
C CYS C 278 -36.82 -1.54 -43.85
N ILE C 279 -36.12 -1.79 -42.75
CA ILE C 279 -34.89 -1.09 -42.43
C ILE C 279 -33.95 -0.96 -43.64
N PRO C 280 -33.73 -2.07 -44.37
CA PRO C 280 -32.85 -2.04 -45.54
C PRO C 280 -33.23 -0.96 -46.55
N PHE C 281 -34.52 -0.81 -46.78
CA PHE C 281 -35.02 0.19 -47.72
C PHE C 281 -35.00 1.60 -47.13
N TYR C 282 -35.37 1.71 -45.86
CA TYR C 282 -35.40 3.01 -45.18
C TYR C 282 -34.07 3.74 -45.35
N LYS C 283 -32.97 2.99 -45.31
CA LYS C 283 -31.65 3.58 -45.46
C LYS C 283 -31.46 4.14 -46.87
N HIS C 284 -31.98 3.42 -47.86
CA HIS C 284 -31.87 3.85 -49.25
C HIS C 284 -32.50 5.22 -49.45
N PHE C 285 -33.53 5.51 -48.66
CA PHE C 285 -34.22 6.79 -48.75
C PHE C 285 -33.38 7.90 -48.12
N GLN C 286 -32.64 7.56 -47.07
CA GLN C 286 -31.80 8.53 -46.39
C GLN C 286 -30.72 9.05 -47.32
N THR C 287 -29.92 8.15 -47.87
CA THR C 287 -28.84 8.52 -48.79
C THR C 287 -29.40 9.30 -49.97
N ALA C 288 -30.69 9.11 -50.24
CA ALA C 288 -31.35 9.81 -51.34
C ALA C 288 -31.62 11.26 -50.95
N VAL C 289 -31.85 11.48 -49.66
CA VAL C 289 -32.11 12.82 -49.15
C VAL C 289 -30.79 13.49 -48.77
N LYS C 290 -29.74 12.69 -48.72
CA LYS C 290 -28.41 13.19 -48.37
C LYS C 290 -27.49 13.15 -49.60
N SER C 291 -28.06 12.82 -50.75
CA SER C 291 -27.31 12.74 -51.99
C SER C 291 -26.74 14.08 -52.44
N CYS C 292 -27.44 15.16 -52.09
CA CYS C 292 -27.02 16.50 -52.48
C CYS C 292 -26.53 17.29 -51.27
N SER C 293 -26.45 16.63 -50.13
CA SER C 293 -26.03 17.29 -48.90
C SER C 293 -24.51 17.31 -48.77
N GLN C 294 -23.99 18.43 -48.29
CA GLN C 294 -22.57 18.47 -48.15
C GLN C 294 -22.33 17.34 -47.18
N GLY C 295 -21.45 16.44 -47.58
CA GLY C 295 -20.94 15.37 -46.73
C GLY C 295 -21.93 14.21 -46.69
N GLY C 296 -23.20 14.59 -46.57
CA GLY C 296 -24.32 13.68 -46.41
C GLY C 296 -25.04 13.81 -45.09
N VAL C 297 -24.58 14.74 -44.26
CA VAL C 297 -25.21 15.00 -42.95
C VAL C 297 -26.11 16.24 -42.87
N ARG C 298 -26.35 16.94 -43.98
CA ARG C 298 -27.06 18.23 -43.91
C ARG C 298 -28.15 18.46 -44.96
N GLY C 299 -29.11 19.33 -44.62
CA GLY C 299 -30.17 19.74 -45.54
C GLY C 299 -30.80 18.56 -46.26
N GLY C 300 -31.93 18.81 -46.90
CA GLY C 300 -32.81 17.73 -47.33
C GLY C 300 -33.33 16.91 -46.17
N ALA C 301 -34.51 17.27 -45.68
CA ALA C 301 -35.08 16.64 -44.49
C ALA C 301 -36.40 15.96 -44.81
N ALA C 302 -36.65 14.82 -44.15
CA ALA C 302 -37.80 14.00 -44.46
C ALA C 302 -38.30 13.27 -43.22
N THR C 303 -39.59 13.43 -42.92
CA THR C 303 -40.26 12.58 -41.95
C THR C 303 -40.89 11.36 -42.63
N LEU C 304 -40.36 10.18 -42.33
CA LEU C 304 -40.97 8.94 -42.78
C LEU C 304 -42.10 8.55 -41.82
N PHE C 305 -43.23 8.17 -42.39
CA PHE C 305 -44.40 7.79 -41.59
C PHE C 305 -44.76 6.32 -41.74
N TYR C 306 -45.49 5.81 -40.75
CA TYR C 306 -45.92 4.42 -40.75
C TYR C 306 -46.95 4.18 -39.65
N PRO C 307 -47.82 3.17 -39.81
CA PRO C 307 -48.84 2.84 -38.82
C PRO C 307 -48.26 2.24 -37.54
N MET C 308 -48.92 2.49 -36.42
CA MET C 308 -48.46 1.98 -35.14
C MET C 308 -48.70 0.48 -35.04
N TRP C 309 -49.78 0.01 -35.67
CA TRP C 309 -50.12 -1.41 -35.65
C TRP C 309 -49.20 -2.22 -36.56
N HIS C 310 -48.19 -1.55 -37.13
CA HIS C 310 -47.25 -2.21 -38.02
C HIS C 310 -46.49 -3.29 -37.25
N LEU C 311 -46.05 -4.33 -37.98
CA LEU C 311 -45.32 -5.43 -37.36
C LEU C 311 -43.93 -5.03 -36.88
N GLU C 312 -43.18 -4.31 -37.73
CA GLU C 312 -41.84 -3.87 -37.38
C GLU C 312 -41.84 -2.55 -36.62
N VAL C 313 -43.00 -2.15 -36.11
CA VAL C 313 -43.12 -0.91 -35.37
C VAL C 313 -42.08 -0.80 -34.26
N GLU C 314 -41.91 -1.88 -33.50
CA GLU C 314 -40.94 -1.90 -32.40
C GLU C 314 -39.51 -1.70 -32.91
N SER C 315 -39.27 -2.08 -34.17
CA SER C 315 -37.95 -1.95 -34.76
C SER C 315 -37.76 -0.62 -35.48
N LEU C 316 -38.85 0.16 -35.57
CA LEU C 316 -38.81 1.45 -36.24
C LEU C 316 -38.78 2.62 -35.26
N LEU C 317 -39.34 2.41 -34.07
CA LEU C 317 -39.37 3.45 -33.05
C LEU C 317 -38.00 3.73 -32.44
N VAL C 318 -37.13 2.73 -32.49
CA VAL C 318 -35.78 2.88 -31.93
C VAL C 318 -34.72 3.11 -33.00
N LEU C 319 -35.14 3.51 -34.19
CA LEU C 319 -34.22 3.76 -35.28
C LEU C 319 -33.29 4.94 -35.01
N LYS C 320 -33.84 6.01 -34.43
CA LYS C 320 -33.05 7.19 -34.13
C LYS C 320 -32.17 6.99 -32.90
N ASN C 321 -32.36 5.89 -32.21
CA ASN C 321 -31.58 5.59 -31.01
C ASN C 321 -30.10 5.52 -31.37
N ASN C 322 -29.31 6.44 -30.82
CA ASN C 322 -27.88 6.48 -31.09
C ASN C 322 -27.19 5.14 -30.90
N ARG C 323 -27.50 4.47 -29.79
CA ARG C 323 -26.90 3.17 -29.52
C ARG C 323 -27.44 2.09 -30.44
N GLY C 324 -26.59 1.13 -30.80
CA GLY C 324 -27.00 0.06 -31.68
C GLY C 324 -26.27 0.12 -33.01
N VAL C 325 -25.88 -1.04 -33.51
CA VAL C 325 -25.16 -1.12 -34.78
C VAL C 325 -25.94 -0.43 -35.90
N GLU C 326 -25.22 0.02 -36.93
CA GLU C 326 -25.84 0.69 -38.06
C GLU C 326 -26.75 -0.26 -38.83
N GLY C 327 -26.57 -1.56 -38.60
CA GLY C 327 -27.37 -2.55 -39.28
C GLY C 327 -28.86 -2.27 -39.21
N ASN C 328 -29.31 -1.71 -38.09
CA ASN C 328 -30.72 -1.40 -37.91
C ASN C 328 -30.90 -0.05 -37.22
N ARG C 329 -30.42 1.02 -37.85
CA ARG C 329 -30.54 2.35 -37.30
C ARG C 329 -30.62 3.44 -38.38
N VAL C 330 -31.51 4.40 -38.16
CA VAL C 330 -31.70 5.52 -39.08
C VAL C 330 -31.90 6.79 -38.26
N ARG C 331 -30.81 7.43 -37.88
CA ARG C 331 -30.85 8.65 -37.08
C ARG C 331 -30.96 9.92 -37.91
N HIS C 332 -30.55 9.84 -39.17
CA HIS C 332 -30.59 11.00 -40.06
C HIS C 332 -31.95 11.30 -40.67
N MET C 333 -33.01 10.74 -40.08
CA MET C 333 -34.35 10.98 -40.59
C MET C 333 -35.40 10.99 -39.48
N ASP C 334 -36.39 11.87 -39.62
CA ASP C 334 -37.46 11.99 -38.63
C ASP C 334 -38.54 10.96 -38.90
N TYR C 335 -39.44 10.79 -37.93
CA TYR C 335 -40.52 9.82 -38.07
C TYR C 335 -41.83 10.33 -37.48
N GLY C 336 -42.92 9.67 -37.84
CA GLY C 336 -44.23 10.07 -37.34
C GLY C 336 -45.18 8.89 -37.23
N VAL C 337 -45.25 8.31 -36.04
CA VAL C 337 -46.12 7.15 -35.81
C VAL C 337 -47.59 7.53 -35.96
N GLN C 338 -48.28 6.85 -36.87
CA GLN C 338 -49.70 7.10 -37.11
C GLN C 338 -50.54 6.37 -36.07
N ILE C 339 -51.47 7.09 -35.45
CA ILE C 339 -52.33 6.51 -34.43
C ILE C 339 -53.79 6.89 -34.65
N ASN C 340 -54.68 5.96 -34.31
CA ASN C 340 -56.12 6.09 -34.52
C ASN C 340 -56.93 5.70 -33.27
N LYS C 341 -58.20 6.05 -33.21
CA LYS C 341 -58.91 6.06 -31.94
C LYS C 341 -58.84 4.69 -31.26
N LEU C 342 -58.84 3.62 -32.05
CA LEU C 342 -58.78 2.28 -31.50
C LEU C 342 -57.48 2.07 -30.73
N MET C 343 -56.37 2.59 -31.26
CA MET C 343 -55.08 2.47 -30.59
C MET C 343 -55.11 3.01 -29.17
N TYR C 344 -55.56 4.25 -29.02
CA TYR C 344 -55.64 4.88 -27.70
C TYR C 344 -56.58 4.11 -26.79
N THR C 345 -57.62 3.53 -27.38
CA THR C 345 -58.61 2.76 -26.62
C THR C 345 -57.95 1.61 -25.88
N ARG C 346 -57.09 0.87 -26.59
CA ARG C 346 -56.39 -0.26 -26.00
C ARG C 346 -55.47 0.18 -24.87
N LEU C 347 -54.98 1.41 -24.96
CA LEU C 347 -54.08 1.96 -23.94
C LEU C 347 -54.84 2.25 -22.66
N LEU C 348 -55.92 3.00 -22.77
CA LEU C 348 -56.75 3.36 -21.62
C LEU C 348 -57.23 2.13 -20.86
N LYS C 349 -57.60 1.09 -21.60
CA LYS C 349 -58.08 -0.15 -20.99
C LYS C 349 -56.93 -1.09 -20.68
N GLY C 350 -55.70 -0.61 -20.89
CA GLY C 350 -54.53 -1.43 -20.62
C GLY C 350 -54.50 -2.73 -21.40
N GLU C 351 -55.30 -2.80 -22.47
CA GLU C 351 -55.35 -3.98 -23.31
C GLU C 351 -54.17 -4.04 -24.26
N ASP C 352 -54.04 -5.14 -24.99
CA ASP C 352 -52.94 -5.32 -25.93
C ASP C 352 -53.27 -4.82 -27.33
N ILE C 353 -52.24 -4.72 -28.17
CA ILE C 353 -52.40 -4.26 -29.55
C ILE C 353 -51.77 -5.29 -30.49
N THR C 354 -52.55 -5.74 -31.46
CA THR C 354 -52.07 -6.72 -32.43
C THR C 354 -51.23 -6.04 -33.51
N LEU C 355 -50.03 -6.58 -33.75
CA LEU C 355 -49.13 -6.02 -34.75
C LEU C 355 -49.20 -6.82 -36.05
N PHE C 356 -49.98 -6.31 -37.00
CA PHE C 356 -50.12 -6.98 -38.30
C PHE C 356 -49.14 -6.43 -39.32
N SER C 357 -49.32 -6.83 -40.57
CA SER C 357 -48.48 -6.38 -41.67
C SER C 357 -49.38 -5.76 -42.73
N PRO C 358 -48.86 -4.79 -43.49
CA PRO C 358 -49.65 -4.11 -44.55
C PRO C 358 -50.23 -5.04 -45.62
N SER C 359 -49.46 -6.04 -46.03
CA SER C 359 -49.91 -6.98 -47.06
C SER C 359 -50.85 -8.06 -46.54
N ASP C 360 -50.58 -8.56 -45.34
CA ASP C 360 -51.39 -9.61 -44.74
C ASP C 360 -52.85 -9.24 -44.52
N VAL C 361 -53.10 -8.03 -44.02
CA VAL C 361 -54.46 -7.58 -43.75
C VAL C 361 -55.04 -6.66 -44.82
N PRO C 362 -55.91 -7.22 -45.69
CA PRO C 362 -56.55 -6.46 -46.78
C PRO C 362 -57.62 -5.49 -46.27
N GLY C 363 -57.56 -4.25 -46.72
CA GLY C 363 -58.54 -3.26 -46.31
C GLY C 363 -58.35 -2.76 -44.89
N LEU C 364 -57.45 -3.40 -44.15
CA LEU C 364 -57.18 -3.01 -42.76
C LEU C 364 -56.37 -1.71 -42.75
N TYR C 365 -55.59 -1.50 -43.80
CA TYR C 365 -54.76 -0.31 -43.91
C TYR C 365 -55.60 0.91 -44.31
N ASP C 366 -56.30 0.81 -45.43
CA ASP C 366 -57.14 1.89 -45.91
C ASP C 366 -58.17 2.31 -44.87
N ALA C 367 -58.73 1.33 -44.17
CA ALA C 367 -59.77 1.61 -43.23
C ALA C 367 -59.17 2.58 -42.23
N PHE C 368 -57.86 2.54 -42.06
CA PHE C 368 -57.24 3.41 -41.08
C PHE C 368 -57.55 4.86 -41.44
N PHE C 369 -57.49 5.20 -42.72
CA PHE C 369 -57.85 6.56 -43.15
C PHE C 369 -59.29 6.72 -43.65
N ALA C 370 -59.74 5.79 -44.50
CA ALA C 370 -61.05 5.89 -45.16
C ALA C 370 -62.27 5.83 -44.23
N ASP C 371 -62.22 4.93 -43.26
CA ASP C 371 -63.32 4.67 -42.35
C ASP C 371 -62.86 3.99 -41.06
N GLN C 372 -63.23 4.58 -39.92
CA GLN C 372 -62.84 4.04 -38.62
C GLN C 372 -63.63 2.79 -38.23
N GLU C 373 -64.95 2.82 -38.43
CA GLU C 373 -65.78 1.67 -38.09
C GLU C 373 -65.31 0.41 -38.79
N GLU C 374 -64.89 0.56 -40.04
CA GLU C 374 -64.41 -0.58 -40.82
C GLU C 374 -63.12 -1.14 -40.22
N PHE C 375 -62.32 -0.25 -39.64
CA PHE C 375 -61.06 -0.64 -39.03
C PHE C 375 -61.30 -1.48 -37.78
N GLU C 376 -62.23 -1.02 -36.94
CA GLU C 376 -62.55 -1.73 -35.71
C GLU C 376 -63.22 -3.07 -35.98
N ARG C 377 -63.71 -3.25 -37.21
CA ARG C 377 -64.36 -4.49 -37.60
C ARG C 377 -63.35 -5.48 -38.16
N LEU C 378 -62.47 -4.98 -39.02
CA LEU C 378 -61.44 -5.82 -39.64
C LEU C 378 -60.34 -6.17 -38.64
N TYR C 379 -59.90 -5.18 -37.89
CA TYR C 379 -58.85 -5.38 -36.88
C TYR C 379 -59.24 -6.51 -35.95
N THR C 380 -60.37 -6.35 -35.27
CA THR C 380 -60.86 -7.37 -34.33
C THR C 380 -61.11 -8.69 -35.04
N LYS C 381 -61.33 -8.63 -36.35
CA LYS C 381 -61.57 -9.81 -37.16
C LYS C 381 -60.29 -10.61 -37.38
N TYR C 382 -59.26 -9.92 -37.86
CA TYR C 382 -57.98 -10.56 -38.13
C TYR C 382 -57.30 -11.06 -36.86
N GLU C 383 -57.65 -10.46 -35.73
CA GLU C 383 -57.07 -10.86 -34.45
C GLU C 383 -57.43 -12.30 -34.15
N LYS C 384 -58.67 -12.67 -34.46
CA LYS C 384 -59.16 -14.02 -34.21
C LYS C 384 -58.62 -14.99 -35.26
N ASP C 385 -58.42 -14.51 -36.48
CA ASP C 385 -57.88 -15.33 -37.56
C ASP C 385 -56.46 -15.74 -37.23
N ASP C 386 -56.26 -17.03 -36.94
CA ASP C 386 -54.94 -17.54 -36.58
C ASP C 386 -54.06 -17.83 -37.80
N SER C 387 -54.65 -17.75 -39.00
CA SER C 387 -53.91 -18.01 -40.22
C SER C 387 -53.20 -16.75 -40.72
N ILE C 388 -53.13 -15.74 -39.84
CA ILE C 388 -52.47 -14.48 -40.18
C ILE C 388 -51.41 -14.15 -39.15
N ARG C 389 -50.16 -14.02 -39.61
CA ARG C 389 -49.05 -13.70 -38.71
C ARG C 389 -49.30 -12.40 -37.97
N LYS C 390 -49.14 -12.43 -36.65
CA LYS C 390 -49.35 -11.24 -35.82
C LYS C 390 -48.45 -11.29 -34.59
N GLN C 391 -48.67 -10.36 -33.67
CA GLN C 391 -47.87 -10.28 -32.45
C GLN C 391 -48.60 -9.46 -31.39
N ARG C 392 -48.74 -10.03 -30.20
CA ARG C 392 -49.43 -9.37 -29.10
C ARG C 392 -48.46 -8.50 -28.29
N VAL C 393 -48.84 -7.24 -28.08
CA VAL C 393 -48.02 -6.31 -27.33
C VAL C 393 -48.89 -5.37 -26.49
N LYS C 394 -48.55 -5.22 -25.21
CA LYS C 394 -49.31 -4.35 -24.31
C LYS C 394 -49.34 -2.93 -24.84
N ALA C 395 -50.54 -2.39 -25.01
CA ALA C 395 -50.72 -1.03 -25.49
C ALA C 395 -50.00 -0.05 -24.58
N VAL C 396 -49.90 -0.40 -23.30
CA VAL C 396 -49.23 0.44 -22.32
C VAL C 396 -47.74 0.48 -22.57
N GLU C 397 -47.19 -0.64 -23.05
CA GLU C 397 -45.77 -0.73 -23.33
C GLU C 397 -45.40 -0.05 -24.65
N LEU C 398 -46.14 -0.37 -25.70
CA LEU C 398 -45.89 0.21 -27.02
C LEU C 398 -45.90 1.73 -26.98
N PHE C 399 -46.91 2.29 -26.29
CA PHE C 399 -47.03 3.74 -26.17
C PHE C 399 -45.89 4.34 -25.35
N SER C 400 -45.30 3.52 -24.48
CA SER C 400 -44.20 3.97 -23.64
C SER C 400 -42.91 4.01 -24.44
N LEU C 401 -42.70 3.00 -25.28
CA LEU C 401 -41.51 2.92 -26.11
C LEU C 401 -41.49 4.07 -27.11
N MET C 402 -42.68 4.52 -27.51
CA MET C 402 -42.81 5.62 -28.46
C MET C 402 -42.43 6.94 -27.80
N MET C 403 -43.09 7.25 -26.69
CA MET C 403 -42.82 8.49 -25.96
C MET C 403 -41.38 8.50 -25.46
N GLN C 404 -40.80 7.32 -25.30
CA GLN C 404 -39.43 7.20 -24.83
C GLN C 404 -38.47 7.80 -25.85
N GLU C 405 -38.50 7.25 -27.07
CA GLU C 405 -37.64 7.74 -28.15
C GLU C 405 -38.03 9.18 -28.50
N ARG C 406 -39.28 9.52 -28.25
CA ARG C 406 -39.79 10.86 -28.53
C ARG C 406 -39.22 11.87 -27.54
N ALA C 407 -38.87 11.39 -26.34
CA ALA C 407 -38.31 12.25 -25.31
C ALA C 407 -36.80 12.33 -25.42
N SER C 408 -36.19 11.30 -26.00
CA SER C 408 -34.75 11.26 -26.17
C SER C 408 -34.31 12.00 -27.42
N THR C 409 -34.98 11.74 -28.53
CA THR C 409 -34.65 12.38 -29.80
C THR C 409 -35.47 13.66 -30.00
N GLY C 410 -36.76 13.57 -29.70
CA GLY C 410 -37.63 14.73 -29.87
C GLY C 410 -37.96 14.96 -31.33
N ARG C 411 -37.89 13.90 -32.12
CA ARG C 411 -38.18 13.99 -33.55
C ARG C 411 -39.36 13.11 -33.91
N ILE C 412 -39.64 12.11 -33.06
CA ILE C 412 -40.75 11.19 -33.28
C ILE C 412 -42.08 11.94 -33.15
N TYR C 413 -42.70 12.24 -34.27
CA TYR C 413 -43.97 12.95 -34.29
C TYR C 413 -45.15 12.00 -34.23
N ILE C 414 -46.33 12.54 -33.92
CA ILE C 414 -47.55 11.75 -33.84
C ILE C 414 -48.55 12.27 -34.85
N GLN C 415 -49.31 11.37 -35.46
CA GLN C 415 -50.32 11.75 -36.45
C GLN C 415 -51.61 10.97 -36.29
N ASN C 416 -52.66 11.65 -35.86
CA ASN C 416 -53.96 11.02 -35.66
C ASN C 416 -54.71 10.94 -37.00
N VAL C 417 -54.50 9.82 -37.69
CA VAL C 417 -55.14 9.59 -38.98
C VAL C 417 -56.66 9.71 -38.93
N ASP C 418 -57.24 9.39 -37.78
CA ASP C 418 -58.69 9.46 -37.61
C ASP C 418 -59.20 10.88 -37.79
N HIS C 419 -58.45 11.85 -37.28
CA HIS C 419 -58.85 13.25 -37.38
C HIS C 419 -58.52 13.83 -38.75
N CYS C 420 -57.61 13.20 -39.47
CA CYS C 420 -57.21 13.66 -40.79
C CYS C 420 -58.31 13.37 -41.81
N ASN C 421 -59.17 12.41 -41.48
CA ASN C 421 -60.27 12.04 -42.35
C ASN C 421 -61.61 12.59 -41.86
N THR C 422 -61.87 12.42 -40.56
CA THR C 422 -63.12 12.91 -39.98
C THR C 422 -63.17 14.43 -40.09
N HIS C 423 -62.09 15.08 -39.71
CA HIS C 423 -62.01 16.54 -39.77
C HIS C 423 -61.03 16.96 -40.86
N SER C 424 -61.55 17.10 -42.07
CA SER C 424 -60.70 17.49 -43.21
C SER C 424 -61.55 17.93 -44.39
N PRO C 425 -60.98 18.78 -45.27
CA PRO C 425 -61.68 19.30 -46.45
C PRO C 425 -61.69 18.30 -47.61
N PHE C 426 -61.30 17.06 -47.34
CA PHE C 426 -61.27 16.03 -48.36
C PHE C 426 -62.19 14.86 -48.02
N ASP C 427 -62.41 13.98 -48.99
CA ASP C 427 -63.27 12.81 -48.79
C ASP C 427 -62.42 11.58 -48.55
N PRO C 428 -62.51 10.99 -47.34
CA PRO C 428 -61.76 9.80 -46.95
C PRO C 428 -61.91 8.62 -47.93
N ALA C 429 -62.89 8.71 -48.82
CA ALA C 429 -63.13 7.65 -49.79
C ALA C 429 -62.50 7.96 -51.15
N ILE C 430 -62.54 9.23 -51.54
CA ILE C 430 -61.97 9.64 -52.83
C ILE C 430 -60.50 10.03 -52.70
N ALA C 431 -60.21 10.93 -51.76
CA ALA C 431 -58.84 11.39 -51.54
C ALA C 431 -58.55 11.54 -50.05
N PRO C 432 -58.40 10.41 -49.33
CA PRO C 432 -58.12 10.43 -47.90
C PRO C 432 -56.67 10.80 -47.57
N VAL C 433 -56.49 11.54 -46.48
CA VAL C 433 -55.16 11.95 -46.06
C VAL C 433 -54.46 10.76 -45.40
N ARG C 434 -53.23 10.49 -45.80
CA ARG C 434 -52.48 9.37 -45.27
C ARG C 434 -51.08 9.78 -44.84
N GLN C 435 -50.67 10.97 -45.22
CA GLN C 435 -49.33 11.46 -44.87
C GLN C 435 -49.33 12.89 -44.33
N SER C 436 -48.13 13.34 -43.98
CA SER C 436 -47.90 14.68 -43.46
C SER C 436 -46.49 15.04 -43.91
N ASN C 437 -46.20 16.33 -43.99
CA ASN C 437 -44.87 16.75 -44.43
C ASN C 437 -43.87 16.81 -43.28
N LEU C 438 -42.65 17.21 -43.59
CA LEU C 438 -41.57 17.31 -42.60
C LEU C 438 -42.03 18.00 -41.32
N CYS C 439 -42.69 19.14 -41.45
CA CYS C 439 -43.16 19.90 -40.31
C CYS C 439 -44.48 19.38 -39.76
N LEU C 440 -45.13 18.49 -40.52
CA LEU C 440 -46.41 17.91 -40.11
C LEU C 440 -47.59 18.87 -40.17
N GLU C 441 -47.46 19.96 -40.92
CA GLU C 441 -48.55 20.92 -41.02
C GLU C 441 -49.41 20.66 -42.26
N ILE C 442 -48.86 19.96 -43.23
CA ILE C 442 -49.58 19.67 -44.46
C ILE C 442 -50.37 18.36 -44.38
N ALA C 443 -51.55 18.36 -44.97
CA ALA C 443 -52.42 17.18 -44.98
C ALA C 443 -53.11 17.08 -46.33
N LEU C 444 -52.37 16.64 -47.35
CA LEU C 444 -52.90 16.50 -48.69
C LEU C 444 -52.78 15.07 -49.19
N PRO C 445 -53.79 14.60 -49.94
CA PRO C 445 -53.81 13.24 -50.50
C PRO C 445 -52.58 12.94 -51.34
N THR C 446 -52.22 11.66 -51.41
CA THR C 446 -51.06 11.23 -52.18
C THR C 446 -51.32 9.91 -52.88
N LYS C 447 -50.56 9.63 -53.94
CA LYS C 447 -50.71 8.40 -54.69
C LYS C 447 -49.35 7.83 -55.08
N PRO C 448 -49.20 6.49 -54.98
CA PRO C 448 -47.94 5.82 -55.32
C PRO C 448 -47.63 5.89 -56.82
N LEU C 449 -46.35 6.02 -57.14
CA LEU C 449 -45.91 6.09 -58.54
C LEU C 449 -45.27 4.78 -58.98
N ASN C 450 -45.65 4.33 -60.17
CA ASN C 450 -45.11 3.10 -60.73
C ASN C 450 -43.76 3.36 -61.38
N ASP C 451 -43.47 4.65 -61.60
CA ASP C 451 -42.21 5.05 -62.21
C ASP C 451 -41.90 6.50 -61.86
N VAL C 452 -40.71 6.96 -62.23
CA VAL C 452 -40.30 8.33 -61.96
C VAL C 452 -41.17 9.33 -62.73
N ASN C 453 -41.82 8.85 -63.78
CA ASN C 453 -42.68 9.69 -64.60
C ASN C 453 -44.09 9.12 -64.72
N ASP C 454 -44.52 8.40 -63.68
CA ASP C 454 -45.85 7.81 -63.66
C ASP C 454 -46.92 8.89 -63.69
N GLU C 455 -47.96 8.67 -64.49
CA GLU C 455 -49.05 9.62 -64.61
C GLU C 455 -50.04 9.51 -63.45
N ASN C 456 -50.51 8.29 -63.21
CA ASN C 456 -51.46 8.04 -62.13
C ASN C 456 -50.95 8.54 -60.79
N GLY C 457 -49.62 8.56 -60.65
CA GLY C 457 -49.02 9.03 -59.40
C GLY C 457 -49.44 10.45 -59.06
N GLU C 458 -49.38 10.79 -57.78
CA GLU C 458 -49.75 12.12 -57.33
C GLU C 458 -48.85 12.59 -56.18
N ILE C 459 -48.00 13.56 -56.48
CA ILE C 459 -47.08 14.09 -55.48
C ILE C 459 -47.66 15.38 -54.87
N ALA C 460 -48.32 15.24 -53.73
CA ALA C 460 -48.92 16.38 -53.05
C ALA C 460 -47.88 17.46 -52.75
N LEU C 461 -48.13 18.67 -53.26
CA LEU C 461 -47.23 19.78 -53.05
C LEU C 461 -47.92 20.92 -52.32
N CYS C 462 -47.15 21.81 -51.68
CA CYS C 462 -47.73 22.92 -50.95
C CYS C 462 -47.08 24.28 -51.22
N THR C 463 -47.88 25.33 -51.19
CA THR C 463 -47.40 26.72 -51.26
C THR C 463 -47.71 27.32 -49.90
N LEU C 464 -46.69 27.82 -49.22
CA LEU C 464 -46.85 28.39 -47.89
C LEU C 464 -47.00 29.91 -47.85
N SER C 465 -47.57 30.39 -46.76
CA SER C 465 -47.80 31.81 -46.51
C SER C 465 -48.42 31.97 -45.12
N ALA C 466 -48.41 33.19 -44.59
CA ALA C 466 -48.96 33.43 -43.27
C ALA C 466 -49.34 34.88 -43.05
N PHE C 467 -50.25 35.12 -42.10
CA PHE C 467 -50.70 36.47 -41.77
C PHE C 467 -50.07 36.93 -40.46
N ASN C 468 -49.53 38.14 -40.46
CA ASN C 468 -48.90 38.69 -39.27
C ASN C 468 -49.97 39.33 -38.37
N LEU C 469 -50.41 38.56 -37.39
CA LEU C 469 -51.43 39.03 -36.45
C LEU C 469 -51.03 40.32 -35.76
N GLY C 470 -49.72 40.59 -35.72
CA GLY C 470 -49.23 41.80 -35.09
C GLY C 470 -49.05 42.94 -36.06
N ALA C 471 -49.78 42.88 -37.17
CA ALA C 471 -49.78 43.94 -38.16
C ALA C 471 -51.18 44.48 -38.46
N ILE C 472 -52.20 43.87 -37.86
CA ILE C 472 -53.59 44.19 -38.20
C ILE C 472 -54.41 44.71 -37.01
N ASN C 473 -55.09 45.82 -37.23
CA ASN C 473 -55.97 46.41 -36.21
C ASN C 473 -57.15 45.52 -35.82
N ASN C 474 -57.77 44.89 -36.80
CA ASN C 474 -58.93 44.05 -36.56
C ASN C 474 -58.90 42.80 -37.43
N LEU C 475 -59.84 41.89 -37.18
CA LEU C 475 -59.93 40.66 -37.95
C LEU C 475 -60.51 40.90 -39.34
N ASP C 476 -61.21 42.02 -39.49
CA ASP C 476 -61.82 42.38 -40.77
C ASP C 476 -60.79 42.76 -41.82
N GLU C 477 -59.60 43.11 -41.38
CA GLU C 477 -58.55 43.50 -42.31
C GLU C 477 -58.28 42.30 -43.21
N LEU C 478 -58.41 41.11 -42.66
CA LEU C 478 -57.89 39.94 -43.34
C LEU C 478 -58.55 39.92 -44.70
N GLU C 479 -59.73 40.51 -44.79
CA GLU C 479 -60.56 40.30 -45.97
C GLU C 479 -59.76 40.69 -47.19
N GLU C 480 -58.95 41.74 -47.04
CA GLU C 480 -58.12 42.22 -48.14
C GLU C 480 -56.89 41.33 -48.30
N LEU C 481 -56.24 41.01 -47.18
CA LEU C 481 -55.05 40.19 -47.20
C LEU C 481 -55.33 38.80 -47.74
N ALA C 482 -56.47 38.24 -47.37
CA ALA C 482 -56.86 36.91 -47.82
C ALA C 482 -56.90 36.82 -49.34
N ILE C 483 -57.70 37.68 -49.95
CA ILE C 483 -57.84 37.71 -51.40
C ILE C 483 -56.52 38.10 -52.08
N LEU C 484 -55.79 39.01 -51.44
CA LEU C 484 -54.51 39.48 -51.98
C LEU C 484 -53.41 38.45 -51.78
N ALA C 485 -53.69 37.42 -50.99
CA ALA C 485 -52.71 36.37 -50.73
C ALA C 485 -53.00 35.12 -51.54
N VAL C 486 -54.25 34.65 -51.47
CA VAL C 486 -54.65 33.46 -52.20
C VAL C 486 -54.34 33.58 -53.70
N ARG C 487 -54.61 34.76 -54.25
CA ARG C 487 -54.36 35.01 -55.67
C ARG C 487 -52.88 34.87 -56.01
N ALA C 488 -52.03 35.49 -55.19
CA ALA C 488 -50.58 35.43 -55.40
C ALA C 488 -50.07 34.00 -55.41
N LEU C 489 -50.54 33.20 -54.46
CA LEU C 489 -50.11 31.81 -54.35
C LEU C 489 -50.71 30.97 -55.49
N ASP C 490 -52.00 31.15 -55.74
CA ASP C 490 -52.69 30.40 -56.79
C ASP C 490 -52.01 30.62 -58.13
N ALA C 491 -51.64 31.87 -58.42
CA ALA C 491 -50.98 32.21 -59.67
C ALA C 491 -49.59 31.58 -59.74
N LEU C 492 -48.97 31.43 -58.58
CA LEU C 492 -47.63 30.85 -58.50
C LEU C 492 -47.64 29.40 -58.96
N LEU C 493 -48.73 28.70 -58.68
CA LEU C 493 -48.86 27.29 -59.06
C LEU C 493 -48.76 27.13 -60.58
N ASP C 494 -49.11 28.19 -61.30
CA ASP C 494 -49.05 28.17 -62.76
C ASP C 494 -47.76 28.82 -63.26
N TYR C 495 -47.15 29.64 -62.41
CA TYR C 495 -45.91 30.32 -62.76
C TYR C 495 -44.71 29.38 -62.66
N GLN C 496 -44.76 28.46 -61.71
CA GLN C 496 -43.68 27.50 -61.51
C GLN C 496 -43.90 26.24 -62.35
N ASP C 497 -42.81 25.49 -62.57
CA ASP C 497 -42.87 24.26 -63.34
C ASP C 497 -42.90 23.05 -62.42
N TYR C 498 -42.95 21.86 -63.01
CA TYR C 498 -42.99 20.62 -62.24
C TYR C 498 -42.10 19.56 -62.89
N PRO C 499 -40.98 19.22 -62.24
CA PRO C 499 -40.03 18.22 -62.73
C PRO C 499 -40.57 16.79 -62.69
N ILE C 500 -41.75 16.62 -62.09
CA ILE C 500 -42.36 15.30 -61.98
C ILE C 500 -43.83 15.34 -62.38
N PRO C 501 -44.25 14.43 -63.27
CA PRO C 501 -45.65 14.35 -63.73
C PRO C 501 -46.65 14.26 -62.59
N ALA C 502 -46.40 13.35 -61.66
CA ALA C 502 -47.27 13.15 -60.51
C ALA C 502 -47.43 14.44 -59.71
N ALA C 503 -46.35 15.22 -59.67
CA ALA C 503 -46.36 16.49 -58.94
C ALA C 503 -47.32 17.48 -59.60
N LYS C 504 -47.22 17.58 -60.92
CA LYS C 504 -48.07 18.48 -61.69
C LYS C 504 -49.52 18.01 -61.62
N ARG C 505 -49.69 16.70 -61.49
CA ARG C 505 -51.01 16.08 -61.40
C ARG C 505 -51.81 16.61 -60.21
N GLY C 506 -51.22 16.49 -59.02
CA GLY C 506 -51.89 16.94 -57.82
C GLY C 506 -51.86 18.45 -57.64
N ALA C 507 -50.92 19.11 -58.30
CA ALA C 507 -50.77 20.55 -58.21
C ALA C 507 -51.90 21.26 -58.96
N MET C 508 -52.14 20.84 -60.19
CA MET C 508 -53.20 21.45 -61.01
C MET C 508 -54.53 20.76 -60.78
N GLY C 509 -54.50 19.67 -60.01
CA GLY C 509 -55.71 18.92 -59.72
C GLY C 509 -56.59 19.60 -58.67
N ARG C 510 -56.08 19.66 -57.45
CA ARG C 510 -56.82 20.28 -56.35
C ARG C 510 -56.30 21.68 -56.02
N ARG C 511 -55.16 22.03 -56.61
CA ARG C 511 -54.56 23.34 -56.39
C ARG C 511 -54.60 23.73 -54.91
N THR C 512 -54.03 22.88 -54.06
CA THR C 512 -54.00 23.15 -52.63
C THR C 512 -52.99 24.21 -52.23
N LEU C 513 -53.24 24.89 -51.13
CA LEU C 513 -52.36 25.93 -50.61
C LEU C 513 -52.16 25.78 -49.11
N GLY C 514 -51.24 26.56 -48.56
CA GLY C 514 -50.99 26.48 -47.13
C GLY C 514 -50.71 27.84 -46.50
N ILE C 515 -51.76 28.49 -46.03
CA ILE C 515 -51.63 29.81 -45.41
C ILE C 515 -51.87 29.71 -43.91
N GLY C 516 -50.84 30.05 -43.13
CA GLY C 516 -50.96 30.00 -41.68
C GLY C 516 -50.90 31.37 -41.05
N VAL C 517 -50.44 31.42 -39.79
CA VAL C 517 -50.34 32.68 -39.06
C VAL C 517 -49.01 32.79 -38.35
N ILE C 518 -48.54 34.01 -38.15
CA ILE C 518 -47.28 34.26 -37.46
C ILE C 518 -47.45 35.35 -36.42
N ASN C 519 -46.49 35.44 -35.50
CA ASN C 519 -46.52 36.45 -34.46
C ASN C 519 -47.78 36.30 -33.59
N PHE C 520 -48.15 35.06 -33.31
CA PHE C 520 -49.32 34.79 -32.49
C PHE C 520 -49.08 35.18 -31.03
N ALA C 521 -47.85 35.01 -30.58
CA ALA C 521 -47.48 35.36 -29.22
C ALA C 521 -47.74 36.82 -28.93
N TYR C 522 -47.32 37.68 -29.85
CA TYR C 522 -47.52 39.12 -29.71
C TYR C 522 -49.00 39.47 -29.76
N TYR C 523 -49.75 38.73 -30.57
CA TYR C 523 -51.18 38.96 -30.71
C TYR C 523 -51.88 38.86 -29.36
N LEU C 524 -51.61 37.77 -28.64
CA LEU C 524 -52.21 37.54 -27.34
C LEU C 524 -51.67 38.54 -26.33
N ALA C 525 -50.45 39.01 -26.55
CA ALA C 525 -49.81 39.96 -25.66
C ALA C 525 -50.58 41.28 -25.62
N LYS C 526 -50.97 41.76 -26.81
CA LYS C 526 -51.71 43.01 -26.91
C LYS C 526 -53.06 42.91 -26.21
N HIS C 527 -53.76 41.79 -26.43
CA HIS C 527 -55.06 41.58 -25.82
C HIS C 527 -54.93 41.11 -24.38
N GLY C 528 -53.69 41.02 -23.90
CA GLY C 528 -53.46 40.58 -22.53
C GLY C 528 -54.00 39.19 -22.27
N LYS C 529 -53.47 38.22 -23.00
CA LYS C 529 -53.90 36.83 -22.85
C LYS C 529 -52.70 35.92 -22.66
N ARG C 530 -52.95 34.67 -22.29
CA ARG C 530 -51.87 33.70 -22.08
C ARG C 530 -52.24 32.33 -22.64
N TYR C 531 -51.40 31.34 -22.35
CA TYR C 531 -51.63 29.98 -22.83
C TYR C 531 -52.08 29.04 -21.72
N SER C 532 -51.27 28.99 -20.65
CA SER C 532 -51.56 28.12 -19.51
C SER C 532 -52.98 28.31 -18.98
N ASP C 533 -53.32 29.54 -18.60
CA ASP C 533 -54.64 29.84 -18.07
C ASP C 533 -55.74 29.57 -19.10
N GLY C 534 -55.44 29.82 -20.37
CA GLY C 534 -56.41 29.61 -21.41
C GLY C 534 -57.44 30.71 -21.50
N SER C 535 -57.02 31.93 -21.16
CA SER C 535 -57.92 33.09 -21.20
C SER C 535 -57.97 33.64 -22.62
N ALA C 536 -57.50 32.86 -23.58
CA ALA C 536 -57.49 33.28 -24.97
C ALA C 536 -58.24 32.28 -25.86
N ASN C 537 -58.86 31.28 -25.24
CA ASN C 537 -59.61 30.28 -25.97
C ASN C 537 -60.69 30.92 -26.84
N ASN C 538 -61.40 31.90 -26.27
CA ASN C 538 -62.46 32.59 -26.99
C ASN C 538 -61.86 33.47 -28.08
N LEU C 539 -60.79 34.19 -27.73
CA LEU C 539 -60.11 35.07 -28.67
C LEU C 539 -59.54 34.27 -29.84
N THR C 540 -58.90 33.16 -29.51
CA THR C 540 -58.31 32.28 -30.52
C THR C 540 -59.38 31.76 -31.46
N HIS C 541 -60.57 31.50 -30.91
CA HIS C 541 -61.69 31.00 -31.70
C HIS C 541 -62.21 32.08 -32.63
N LYS C 542 -62.33 33.30 -32.12
CA LYS C 542 -62.82 34.43 -32.91
C LYS C 542 -61.86 34.80 -34.03
N THR C 543 -60.59 34.98 -33.67
CA THR C 543 -59.55 35.36 -34.63
C THR C 543 -59.48 34.39 -35.80
N PHE C 544 -59.18 33.12 -35.51
CA PHE C 544 -59.07 32.11 -36.54
C PHE C 544 -60.36 31.94 -37.34
N GLU C 545 -61.49 32.22 -36.70
CA GLU C 545 -62.78 32.11 -37.37
C GLU C 545 -62.81 33.01 -38.60
N ALA C 546 -62.28 34.22 -38.44
CA ALA C 546 -62.23 35.19 -39.53
C ALA C 546 -61.15 34.79 -40.53
N ILE C 547 -60.01 34.33 -40.00
CA ILE C 547 -58.90 33.91 -40.84
C ILE C 547 -59.35 32.86 -41.85
N GLN C 548 -60.22 31.95 -41.41
CA GLN C 548 -60.72 30.89 -42.27
C GLN C 548 -61.88 31.37 -43.16
N TYR C 549 -62.75 32.20 -42.59
CA TYR C 549 -63.89 32.72 -43.32
C TYR C 549 -63.49 33.51 -44.56
N TYR C 550 -62.60 34.49 -44.36
CA TYR C 550 -62.13 35.32 -45.46
C TYR C 550 -61.34 34.55 -46.50
N LEU C 551 -60.57 33.57 -46.07
CA LEU C 551 -59.78 32.76 -47.00
C LEU C 551 -60.71 32.04 -47.96
N LEU C 552 -61.75 31.42 -47.41
CA LEU C 552 -62.72 30.69 -48.21
C LEU C 552 -63.51 31.68 -49.06
N LYS C 553 -63.86 32.81 -48.47
CA LYS C 553 -64.61 33.86 -49.17
C LYS C 553 -63.75 34.44 -50.28
N ALA C 554 -62.44 34.32 -50.14
CA ALA C 554 -61.50 34.83 -51.13
C ALA C 554 -61.36 33.84 -52.28
N SER C 555 -61.13 32.57 -51.94
CA SER C 555 -60.98 31.52 -52.93
C SER C 555 -62.31 31.25 -53.61
N ASN C 556 -63.39 31.71 -52.99
CA ASN C 556 -64.73 31.52 -53.53
C ASN C 556 -64.94 32.49 -54.70
N GLU C 557 -64.67 33.76 -54.47
CA GLU C 557 -64.81 34.77 -55.51
C GLU C 557 -63.81 34.50 -56.63
N LEU C 558 -62.67 33.92 -56.26
CA LEU C 558 -61.64 33.59 -57.23
C LEU C 558 -62.15 32.52 -58.19
N ALA C 559 -62.96 31.61 -57.67
CA ALA C 559 -63.54 30.54 -58.47
C ALA C 559 -64.62 31.14 -59.35
N LYS C 560 -65.00 32.38 -59.03
CA LYS C 560 -66.02 33.09 -59.80
C LYS C 560 -65.34 33.94 -60.87
N GLU C 561 -64.05 33.70 -61.06
CA GLU C 561 -63.26 34.44 -62.05
C GLU C 561 -62.39 33.51 -62.86
N GLN C 562 -62.05 32.35 -62.29
CA GLN C 562 -61.21 31.37 -62.96
C GLN C 562 -61.74 29.95 -62.77
N GLY C 563 -62.91 29.83 -62.15
CA GLY C 563 -63.49 28.52 -61.93
C GLY C 563 -62.83 27.78 -60.78
N ALA C 564 -63.58 26.90 -60.13
CA ALA C 564 -63.06 26.13 -59.01
C ALA C 564 -62.04 25.09 -59.49
N CYS C 565 -61.36 24.46 -58.54
CA CYS C 565 -60.36 23.45 -58.86
C CYS C 565 -60.98 22.25 -59.57
N PRO C 566 -60.22 21.64 -60.48
CA PRO C 566 -60.74 20.55 -61.31
C PRO C 566 -61.20 19.35 -60.48
N TRP C 567 -60.47 18.98 -59.44
CA TRP C 567 -60.80 17.78 -58.66
C TRP C 567 -61.87 18.00 -57.57
N PHE C 568 -62.44 19.21 -57.51
CA PHE C 568 -63.08 19.68 -56.30
C PHE C 568 -64.19 18.75 -55.84
N ASN C 569 -64.94 18.21 -56.79
CA ASN C 569 -66.02 17.27 -56.46
C ASN C 569 -65.60 16.24 -55.42
N GLU C 570 -64.29 16.02 -55.31
CA GLU C 570 -63.75 15.06 -54.35
C GLU C 570 -63.71 15.63 -52.94
N THR C 571 -63.66 16.95 -52.84
CA THR C 571 -63.61 17.63 -51.55
C THR C 571 -64.99 17.70 -50.90
N THR C 572 -65.00 17.87 -49.58
CA THR C 572 -66.25 17.97 -48.82
C THR C 572 -66.99 19.27 -49.12
N TYR C 573 -66.24 20.33 -49.40
CA TYR C 573 -66.83 21.63 -49.71
C TYR C 573 -67.84 21.53 -50.84
N ALA C 574 -67.63 20.57 -51.74
CA ALA C 574 -68.53 20.38 -52.87
C ALA C 574 -69.86 19.83 -52.41
N LYS C 575 -69.82 18.93 -51.43
CA LYS C 575 -71.03 18.32 -50.88
C LYS C 575 -71.62 19.18 -49.76
N GLY C 576 -71.36 20.47 -49.82
CA GLY C 576 -71.87 21.38 -48.82
C GLY C 576 -71.42 21.00 -47.42
N ILE C 577 -70.11 20.97 -47.21
CA ILE C 577 -69.55 20.62 -45.91
C ILE C 577 -68.48 21.62 -45.50
N LEU C 578 -68.65 22.20 -44.31
CA LEU C 578 -67.70 23.18 -43.80
C LEU C 578 -67.03 22.66 -42.53
N PRO C 579 -65.78 23.11 -42.26
CA PRO C 579 -65.02 22.69 -41.09
C PRO C 579 -65.80 22.83 -39.78
N ILE C 580 -66.81 23.70 -39.78
CA ILE C 580 -67.62 23.93 -38.61
C ILE C 580 -68.54 22.75 -38.29
N ASP C 581 -68.65 21.82 -39.23
CA ASP C 581 -69.50 20.66 -39.03
C ASP C 581 -68.73 19.43 -38.56
N THR C 582 -67.54 19.22 -39.13
CA THR C 582 -66.73 18.06 -38.77
C THR C 582 -65.68 18.33 -37.70
N TYR C 583 -65.79 19.45 -37.00
CA TYR C 583 -64.83 19.77 -35.95
C TYR C 583 -65.08 18.94 -34.71
N LYS C 584 -64.05 18.77 -33.89
CA LYS C 584 -64.17 17.97 -32.66
C LYS C 584 -65.20 18.60 -31.73
N LYS C 585 -66.36 17.95 -31.62
CA LYS C 585 -67.45 18.43 -30.77
C LYS C 585 -67.01 18.65 -29.33
N ASP C 586 -65.86 18.09 -28.97
CA ASP C 586 -65.34 18.22 -27.62
C ASP C 586 -64.72 19.60 -27.37
N LEU C 587 -64.77 20.45 -28.38
CA LEU C 587 -64.23 21.80 -28.26
C LEU C 587 -65.26 22.74 -27.64
N ASP C 588 -66.49 22.27 -27.54
CA ASP C 588 -67.57 23.05 -26.96
C ASP C 588 -67.52 23.00 -25.44
N THR C 589 -66.40 22.54 -24.89
CA THR C 589 -66.22 22.44 -23.46
C THR C 589 -65.08 23.33 -22.98
N ILE C 590 -64.44 24.00 -23.93
CA ILE C 590 -63.32 24.89 -23.62
C ILE C 590 -63.53 26.27 -24.25
N ALA C 591 -64.65 26.43 -24.94
CA ALA C 591 -64.97 27.70 -25.58
C ALA C 591 -66.45 27.76 -25.95
N ASN C 592 -67.01 28.96 -25.92
CA ASN C 592 -68.42 29.16 -26.24
C ASN C 592 -68.59 30.33 -27.21
N GLU C 593 -67.48 30.82 -27.72
CA GLU C 593 -67.49 31.95 -28.65
C GLU C 593 -68.28 31.60 -29.91
N PRO C 594 -69.45 32.23 -30.10
CA PRO C 594 -70.30 31.98 -31.27
C PRO C 594 -69.70 32.53 -32.55
N LEU C 595 -70.18 32.02 -33.69
CA LEU C 595 -69.70 32.47 -34.99
C LEU C 595 -70.12 33.92 -35.26
N HIS C 596 -69.14 34.82 -35.30
CA HIS C 596 -69.39 36.23 -35.55
C HIS C 596 -69.43 36.53 -37.04
N TYR C 597 -69.73 35.51 -37.83
CA TYR C 597 -69.81 35.65 -39.28
C TYR C 597 -70.90 34.76 -39.86
N ASP C 598 -71.48 35.19 -40.98
CA ASP C 598 -72.54 34.44 -41.63
C ASP C 598 -71.95 33.36 -42.55
N TRP C 599 -71.73 32.17 -41.99
CA TRP C 599 -71.17 31.06 -42.76
C TRP C 599 -72.20 30.44 -43.69
N GLU C 600 -73.45 30.39 -43.24
CA GLU C 600 -74.53 29.82 -44.04
C GLU C 600 -74.56 30.49 -45.41
N ALA C 601 -74.05 31.70 -45.48
CA ALA C 601 -74.01 32.45 -46.73
C ALA C 601 -72.91 31.89 -47.62
N LEU C 602 -71.75 31.63 -47.03
CA LEU C 602 -70.61 31.08 -47.75
C LEU C 602 -70.90 29.65 -48.14
N ARG C 603 -71.76 28.99 -47.36
CA ARG C 603 -72.13 27.60 -47.61
C ARG C 603 -72.80 27.48 -48.97
N GLU C 604 -73.82 28.29 -49.21
CA GLU C 604 -74.55 28.28 -50.47
C GLU C 604 -73.72 28.90 -51.59
N SER C 605 -72.72 29.69 -51.21
CA SER C 605 -71.85 30.35 -52.18
C SER C 605 -70.83 29.38 -52.73
N ILE C 606 -70.26 28.56 -51.85
CA ILE C 606 -69.25 27.58 -52.26
C ILE C 606 -69.94 26.38 -52.90
N LYS C 607 -71.17 26.10 -52.47
CA LYS C 607 -71.94 24.99 -53.00
C LYS C 607 -72.33 25.27 -54.46
N THR C 608 -72.17 26.53 -54.87
CA THR C 608 -72.51 26.94 -56.22
C THR C 608 -71.29 27.16 -57.12
N HIS C 609 -70.32 27.91 -56.61
CA HIS C 609 -69.10 28.20 -57.37
C HIS C 609 -67.90 27.36 -56.95
N GLY C 610 -67.92 26.89 -55.72
CA GLY C 610 -66.82 26.07 -55.23
C GLY C 610 -65.65 26.92 -54.77
N LEU C 611 -64.47 26.31 -54.71
CA LEU C 611 -63.26 27.01 -54.28
C LEU C 611 -62.12 26.80 -55.27
N ARG C 612 -61.39 27.86 -55.55
CA ARG C 612 -60.26 27.81 -56.47
C ARG C 612 -59.21 26.83 -55.95
N ASN C 613 -59.25 26.59 -54.64
CA ASN C 613 -58.30 25.67 -54.01
C ASN C 613 -59.04 24.73 -53.06
N SER C 614 -58.48 23.54 -52.86
CA SER C 614 -59.10 22.55 -51.99
C SER C 614 -58.96 22.94 -50.51
N THR C 615 -57.76 23.36 -50.13
CA THR C 615 -57.51 23.86 -48.77
C THR C 615 -56.90 25.25 -48.82
N LEU C 616 -57.52 26.19 -48.10
CA LEU C 616 -57.06 27.58 -48.08
C LEU C 616 -56.16 27.96 -46.90
N SER C 617 -55.88 27.04 -45.98
CA SER C 617 -55.09 27.38 -44.81
C SER C 617 -54.16 26.29 -44.30
N ALA C 618 -53.07 26.71 -43.66
CA ALA C 618 -52.20 25.83 -42.92
C ALA C 618 -51.57 26.62 -41.80
N LEU C 619 -51.25 25.95 -40.71
CA LEU C 619 -50.42 26.53 -39.67
C LEU C 619 -49.08 25.82 -39.72
N MET C 620 -48.02 26.58 -39.93
CA MET C 620 -46.66 26.04 -39.97
C MET C 620 -45.69 26.84 -39.13
N PRO C 621 -44.54 26.24 -38.76
CA PRO C 621 -43.53 26.91 -37.94
C PRO C 621 -42.78 27.95 -38.77
N SER C 622 -42.99 29.22 -38.47
CA SER C 622 -42.34 30.29 -39.21
C SER C 622 -41.10 30.81 -38.48
N GLU C 623 -39.94 30.23 -38.80
CA GLU C 623 -38.69 30.65 -38.18
C GLU C 623 -38.04 31.78 -38.98
N THR C 624 -37.61 31.47 -40.19
CA THR C 624 -36.96 32.46 -41.05
C THR C 624 -37.96 33.49 -41.56
N SER C 625 -39.17 33.03 -41.87
CA SER C 625 -40.22 33.92 -42.37
C SER C 625 -40.62 34.96 -41.34
N SER C 626 -40.64 34.57 -40.07
CA SER C 626 -41.00 35.48 -38.99
C SER C 626 -39.84 36.39 -38.61
N GLN C 627 -38.63 35.87 -38.70
CA GLN C 627 -37.43 36.64 -38.35
C GLN C 627 -37.36 37.93 -39.16
N ILE C 628 -37.95 37.91 -40.35
CA ILE C 628 -37.96 39.07 -41.22
C ILE C 628 -38.89 40.15 -40.67
N SER C 629 -40.06 39.72 -40.21
CA SER C 629 -41.04 40.65 -39.64
C SER C 629 -40.73 40.91 -38.18
N ASN C 630 -39.58 40.40 -37.72
CA ASN C 630 -39.15 40.57 -36.34
C ASN C 630 -40.30 40.19 -35.40
N ALA C 631 -41.05 39.17 -35.80
CA ALA C 631 -42.17 38.70 -35.01
C ALA C 631 -41.88 37.34 -34.39
N THR C 632 -42.77 36.89 -33.50
CA THR C 632 -42.61 35.60 -32.84
C THR C 632 -42.88 34.46 -33.81
N ASN C 633 -42.09 33.40 -33.69
CA ASN C 633 -42.23 32.23 -34.56
C ASN C 633 -43.62 31.63 -34.48
N GLY C 634 -44.23 31.40 -35.64
CA GLY C 634 -45.57 30.82 -35.69
C GLY C 634 -46.44 31.23 -34.53
N ILE C 635 -47.12 30.25 -33.93
CA ILE C 635 -47.99 30.50 -32.80
C ILE C 635 -47.29 30.12 -31.49
N GLU C 636 -46.06 29.60 -31.63
CA GLU C 636 -45.27 29.20 -30.49
C GLU C 636 -44.79 30.45 -29.73
N PRO C 637 -44.99 30.47 -28.40
CA PRO C 637 -44.57 31.62 -27.59
C PRO C 637 -43.05 31.77 -27.57
N PRO C 638 -42.55 33.00 -27.32
CA PRO C 638 -41.11 33.26 -27.27
C PRO C 638 -40.40 32.51 -26.14
N ARG C 639 -39.32 31.82 -26.49
CA ARG C 639 -38.55 31.07 -25.52
C ARG C 639 -37.95 32.02 -24.50
N GLY C 640 -37.89 33.30 -24.86
CA GLY C 640 -37.34 34.31 -23.98
C GLY C 640 -37.48 35.69 -24.59
N TYR C 641 -37.44 36.72 -23.75
CA TYR C 641 -37.56 38.09 -24.22
C TYR C 641 -36.56 38.39 -25.32
N VAL C 642 -35.38 37.77 -25.23
CA VAL C 642 -34.33 37.97 -26.23
C VAL C 642 -33.72 36.61 -26.61
N SER C 643 -34.39 35.90 -27.51
CA SER C 643 -33.93 34.60 -27.96
C SER C 643 -32.69 34.73 -28.84
N ILE C 644 -31.94 33.65 -28.94
CA ILE C 644 -30.72 33.63 -29.74
C ILE C 644 -30.82 32.63 -30.89
N LYS C 645 -30.71 33.14 -32.09
CA LYS C 645 -30.91 32.30 -33.25
C LYS C 645 -29.60 32.21 -33.98
N ALA C 646 -29.12 30.98 -34.11
CA ALA C 646 -27.96 30.73 -34.96
C ALA C 646 -28.26 31.05 -36.43
N SER C 647 -27.34 31.79 -37.06
CA SER C 647 -27.50 32.20 -38.46
C SER C 647 -26.30 31.77 -39.30
N LYS C 648 -26.58 31.30 -40.51
CA LYS C 648 -25.52 30.78 -41.39
C LYS C 648 -24.35 31.74 -41.40
N ASP C 649 -24.65 33.04 -41.47
CA ASP C 649 -23.66 34.13 -41.37
C ASP C 649 -22.98 34.33 -40.01
N GLY C 650 -23.76 34.28 -38.93
CA GLY C 650 -23.28 34.50 -37.58
C GLY C 650 -24.38 34.38 -36.54
N ILE C 651 -24.00 34.32 -35.27
CA ILE C 651 -24.97 34.37 -34.18
C ILE C 651 -25.88 35.58 -34.31
N LEU C 652 -27.09 35.54 -33.72
CA LEU C 652 -28.01 36.72 -33.66
C LEU C 652 -28.87 36.92 -32.36
N ARG C 653 -29.36 38.14 -32.09
CA ARG C 653 -30.23 38.39 -30.95
C ARG C 653 -31.51 39.07 -31.40
N GLN C 654 -32.63 38.35 -31.30
CA GLN C 654 -33.93 38.87 -31.71
C GLN C 654 -34.82 39.15 -30.51
N VAL C 655 -35.15 40.41 -30.30
CA VAL C 655 -36.00 40.81 -29.18
C VAL C 655 -37.47 40.80 -29.61
N VAL C 656 -38.33 40.36 -28.70
CA VAL C 656 -39.76 40.29 -28.96
C VAL C 656 -40.31 41.67 -29.35
N PRO C 657 -41.39 41.70 -30.14
CA PRO C 657 -42.01 42.96 -30.58
C PRO C 657 -42.70 43.72 -29.45
N ASP C 658 -42.45 45.03 -29.40
CA ASP C 658 -43.05 45.89 -28.38
C ASP C 658 -42.73 45.40 -26.97
N TYR C 659 -41.44 45.15 -26.73
CA TYR C 659 -40.94 44.78 -25.41
C TYR C 659 -41.06 45.89 -24.36
N GLU C 660 -40.75 47.12 -24.77
CA GLU C 660 -40.76 48.27 -23.87
C GLU C 660 -42.13 48.51 -23.25
N HIS C 661 -43.16 47.88 -23.80
CA HIS C 661 -44.51 48.05 -23.27
C HIS C 661 -45.23 46.74 -22.95
N LEU C 662 -44.69 45.65 -23.46
CA LEU C 662 -45.27 44.35 -23.20
C LEU C 662 -44.16 43.46 -22.68
N HIS C 663 -43.56 43.90 -21.57
CA HIS C 663 -42.74 43.09 -20.68
C HIS C 663 -43.48 42.03 -19.85
N ASP C 664 -44.64 42.43 -19.32
CA ASP C 664 -45.41 41.63 -18.36
C ASP C 664 -46.40 40.71 -19.06
N ALA C 665 -46.90 41.14 -20.21
CA ALA C 665 -47.87 40.38 -20.98
C ALA C 665 -47.35 39.02 -21.45
N TYR C 666 -46.19 39.03 -22.12
CA TYR C 666 -45.60 37.81 -22.65
C TYR C 666 -45.44 36.68 -21.63
N GLU C 667 -45.70 35.46 -22.09
CA GLU C 667 -45.58 34.27 -21.25
C GLU C 667 -44.53 33.34 -21.86
N LEU C 668 -43.28 33.52 -21.45
CA LEU C 668 -42.18 32.73 -21.96
C LEU C 668 -42.48 31.22 -21.91
N LEU C 669 -42.11 30.53 -22.99
CA LEU C 669 -42.33 29.10 -23.12
C LEU C 669 -42.09 28.29 -21.84
N TRP C 670 -40.84 28.27 -21.36
CA TRP C 670 -40.48 27.53 -20.17
C TRP C 670 -41.39 27.78 -18.97
N GLU C 671 -41.69 29.05 -18.72
CA GLU C 671 -42.51 29.46 -17.58
C GLU C 671 -43.87 28.77 -17.44
N MET C 672 -44.57 28.55 -18.55
CA MET C 672 -45.88 27.90 -18.52
C MET C 672 -45.90 26.62 -17.69
N PRO C 673 -46.96 26.44 -16.87
CA PRO C 673 -47.14 25.25 -16.02
C PRO C 673 -47.06 23.93 -16.78
N GLY C 674 -47.93 23.76 -17.76
CA GLY C 674 -47.94 22.53 -18.54
C GLY C 674 -48.32 22.75 -20.00
N ASN C 675 -48.81 21.70 -20.64
CA ASN C 675 -49.21 21.77 -22.04
C ASN C 675 -50.73 21.73 -22.18
N ASP C 676 -51.42 21.47 -21.08
CA ASP C 676 -52.87 21.39 -21.07
C ASP C 676 -53.49 22.68 -21.59
N GLY C 677 -52.78 23.80 -21.42
CA GLY C 677 -53.27 25.07 -21.88
C GLY C 677 -52.95 25.32 -23.34
N TYR C 678 -51.74 24.94 -23.75
CA TYR C 678 -51.29 25.12 -25.12
C TYR C 678 -52.10 24.23 -26.07
N LEU C 679 -52.02 22.92 -25.87
CA LEU C 679 -52.74 21.97 -26.71
C LEU C 679 -54.23 22.28 -26.74
N GLN C 680 -54.73 22.91 -25.69
CA GLN C 680 -56.14 23.26 -25.61
C GLN C 680 -56.48 24.33 -26.63
N LEU C 681 -55.48 25.12 -27.01
CA LEU C 681 -55.68 26.18 -28.00
C LEU C 681 -55.54 25.64 -29.41
N VAL C 682 -54.66 24.65 -29.57
CA VAL C 682 -54.44 24.03 -30.87
C VAL C 682 -55.69 23.34 -31.37
N GLY C 683 -56.36 22.63 -30.46
CA GLY C 683 -57.57 21.92 -30.83
C GLY C 683 -58.62 22.88 -31.36
N ILE C 684 -58.67 24.07 -30.79
CA ILE C 684 -59.63 25.10 -31.20
C ILE C 684 -59.25 25.61 -32.59
N MET C 685 -57.96 25.73 -32.84
CA MET C 685 -57.46 26.22 -34.13
C MET C 685 -57.78 25.21 -35.23
N GLN C 686 -57.50 23.94 -34.94
CA GLN C 686 -57.74 22.87 -35.91
C GLN C 686 -59.19 22.90 -36.40
N LYS C 687 -60.07 23.47 -35.59
CA LYS C 687 -61.48 23.57 -35.92
C LYS C 687 -61.70 24.41 -37.18
N PHE C 688 -60.69 25.22 -37.53
CA PHE C 688 -60.78 26.06 -38.72
C PHE C 688 -59.57 25.89 -39.63
N ILE C 689 -58.82 24.81 -39.43
CA ILE C 689 -57.65 24.55 -40.25
C ILE C 689 -57.81 23.27 -41.06
N ASP C 690 -57.70 23.39 -42.38
CA ASP C 690 -57.85 22.25 -43.27
C ASP C 690 -56.62 21.34 -43.13
N GLN C 691 -55.48 21.96 -42.82
CA GLN C 691 -54.24 21.23 -42.66
C GLN C 691 -53.98 20.98 -41.18
N SER C 692 -52.98 20.14 -40.90
CA SER C 692 -52.63 19.84 -39.51
C SER C 692 -51.76 20.98 -38.98
N ILE C 693 -51.82 21.19 -37.67
CA ILE C 693 -51.04 22.26 -37.05
C ILE C 693 -49.69 21.75 -36.53
N SER C 694 -48.65 22.53 -36.76
CA SER C 694 -47.31 22.15 -36.31
C SER C 694 -47.12 22.55 -34.85
N ALA C 695 -47.94 21.98 -33.99
CA ALA C 695 -47.87 22.27 -32.56
C ALA C 695 -46.98 21.26 -31.86
N ASN C 696 -46.05 21.77 -31.05
CA ASN C 696 -45.13 20.91 -30.31
C ASN C 696 -45.34 21.04 -28.81
N THR C 697 -45.03 19.96 -28.10
CA THR C 697 -45.09 19.88 -26.63
C THR C 697 -43.85 20.46 -25.94
N ASN C 698 -43.97 20.75 -24.65
CA ASN C 698 -42.84 21.27 -23.88
C ASN C 698 -42.80 20.64 -22.50
N TYR C 699 -41.60 20.27 -22.05
CA TYR C 699 -41.44 19.64 -20.74
C TYR C 699 -40.17 20.14 -20.05
N ASP C 700 -40.31 20.56 -18.79
CA ASP C 700 -39.20 21.05 -18.01
C ASP C 700 -38.92 20.15 -16.81
N PRO C 701 -37.84 19.37 -16.86
CA PRO C 701 -37.45 18.45 -15.78
C PRO C 701 -37.32 19.15 -14.44
N SER C 702 -37.25 20.48 -14.46
CA SER C 702 -37.11 21.27 -13.24
C SER C 702 -38.45 21.43 -12.52
N ARG C 703 -39.55 21.13 -13.21
CA ARG C 703 -40.88 21.25 -12.64
C ARG C 703 -41.39 19.90 -12.13
N PHE C 704 -40.64 18.85 -12.40
CA PHE C 704 -41.02 17.50 -11.99
C PHE C 704 -40.06 16.99 -10.91
N PRO C 705 -40.55 16.11 -10.03
CA PRO C 705 -39.73 15.54 -8.95
C PRO C 705 -38.60 14.67 -9.48
N SER C 706 -37.50 14.61 -8.74
CA SER C 706 -36.34 13.83 -9.13
C SER C 706 -35.75 14.31 -10.45
N GLY C 707 -36.10 15.52 -10.84
CA GLY C 707 -35.61 16.09 -12.08
C GLY C 707 -35.74 15.15 -13.26
N LYS C 708 -36.92 14.53 -13.38
CA LYS C 708 -37.18 13.59 -14.46
C LYS C 708 -38.64 13.61 -14.87
N VAL C 709 -38.89 13.91 -16.15
CA VAL C 709 -40.25 13.96 -16.67
C VAL C 709 -40.92 12.60 -16.61
N PRO C 710 -42.00 12.48 -15.82
CA PRO C 710 -42.74 11.22 -15.66
C PRO C 710 -43.52 10.84 -16.93
N MET C 711 -43.55 9.54 -17.22
CA MET C 711 -44.25 9.03 -18.38
C MET C 711 -45.75 9.29 -18.24
N GLN C 712 -46.20 9.45 -16.99
CA GLN C 712 -47.60 9.70 -16.70
C GLN C 712 -48.08 10.99 -17.35
N GLN C 713 -47.23 12.01 -17.30
CA GLN C 713 -47.57 13.30 -17.88
C GLN C 713 -47.49 13.27 -19.40
N LEU C 714 -46.50 12.54 -19.92
CA LEU C 714 -46.31 12.43 -21.36
C LEU C 714 -47.56 11.88 -22.04
N LEU C 715 -48.07 10.78 -21.52
CA LEU C 715 -49.26 10.15 -22.08
C LEU C 715 -50.50 11.00 -21.80
N LYS C 716 -50.48 11.73 -20.68
CA LYS C 716 -51.60 12.57 -20.30
C LYS C 716 -51.85 13.64 -21.36
N ASP C 717 -50.83 14.43 -21.67
CA ASP C 717 -50.95 15.48 -22.67
C ASP C 717 -51.30 14.89 -24.04
N LEU C 718 -50.73 13.74 -24.34
CA LEU C 718 -50.99 13.07 -25.62
C LEU C 718 -52.48 12.81 -25.78
N LEU C 719 -53.11 12.33 -24.71
CA LEU C 719 -54.54 12.03 -24.74
C LEU C 719 -55.34 13.32 -24.70
N THR C 720 -54.85 14.30 -23.96
CA THR C 720 -55.53 15.59 -23.84
C THR C 720 -55.65 16.26 -25.21
N ALA C 721 -54.57 16.21 -25.98
CA ALA C 721 -54.57 16.81 -27.32
C ALA C 721 -55.55 16.08 -28.23
N TYR C 722 -55.50 14.76 -28.21
CA TYR C 722 -56.39 13.94 -29.02
C TYR C 722 -57.86 14.23 -28.70
N LYS C 723 -58.11 14.63 -27.45
CA LYS C 723 -59.46 14.93 -27.01
C LYS C 723 -60.02 16.18 -27.67
N PHE C 724 -59.16 17.14 -27.98
CA PHE C 724 -59.58 18.38 -28.60
C PHE C 724 -59.47 18.36 -30.13
N GLY C 725 -59.22 17.19 -30.70
CA GLY C 725 -59.12 17.07 -32.13
C GLY C 725 -57.75 17.40 -32.72
N VAL C 726 -56.72 17.43 -31.89
CA VAL C 726 -55.37 17.73 -32.36
C VAL C 726 -54.94 16.64 -33.34
N LYS C 727 -54.69 17.05 -34.59
CA LYS C 727 -54.28 16.10 -35.62
C LYS C 727 -52.88 15.53 -35.41
N THR C 728 -51.87 16.40 -35.42
CA THR C 728 -50.49 15.95 -35.25
C THR C 728 -49.73 16.72 -34.18
N LEU C 729 -48.60 16.15 -33.77
CA LEU C 729 -47.74 16.76 -32.77
C LEU C 729 -46.34 16.90 -33.35
N TYR C 730 -45.73 18.08 -33.21
CA TYR C 730 -44.41 18.31 -33.74
C TYR C 730 -43.33 17.94 -32.74
N TYR C 731 -42.33 18.80 -32.59
CA TYR C 731 -41.22 18.56 -31.67
C TYR C 731 -41.62 18.73 -30.19
N GLN C 732 -40.99 17.96 -29.32
CA GLN C 732 -41.14 18.15 -27.89
C GLN C 732 -39.84 18.81 -27.47
N ASN C 733 -39.95 20.01 -26.92
CA ASN C 733 -38.75 20.74 -26.54
C ASN C 733 -38.54 20.52 -25.07
N THR C 734 -37.41 19.90 -24.72
CA THR C 734 -37.16 19.63 -23.32
C THR C 734 -36.13 20.63 -22.82
N ARG C 735 -36.53 21.50 -21.91
CA ARG C 735 -35.64 22.51 -21.36
C ARG C 735 -34.34 21.89 -20.86
N ASP C 736 -33.25 22.31 -21.49
CA ASP C 736 -31.94 21.99 -21.00
C ASP C 736 -31.29 23.32 -20.69
N GLY C 737 -31.23 23.64 -19.40
CA GLY C 737 -30.63 24.89 -18.95
C GLY C 737 -30.09 24.80 -17.54
N LEU D 5 -34.84 -46.45 -25.92
CA LEU D 5 -35.04 -47.78 -26.49
C LEU D 5 -36.00 -47.72 -27.68
N LEU D 6 -36.52 -46.54 -27.96
CA LEU D 6 -37.45 -46.35 -29.07
C LEU D 6 -36.87 -45.38 -30.10
N VAL D 7 -36.92 -45.80 -31.37
CA VAL D 7 -36.40 -44.98 -32.45
C VAL D 7 -37.51 -44.61 -33.44
N THR D 8 -37.59 -43.32 -33.76
CA THR D 8 -38.61 -42.83 -34.70
C THR D 8 -38.14 -43.00 -36.13
N LYS D 9 -39.03 -43.54 -36.98
CA LYS D 9 -38.77 -43.75 -38.42
C LYS D 9 -38.97 -42.50 -39.30
N ARG D 10 -38.41 -42.51 -40.51
CA ARG D 10 -38.60 -41.42 -41.44
C ARG D 10 -40.09 -41.13 -41.59
N ASP D 11 -40.88 -42.19 -41.60
CA ASP D 11 -42.29 -42.12 -41.93
C ASP D 11 -43.12 -41.82 -40.69
N GLY D 12 -42.44 -41.64 -39.56
CA GLY D 12 -43.13 -41.36 -38.32
C GLY D 12 -43.35 -42.60 -37.48
N SER D 13 -42.97 -43.76 -38.05
CA SER D 13 -43.12 -45.03 -37.36
C SER D 13 -42.28 -45.08 -36.09
N THR D 14 -42.51 -46.11 -35.27
CA THR D 14 -41.76 -46.28 -34.04
C THR D 14 -41.17 -47.68 -33.93
N GLU D 15 -40.06 -47.80 -33.21
CA GLU D 15 -39.40 -49.08 -33.01
C GLU D 15 -38.21 -48.92 -32.07
N ARG D 16 -37.83 -50.01 -31.40
CA ARG D 16 -36.71 -49.98 -30.46
C ARG D 16 -35.40 -49.83 -31.22
N ILE D 17 -34.45 -49.13 -30.62
CA ILE D 17 -33.14 -48.89 -31.23
C ILE D 17 -32.48 -50.17 -31.77
N ASN D 18 -31.78 -49.99 -32.88
CA ASN D 18 -30.90 -51.00 -33.41
C ASN D 18 -29.58 -50.33 -33.71
N LEU D 19 -28.52 -50.82 -33.08
CA LEU D 19 -27.14 -50.48 -33.45
C LEU D 19 -26.76 -51.03 -34.82
N ASP D 20 -27.22 -52.24 -35.13
CA ASP D 20 -26.77 -52.95 -36.31
C ASP D 20 -27.09 -52.18 -37.58
N LYS D 21 -28.28 -51.58 -37.61
CA LYS D 21 -28.68 -50.79 -38.78
C LYS D 21 -27.76 -49.61 -38.99
N ILE D 22 -27.39 -48.93 -37.90
CA ILE D 22 -26.50 -47.77 -37.99
C ILE D 22 -25.16 -48.21 -38.55
N HIS D 23 -24.67 -49.35 -38.07
CA HIS D 23 -23.40 -49.90 -38.56
C HIS D 23 -23.51 -50.24 -40.04
N ARG D 24 -24.66 -50.80 -40.41
CA ARG D 24 -24.94 -51.20 -41.78
C ARG D 24 -24.67 -50.07 -42.78
N VAL D 25 -25.30 -48.92 -42.53
CA VAL D 25 -25.14 -47.76 -43.41
C VAL D 25 -23.68 -47.35 -43.56
N LEU D 26 -22.96 -47.29 -42.45
CA LEU D 26 -21.55 -46.90 -42.47
C LEU D 26 -20.69 -47.84 -43.31
N ASP D 27 -20.75 -49.12 -42.99
CA ASP D 27 -19.98 -50.13 -43.71
C ASP D 27 -20.18 -50.01 -45.22
N TRP D 28 -21.39 -49.59 -45.61
CA TRP D 28 -21.72 -49.43 -47.02
C TRP D 28 -20.91 -48.31 -47.66
N ALA D 29 -20.93 -47.14 -47.02
CA ALA D 29 -20.21 -45.97 -47.53
C ALA D 29 -18.70 -46.13 -47.37
N ALA D 30 -18.28 -47.10 -46.58
CA ALA D 30 -16.86 -47.34 -46.35
C ALA D 30 -16.26 -48.32 -47.34
N GLU D 31 -17.12 -49.03 -48.07
CA GLU D 31 -16.66 -50.01 -49.05
C GLU D 31 -15.71 -49.42 -50.07
N GLY D 32 -14.61 -50.12 -50.32
CA GLY D 32 -13.62 -49.66 -51.29
C GLY D 32 -12.73 -48.54 -50.81
N LEU D 33 -12.91 -48.11 -49.56
CA LEU D 33 -12.10 -47.03 -49.01
C LEU D 33 -10.94 -47.56 -48.18
N HIS D 34 -9.85 -46.79 -48.15
CA HIS D 34 -8.65 -47.16 -47.42
C HIS D 34 -8.46 -46.31 -46.16
N ASN D 35 -7.93 -46.94 -45.11
CA ASN D 35 -7.67 -46.27 -43.85
C ASN D 35 -8.94 -45.71 -43.22
N VAL D 36 -10.07 -46.29 -43.56
CA VAL D 36 -11.36 -45.86 -43.01
C VAL D 36 -11.80 -46.78 -41.88
N SER D 37 -12.18 -46.19 -40.76
CA SER D 37 -12.64 -46.95 -39.60
C SER D 37 -14.11 -46.70 -39.32
N ILE D 38 -14.88 -47.77 -39.23
CA ILE D 38 -16.31 -47.67 -38.97
C ILE D 38 -16.56 -47.20 -37.55
N SER D 39 -15.99 -47.94 -36.60
CA SER D 39 -16.14 -47.63 -35.18
C SER D 39 -15.59 -46.26 -34.82
N GLN D 40 -14.64 -45.78 -35.62
CA GLN D 40 -14.04 -44.47 -35.39
C GLN D 40 -15.08 -43.36 -35.50
N VAL D 41 -15.94 -43.46 -36.50
CA VAL D 41 -16.99 -42.46 -36.71
C VAL D 41 -18.02 -42.50 -35.59
N GLU D 42 -18.49 -43.69 -35.25
CA GLU D 42 -19.53 -43.83 -34.25
C GLU D 42 -19.04 -43.24 -32.94
N LEU D 43 -17.77 -43.47 -32.64
CA LEU D 43 -17.18 -42.95 -31.41
C LEU D 43 -16.94 -41.45 -31.51
N ARG D 44 -16.72 -40.96 -32.72
CA ARG D 44 -16.47 -39.54 -32.95
C ARG D 44 -17.78 -38.76 -33.05
N SER D 45 -18.89 -39.49 -33.04
CA SER D 45 -20.20 -38.89 -33.14
C SER D 45 -20.74 -38.58 -31.76
N HIS D 46 -20.35 -39.42 -30.80
CA HIS D 46 -20.75 -39.19 -29.43
C HIS D 46 -22.25 -39.08 -29.53
N ILE D 47 -22.82 -39.88 -30.42
CA ILE D 47 -24.24 -39.74 -30.70
C ILE D 47 -24.94 -39.99 -29.39
N GLN D 48 -25.89 -39.12 -29.07
CA GLN D 48 -26.58 -39.23 -27.79
C GLN D 48 -28.03 -39.63 -27.96
N PHE D 49 -28.12 -41.02 -27.71
CA PHE D 49 -29.46 -41.57 -27.81
C PHE D 49 -30.35 -41.10 -26.66
N TYR D 50 -31.62 -40.92 -27.00
CA TYR D 50 -32.71 -40.65 -26.07
C TYR D 50 -33.96 -41.22 -26.75
N ASP D 51 -35.00 -41.53 -25.99
CA ASP D 51 -36.19 -42.11 -26.56
C ASP D 51 -36.84 -41.15 -27.55
N GLY D 52 -37.24 -41.70 -28.69
CA GLY D 52 -37.98 -40.97 -29.70
C GLY D 52 -37.14 -40.15 -30.65
N ILE D 53 -35.83 -40.34 -30.61
CA ILE D 53 -34.97 -39.64 -31.56
C ILE D 53 -35.32 -40.11 -32.95
N LYS D 54 -35.41 -39.16 -33.89
CA LYS D 54 -35.73 -39.48 -35.28
C LYS D 54 -34.57 -40.16 -36.00
N THR D 55 -34.89 -41.07 -36.91
CA THR D 55 -33.87 -41.70 -37.73
C THR D 55 -33.15 -40.66 -38.59
N SER D 56 -33.84 -39.56 -38.88
CA SER D 56 -33.28 -38.49 -39.69
C SER D 56 -32.13 -37.80 -38.97
N ASP D 57 -32.34 -37.49 -37.69
CA ASP D 57 -31.32 -36.82 -36.89
C ASP D 57 -30.11 -37.73 -36.69
N ILE D 58 -30.37 -38.99 -36.37
CA ILE D 58 -29.30 -39.97 -36.15
C ILE D 58 -28.37 -40.08 -37.35
N HIS D 59 -28.96 -40.11 -38.55
CA HIS D 59 -28.22 -40.15 -39.81
C HIS D 59 -27.38 -38.91 -40.10
N GLU D 60 -27.94 -37.73 -39.85
CA GLU D 60 -27.25 -36.47 -40.09
C GLU D 60 -26.14 -36.27 -39.07
N THR D 61 -26.24 -36.98 -37.94
CA THR D 61 -25.26 -36.87 -36.88
C THR D 61 -23.96 -37.61 -37.22
N ILE D 62 -24.09 -38.86 -37.66
CA ILE D 62 -22.93 -39.67 -38.01
C ILE D 62 -22.22 -39.11 -39.25
N ILE D 63 -22.94 -38.33 -40.05
CA ILE D 63 -22.38 -37.73 -41.25
C ILE D 63 -21.40 -36.62 -40.89
N LYS D 64 -21.76 -35.83 -39.89
CA LYS D 64 -20.93 -34.73 -39.45
C LYS D 64 -19.65 -35.25 -38.81
N ALA D 65 -19.74 -36.38 -38.12
CA ALA D 65 -18.59 -36.99 -37.47
C ALA D 65 -17.60 -37.50 -38.50
N ALA D 66 -18.11 -38.28 -39.46
CA ALA D 66 -17.27 -38.84 -40.52
C ALA D 66 -16.69 -37.71 -41.37
N ALA D 67 -17.43 -36.61 -41.47
CA ALA D 67 -16.99 -35.45 -42.23
C ALA D 67 -15.87 -34.72 -41.51
N ASP D 68 -15.89 -34.82 -40.18
CA ASP D 68 -14.87 -34.16 -39.36
C ASP D 68 -13.58 -34.98 -39.34
N LEU D 69 -13.66 -36.20 -39.84
CA LEU D 69 -12.50 -37.09 -39.88
C LEU D 69 -11.66 -36.84 -41.13
N ILE D 70 -12.15 -35.97 -41.99
CA ILE D 70 -11.39 -35.74 -43.17
C ILE D 70 -10.09 -35.24 -42.58
N SER D 71 -9.02 -35.94 -42.93
CA SER D 71 -7.64 -35.59 -42.57
C SER D 71 -6.67 -35.99 -43.69
N ARG D 72 -5.49 -35.38 -43.70
CA ARG D 72 -4.52 -35.66 -44.75
C ARG D 72 -4.19 -37.14 -44.67
N ASP D 73 -4.10 -37.65 -43.45
CA ASP D 73 -3.78 -39.06 -43.23
C ASP D 73 -4.83 -39.97 -43.84
N ALA D 74 -6.08 -39.50 -43.86
CA ALA D 74 -7.18 -40.28 -44.41
C ALA D 74 -8.00 -39.43 -45.38
N PRO D 75 -7.60 -39.40 -46.66
CA PRO D 75 -8.30 -38.63 -47.70
C PRO D 75 -9.59 -39.28 -48.16
N ASP D 76 -9.71 -40.59 -47.94
CA ASP D 76 -10.91 -41.33 -48.33
C ASP D 76 -12.14 -40.92 -47.55
N TYR D 77 -11.95 -40.46 -46.31
CA TYR D 77 -13.06 -40.02 -45.48
C TYR D 77 -13.83 -38.92 -46.18
N GLN D 78 -13.20 -38.31 -47.18
CA GLN D 78 -13.82 -37.23 -47.95
C GLN D 78 -15.04 -37.74 -48.70
N TYR D 79 -14.94 -38.97 -49.21
CA TYR D 79 -16.03 -39.58 -49.95
C TYR D 79 -16.94 -40.37 -49.01
N LEU D 80 -16.40 -40.76 -47.86
CA LEU D 80 -17.16 -41.51 -46.88
C LEU D 80 -18.39 -40.73 -46.40
N ALA D 81 -18.17 -39.49 -45.97
CA ALA D 81 -19.26 -38.64 -45.51
C ALA D 81 -20.09 -38.20 -46.70
N ALA D 82 -19.48 -38.22 -47.88
CA ALA D 82 -20.15 -37.83 -49.10
C ALA D 82 -21.24 -38.84 -49.48
N ARG D 83 -20.89 -40.13 -49.38
CA ARG D 83 -21.84 -41.19 -49.71
C ARG D 83 -22.99 -41.19 -48.70
N LEU D 84 -22.71 -40.74 -47.48
CA LEU D 84 -23.72 -40.69 -46.44
C LEU D 84 -24.65 -39.51 -46.69
N ALA D 85 -24.11 -38.42 -47.22
CA ALA D 85 -24.89 -37.23 -47.51
C ALA D 85 -25.89 -37.51 -48.64
N ILE D 86 -25.40 -38.13 -49.71
CA ILE D 86 -26.25 -38.45 -50.85
C ILE D 86 -27.42 -39.35 -50.43
N PHE D 87 -27.11 -40.36 -49.62
CA PHE D 87 -28.11 -41.30 -49.15
C PHE D 87 -29.21 -40.55 -48.38
N HIS D 88 -28.79 -39.68 -47.47
CA HIS D 88 -29.74 -38.91 -46.66
C HIS D 88 -30.61 -38.00 -47.53
N LEU D 89 -30.04 -37.50 -48.62
CA LEU D 89 -30.77 -36.62 -49.53
C LEU D 89 -31.86 -37.38 -50.30
N ARG D 90 -31.53 -38.59 -50.74
CA ARG D 90 -32.48 -39.40 -51.49
C ARG D 90 -33.75 -39.68 -50.69
N LYS D 91 -33.59 -39.91 -49.39
CA LYS D 91 -34.71 -40.20 -48.51
C LYS D 91 -35.57 -38.97 -48.23
N LYS D 92 -35.05 -37.80 -48.57
CA LYS D 92 -35.79 -36.56 -48.34
C LYS D 92 -36.46 -36.02 -49.60
N ALA D 93 -36.21 -36.67 -50.73
CA ALA D 93 -36.80 -36.24 -51.99
C ALA D 93 -37.50 -37.37 -52.73
N TYR D 94 -37.26 -38.60 -52.28
CA TYR D 94 -37.87 -39.77 -52.92
C TYR D 94 -38.43 -40.75 -51.90
N GLY D 95 -38.24 -40.45 -50.62
CA GLY D 95 -38.72 -41.33 -49.57
C GLY D 95 -38.08 -42.70 -49.69
N GLN D 96 -37.15 -42.81 -50.65
CA GLN D 96 -36.43 -44.06 -50.89
C GLN D 96 -35.15 -43.73 -51.65
N PHE D 97 -34.30 -44.74 -51.82
CA PHE D 97 -33.02 -44.54 -52.52
C PHE D 97 -33.19 -44.64 -54.02
N GLU D 98 -34.18 -45.43 -54.46
CA GLU D 98 -34.43 -45.62 -55.89
C GLU D 98 -35.14 -44.41 -56.50
N PRO D 99 -34.43 -43.65 -57.34
CA PRO D 99 -35.00 -42.46 -58.00
C PRO D 99 -36.14 -42.82 -58.93
N PRO D 100 -37.23 -42.03 -58.91
CA PRO D 100 -38.39 -42.29 -59.76
C PRO D 100 -38.12 -41.99 -61.22
N ALA D 101 -39.04 -42.43 -62.06
CA ALA D 101 -38.91 -42.22 -63.49
C ALA D 101 -38.70 -40.74 -63.79
N LEU D 102 -37.89 -40.47 -64.80
CA LEU D 102 -37.59 -39.10 -65.19
C LEU D 102 -38.87 -38.34 -65.55
N TYR D 103 -39.84 -39.07 -66.10
CA TYR D 103 -41.11 -38.47 -66.50
C TYR D 103 -41.98 -38.18 -65.28
N ASP D 104 -42.31 -39.23 -64.53
CA ASP D 104 -43.14 -39.09 -63.34
C ASP D 104 -42.60 -38.02 -62.41
N HIS D 105 -41.27 -37.88 -62.39
CA HIS D 105 -40.62 -36.89 -61.53
C HIS D 105 -41.00 -35.47 -61.98
N VAL D 106 -40.76 -35.18 -63.25
CA VAL D 106 -41.06 -33.87 -63.80
C VAL D 106 -42.55 -33.53 -63.66
N VAL D 107 -43.40 -34.47 -64.05
CA VAL D 107 -44.85 -34.29 -63.98
C VAL D 107 -45.27 -33.83 -62.59
N LYS D 108 -44.94 -34.62 -61.57
CA LYS D 108 -45.29 -34.30 -60.19
C LYS D 108 -44.80 -32.90 -59.81
N MET D 109 -43.54 -32.63 -60.11
CA MET D 109 -42.93 -31.34 -59.80
C MET D 109 -43.70 -30.18 -60.44
N VAL D 110 -43.99 -30.29 -61.73
CA VAL D 110 -44.71 -29.26 -62.45
C VAL D 110 -46.01 -28.91 -61.73
N GLU D 111 -46.71 -29.93 -61.25
CA GLU D 111 -47.96 -29.73 -60.53
C GLU D 111 -47.70 -29.05 -59.20
N MET D 112 -46.47 -29.17 -58.71
CA MET D 112 -46.07 -28.55 -57.45
C MET D 112 -45.46 -27.18 -57.73
N GLY D 113 -45.22 -26.90 -59.00
CA GLY D 113 -44.64 -25.63 -59.38
C GLY D 113 -43.14 -25.60 -59.20
N LYS D 114 -42.55 -26.79 -59.06
CA LYS D 114 -41.11 -26.91 -58.87
C LYS D 114 -40.33 -26.61 -60.15
N TYR D 115 -40.83 -27.13 -61.27
CA TYR D 115 -40.17 -26.90 -62.56
C TYR D 115 -41.11 -26.19 -63.53
N ASP D 116 -40.52 -25.55 -64.54
CA ASP D 116 -41.30 -24.84 -65.54
C ASP D 116 -42.18 -25.82 -66.31
N ASN D 117 -43.41 -25.41 -66.60
CA ASN D 117 -44.36 -26.25 -67.32
C ASN D 117 -44.03 -26.39 -68.80
N HIS D 118 -43.04 -25.65 -69.27
CA HIS D 118 -42.67 -25.72 -70.69
C HIS D 118 -41.98 -27.05 -70.98
N LEU D 119 -41.36 -27.64 -69.96
CA LEU D 119 -40.67 -28.91 -70.11
C LEU D 119 -41.60 -29.98 -70.67
N LEU D 120 -42.89 -29.86 -70.35
CA LEU D 120 -43.87 -30.82 -70.82
C LEU D 120 -44.44 -30.42 -72.18
N GLU D 121 -44.28 -29.14 -72.53
CA GLU D 121 -44.76 -28.64 -73.80
C GLU D 121 -43.70 -28.75 -74.90
N ASP D 122 -42.45 -28.89 -74.48
CA ASP D 122 -41.35 -29.01 -75.43
C ASP D 122 -40.96 -30.47 -75.65
N TYR D 123 -41.02 -31.26 -74.59
CA TYR D 123 -40.69 -32.68 -74.67
C TYR D 123 -41.91 -33.55 -74.43
N THR D 124 -41.87 -34.77 -74.96
CA THR D 124 -42.98 -35.71 -74.81
C THR D 124 -42.61 -36.84 -73.85
N GLU D 125 -43.62 -37.54 -73.34
CA GLU D 125 -43.42 -38.64 -72.42
C GLU D 125 -42.48 -39.70 -73.00
N GLU D 126 -42.66 -39.98 -74.29
CA GLU D 126 -41.83 -40.98 -74.96
C GLU D 126 -40.36 -40.56 -75.01
N GLU D 127 -40.13 -39.25 -74.93
CA GLU D 127 -38.76 -38.72 -74.96
C GLU D 127 -38.11 -38.74 -73.58
N PHE D 128 -38.88 -38.39 -72.56
CA PHE D 128 -38.38 -38.38 -71.19
C PHE D 128 -37.83 -39.76 -70.83
N LYS D 129 -38.51 -40.81 -71.29
CA LYS D 129 -38.09 -42.18 -71.02
C LYS D 129 -36.81 -42.47 -71.78
N GLN D 130 -36.57 -41.70 -72.83
CA GLN D 130 -35.38 -41.87 -73.66
C GLN D 130 -34.20 -41.12 -73.05
N MET D 131 -34.49 -40.10 -72.27
CA MET D 131 -33.45 -39.31 -71.62
C MET D 131 -33.08 -39.90 -70.27
N ASP D 132 -34.00 -40.66 -69.70
CA ASP D 132 -33.78 -41.30 -68.40
C ASP D 132 -32.67 -42.32 -68.52
N THR D 133 -32.44 -42.80 -69.73
CA THR D 133 -31.39 -43.79 -69.99
C THR D 133 -30.01 -43.17 -69.85
N PHE D 134 -29.86 -41.95 -70.34
CA PHE D 134 -28.58 -41.24 -70.27
C PHE D 134 -28.19 -40.99 -68.82
N ILE D 135 -29.20 -40.79 -67.97
CA ILE D 135 -28.99 -40.52 -66.56
C ILE D 135 -28.26 -41.68 -65.87
N ASP D 136 -27.37 -41.33 -64.94
CA ASP D 136 -26.60 -42.33 -64.20
C ASP D 136 -26.51 -41.89 -62.74
N HIS D 137 -27.54 -42.23 -61.96
CA HIS D 137 -27.60 -41.87 -60.55
C HIS D 137 -26.39 -42.40 -59.77
N ASP D 138 -25.68 -43.36 -60.35
CA ASP D 138 -24.51 -43.92 -59.70
C ASP D 138 -23.36 -42.92 -59.70
N ARG D 139 -23.56 -41.81 -60.38
CA ARG D 139 -22.54 -40.77 -60.48
C ARG D 139 -22.59 -39.83 -59.27
N ASP D 140 -23.51 -40.10 -58.36
CA ASP D 140 -23.65 -39.29 -57.15
C ASP D 140 -22.57 -39.64 -56.14
N MET D 141 -21.93 -40.79 -56.33
CA MET D 141 -20.87 -41.24 -55.44
C MET D 141 -19.52 -40.70 -55.88
N THR D 142 -19.47 -40.16 -57.10
CA THR D 142 -18.22 -39.60 -57.62
C THR D 142 -18.01 -38.21 -57.03
N PHE D 143 -18.98 -37.76 -56.23
CA PHE D 143 -18.92 -36.46 -55.58
C PHE D 143 -18.14 -36.54 -54.28
N SER D 144 -17.86 -35.37 -53.71
CA SER D 144 -17.12 -35.28 -52.44
C SER D 144 -17.99 -34.54 -51.44
N TYR D 145 -17.72 -34.72 -50.16
CA TYR D 145 -18.50 -34.06 -49.11
C TYR D 145 -18.62 -32.57 -49.40
N ALA D 146 -17.51 -31.95 -49.83
CA ALA D 146 -17.49 -30.53 -50.13
C ALA D 146 -18.47 -30.21 -51.25
N ALA D 147 -18.53 -31.09 -52.25
CA ALA D 147 -19.42 -30.90 -53.40
C ALA D 147 -20.87 -31.20 -53.00
N VAL D 148 -21.08 -32.40 -52.45
CA VAL D 148 -22.42 -32.82 -52.04
C VAL D 148 -23.07 -31.82 -51.09
N LYS D 149 -22.27 -31.31 -50.15
CA LYS D 149 -22.78 -30.35 -49.18
C LYS D 149 -23.28 -29.09 -49.87
N GLN D 150 -22.56 -28.66 -50.89
CA GLN D 150 -22.94 -27.46 -51.64
C GLN D 150 -24.29 -27.67 -52.30
N LEU D 151 -24.45 -28.80 -52.97
CA LEU D 151 -25.70 -29.13 -53.66
C LEU D 151 -26.85 -29.16 -52.65
N GLU D 152 -26.67 -29.87 -51.55
CA GLU D 152 -27.77 -29.96 -50.60
C GLU D 152 -28.02 -28.51 -50.21
N GLY D 153 -26.93 -27.77 -50.00
CA GLY D 153 -27.05 -26.38 -49.60
C GLY D 153 -27.64 -25.39 -50.59
N LYS D 154 -27.24 -25.47 -51.86
CA LYS D 154 -27.68 -24.47 -52.83
C LYS D 154 -28.27 -24.98 -54.15
N TYR D 155 -27.51 -25.82 -54.85
CA TYR D 155 -27.82 -26.21 -56.23
C TYR D 155 -29.12 -27.00 -56.37
N LEU D 156 -29.32 -27.93 -55.45
CA LEU D 156 -30.53 -28.74 -55.40
C LEU D 156 -31.73 -27.82 -55.21
N VAL D 157 -32.81 -28.11 -55.92
CA VAL D 157 -34.01 -27.33 -55.76
C VAL D 157 -34.70 -27.86 -54.53
N GLN D 158 -34.74 -27.01 -53.51
CA GLN D 158 -35.37 -27.33 -52.23
C GLN D 158 -36.28 -26.21 -51.77
N ASN D 159 -37.02 -26.47 -50.68
CA ASN D 159 -37.92 -25.48 -50.12
C ASN D 159 -37.22 -24.75 -48.98
N ARG D 160 -37.18 -23.42 -49.07
CA ARG D 160 -36.52 -22.61 -48.05
C ARG D 160 -37.29 -22.57 -46.73
N VAL D 161 -38.59 -22.79 -46.79
CA VAL D 161 -39.43 -22.77 -45.60
C VAL D 161 -39.22 -24.00 -44.72
N THR D 162 -39.32 -25.18 -45.32
CA THR D 162 -39.15 -26.43 -44.58
C THR D 162 -37.78 -27.04 -44.77
N GLY D 163 -37.15 -26.74 -45.90
CA GLY D 163 -35.82 -27.28 -46.18
C GLY D 163 -35.87 -28.65 -46.83
N GLU D 164 -37.06 -29.03 -47.29
CA GLU D 164 -37.24 -30.33 -47.93
C GLU D 164 -36.65 -30.34 -49.33
N ILE D 165 -35.95 -31.42 -49.67
CA ILE D 165 -35.33 -31.57 -50.98
C ILE D 165 -36.37 -32.08 -51.98
N TYR D 166 -36.12 -31.84 -53.27
CA TYR D 166 -37.04 -32.27 -54.30
C TYR D 166 -36.37 -32.89 -55.52
N GLU D 167 -35.05 -32.96 -55.52
CA GLU D 167 -34.32 -33.53 -56.65
C GLU D 167 -32.97 -34.12 -56.24
N SER D 168 -32.30 -34.75 -57.21
CA SER D 168 -30.99 -35.34 -56.98
C SER D 168 -29.97 -34.63 -57.85
N ALA D 169 -28.69 -34.95 -57.64
CA ALA D 169 -27.62 -34.33 -58.40
C ALA D 169 -27.75 -34.59 -59.90
N GLN D 170 -28.12 -35.82 -60.27
CA GLN D 170 -28.28 -36.18 -61.67
C GLN D 170 -29.46 -35.49 -62.35
N PHE D 171 -30.62 -35.53 -61.70
CA PHE D 171 -31.82 -34.90 -62.24
C PHE D 171 -31.58 -33.42 -62.54
N LEU D 172 -30.53 -32.88 -61.95
CA LEU D 172 -30.19 -31.47 -62.14
C LEU D 172 -29.52 -31.27 -63.49
N TYR D 173 -28.44 -32.02 -63.73
CA TYR D 173 -27.69 -31.93 -64.97
C TYR D 173 -28.54 -32.30 -66.19
N ILE D 174 -29.31 -33.38 -66.07
CA ILE D 174 -30.16 -33.84 -67.16
C ILE D 174 -31.18 -32.79 -67.59
N LEU D 175 -31.75 -32.08 -66.63
CA LEU D 175 -32.74 -31.05 -66.93
C LEU D 175 -32.07 -29.78 -67.45
N VAL D 176 -31.00 -29.36 -66.79
CA VAL D 176 -30.27 -28.16 -67.20
C VAL D 176 -29.74 -28.33 -68.62
N ALA D 177 -29.42 -29.56 -68.99
CA ALA D 177 -29.08 -29.87 -70.37
C ALA D 177 -30.28 -29.69 -71.29
N ALA D 178 -31.44 -30.16 -70.84
CA ALA D 178 -32.67 -30.13 -71.63
C ALA D 178 -33.19 -28.72 -71.94
N CYS D 179 -33.13 -27.84 -70.95
CA CYS D 179 -33.67 -26.49 -71.07
C CYS D 179 -32.81 -25.62 -71.97
N LEU D 180 -31.52 -25.95 -72.06
CA LEU D 180 -30.60 -25.18 -72.88
C LEU D 180 -30.65 -25.59 -74.35
N PHE D 181 -31.13 -26.81 -74.60
CA PHE D 181 -31.23 -27.32 -75.97
C PHE D 181 -32.66 -27.55 -76.39
N SER D 182 -33.60 -26.92 -75.70
CA SER D 182 -35.02 -27.07 -76.01
C SER D 182 -35.36 -26.49 -77.37
N ASN D 183 -34.82 -25.32 -77.68
CA ASN D 183 -35.08 -24.65 -78.95
C ASN D 183 -34.26 -25.23 -80.10
N TYR D 184 -33.67 -26.40 -79.89
CA TYR D 184 -32.87 -27.05 -80.92
C TYR D 184 -33.72 -27.97 -81.79
N PRO D 185 -33.24 -28.29 -83.01
CA PRO D 185 -33.95 -29.16 -83.94
C PRO D 185 -34.17 -30.58 -83.40
N ARG D 186 -35.38 -31.09 -83.57
CA ARG D 186 -35.74 -32.42 -83.10
C ARG D 186 -34.70 -33.49 -83.39
N GLU D 187 -34.06 -33.41 -84.55
CA GLU D 187 -33.06 -34.40 -84.94
C GLU D 187 -31.81 -34.37 -84.05
N THR D 188 -31.43 -33.18 -83.58
CA THR D 188 -30.26 -33.03 -82.74
C THR D 188 -30.58 -32.45 -81.37
N ARG D 189 -31.86 -32.30 -81.09
CA ARG D 189 -32.30 -31.75 -79.81
C ARG D 189 -31.97 -32.70 -78.66
N LEU D 190 -32.11 -33.99 -78.90
CA LEU D 190 -31.81 -35.00 -77.88
C LEU D 190 -30.31 -35.26 -77.84
N GLN D 191 -29.68 -35.22 -79.01
CA GLN D 191 -28.24 -35.46 -79.12
C GLN D 191 -27.45 -34.62 -78.12
N TYR D 192 -27.55 -33.30 -78.26
CA TYR D 192 -26.83 -32.38 -77.37
C TYR D 192 -27.18 -32.63 -75.91
N VAL D 193 -28.44 -32.95 -75.63
CA VAL D 193 -28.90 -33.19 -74.27
C VAL D 193 -28.07 -34.30 -73.61
N LYS D 194 -27.62 -35.25 -74.41
CA LYS D 194 -26.81 -36.36 -73.90
C LYS D 194 -25.35 -35.95 -73.68
N ARG D 195 -24.71 -35.48 -74.74
CA ARG D 195 -23.31 -35.07 -74.67
C ARG D 195 -23.07 -33.99 -73.61
N PHE D 196 -23.94 -32.98 -73.58
CA PHE D 196 -23.81 -31.90 -72.61
C PHE D 196 -24.00 -32.46 -71.20
N TYR D 197 -24.93 -33.41 -71.07
CA TYR D 197 -25.21 -34.04 -69.79
C TYR D 197 -23.97 -34.78 -69.31
N ASP D 198 -23.41 -35.60 -70.19
CA ASP D 198 -22.21 -36.38 -69.87
C ASP D 198 -20.98 -35.49 -69.93
N ALA D 199 -21.20 -34.18 -69.86
CA ALA D 199 -20.12 -33.21 -69.90
C ALA D 199 -20.09 -32.41 -68.60
N VAL D 200 -21.26 -32.27 -67.97
CA VAL D 200 -21.38 -31.53 -66.72
C VAL D 200 -21.43 -32.48 -65.54
N SER D 201 -21.93 -33.70 -65.78
CA SER D 201 -22.03 -34.70 -64.74
C SER D 201 -20.69 -35.44 -64.60
N THR D 202 -19.87 -35.35 -65.64
CA THR D 202 -18.56 -35.99 -65.64
C THR D 202 -17.48 -35.01 -65.20
N PHE D 203 -17.91 -33.83 -64.77
CA PHE D 203 -17.01 -32.78 -64.31
C PHE D 203 -16.11 -32.22 -65.41
N LYS D 204 -16.59 -32.27 -66.65
CA LYS D 204 -15.81 -31.75 -67.78
C LYS D 204 -16.02 -30.24 -67.92
N ILE D 205 -17.19 -29.77 -67.50
CA ILE D 205 -17.52 -28.34 -67.58
C ILE D 205 -18.24 -27.87 -66.32
N SER D 206 -17.75 -26.78 -65.74
CA SER D 206 -18.35 -26.23 -64.54
C SER D 206 -19.30 -25.09 -64.88
N LEU D 207 -20.45 -25.05 -64.24
CA LEU D 207 -21.44 -24.01 -64.49
C LEU D 207 -21.73 -23.19 -63.24
N PRO D 208 -21.99 -21.88 -63.42
CA PRO D 208 -22.29 -20.93 -62.34
C PRO D 208 -23.41 -21.38 -61.40
N THR D 209 -23.48 -20.74 -60.24
CA THR D 209 -24.49 -21.05 -59.25
C THR D 209 -25.91 -20.76 -59.74
N PRO D 210 -26.14 -19.57 -60.33
CA PRO D 210 -27.47 -19.22 -60.82
C PRO D 210 -27.95 -20.15 -61.94
N ILE D 211 -27.01 -20.84 -62.57
CA ILE D 211 -27.33 -21.77 -63.65
C ILE D 211 -27.62 -23.16 -63.08
N MET D 212 -26.73 -23.65 -62.23
CA MET D 212 -26.90 -24.96 -61.62
C MET D 212 -28.25 -25.06 -60.91
N SER D 213 -28.82 -23.93 -60.49
CA SER D 213 -30.12 -24.00 -59.81
C SER D 213 -31.38 -23.67 -60.62
N GLY D 214 -31.38 -22.53 -61.31
CA GLY D 214 -32.56 -22.03 -62.02
C GLY D 214 -33.13 -22.78 -63.21
N VAL D 215 -32.24 -23.32 -64.04
CA VAL D 215 -32.64 -23.97 -65.28
C VAL D 215 -33.53 -25.18 -65.01
N ARG D 216 -34.66 -25.24 -65.70
CA ARG D 216 -35.63 -26.32 -65.53
C ARG D 216 -36.61 -26.07 -64.38
N THR D 217 -36.44 -24.92 -63.72
CA THR D 217 -37.51 -24.33 -62.93
C THR D 217 -37.89 -22.98 -63.51
N PRO D 218 -38.97 -22.42 -62.98
CA PRO D 218 -39.73 -21.38 -63.69
C PRO D 218 -39.00 -20.06 -63.97
N THR D 219 -38.21 -19.54 -63.04
CA THR D 219 -37.61 -18.22 -63.25
C THR D 219 -36.60 -18.24 -64.38
N ARG D 220 -36.29 -17.06 -64.93
CA ARG D 220 -35.42 -16.96 -66.09
C ARG D 220 -34.35 -15.92 -65.83
N GLN D 221 -33.93 -15.83 -64.58
CA GLN D 221 -32.90 -14.88 -64.16
C GLN D 221 -31.64 -15.66 -63.78
N PHE D 222 -30.70 -15.77 -64.72
CA PHE D 222 -29.46 -16.50 -64.49
C PHE D 222 -28.24 -15.59 -64.51
N SER D 223 -28.46 -14.29 -64.54
CA SER D 223 -27.37 -13.33 -64.57
C SER D 223 -26.59 -13.30 -63.25
N SER D 224 -25.31 -13.67 -63.32
CA SER D 224 -24.46 -13.67 -62.14
C SER D 224 -23.85 -12.28 -61.92
N CYS D 225 -23.08 -11.77 -62.88
CA CYS D 225 -22.52 -10.44 -62.69
C CYS D 225 -23.06 -9.43 -63.70
N VAL D 226 -23.26 -8.20 -63.24
CA VAL D 226 -23.81 -7.12 -64.03
C VAL D 226 -22.91 -5.87 -63.96
N LEU D 227 -22.75 -5.21 -65.10
CA LEU D 227 -21.92 -4.00 -65.18
C LEU D 227 -22.79 -2.82 -65.61
N ILE D 228 -22.74 -1.74 -64.84
CA ILE D 228 -23.53 -0.55 -65.14
C ILE D 228 -22.68 0.71 -65.14
N GLU D 229 -22.86 1.54 -66.16
CA GLU D 229 -22.10 2.79 -66.27
C GLU D 229 -22.99 3.98 -65.96
N CYS D 230 -22.74 4.61 -64.82
CA CYS D 230 -23.52 5.78 -64.41
C CYS D 230 -22.95 7.05 -65.02
N GLY D 231 -23.83 7.93 -65.49
CA GLY D 231 -23.40 9.17 -66.10
C GLY D 231 -23.44 10.33 -65.11
N ASP D 232 -22.91 11.47 -65.52
CA ASP D 232 -22.90 12.65 -64.69
C ASP D 232 -24.22 13.42 -64.80
N SER D 233 -25.28 12.85 -64.24
CA SER D 233 -26.59 13.47 -64.27
C SER D 233 -27.53 12.81 -63.27
N LEU D 234 -28.42 13.61 -62.66
CA LEU D 234 -29.36 13.10 -61.69
C LEU D 234 -30.25 12.01 -62.29
N ASP D 235 -30.68 12.23 -63.52
CA ASP D 235 -31.53 11.26 -64.22
C ASP D 235 -30.79 9.95 -64.43
N SER D 236 -29.48 10.03 -64.65
CA SER D 236 -28.67 8.84 -64.87
C SER D 236 -28.35 8.15 -63.54
N ILE D 237 -28.15 8.96 -62.50
CA ILE D 237 -27.84 8.44 -61.17
C ILE D 237 -29.02 7.61 -60.65
N ASN D 238 -30.22 8.16 -60.76
CA ASN D 238 -31.41 7.47 -60.31
C ASN D 238 -31.65 6.23 -61.17
N ALA D 239 -31.36 6.35 -62.45
CA ALA D 239 -31.53 5.24 -63.38
C ALA D 239 -30.55 4.13 -63.04
N THR D 240 -29.31 4.52 -62.73
CA THR D 240 -28.28 3.57 -62.38
C THR D 240 -28.60 2.94 -61.03
N SER D 241 -29.09 3.75 -60.11
CA SER D 241 -29.46 3.28 -58.78
C SER D 241 -30.62 2.30 -58.86
N SER D 242 -31.61 2.63 -59.67
CA SER D 242 -32.78 1.79 -59.85
C SER D 242 -32.39 0.49 -60.56
N ALA D 243 -31.42 0.59 -61.45
CA ALA D 243 -30.94 -0.57 -62.20
C ALA D 243 -30.27 -1.56 -61.24
N ILE D 244 -29.67 -1.03 -60.19
CA ILE D 244 -29.00 -1.86 -59.19
C ILE D 244 -30.02 -2.63 -58.38
N VAL D 245 -31.02 -1.91 -57.86
CA VAL D 245 -32.07 -2.52 -57.05
C VAL D 245 -32.76 -3.65 -57.80
N LYS D 246 -32.68 -3.62 -59.12
CA LYS D 246 -33.30 -4.64 -59.96
C LYS D 246 -32.52 -5.95 -59.95
N TYR D 247 -31.21 -5.88 -60.16
CA TYR D 247 -30.38 -7.07 -60.19
C TYR D 247 -29.97 -7.58 -58.80
N VAL D 248 -29.83 -6.67 -57.85
CA VAL D 248 -29.46 -7.08 -56.50
C VAL D 248 -30.49 -8.03 -55.94
N SER D 249 -31.76 -7.78 -56.24
CA SER D 249 -32.84 -8.63 -55.78
C SER D 249 -32.73 -9.99 -56.47
N GLN D 250 -31.89 -10.04 -57.50
CA GLN D 250 -31.67 -11.27 -58.25
C GLN D 250 -30.36 -11.91 -57.82
N ARG D 251 -29.73 -11.30 -56.82
CA ARG D 251 -28.45 -11.79 -56.30
C ARG D 251 -27.36 -11.83 -57.37
N ALA D 252 -27.18 -10.71 -58.07
CA ALA D 252 -26.17 -10.63 -59.12
C ALA D 252 -25.16 -9.53 -58.84
N GLY D 253 -23.88 -9.87 -58.90
CA GLY D 253 -22.84 -8.89 -58.66
C GLY D 253 -23.03 -7.64 -59.48
N ILE D 254 -22.58 -6.51 -58.95
CA ILE D 254 -22.71 -5.23 -59.64
C ILE D 254 -21.36 -4.57 -59.89
N GLY D 255 -21.21 -3.97 -61.07
CA GLY D 255 -19.97 -3.31 -61.42
C GLY D 255 -20.21 -1.86 -61.82
N ILE D 256 -20.43 -1.01 -60.83
CA ILE D 256 -20.68 0.41 -61.06
C ILE D 256 -19.43 1.14 -61.56
N ASN D 257 -19.63 2.21 -62.30
CA ASN D 257 -18.52 3.00 -62.83
C ASN D 257 -18.85 4.49 -62.73
N ALA D 258 -18.94 4.98 -61.49
CA ALA D 258 -19.26 6.38 -61.25
C ALA D 258 -18.01 7.26 -61.40
N GLY D 259 -17.06 6.80 -62.20
CA GLY D 259 -15.84 7.56 -62.40
C GLY D 259 -16.04 8.73 -63.36
N ARG D 260 -17.28 8.89 -63.84
CA ARG D 260 -17.59 9.98 -64.76
C ARG D 260 -18.23 11.15 -64.02
N ILE D 261 -18.69 10.89 -62.80
CA ILE D 261 -19.32 11.93 -61.99
C ILE D 261 -18.32 13.02 -61.64
N ARG D 262 -18.71 14.27 -61.88
CA ARG D 262 -17.87 15.42 -61.60
C ARG D 262 -17.44 15.43 -60.14
N ALA D 263 -16.26 15.99 -59.88
CA ALA D 263 -15.73 16.07 -58.52
C ALA D 263 -16.45 17.14 -57.71
N LEU D 264 -16.18 17.18 -56.41
CA LEU D 264 -16.79 18.15 -55.51
C LEU D 264 -16.36 19.57 -55.86
N GLY D 265 -17.29 20.51 -55.77
CA GLY D 265 -16.99 21.89 -56.07
C GLY D 265 -17.28 22.25 -57.51
N SER D 266 -17.40 21.23 -58.36
CA SER D 266 -17.67 21.45 -59.78
C SER D 266 -18.99 22.19 -59.98
N PRO D 267 -18.99 23.24 -60.80
CA PRO D 267 -20.18 24.04 -61.07
C PRO D 267 -21.23 23.28 -61.89
N ILE D 268 -22.50 23.51 -61.57
CA ILE D 268 -23.59 22.85 -62.27
C ILE D 268 -24.42 23.86 -63.06
N ARG D 269 -24.72 23.53 -64.31
CA ARG D 269 -25.50 24.42 -65.17
C ARG D 269 -24.93 25.83 -65.17
N GLY D 270 -23.64 25.94 -65.46
CA GLY D 270 -23.00 27.24 -65.48
C GLY D 270 -22.55 27.70 -64.10
N GLY D 271 -23.45 27.60 -63.13
CA GLY D 271 -23.12 28.01 -61.77
C GLY D 271 -24.34 28.17 -60.91
N GLU D 272 -25.48 27.70 -61.39
CA GLU D 272 -26.74 27.79 -60.66
C GLU D 272 -26.66 27.00 -59.36
N ALA D 273 -25.67 26.12 -59.27
CA ALA D 273 -25.46 25.30 -58.09
C ALA D 273 -24.14 24.55 -58.19
N PHE D 274 -23.54 24.25 -57.05
CA PHE D 274 -22.27 23.52 -57.03
C PHE D 274 -22.47 22.06 -56.62
N HIS D 275 -21.65 21.19 -57.22
CA HIS D 275 -21.71 19.76 -56.94
C HIS D 275 -21.55 19.50 -55.45
N THR D 276 -22.31 18.55 -54.92
CA THR D 276 -22.26 18.20 -53.51
C THR D 276 -21.11 17.24 -53.21
N GLY D 277 -20.58 16.61 -54.25
CA GLY D 277 -19.49 15.68 -54.07
C GLY D 277 -19.83 14.28 -54.57
N CYS D 278 -18.87 13.38 -54.51
CA CYS D 278 -19.07 12.00 -54.95
C CYS D 278 -19.52 11.12 -53.80
N ILE D 279 -18.83 11.24 -52.67
CA ILE D 279 -19.15 10.45 -51.48
C ILE D 279 -20.65 10.38 -51.20
N PRO D 280 -21.34 11.53 -51.24
CA PRO D 280 -22.78 11.55 -50.99
C PRO D 280 -23.56 10.58 -51.87
N PHE D 281 -23.19 10.51 -53.14
CA PHE D 281 -23.86 9.62 -54.09
C PHE D 281 -23.41 8.17 -53.93
N TYR D 282 -22.11 7.98 -53.69
CA TYR D 282 -21.56 6.63 -53.52
C TYR D 282 -22.36 5.85 -52.48
N LYS D 283 -22.78 6.52 -51.42
CA LYS D 283 -23.54 5.88 -50.36
C LYS D 283 -24.91 5.42 -50.87
N HIS D 284 -25.52 6.25 -51.71
CA HIS D 284 -26.83 5.93 -52.28
C HIS D 284 -26.78 4.61 -53.03
N PHE D 285 -25.62 4.32 -53.64
CA PHE D 285 -25.45 3.09 -54.38
C PHE D 285 -25.33 1.89 -53.46
N GLN D 286 -24.72 2.12 -52.29
CA GLN D 286 -24.54 1.05 -51.31
C GLN D 286 -25.89 0.54 -50.81
N THR D 287 -26.69 1.45 -50.29
CA THR D 287 -28.02 1.10 -49.78
C THR D 287 -28.86 0.44 -50.87
N ALA D 288 -28.50 0.71 -52.12
CA ALA D 288 -29.21 0.15 -53.26
C ALA D 288 -28.81 -1.32 -53.43
N VAL D 289 -27.57 -1.63 -53.09
CA VAL D 289 -27.05 -2.99 -53.20
C VAL D 289 -27.36 -3.76 -51.92
N LYS D 290 -27.71 -3.02 -50.86
CA LYS D 290 -28.03 -3.61 -49.57
C LYS D 290 -29.53 -3.51 -49.30
N SER D 291 -30.29 -3.09 -50.32
CA SER D 291 -31.73 -2.94 -50.19
C SER D 291 -32.46 -4.27 -50.03
N CYS D 292 -31.86 -5.34 -50.53
CA CYS D 292 -32.45 -6.66 -50.42
C CYS D 292 -31.61 -7.57 -49.52
N SER D 293 -30.58 -7.00 -48.91
CA SER D 293 -29.71 -7.76 -48.02
C SER D 293 -30.31 -7.87 -46.62
N GLN D 294 -30.18 -9.06 -46.04
CA GLN D 294 -30.70 -9.20 -44.71
C GLN D 294 -29.92 -8.13 -43.97
N GLY D 295 -30.66 -7.31 -43.27
CA GLY D 295 -30.08 -6.33 -42.33
C GLY D 295 -29.55 -5.13 -43.11
N GLY D 296 -28.88 -5.45 -44.22
CA GLY D 296 -28.19 -4.49 -45.07
C GLY D 296 -26.68 -4.70 -45.12
N VAL D 297 -26.20 -5.71 -44.42
CA VAL D 297 -24.77 -6.03 -44.42
C VAL D 297 -24.34 -7.23 -45.28
N ARG D 298 -25.25 -7.84 -46.04
CA ARG D 298 -24.93 -9.08 -46.75
C ARG D 298 -25.38 -9.18 -48.22
N GLY D 299 -24.69 -10.01 -48.99
CA GLY D 299 -25.04 -10.29 -50.36
C GLY D 299 -25.34 -9.04 -51.16
N GLY D 300 -25.41 -9.17 -52.48
CA GLY D 300 -25.35 -8.02 -53.37
C GLY D 300 -24.04 -7.26 -53.25
N ALA D 301 -23.09 -7.60 -54.10
CA ALA D 301 -21.74 -7.04 -54.02
C ALA D 301 -21.39 -6.26 -55.28
N ALA D 302 -20.65 -5.18 -55.11
CA ALA D 302 -20.35 -4.27 -56.22
C ALA D 302 -18.98 -3.63 -56.04
N THR D 303 -18.17 -3.70 -57.10
CA THR D 303 -16.96 -2.90 -57.19
C THR D 303 -17.20 -1.60 -57.95
N LEU D 304 -17.12 -0.47 -57.25
CA LEU D 304 -17.18 0.84 -57.87
C LEU D 304 -15.80 1.20 -58.43
N PHE D 305 -15.76 1.67 -59.66
CA PHE D 305 -14.51 2.04 -60.31
C PHE D 305 -14.40 3.53 -60.57
N TYR D 306 -13.17 4.01 -60.74
CA TYR D 306 -12.90 5.41 -61.01
C TYR D 306 -11.44 5.62 -61.40
N PRO D 307 -11.15 6.69 -62.16
CA PRO D 307 -9.79 6.99 -62.60
C PRO D 307 -8.90 7.45 -61.46
N MET D 308 -7.60 7.14 -61.57
CA MET D 308 -6.64 7.53 -60.54
C MET D 308 -6.37 9.03 -60.58
N TRP D 309 -6.42 9.60 -61.78
CA TRP D 309 -6.18 11.03 -61.95
C TRP D 309 -7.37 11.86 -61.48
N HIS D 310 -8.36 11.19 -60.90
CA HIS D 310 -9.56 11.87 -60.41
C HIS D 310 -9.17 12.85 -59.30
N LEU D 311 -9.96 13.91 -59.15
CA LEU D 311 -9.69 14.92 -58.14
C LEU D 311 -9.93 14.41 -56.72
N GLU D 312 -11.04 13.70 -56.51
CA GLU D 312 -11.36 13.16 -55.19
C GLU D 312 -10.75 11.78 -54.96
N VAL D 313 -9.79 11.42 -55.78
CA VAL D 313 -9.13 10.11 -55.66
C VAL D 313 -8.63 9.88 -54.23
N GLU D 314 -7.97 10.88 -53.66
CA GLU D 314 -7.44 10.77 -52.30
C GLU D 314 -8.54 10.55 -51.28
N SER D 315 -9.75 11.00 -51.60
CA SER D 315 -10.88 10.85 -50.69
C SER D 315 -11.67 9.58 -50.97
N LEU D 316 -11.30 8.87 -52.04
CA LEU D 316 -11.98 7.64 -52.40
C LEU D 316 -11.18 6.39 -52.03
N LEU D 317 -9.85 6.53 -51.97
CA LEU D 317 -8.98 5.41 -51.63
C LEU D 317 -9.09 5.02 -50.16
N VAL D 318 -9.46 5.96 -49.31
CA VAL D 318 -9.59 5.71 -47.88
C VAL D 318 -11.03 5.50 -47.44
N LEU D 319 -11.91 5.21 -48.39
CA LEU D 319 -13.32 5.00 -48.08
C LEU D 319 -13.56 3.76 -47.23
N LYS D 320 -12.85 2.68 -47.55
CA LYS D 320 -12.99 1.45 -46.78
C LYS D 320 -12.55 1.73 -45.36
N ASN D 321 -11.57 2.59 -45.20
CA ASN D 321 -10.83 2.58 -43.97
C ASN D 321 -11.84 2.66 -42.86
N ASN D 322 -11.72 1.75 -41.91
CA ASN D 322 -12.66 1.65 -40.81
C ASN D 322 -12.70 2.92 -39.96
N ARG D 323 -11.54 3.51 -39.70
CA ARG D 323 -11.49 4.75 -38.94
C ARG D 323 -12.01 5.92 -39.76
N GLY D 324 -12.68 6.86 -39.08
CA GLY D 324 -13.23 8.02 -39.76
C GLY D 324 -14.74 8.04 -39.70
N VAL D 325 -15.32 9.21 -39.49
CA VAL D 325 -16.76 9.36 -39.42
C VAL D 325 -17.44 8.81 -40.67
N GLU D 326 -18.70 8.42 -40.50
CA GLU D 326 -19.54 7.82 -41.53
C GLU D 326 -19.84 8.76 -42.70
N GLY D 327 -19.67 10.06 -42.46
CA GLY D 327 -20.04 11.07 -43.44
C GLY D 327 -19.29 10.93 -44.74
N ASN D 328 -18.01 10.55 -44.67
CA ASN D 328 -17.19 10.33 -45.86
C ASN D 328 -16.76 8.87 -46.20
N ARG D 329 -17.31 7.88 -45.50
CA ARG D 329 -16.87 6.49 -45.68
C ARG D 329 -17.96 5.52 -46.12
N VAL D 330 -17.65 4.70 -47.13
CA VAL D 330 -18.55 3.65 -47.58
C VAL D 330 -17.83 2.31 -47.78
N ARG D 331 -17.41 1.70 -46.68
CA ARG D 331 -16.48 0.57 -46.70
C ARG D 331 -16.96 -0.69 -47.41
N HIS D 332 -18.23 -1.04 -47.21
CA HIS D 332 -18.72 -2.35 -47.64
C HIS D 332 -18.45 -2.58 -49.13
N MET D 333 -18.65 -1.54 -49.93
CA MET D 333 -18.39 -1.63 -51.36
C MET D 333 -16.90 -1.77 -51.67
N ASP D 334 -16.59 -2.61 -52.66
CA ASP D 334 -15.24 -2.75 -53.17
C ASP D 334 -14.93 -1.64 -54.17
N TYR D 335 -13.65 -1.48 -54.50
CA TYR D 335 -13.23 -0.45 -55.44
C TYR D 335 -12.14 -0.94 -56.38
N GLY D 336 -11.94 -0.21 -57.47
CA GLY D 336 -10.93 -0.57 -58.44
C GLY D 336 -10.34 0.64 -59.13
N VAL D 337 -9.21 1.11 -58.62
CA VAL D 337 -8.54 2.28 -59.19
C VAL D 337 -8.02 2.01 -60.60
N GLN D 338 -8.50 2.78 -61.57
CA GLN D 338 -8.09 2.63 -62.96
C GLN D 338 -6.74 3.32 -63.17
N ILE D 339 -5.80 2.61 -63.79
CA ILE D 339 -4.47 3.15 -64.04
C ILE D 339 -4.03 2.87 -65.47
N ASN D 340 -3.28 3.82 -66.04
CA ASN D 340 -2.81 3.78 -67.42
C ASN D 340 -1.32 4.11 -67.54
N LYS D 341 -0.71 3.82 -68.68
CA LYS D 341 0.74 3.75 -68.75
C LYS D 341 1.38 5.04 -68.25
N LEU D 342 0.78 6.19 -68.59
CA LEU D 342 1.26 7.46 -68.10
C LEU D 342 1.37 7.53 -66.58
N MET D 343 0.38 7.00 -65.88
CA MET D 343 0.38 7.02 -64.42
C MET D 343 1.64 6.36 -63.85
N TYR D 344 1.91 5.13 -64.28
CA TYR D 344 3.08 4.40 -63.82
C TYR D 344 4.37 5.13 -64.19
N THR D 345 4.34 5.84 -65.32
CA THR D 345 5.50 6.58 -65.78
C THR D 345 5.91 7.65 -64.78
N ARG D 346 4.93 8.37 -64.26
CA ARG D 346 5.19 9.42 -63.28
C ARG D 346 5.77 8.85 -61.99
N LEU D 347 5.40 7.60 -61.70
CA LEU D 347 5.87 6.93 -60.49
C LEU D 347 7.35 6.58 -60.60
N LEU D 348 7.71 5.89 -61.69
CA LEU D 348 9.08 5.49 -61.94
C LEU D 348 10.04 6.68 -61.92
N LYS D 349 9.60 7.79 -62.50
CA LYS D 349 10.42 8.99 -62.55
C LYS D 349 10.21 9.85 -61.30
N GLY D 350 9.45 9.33 -60.36
CA GLY D 350 9.20 10.06 -59.13
C GLY D 350 8.55 11.40 -59.34
N GLU D 351 7.96 11.60 -60.52
CA GLU D 351 7.30 12.86 -60.85
C GLU D 351 5.91 12.92 -60.22
N ASP D 352 5.27 14.08 -60.34
CA ASP D 352 3.94 14.27 -59.76
C ASP D 352 2.81 13.90 -60.73
N ILE D 353 1.60 13.82 -60.21
CA ILE D 353 0.43 13.48 -61.00
C ILE D 353 -0.65 14.54 -60.78
N THR D 354 -1.15 15.11 -61.87
CA THR D 354 -2.18 16.14 -61.79
C THR D 354 -3.56 15.52 -61.59
N LEU D 355 -4.28 16.00 -60.59
CA LEU D 355 -5.61 15.49 -60.29
C LEU D 355 -6.70 16.40 -60.87
N PHE D 356 -7.22 16.01 -62.03
CA PHE D 356 -8.28 16.78 -62.69
C PHE D 356 -9.65 16.27 -62.31
N SER D 357 -10.67 16.77 -63.01
CA SER D 357 -12.05 16.38 -62.78
C SER D 357 -12.60 15.88 -64.12
N PRO D 358 -13.56 14.94 -64.07
CA PRO D 358 -14.17 14.38 -65.29
C PRO D 358 -14.83 15.40 -66.22
N SER D 359 -15.47 16.41 -65.64
CA SER D 359 -16.15 17.43 -66.43
C SER D 359 -15.23 18.54 -66.93
N ASP D 360 -14.24 18.90 -66.12
CA ASP D 360 -13.30 19.97 -66.47
C ASP D 360 -12.44 19.67 -67.70
N VAL D 361 -11.99 18.43 -67.84
CA VAL D 361 -11.15 18.04 -68.97
C VAL D 361 -11.88 17.27 -70.05
N PRO D 362 -12.18 17.94 -71.18
CA PRO D 362 -12.89 17.32 -72.31
C PRO D 362 -11.99 16.36 -73.10
N GLY D 363 -12.51 15.15 -73.33
CA GLY D 363 -11.75 14.16 -74.08
C GLY D 363 -10.59 13.56 -73.30
N LEU D 364 -10.33 14.09 -72.10
CA LEU D 364 -9.26 13.59 -71.27
C LEU D 364 -9.65 12.25 -70.65
N TYR D 365 -10.95 12.07 -70.45
CA TYR D 365 -11.48 10.84 -69.87
C TYR D 365 -11.50 9.71 -70.88
N ASP D 366 -12.18 9.93 -72.01
CA ASP D 366 -12.27 8.92 -73.07
C ASP D 366 -10.89 8.50 -73.55
N ALA D 367 -10.00 9.47 -73.71
CA ALA D 367 -8.64 9.19 -74.17
C ALA D 367 -7.91 8.28 -73.20
N PHE D 368 -8.37 8.25 -71.95
CA PHE D 368 -7.76 7.41 -70.93
C PHE D 368 -7.86 5.93 -71.30
N PHE D 369 -8.93 5.55 -72.00
CA PHE D 369 -9.09 4.16 -72.44
C PHE D 369 -9.01 3.92 -73.96
N ALA D 370 -9.79 4.68 -74.73
CA ALA D 370 -9.76 4.64 -76.18
C ALA D 370 -8.37 4.78 -76.79
N ASP D 371 -7.76 5.95 -76.64
CA ASP D 371 -6.43 6.19 -77.20
C ASP D 371 -5.46 6.73 -76.15
N GLN D 372 -4.30 6.08 -76.04
CA GLN D 372 -3.28 6.48 -75.07
C GLN D 372 -2.53 7.74 -75.48
N GLU D 373 -2.13 7.83 -76.75
CA GLU D 373 -1.39 8.99 -77.25
C GLU D 373 -2.19 10.27 -77.02
N GLU D 374 -3.50 10.20 -77.23
CA GLU D 374 -4.37 11.35 -77.06
C GLU D 374 -4.40 11.78 -75.59
N PHE D 375 -4.27 10.81 -74.70
CA PHE D 375 -4.26 11.08 -73.27
C PHE D 375 -3.01 11.83 -72.85
N GLU D 376 -1.86 11.36 -73.33
CA GLU D 376 -0.58 11.98 -73.02
C GLU D 376 -0.47 13.38 -73.62
N ARG D 377 -1.33 13.67 -74.59
CA ARG D 377 -1.31 14.97 -75.25
C ARG D 377 -2.23 15.95 -74.52
N LEU D 378 -3.42 15.48 -74.15
CA LEU D 378 -4.38 16.31 -73.45
C LEU D 378 -3.96 16.53 -72.00
N TYR D 379 -3.54 15.45 -71.34
CA TYR D 379 -3.12 15.52 -69.94
C TYR D 379 -2.06 16.60 -69.77
N THR D 380 -0.94 16.44 -70.49
CA THR D 380 0.15 17.40 -70.42
C THR D 380 -0.31 18.79 -70.85
N LYS D 381 -1.37 18.84 -71.64
CA LYS D 381 -1.92 20.11 -72.12
C LYS D 381 -2.66 20.84 -71.01
N TYR D 382 -3.60 20.14 -70.37
CA TYR D 382 -4.38 20.73 -69.29
C TYR D 382 -3.54 21.08 -68.07
N GLU D 383 -2.39 20.40 -67.94
CA GLU D 383 -1.49 20.67 -66.82
C GLU D 383 -0.99 22.10 -66.87
N LYS D 384 -0.67 22.55 -68.08
CA LYS D 384 -0.15 23.90 -68.28
C LYS D 384 -1.29 24.93 -68.19
N ASP D 385 -2.49 24.52 -68.60
CA ASP D 385 -3.66 25.40 -68.56
C ASP D 385 -4.00 25.72 -67.10
N ASP D 386 -3.73 26.96 -66.69
CA ASP D 386 -4.01 27.38 -65.32
C ASP D 386 -5.46 27.73 -65.07
N SER D 387 -6.26 27.76 -66.14
CA SER D 387 -7.67 28.09 -66.03
C SER D 387 -8.50 26.85 -65.72
N ILE D 388 -7.84 25.77 -65.32
CA ILE D 388 -8.51 24.52 -65.00
C ILE D 388 -8.09 24.05 -63.60
N ARG D 389 -9.07 23.90 -62.72
CA ARG D 389 -8.81 23.45 -61.36
C ARG D 389 -8.09 22.09 -61.36
N LYS D 390 -6.99 22.01 -60.61
CA LYS D 390 -6.21 20.78 -60.53
C LYS D 390 -5.53 20.67 -59.17
N GLN D 391 -4.64 19.70 -59.03
CA GLN D 391 -3.93 19.48 -57.79
C GLN D 391 -2.69 18.62 -58.02
N ARG D 392 -1.54 19.10 -57.54
CA ARG D 392 -0.28 18.39 -57.72
C ARG D 392 -0.04 17.40 -56.58
N VAL D 393 0.25 16.15 -56.92
CA VAL D 393 0.51 15.11 -55.94
C VAL D 393 1.61 14.16 -56.43
N LYS D 394 2.57 13.89 -55.56
CA LYS D 394 3.67 12.99 -55.91
C LYS D 394 3.17 11.62 -56.29
N ALA D 395 3.53 11.16 -57.48
CA ALA D 395 3.12 9.86 -57.97
C ALA D 395 3.55 8.76 -56.98
N VAL D 396 4.66 9.01 -56.30
CA VAL D 396 5.19 8.06 -55.34
C VAL D 396 4.28 7.96 -54.11
N GLU D 397 3.66 9.07 -53.75
CA GLU D 397 2.76 9.13 -52.60
C GLU D 397 1.39 8.53 -52.93
N LEU D 398 0.81 8.98 -54.04
CA LEU D 398 -0.50 8.50 -54.45
C LEU D 398 -0.52 6.98 -54.58
N PHE D 399 0.51 6.42 -55.21
CA PHE D 399 0.60 4.97 -55.38
C PHE D 399 0.80 4.25 -54.05
N SER D 400 1.33 4.97 -53.06
CA SER D 400 1.56 4.39 -51.74
C SER D 400 0.27 4.34 -50.96
N LEU D 401 -0.53 5.40 -51.07
CA LEU D 401 -1.81 5.49 -50.38
C LEU D 401 -2.76 4.42 -50.90
N MET D 402 -2.60 4.07 -52.17
CA MET D 402 -3.45 3.06 -52.80
C MET D 402 -3.09 1.67 -52.28
N MET D 403 -1.82 1.31 -52.39
CA MET D 403 -1.34 0.01 -51.93
C MET D 403 -1.55 -0.13 -50.43
N GLN D 404 -1.62 1.00 -49.73
CA GLN D 404 -1.83 1.01 -48.30
C GLN D 404 -3.20 0.45 -47.96
N GLU D 405 -4.24 1.09 -48.50
CA GLU D 405 -5.60 0.66 -48.26
C GLU D 405 -5.82 -0.72 -48.87
N ARG D 406 -5.04 -1.02 -49.92
CA ARG D 406 -5.13 -2.31 -50.60
C ARG D 406 -4.55 -3.43 -49.74
N ALA D 407 -3.64 -3.05 -48.84
CA ALA D 407 -3.01 -4.03 -47.96
C ALA D 407 -3.80 -4.18 -46.66
N SER D 408 -4.53 -3.14 -46.30
CA SER D 408 -5.33 -3.16 -45.08
C SER D 408 -6.69 -3.82 -45.31
N THR D 409 -7.36 -3.43 -46.39
CA THR D 409 -8.66 -4.00 -46.72
C THR D 409 -8.54 -5.19 -47.65
N GLY D 410 -7.67 -5.07 -48.65
CA GLY D 410 -7.47 -6.16 -49.59
C GLY D 410 -8.64 -6.26 -50.55
N ARG D 411 -9.33 -5.14 -50.76
CA ARG D 411 -10.48 -5.10 -51.66
C ARG D 411 -10.22 -4.13 -52.81
N ILE D 412 -9.29 -3.20 -52.59
CA ILE D 412 -8.94 -2.21 -53.60
C ILE D 412 -8.25 -2.89 -54.78
N TYR D 413 -8.99 -3.06 -55.87
CA TYR D 413 -8.46 -3.71 -57.07
C TYR D 413 -7.82 -2.69 -58.01
N ILE D 414 -7.04 -3.20 -58.97
CA ILE D 414 -6.37 -2.35 -59.94
C ILE D 414 -6.84 -2.74 -61.34
N GLN D 415 -7.00 -1.75 -62.22
CA GLN D 415 -7.44 -2.01 -63.58
C GLN D 415 -6.68 -1.16 -64.60
N ASN D 416 -5.84 -1.83 -65.39
CA ASN D 416 -5.05 -1.14 -66.41
C ASN D 416 -5.89 -0.91 -67.66
N VAL D 417 -6.55 0.24 -67.71
CA VAL D 417 -7.40 0.60 -68.84
C VAL D 417 -6.67 0.56 -70.17
N ASP D 418 -5.36 0.83 -70.13
CA ASP D 418 -4.55 0.82 -71.34
C ASP D 418 -4.54 -0.55 -72.01
N HIS D 419 -4.49 -1.60 -71.20
CA HIS D 419 -4.48 -2.96 -71.72
C HIS D 419 -5.88 -3.45 -72.09
N CYS D 420 -6.90 -2.81 -71.52
CA CYS D 420 -8.27 -3.19 -71.81
C CYS D 420 -8.66 -2.76 -73.22
N ASN D 421 -7.92 -1.82 -73.78
CA ASN D 421 -8.18 -1.31 -75.11
C ASN D 421 -7.15 -1.82 -76.12
N THR D 422 -5.88 -1.73 -75.76
CA THR D 422 -4.81 -2.19 -76.64
C THR D 422 -4.94 -3.69 -76.89
N HIS D 423 -5.16 -4.44 -75.82
CA HIS D 423 -5.31 -5.89 -75.91
C HIS D 423 -6.75 -6.27 -75.55
N SER D 424 -7.61 -6.29 -76.56
CA SER D 424 -9.02 -6.63 -76.35
C SER D 424 -9.72 -6.94 -77.67
N PRO D 425 -10.80 -7.74 -77.63
CA PRO D 425 -11.56 -8.12 -78.81
C PRO D 425 -12.55 -7.02 -79.26
N PHE D 426 -12.39 -5.83 -78.70
CA PHE D 426 -13.26 -4.71 -79.04
C PHE D 426 -12.49 -3.52 -79.60
N ASP D 427 -13.21 -2.58 -80.17
CA ASP D 427 -12.59 -1.38 -80.75
C ASP D 427 -12.69 -0.21 -79.78
N PRO D 428 -11.56 0.28 -79.28
CA PRO D 428 -11.50 1.41 -78.33
C PRO D 428 -12.24 2.65 -78.80
N ALA D 429 -12.58 2.69 -80.09
CA ALA D 429 -13.28 3.83 -80.65
C ALA D 429 -14.79 3.60 -80.73
N ILE D 430 -15.19 2.37 -81.02
CA ILE D 430 -16.60 2.03 -81.12
C ILE D 430 -17.17 1.53 -79.80
N ALA D 431 -16.52 0.53 -79.21
CA ALA D 431 -16.96 -0.03 -77.94
C ALA D 431 -15.77 -0.30 -77.02
N PRO D 432 -15.16 0.77 -76.48
CA PRO D 432 -14.01 0.66 -75.57
C PRO D 432 -14.40 0.19 -74.17
N VAL D 433 -13.55 -0.64 -73.57
CA VAL D 433 -13.80 -1.14 -72.23
C VAL D 433 -13.48 -0.04 -71.23
N ARG D 434 -14.38 0.18 -70.28
CA ARG D 434 -14.19 1.22 -69.28
C ARG D 434 -14.43 0.70 -67.86
N GLN D 435 -15.01 -0.49 -67.75
CA GLN D 435 -15.30 -1.06 -66.46
C GLN D 435 -14.94 -2.54 -66.36
N SER D 436 -15.12 -3.08 -65.16
CA SER D 436 -14.86 -4.48 -64.85
C SER D 436 -15.94 -4.87 -63.83
N ASN D 437 -16.20 -6.16 -63.69
CA ASN D 437 -17.22 -6.61 -62.76
C ASN D 437 -16.65 -6.81 -61.34
N LEU D 438 -17.52 -7.24 -60.44
CA LEU D 438 -17.14 -7.48 -59.04
C LEU D 438 -15.84 -8.27 -58.91
N CYS D 439 -15.74 -9.35 -59.68
CA CYS D 439 -14.55 -10.21 -59.63
C CYS D 439 -13.42 -9.68 -60.50
N LEU D 440 -13.71 -8.68 -61.32
CA LEU D 440 -12.71 -8.07 -62.21
C LEU D 440 -12.28 -8.97 -63.37
N GLU D 441 -13.09 -9.95 -63.73
CA GLU D 441 -12.74 -10.85 -64.83
C GLU D 441 -13.44 -10.46 -66.12
N ILE D 442 -14.51 -9.69 -66.01
CA ILE D 442 -15.27 -9.27 -67.18
C ILE D 442 -14.79 -7.94 -67.74
N ALA D 443 -14.78 -7.83 -69.06
CA ALA D 443 -14.36 -6.60 -69.74
C ALA D 443 -15.25 -6.36 -70.96
N LEU D 444 -16.45 -5.86 -70.71
CA LEU D 444 -17.40 -5.60 -71.79
C LEU D 444 -17.84 -4.14 -71.80
N PRO D 445 -18.01 -3.57 -73.00
CA PRO D 445 -18.44 -2.17 -73.16
C PRO D 445 -19.73 -1.87 -72.42
N THR D 446 -19.89 -0.62 -72.00
CA THR D 446 -21.09 -0.19 -71.29
C THR D 446 -21.52 1.21 -71.72
N LYS D 447 -22.79 1.52 -71.50
CA LYS D 447 -23.34 2.83 -71.87
C LYS D 447 -24.26 3.36 -70.78
N PRO D 448 -24.18 4.67 -70.49
CA PRO D 448 -25.02 5.30 -69.46
C PRO D 448 -26.49 5.34 -69.86
N LEU D 449 -27.37 5.16 -68.89
CA LEU D 449 -28.81 5.18 -69.13
C LEU D 449 -29.44 6.48 -68.66
N ASN D 450 -30.31 7.05 -69.48
CA ASN D 450 -30.99 8.30 -69.15
C ASN D 450 -32.19 8.01 -68.26
N ASP D 451 -32.58 6.74 -68.21
CA ASP D 451 -33.72 6.32 -67.39
C ASP D 451 -33.62 4.82 -67.10
N VAL D 452 -34.51 4.34 -66.24
CA VAL D 452 -34.52 2.93 -65.86
C VAL D 452 -34.86 2.05 -67.06
N ASN D 453 -35.47 2.65 -68.07
CA ASN D 453 -35.86 1.92 -69.27
C ASN D 453 -35.29 2.57 -70.53
N ASP D 454 -34.13 3.22 -70.38
CA ASP D 454 -33.49 3.89 -71.52
C ASP D 454 -33.07 2.86 -72.57
N GLU D 455 -33.30 3.20 -73.84
CA GLU D 455 -32.95 2.31 -74.94
C GLU D 455 -31.48 2.39 -75.28
N ASN D 456 -30.99 3.61 -75.50
CA ASN D 456 -29.58 3.83 -75.84
C ASN D 456 -28.66 3.19 -74.81
N GLY D 457 -29.12 3.08 -73.58
CA GLY D 457 -28.30 2.48 -72.54
C GLY D 457 -27.89 1.06 -72.86
N GLU D 458 -26.79 0.62 -72.27
CA GLU D 458 -26.28 -0.73 -72.51
C GLU D 458 -25.70 -1.33 -71.24
N ILE D 459 -26.41 -2.31 -70.67
CA ILE D 459 -25.95 -2.97 -69.46
C ILE D 459 -25.22 -4.26 -69.81
N ALA D 460 -23.89 -4.18 -69.87
CA ALA D 460 -23.06 -5.34 -70.19
C ALA D 460 -23.33 -6.49 -69.24
N LEU D 461 -23.72 -7.64 -69.79
CA LEU D 461 -24.00 -8.82 -68.99
C LEU D 461 -23.14 -9.98 -69.47
N CYS D 462 -23.07 -11.03 -68.68
CA CYS D 462 -22.23 -12.19 -69.02
C CYS D 462 -22.81 -13.52 -68.57
N THR D 463 -22.41 -14.58 -69.27
CA THR D 463 -22.72 -15.95 -68.88
C THR D 463 -21.38 -16.62 -68.57
N LEU D 464 -21.28 -17.23 -67.40
CA LEU D 464 -20.04 -17.89 -66.99
C LEU D 464 -20.01 -19.39 -67.23
N SER D 465 -18.79 -19.93 -67.29
CA SER D 465 -18.54 -21.35 -67.49
C SER D 465 -17.04 -21.58 -67.43
N ALA D 466 -16.62 -22.83 -67.27
CA ALA D 466 -15.20 -23.15 -67.19
C ALA D 466 -14.90 -24.61 -67.54
N PHE D 467 -13.66 -24.86 -67.94
CA PHE D 467 -13.23 -26.20 -68.31
C PHE D 467 -12.36 -26.80 -67.20
N ASN D 468 -12.67 -28.04 -66.81
CA ASN D 468 -11.92 -28.71 -65.77
C ASN D 468 -10.66 -29.35 -66.37
N LEU D 469 -9.54 -28.65 -66.26
CA LEU D 469 -8.27 -29.14 -66.79
C LEU D 469 -7.91 -30.50 -66.22
N GLY D 470 -8.48 -30.84 -65.07
CA GLY D 470 -8.20 -32.12 -64.45
C GLY D 470 -9.20 -33.18 -64.81
N ALA D 471 -9.77 -33.07 -66.01
CA ALA D 471 -10.75 -34.03 -66.48
C ALA D 471 -10.42 -34.49 -67.90
N ILE D 472 -9.72 -33.63 -68.64
CA ILE D 472 -9.33 -33.94 -70.01
C ILE D 472 -7.94 -34.54 -70.06
N ASN D 473 -7.72 -35.44 -71.03
CA ASN D 473 -6.43 -36.09 -71.20
C ASN D 473 -5.48 -35.20 -71.99
N ASN D 474 -6.00 -34.62 -73.06
CA ASN D 474 -5.20 -33.74 -73.92
C ASN D 474 -5.94 -32.43 -74.19
N LEU D 475 -5.25 -31.49 -74.83
CA LEU D 475 -5.83 -30.20 -75.15
C LEU D 475 -6.81 -30.30 -76.31
N ASP D 476 -6.69 -31.37 -77.10
CA ASP D 476 -7.55 -31.58 -78.24
C ASP D 476 -8.98 -31.94 -77.83
N GLU D 477 -9.15 -32.41 -76.61
CA GLU D 477 -10.48 -32.78 -76.10
C GLU D 477 -11.35 -31.54 -75.91
N LEU D 478 -10.72 -30.38 -75.87
CA LEU D 478 -11.45 -29.12 -75.70
C LEU D 478 -12.25 -28.78 -76.94
N GLU D 479 -11.93 -29.44 -78.05
CA GLU D 479 -12.63 -29.21 -79.31
C GLU D 479 -14.11 -29.53 -79.17
N GLU D 480 -14.42 -30.62 -78.46
CA GLU D 480 -15.80 -31.04 -78.26
C GLU D 480 -16.46 -30.22 -77.16
N LEU D 481 -15.74 -30.03 -76.06
CA LEU D 481 -16.26 -29.26 -74.92
C LEU D 481 -16.56 -27.81 -75.31
N ALA D 482 -15.68 -27.23 -76.12
CA ALA D 482 -15.84 -25.85 -76.55
C ALA D 482 -17.17 -25.65 -77.27
N ILE D 483 -17.39 -26.40 -78.33
CA ILE D 483 -18.63 -26.31 -79.10
C ILE D 483 -19.83 -26.72 -78.27
N LEU D 484 -19.65 -27.72 -77.40
CA LEU D 484 -20.73 -28.21 -76.55
C LEU D 484 -21.00 -27.26 -75.39
N ALA D 485 -20.12 -26.27 -75.20
CA ALA D 485 -20.28 -25.31 -74.12
C ALA D 485 -20.81 -23.97 -74.65
N VAL D 486 -20.17 -23.46 -75.69
CA VAL D 486 -20.57 -22.19 -76.28
C VAL D 486 -22.04 -22.21 -76.69
N ARG D 487 -22.48 -23.32 -77.26
CA ARG D 487 -23.87 -23.46 -77.70
C ARG D 487 -24.83 -23.37 -76.52
N ALA D 488 -24.52 -24.10 -75.45
CA ALA D 488 -25.36 -24.11 -74.25
C ALA D 488 -25.53 -22.71 -73.69
N LEU D 489 -24.43 -21.96 -73.61
CA LEU D 489 -24.47 -20.60 -73.08
C LEU D 489 -25.17 -19.65 -74.03
N ASP D 490 -24.81 -19.74 -75.32
CA ASP D 490 -25.40 -18.89 -76.34
C ASP D 490 -26.92 -19.03 -76.35
N ALA D 491 -27.40 -20.26 -76.27
CA ALA D 491 -28.83 -20.53 -76.28
C ALA D 491 -29.49 -19.99 -75.01
N LEU D 492 -28.73 -19.96 -73.92
CA LEU D 492 -29.24 -19.45 -72.65
C LEU D 492 -29.58 -17.98 -72.74
N LEU D 493 -28.80 -17.24 -73.53
CA LEU D 493 -29.02 -15.80 -73.71
C LEU D 493 -30.40 -15.54 -74.28
N ASP D 494 -30.94 -16.51 -75.00
CA ASP D 494 -32.27 -16.38 -75.60
C ASP D 494 -33.33 -17.05 -74.74
N TYR D 495 -32.89 -17.96 -73.87
CA TYR D 495 -33.79 -18.69 -72.98
C TYR D 495 -34.22 -17.82 -71.80
N GLN D 496 -33.30 -16.97 -71.34
CA GLN D 496 -33.57 -16.08 -70.21
C GLN D 496 -34.16 -14.75 -70.67
N ASP D 497 -34.80 -14.05 -69.74
CA ASP D 497 -35.41 -12.76 -70.04
C ASP D 497 -34.52 -11.62 -69.57
N TYR D 498 -34.97 -10.39 -69.78
CA TYR D 498 -34.21 -9.22 -69.36
C TYR D 498 -35.13 -8.15 -68.78
N PRO D 499 -35.04 -7.93 -67.46
CA PRO D 499 -35.87 -6.94 -66.75
C PRO D 499 -35.52 -5.49 -67.10
N ILE D 500 -34.44 -5.31 -67.85
CA ILE D 500 -34.00 -3.97 -68.25
C ILE D 500 -33.69 -3.91 -69.74
N PRO D 501 -34.25 -2.90 -70.44
CA PRO D 501 -34.04 -2.72 -71.88
C PRO D 501 -32.56 -2.67 -72.25
N ALA D 502 -31.81 -1.83 -71.54
CA ALA D 502 -30.37 -1.69 -71.79
C ALA D 502 -29.65 -3.03 -71.68
N ALA D 503 -30.14 -3.87 -70.77
CA ALA D 503 -29.54 -5.18 -70.55
C ALA D 503 -29.74 -6.06 -71.78
N LYS D 504 -30.96 -6.08 -72.29
CA LYS D 504 -31.29 -6.87 -73.47
C LYS D 504 -30.55 -6.32 -74.69
N ARG D 505 -30.31 -5.02 -74.68
CA ARG D 505 -29.60 -4.35 -75.76
C ARG D 505 -28.20 -4.92 -75.96
N GLY D 506 -27.40 -4.92 -74.90
CA GLY D 506 -26.05 -5.43 -74.99
C GLY D 506 -25.98 -6.95 -75.01
N ALA D 507 -27.02 -7.59 -74.51
CA ALA D 507 -27.07 -9.05 -74.48
C ALA D 507 -27.25 -9.65 -75.88
N MET D 508 -28.24 -9.13 -76.60
CA MET D 508 -28.53 -9.60 -77.95
C MET D 508 -27.67 -8.87 -78.98
N GLY D 509 -26.95 -7.85 -78.52
CA GLY D 509 -26.10 -7.08 -79.41
C GLY D 509 -24.81 -7.79 -79.77
N ARG D 510 -23.94 -7.96 -78.77
CA ARG D 510 -22.67 -8.63 -79.00
C ARG D 510 -22.67 -10.07 -78.50
N ARG D 511 -23.72 -10.44 -77.77
CA ARG D 511 -23.87 -11.79 -77.24
C ARG D 511 -22.56 -12.30 -76.65
N THR D 512 -22.01 -11.54 -75.70
CA THR D 512 -20.75 -11.92 -75.06
C THR D 512 -20.92 -13.06 -74.06
N LEU D 513 -19.84 -13.81 -73.84
CA LEU D 513 -19.85 -14.93 -72.90
C LEU D 513 -18.59 -14.91 -72.05
N GLY D 514 -18.54 -15.77 -71.04
CA GLY D 514 -17.39 -15.83 -70.17
C GLY D 514 -17.02 -17.24 -69.75
N ILE D 515 -16.16 -17.88 -70.53
CA ILE D 515 -15.73 -19.24 -70.23
C ILE D 515 -14.27 -19.25 -69.76
N GLY D 516 -14.07 -19.70 -68.53
CA GLY D 516 -12.73 -19.75 -67.98
C GLY D 516 -12.25 -21.18 -67.76
N VAL D 517 -11.34 -21.35 -66.79
CA VAL D 517 -10.80 -22.66 -66.48
C VAL D 517 -10.77 -22.90 -64.97
N ILE D 518 -10.86 -24.16 -64.57
CA ILE D 518 -10.85 -24.53 -63.17
C ILE D 518 -9.90 -25.69 -62.93
N ASN D 519 -9.51 -25.89 -61.68
CA ASN D 519 -8.61 -26.97 -61.31
C ASN D 519 -7.27 -26.83 -62.03
N PHE D 520 -6.78 -25.60 -62.13
CA PHE D 520 -5.50 -25.33 -62.78
C PHE D 520 -4.35 -25.85 -61.95
N ALA D 521 -4.50 -25.78 -60.63
CA ALA D 521 -3.46 -26.25 -59.70
C ALA D 521 -3.15 -27.72 -59.94
N TYR D 522 -4.21 -28.53 -60.05
CA TYR D 522 -4.06 -29.96 -60.29
C TYR D 522 -3.45 -30.23 -61.65
N TYR D 523 -3.79 -29.39 -62.62
CA TYR D 523 -3.28 -29.53 -63.98
C TYR D 523 -1.76 -29.50 -63.99
N LEU D 524 -1.19 -28.48 -63.34
CA LEU D 524 0.26 -28.32 -63.27
C LEU D 524 0.87 -29.43 -62.41
N ALA D 525 0.08 -29.94 -61.47
CA ALA D 525 0.54 -31.00 -60.57
C ALA D 525 0.86 -32.27 -61.36
N LYS D 526 -0.03 -32.65 -62.26
CA LYS D 526 0.15 -33.84 -63.07
C LYS D 526 1.39 -33.73 -63.95
N HIS D 527 1.56 -32.57 -64.57
CA HIS D 527 2.71 -32.33 -65.44
C HIS D 527 3.95 -31.98 -64.64
N GLY D 528 3.82 -32.00 -63.32
CA GLY D 528 4.94 -31.68 -62.45
C GLY D 528 5.48 -30.28 -62.70
N LYS D 529 4.64 -29.28 -62.48
CA LYS D 529 5.05 -27.89 -62.68
C LYS D 529 4.71 -27.06 -61.46
N ARG D 530 5.21 -25.83 -61.42
CA ARG D 530 4.97 -24.94 -60.30
C ARG D 530 4.70 -23.51 -60.77
N TYR D 531 4.61 -22.58 -59.82
CA TYR D 531 4.34 -21.18 -60.13
C TYR D 531 5.59 -20.31 -59.93
N SER D 532 6.16 -20.40 -58.73
CA SER D 532 7.35 -19.62 -58.39
C SER D 532 8.48 -19.77 -59.42
N ASP D 533 8.89 -21.00 -59.67
CA ASP D 533 9.95 -21.27 -60.63
C ASP D 533 9.57 -20.87 -62.04
N GLY D 534 8.30 -21.03 -62.37
CA GLY D 534 7.82 -20.68 -63.70
C GLY D 534 8.16 -21.72 -64.74
N SER D 535 8.19 -22.98 -64.32
CA SER D 535 8.50 -24.09 -65.23
C SER D 535 7.25 -24.52 -65.97
N ALA D 536 6.21 -23.70 -65.90
CA ALA D 536 4.94 -23.99 -66.55
C ALA D 536 4.55 -22.89 -67.54
N ASN D 537 5.43 -21.92 -67.72
CA ASN D 537 5.16 -20.82 -68.64
C ASN D 537 4.84 -21.34 -70.04
N ASN D 538 5.63 -22.31 -70.50
CA ASN D 538 5.43 -22.89 -71.82
C ASN D 538 4.16 -23.72 -71.85
N LEU D 539 3.95 -24.51 -70.79
CA LEU D 539 2.77 -25.35 -70.68
C LEU D 539 1.50 -24.49 -70.64
N THR D 540 1.55 -23.45 -69.83
CA THR D 540 0.42 -22.53 -69.68
C THR D 540 0.11 -21.88 -71.03
N HIS D 541 1.14 -21.61 -71.82
CA HIS D 541 0.98 -21.00 -73.12
C HIS D 541 0.32 -21.96 -74.10
N LYS D 542 0.79 -23.21 -74.08
CA LYS D 542 0.26 -24.25 -74.96
C LYS D 542 -1.19 -24.58 -74.63
N THR D 543 -1.46 -24.86 -73.35
CA THR D 543 -2.80 -25.21 -72.90
C THR D 543 -3.84 -24.16 -73.27
N PHE D 544 -3.65 -22.94 -72.78
CA PHE D 544 -4.58 -21.85 -73.06
C PHE D 544 -4.70 -21.56 -74.55
N GLU D 545 -3.62 -21.82 -75.30
CA GLU D 545 -3.63 -21.58 -76.74
C GLU D 545 -4.75 -22.39 -77.38
N ALA D 546 -4.91 -23.63 -76.92
CA ALA D 546 -5.94 -24.52 -77.45
C ALA D 546 -7.30 -24.09 -76.91
N ILE D 547 -7.34 -23.73 -75.63
CA ILE D 547 -8.56 -23.30 -74.98
C ILE D 547 -9.20 -22.15 -75.75
N GLN D 548 -8.38 -21.24 -76.24
CA GLN D 548 -8.86 -20.09 -77.00
C GLN D 548 -9.15 -20.44 -78.45
N TYR D 549 -8.28 -21.26 -79.05
CA TYR D 549 -8.44 -21.66 -80.44
C TYR D 549 -9.76 -22.38 -80.70
N TYR D 550 -10.03 -23.41 -79.90
CA TYR D 550 -11.26 -24.18 -80.06
C TYR D 550 -12.51 -23.37 -79.76
N LEU D 551 -12.44 -22.46 -78.79
CA LEU D 551 -13.57 -21.63 -78.44
C LEU D 551 -13.97 -20.79 -79.64
N LEU D 552 -12.99 -20.16 -80.26
CA LEU D 552 -13.23 -19.32 -81.43
C LEU D 552 -13.68 -20.20 -82.59
N LYS D 553 -13.05 -21.36 -82.73
CA LYS D 553 -13.38 -22.30 -83.79
C LYS D 553 -14.78 -22.84 -83.58
N ALA D 554 -15.25 -22.79 -82.34
CA ALA D 554 -16.58 -23.28 -81.99
C ALA D 554 -17.62 -22.20 -82.30
N SER D 555 -17.35 -20.98 -81.84
CA SER D 555 -18.26 -19.87 -82.07
C SER D 555 -18.25 -19.47 -83.54
N ASN D 556 -17.22 -19.92 -84.26
CA ASN D 556 -17.09 -19.63 -85.68
C ASN D 556 -18.08 -20.49 -86.47
N GLU D 557 -18.07 -21.79 -86.22
CA GLU D 557 -18.97 -22.71 -86.89
C GLU D 557 -20.40 -22.41 -86.49
N LEU D 558 -20.57 -21.91 -85.27
CA LEU D 558 -21.90 -21.56 -84.75
C LEU D 558 -22.45 -20.39 -85.55
N ALA D 559 -21.57 -19.49 -85.96
CA ALA D 559 -21.97 -18.33 -86.74
C ALA D 559 -22.30 -18.80 -88.16
N LYS D 560 -21.91 -20.03 -88.46
CA LYS D 560 -22.16 -20.62 -89.77
C LYS D 560 -23.45 -21.43 -89.72
N GLU D 561 -24.20 -21.24 -88.64
CA GLU D 561 -25.47 -21.93 -88.45
C GLU D 561 -26.55 -20.98 -87.95
N GLN D 562 -26.13 -19.90 -87.30
CA GLN D 562 -27.07 -18.92 -86.77
C GLN D 562 -26.60 -17.49 -87.04
N GLY D 563 -25.52 -17.36 -87.80
CA GLY D 563 -24.99 -16.04 -88.11
C GLY D 563 -24.23 -15.44 -86.94
N ALA D 564 -23.28 -14.57 -87.26
CA ALA D 564 -22.47 -13.91 -86.23
C ALA D 564 -23.30 -12.90 -85.45
N CYS D 565 -22.75 -12.39 -84.36
CA CYS D 565 -23.44 -11.41 -83.53
C CYS D 565 -23.73 -10.12 -84.30
N PRO D 566 -24.89 -9.51 -84.05
CA PRO D 566 -25.33 -8.27 -84.70
C PRO D 566 -24.31 -7.13 -84.66
N TRP D 567 -23.70 -6.89 -83.52
CA TRP D 567 -22.79 -5.74 -83.38
C TRP D 567 -21.35 -5.98 -83.87
N PHE D 568 -21.10 -7.15 -84.44
CA PHE D 568 -19.76 -7.70 -84.49
C PHE D 568 -18.80 -6.75 -85.19
N ASN D 569 -19.26 -6.10 -86.24
CA ASN D 569 -18.45 -5.14 -86.98
C ASN D 569 -17.67 -4.21 -86.04
N GLU D 570 -18.16 -4.07 -84.82
CA GLU D 570 -17.52 -3.21 -83.82
C GLU D 570 -16.29 -3.89 -83.20
N THR D 571 -16.28 -5.21 -83.23
CA THR D 571 -15.18 -5.99 -82.66
C THR D 571 -13.97 -6.04 -83.60
N THR D 572 -12.81 -6.37 -83.04
CA THR D 572 -11.58 -6.45 -83.81
C THR D 572 -11.57 -7.68 -84.71
N TYR D 573 -12.21 -8.76 -84.27
CA TYR D 573 -12.27 -9.99 -85.03
C TYR D 573 -12.82 -9.75 -86.44
N ALA D 574 -13.68 -8.75 -86.57
CA ALA D 574 -14.26 -8.41 -87.86
C ALA D 574 -13.22 -7.83 -88.80
N LYS D 575 -12.33 -7.01 -88.24
CA LYS D 575 -11.27 -6.37 -89.01
C LYS D 575 -10.05 -7.28 -89.11
N GLY D 576 -10.28 -8.58 -89.01
CA GLY D 576 -9.18 -9.54 -89.08
C GLY D 576 -8.13 -9.30 -88.02
N ILE D 577 -8.54 -9.33 -86.76
CA ILE D 577 -7.62 -9.12 -85.64
C ILE D 577 -7.80 -10.21 -84.60
N LEU D 578 -6.69 -10.87 -84.24
CA LEU D 578 -6.72 -11.93 -83.25
C LEU D 578 -5.86 -11.56 -82.04
N PRO D 579 -6.20 -12.09 -80.86
CA PRO D 579 -5.47 -11.82 -79.62
C PRO D 579 -3.96 -12.01 -79.74
N ILE D 580 -3.56 -12.82 -80.70
CA ILE D 580 -2.14 -13.10 -80.93
C ILE D 580 -1.41 -11.90 -81.53
N ASP D 581 -2.16 -10.89 -81.95
CA ASP D 581 -1.57 -9.69 -82.54
C ASP D 581 -1.44 -8.55 -81.55
N THR D 582 -2.44 -8.37 -80.71
CA THR D 582 -2.43 -7.28 -79.73
C THR D 582 -1.98 -7.69 -78.33
N TYR D 583 -1.33 -8.84 -78.21
CA TYR D 583 -0.86 -9.30 -76.90
C TYR D 583 0.41 -8.54 -76.50
N LYS D 584 0.68 -8.50 -75.20
CA LYS D 584 1.86 -7.81 -74.69
C LYS D 584 3.13 -8.46 -75.24
N LYS D 585 3.78 -7.77 -76.17
CA LYS D 585 5.01 -8.26 -76.79
C LYS D 585 6.08 -8.61 -75.77
N ASP D 586 5.91 -8.13 -74.54
CA ASP D 586 6.89 -8.40 -73.48
C ASP D 586 6.76 -9.82 -72.93
N LEU D 587 5.83 -10.59 -73.51
CA LEU D 587 5.61 -11.97 -73.08
C LEU D 587 6.60 -12.90 -73.79
N ASP D 588 7.27 -12.38 -74.80
CA ASP D 588 8.24 -13.15 -75.56
C ASP D 588 9.58 -13.22 -74.83
N THR D 589 9.57 -12.85 -73.56
CA THR D 589 10.78 -12.87 -72.75
C THR D 589 10.64 -13.86 -71.59
N ILE D 590 9.47 -14.49 -71.50
CA ILE D 590 9.20 -15.45 -70.44
C ILE D 590 8.67 -16.76 -71.02
N ALA D 591 8.57 -16.82 -72.35
CA ALA D 591 8.08 -18.01 -73.03
C ALA D 591 8.43 -17.96 -74.51
N ASN D 592 8.63 -19.13 -75.10
CA ASN D 592 8.97 -19.24 -76.52
C ASN D 592 8.13 -20.32 -77.19
N GLU D 593 7.15 -20.83 -76.47
CA GLU D 593 6.27 -21.87 -76.99
C GLU D 593 5.53 -21.38 -78.23
N PRO D 594 5.86 -21.94 -79.41
CA PRO D 594 5.22 -21.54 -80.67
C PRO D 594 3.78 -22.03 -80.77
N LEU D 595 3.01 -21.41 -81.65
CA LEU D 595 1.61 -21.78 -81.85
C LEU D 595 1.50 -23.17 -82.46
N HIS D 596 0.97 -24.11 -81.68
CA HIS D 596 0.81 -25.48 -82.13
C HIS D 596 -0.52 -25.67 -82.86
N TYR D 597 -1.05 -24.57 -83.41
CA TYR D 597 -2.30 -24.60 -84.14
C TYR D 597 -2.28 -23.61 -85.29
N ASP D 598 -3.03 -23.91 -86.35
CA ASP D 598 -3.10 -23.06 -87.52
C ASP D 598 -4.13 -21.95 -87.31
N TRP D 599 -3.68 -20.82 -86.78
CA TRP D 599 -4.57 -19.68 -86.53
C TRP D 599 -4.90 -18.94 -87.83
N GLU D 600 -3.93 -18.85 -88.73
CA GLU D 600 -4.13 -18.17 -90.00
C GLU D 600 -5.36 -18.72 -90.70
N ALA D 601 -5.72 -19.96 -90.37
CA ALA D 601 -6.88 -20.60 -90.96
C ALA D 601 -8.14 -20.03 -90.34
N LEU D 602 -8.14 -19.89 -89.02
CA LEU D 602 -9.27 -19.34 -88.30
C LEU D 602 -9.41 -17.86 -88.60
N ARG D 603 -8.29 -17.22 -88.95
CA ARG D 603 -8.28 -15.80 -89.28
C ARG D 603 -9.18 -15.53 -90.48
N GLU D 604 -8.97 -16.28 -91.55
CA GLU D 604 -9.76 -16.13 -92.77
C GLU D 604 -11.15 -16.71 -92.60
N SER D 605 -11.32 -17.55 -91.58
CA SER D 605 -12.60 -18.19 -91.31
C SER D 605 -13.52 -17.23 -90.55
N ILE D 606 -12.95 -16.52 -89.58
CA ILE D 606 -13.72 -15.56 -88.79
C ILE D 606 -13.94 -14.29 -89.58
N LYS D 607 -12.99 -13.99 -90.48
CA LYS D 607 -13.08 -12.80 -91.31
C LYS D 607 -14.21 -12.94 -92.32
N THR D 608 -14.65 -14.17 -92.53
CA THR D 608 -15.72 -14.46 -93.47
C THR D 608 -17.08 -14.69 -92.80
N HIS D 609 -17.10 -15.49 -91.74
CA HIS D 609 -18.34 -15.79 -91.04
C HIS D 609 -18.48 -15.04 -89.72
N GLY D 610 -17.35 -14.69 -89.12
CA GLY D 610 -17.39 -13.98 -87.86
C GLY D 610 -17.55 -14.91 -86.67
N LEU D 611 -18.02 -14.36 -85.54
CA LEU D 611 -18.22 -15.16 -84.34
C LEU D 611 -19.60 -14.92 -83.74
N ARG D 612 -20.25 -16.00 -83.33
CA ARG D 612 -21.58 -15.92 -82.73
C ARG D 612 -21.54 -15.04 -81.48
N ASN D 613 -20.35 -14.91 -80.90
CA ASN D 613 -20.16 -14.10 -79.70
C ASN D 613 -18.94 -13.20 -79.87
N SER D 614 -18.94 -12.08 -79.17
CA SER D 614 -17.83 -11.13 -79.23
C SER D 614 -16.61 -11.64 -78.46
N THR D 615 -16.84 -12.12 -77.25
CA THR D 615 -15.79 -12.74 -76.45
C THR D 615 -16.18 -14.16 -76.06
N LEU D 616 -15.31 -15.12 -76.38
CA LEU D 616 -15.57 -16.53 -76.09
C LEU D 616 -14.94 -17.05 -74.79
N SER D 617 -14.17 -16.22 -74.09
CA SER D 617 -13.51 -16.70 -72.88
C SER D 617 -13.42 -15.69 -71.73
N ALA D 618 -13.37 -16.22 -70.50
CA ALA D 618 -13.03 -15.46 -69.33
C ALA D 618 -12.37 -16.38 -68.32
N LEU D 619 -11.49 -15.82 -67.50
CA LEU D 619 -11.03 -16.50 -66.30
C LEU D 619 -11.60 -15.86 -65.04
N MET D 620 -12.39 -16.63 -64.29
CA MET D 620 -13.01 -16.14 -63.07
C MET D 620 -12.70 -17.04 -61.87
N PRO D 621 -12.90 -16.53 -60.66
CA PRO D 621 -12.65 -17.35 -59.47
C PRO D 621 -13.96 -17.81 -58.84
N SER D 622 -14.13 -19.13 -58.73
CA SER D 622 -15.28 -19.70 -58.05
C SER D 622 -14.85 -20.69 -56.97
N GLU D 623 -15.30 -20.47 -55.74
CA GLU D 623 -15.34 -21.51 -54.73
C GLU D 623 -16.43 -22.57 -55.00
N THR D 624 -17.62 -22.09 -55.34
CA THR D 624 -18.81 -22.93 -55.50
C THR D 624 -18.82 -23.91 -56.68
N SER D 625 -18.36 -23.43 -57.83
CA SER D 625 -18.39 -24.18 -59.08
C SER D 625 -17.37 -25.29 -59.03
N SER D 626 -16.21 -24.99 -58.46
CA SER D 626 -15.13 -25.97 -58.38
C SER D 626 -15.34 -26.96 -57.24
N GLN D 627 -16.00 -26.52 -56.18
CA GLN D 627 -16.17 -27.37 -55.03
C GLN D 627 -16.90 -28.61 -55.52
N ILE D 628 -17.81 -28.41 -56.45
CA ILE D 628 -18.64 -29.50 -56.95
C ILE D 628 -17.78 -30.58 -57.60
N SER D 629 -16.82 -30.15 -58.42
CA SER D 629 -15.93 -31.07 -59.10
C SER D 629 -14.78 -31.46 -58.18
N ASN D 630 -14.86 -31.02 -56.92
CA ASN D 630 -13.83 -31.31 -55.93
C ASN D 630 -12.47 -30.95 -56.50
N ALA D 631 -12.43 -29.85 -57.25
CA ALA D 631 -11.19 -29.38 -57.87
C ALA D 631 -10.70 -28.09 -57.21
N THR D 632 -9.51 -27.66 -57.58
CA THR D 632 -8.93 -26.44 -57.03
C THR D 632 -9.62 -25.21 -57.62
N ASN D 633 -9.83 -24.19 -56.78
CA ASN D 633 -10.48 -22.96 -57.19
C ASN D 633 -9.75 -22.29 -58.34
N GLY D 634 -10.48 -21.98 -59.40
CA GLY D 634 -9.89 -21.32 -60.57
C GLY D 634 -8.47 -21.77 -60.86
N ILE D 635 -7.60 -20.80 -61.10
CA ILE D 635 -6.20 -21.11 -61.39
C ILE D 635 -5.34 -20.87 -60.14
N GLU D 636 -5.99 -20.41 -59.08
CA GLU D 636 -5.32 -20.15 -57.81
C GLU D 636 -4.91 -21.46 -57.16
N PRO D 637 -3.64 -21.59 -56.76
CA PRO D 637 -3.17 -22.82 -56.11
C PRO D 637 -3.83 -23.05 -54.75
N PRO D 638 -3.89 -24.30 -54.30
CA PRO D 638 -4.51 -24.64 -53.01
C PRO D 638 -3.78 -24.03 -51.82
N ARG D 639 -4.55 -23.37 -50.96
CA ARG D 639 -3.99 -22.73 -49.77
C ARG D 639 -3.41 -23.80 -48.85
N GLY D 640 -3.83 -25.04 -49.06
CA GLY D 640 -3.36 -26.15 -48.26
C GLY D 640 -3.90 -27.46 -48.77
N TYR D 641 -3.23 -28.56 -48.43
CA TYR D 641 -3.65 -29.88 -48.87
C TYR D 641 -5.11 -30.14 -48.49
N VAL D 642 -5.53 -29.59 -47.35
CA VAL D 642 -6.89 -29.76 -46.88
C VAL D 642 -7.45 -28.42 -46.41
N SER D 643 -7.92 -27.61 -47.36
CA SER D 643 -8.47 -26.30 -47.05
C SER D 643 -9.82 -26.43 -46.36
N ILE D 644 -10.21 -25.38 -45.63
CA ILE D 644 -11.47 -25.37 -44.91
C ILE D 644 -12.41 -24.29 -45.42
N LYS D 645 -13.65 -24.67 -45.70
CA LYS D 645 -14.65 -23.74 -46.20
C LYS D 645 -15.91 -23.79 -45.35
N ALA D 646 -16.24 -22.65 -44.73
CA ALA D 646 -17.42 -22.56 -43.88
C ALA D 646 -18.70 -22.70 -44.68
N SER D 647 -19.61 -23.55 -44.19
CA SER D 647 -20.88 -23.79 -44.84
C SER D 647 -22.02 -23.41 -43.89
N LYS D 648 -23.14 -22.96 -44.46
CA LYS D 648 -24.29 -22.59 -43.66
C LYS D 648 -24.67 -23.74 -42.72
N ASP D 649 -24.44 -24.96 -43.20
CA ASP D 649 -24.73 -26.16 -42.42
C ASP D 649 -23.65 -26.33 -41.35
N GLY D 650 -22.40 -26.26 -41.78
CA GLY D 650 -21.28 -26.42 -40.87
C GLY D 650 -19.95 -26.22 -41.55
N ILE D 651 -18.88 -26.70 -40.92
CA ILE D 651 -17.54 -26.58 -41.48
C ILE D 651 -17.33 -27.67 -42.53
N LEU D 652 -16.56 -27.36 -43.57
CA LEU D 652 -16.30 -28.32 -44.63
C LEU D 652 -14.81 -28.47 -44.91
N ARG D 653 -14.37 -29.72 -45.12
CA ARG D 653 -12.98 -30.01 -45.41
C ARG D 653 -12.85 -30.58 -46.81
N GLN D 654 -12.20 -29.83 -47.69
CA GLN D 654 -12.00 -30.26 -49.07
C GLN D 654 -10.54 -30.58 -49.35
N VAL D 655 -10.25 -31.84 -49.64
CA VAL D 655 -8.90 -32.29 -49.93
C VAL D 655 -8.61 -32.16 -51.43
N VAL D 656 -7.39 -31.76 -51.75
CA VAL D 656 -6.98 -31.59 -53.15
C VAL D 656 -7.13 -32.90 -53.91
N PRO D 657 -7.35 -32.81 -55.24
CA PRO D 657 -7.52 -33.99 -56.09
C PRO D 657 -6.23 -34.80 -56.27
N ASP D 658 -6.36 -36.12 -56.14
CA ASP D 658 -5.23 -37.03 -56.27
C ASP D 658 -4.10 -36.67 -55.32
N TYR D 659 -4.42 -36.62 -54.03
CA TYR D 659 -3.45 -36.29 -53.00
C TYR D 659 -2.55 -37.47 -52.67
N GLU D 660 -3.11 -38.67 -52.69
CA GLU D 660 -2.36 -39.88 -52.39
C GLU D 660 -1.20 -40.11 -53.35
N HIS D 661 -1.19 -39.37 -54.46
CA HIS D 661 -0.12 -39.51 -55.44
C HIS D 661 0.55 -38.20 -55.82
N LEU D 662 -0.12 -37.08 -55.56
CA LEU D 662 0.36 -35.76 -56.00
C LEU D 662 0.94 -34.85 -54.89
N HIS D 663 1.13 -35.39 -53.70
CA HIS D 663 1.45 -34.58 -52.53
C HIS D 663 2.68 -33.69 -52.69
N ASP D 664 3.74 -34.25 -53.25
CA ASP D 664 4.97 -33.50 -53.54
C ASP D 664 4.77 -32.41 -54.60
N ALA D 665 4.02 -32.75 -55.65
CA ALA D 665 3.82 -31.86 -56.78
C ALA D 665 3.21 -30.51 -56.43
N TYR D 666 2.10 -30.53 -55.70
CA TYR D 666 1.42 -29.31 -55.30
C TYR D 666 2.30 -28.27 -54.62
N GLU D 667 2.05 -27.00 -54.93
CA GLU D 667 2.80 -25.89 -54.36
C GLU D 667 1.82 -24.97 -53.63
N LEU D 668 1.62 -25.24 -52.34
CA LEU D 668 0.71 -24.47 -51.50
C LEU D 668 0.96 -22.96 -51.62
N LEU D 669 -0.14 -22.21 -51.72
CA LEU D 669 -0.10 -20.77 -51.86
C LEU D 669 0.96 -20.07 -51.01
N TRP D 670 0.83 -20.16 -49.69
CA TRP D 670 1.77 -19.53 -48.77
C TRP D 670 3.24 -19.84 -49.06
N GLU D 671 3.52 -21.10 -49.35
CA GLU D 671 4.89 -21.56 -49.60
C GLU D 671 5.67 -20.81 -50.70
N MET D 672 5.00 -20.45 -51.79
CA MET D 672 5.66 -19.75 -52.88
C MET D 672 6.47 -18.54 -52.44
N PRO D 673 7.68 -18.37 -52.99
CA PRO D 673 8.59 -17.27 -52.67
C PRO D 673 7.96 -15.89 -52.83
N GLY D 674 7.48 -15.59 -54.04
CA GLY D 674 6.85 -14.31 -54.28
C GLY D 674 5.71 -14.38 -55.27
N ASN D 675 5.43 -13.26 -55.94
CA ASN D 675 4.35 -13.19 -56.92
C ASN D 675 4.90 -13.06 -58.33
N ASP D 676 6.22 -12.86 -58.43
CA ASP D 676 6.88 -12.71 -59.73
C ASP D 676 6.63 -13.92 -60.61
N GLY D 677 6.42 -15.07 -59.99
CA GLY D 677 6.17 -16.29 -60.74
C GLY D 677 4.70 -16.43 -61.11
N TYR D 678 3.82 -16.09 -60.18
CA TYR D 678 2.39 -16.17 -60.42
C TYR D 678 1.95 -15.18 -61.49
N LEU D 679 2.15 -13.90 -61.22
CA LEU D 679 1.77 -12.85 -62.17
C LEU D 679 2.40 -13.08 -63.54
N GLN D 680 3.55 -13.75 -63.56
CA GLN D 680 4.24 -14.05 -64.81
C GLN D 680 3.43 -15.01 -65.66
N LEU D 681 2.62 -15.83 -65.00
CA LEU D 681 1.78 -16.80 -65.70
C LEU D 681 0.48 -16.16 -66.17
N VAL D 682 -0.01 -15.19 -65.38
CA VAL D 682 -1.25 -14.50 -65.71
C VAL D 682 -1.09 -13.70 -66.99
N GLY D 683 0.05 -13.02 -67.12
CA GLY D 683 0.31 -12.22 -68.31
C GLY D 683 0.27 -13.08 -69.56
N ILE D 684 0.74 -14.32 -69.43
CA ILE D 684 0.76 -15.25 -70.55
C ILE D 684 -0.66 -15.68 -70.90
N MET D 685 -1.48 -15.84 -69.87
CA MET D 685 -2.87 -16.24 -70.05
C MET D 685 -3.66 -15.14 -70.75
N GLN D 686 -3.48 -13.91 -70.27
CA GLN D 686 -4.18 -12.76 -70.83
C GLN D 686 -3.96 -12.69 -72.34
N LYS D 687 -2.86 -13.27 -72.80
CA LYS D 687 -2.53 -13.28 -74.22
C LYS D 687 -3.59 -14.00 -75.05
N PHE D 688 -4.39 -14.82 -74.38
CA PHE D 688 -5.45 -15.56 -75.05
C PHE D 688 -6.80 -15.39 -74.38
N ILE D 689 -6.91 -14.37 -73.54
CA ILE D 689 -8.16 -14.10 -72.83
C ILE D 689 -8.75 -12.75 -73.24
N ASP D 690 -9.98 -12.77 -73.75
CA ASP D 690 -10.66 -11.57 -74.18
C ASP D 690 -11.03 -10.73 -72.97
N GLN D 691 -11.30 -11.42 -71.85
CA GLN D 691 -11.76 -10.81 -70.61
C GLN D 691 -10.71 -10.90 -69.49
N SER D 692 -10.68 -9.90 -68.63
CA SER D 692 -9.59 -9.72 -67.68
C SER D 692 -9.54 -10.95 -66.77
N ILE D 693 -8.36 -11.22 -66.21
CA ILE D 693 -8.19 -12.38 -65.33
C ILE D 693 -8.31 -12.00 -63.87
N SER D 694 -9.05 -12.80 -63.11
CA SER D 694 -9.23 -12.56 -61.69
C SER D 694 -8.05 -13.09 -60.90
N ALA D 695 -6.87 -12.52 -61.18
CA ALA D 695 -5.64 -12.93 -60.49
C ALA D 695 -5.38 -12.03 -59.31
N ASN D 696 -5.12 -12.64 -58.15
CA ASN D 696 -4.85 -11.90 -56.93
C ASN D 696 -3.41 -12.13 -56.46
N THR D 697 -2.87 -11.16 -55.72
CA THR D 697 -1.51 -11.27 -55.21
C THR D 697 -1.50 -11.92 -53.83
N ASN D 698 -0.31 -12.27 -53.36
CA ASN D 698 -0.16 -12.90 -52.05
C ASN D 698 1.08 -12.38 -51.34
N TYR D 699 0.95 -12.11 -50.04
CA TYR D 699 2.05 -11.60 -49.25
C TYR D 699 2.08 -12.21 -47.85
N ASP D 700 3.25 -12.71 -47.46
CA ASP D 700 3.42 -13.33 -46.15
C ASP D 700 4.41 -12.54 -45.29
N PRO D 701 3.90 -11.80 -44.29
CA PRO D 701 4.73 -11.00 -43.39
C PRO D 701 5.83 -11.81 -42.71
N SER D 702 5.73 -13.13 -42.78
CA SER D 702 6.71 -14.01 -42.17
C SER D 702 7.95 -14.17 -43.04
N ARG D 703 7.83 -13.76 -44.31
CA ARG D 703 8.95 -13.85 -45.24
C ARG D 703 9.69 -12.53 -45.37
N PHE D 704 9.16 -11.49 -44.73
CA PHE D 704 9.78 -10.17 -44.77
C PHE D 704 10.31 -9.79 -43.40
N PRO D 705 11.37 -8.96 -43.36
CA PRO D 705 11.98 -8.52 -42.09
C PRO D 705 11.04 -7.66 -41.26
N SER D 706 11.19 -7.73 -39.94
CA SER D 706 10.35 -6.97 -39.02
C SER D 706 8.88 -7.37 -39.14
N GLY D 707 8.64 -8.55 -39.71
CA GLY D 707 7.29 -9.04 -39.88
C GLY D 707 6.35 -7.99 -40.46
N LYS D 708 6.81 -7.30 -41.49
CA LYS D 708 6.00 -6.27 -42.14
C LYS D 708 6.30 -6.18 -43.63
N VAL D 709 5.28 -6.37 -44.44
CA VAL D 709 5.41 -6.32 -45.90
C VAL D 709 5.85 -4.93 -46.35
N PRO D 710 7.04 -4.82 -46.95
CA PRO D 710 7.57 -3.54 -47.43
C PRO D 710 6.83 -3.01 -48.66
N MET D 711 6.64 -1.70 -48.71
CA MET D 711 5.94 -1.06 -49.82
C MET D 711 6.74 -1.25 -51.11
N GLN D 712 8.04 -1.49 -50.96
CA GLN D 712 8.93 -1.68 -52.09
C GLN D 712 8.52 -2.89 -52.92
N GLN D 713 8.12 -3.97 -52.23
CA GLN D 713 7.69 -5.19 -52.90
C GLN D 713 6.30 -5.03 -53.51
N LEU D 714 5.43 -4.32 -52.80
CA LEU D 714 4.06 -4.09 -53.27
C LEU D 714 4.05 -3.44 -54.64
N LEU D 715 4.80 -2.35 -54.78
CA LEU D 715 4.87 -1.63 -56.04
C LEU D 715 5.65 -2.43 -57.09
N LYS D 716 6.60 -3.24 -56.62
CA LYS D 716 7.41 -4.06 -57.51
C LYS D 716 6.53 -5.02 -58.30
N ASP D 717 5.75 -5.83 -57.59
CA ASP D 717 4.86 -6.80 -58.23
C ASP D 717 3.84 -6.10 -59.11
N LEU D 718 3.36 -4.95 -58.65
CA LEU D 718 2.38 -4.17 -59.40
C LEU D 718 2.92 -3.82 -60.78
N LEU D 719 4.17 -3.38 -60.82
CA LEU D 719 4.81 -3.01 -62.07
C LEU D 719 5.16 -4.26 -62.88
N THR D 720 5.53 -5.32 -62.19
CA THR D 720 5.89 -6.57 -62.84
C THR D 720 4.70 -7.13 -63.62
N ALA D 721 3.53 -7.08 -63.02
CA ALA D 721 2.31 -7.57 -63.66
C ALA D 721 1.99 -6.72 -64.89
N TYR D 722 2.04 -5.41 -64.72
CA TYR D 722 1.75 -4.48 -65.80
C TYR D 722 2.69 -4.73 -66.99
N LYS D 723 3.89 -5.20 -66.69
CA LYS D 723 4.89 -5.46 -67.72
C LYS D 723 4.50 -6.63 -68.62
N PHE D 724 3.77 -7.60 -68.06
CA PHE D 724 3.36 -8.76 -68.82
C PHE D 724 1.95 -8.64 -69.41
N GLY D 725 1.39 -7.43 -69.34
CA GLY D 725 0.06 -7.21 -69.89
C GLY D 725 -1.09 -7.56 -68.97
N VAL D 726 -0.82 -7.72 -67.68
CA VAL D 726 -1.86 -8.05 -66.72
C VAL D 726 -2.88 -6.91 -66.68
N LYS D 727 -4.13 -7.23 -67.05
CA LYS D 727 -5.19 -6.23 -67.07
C LYS D 727 -5.61 -5.75 -65.69
N THR D 728 -6.11 -6.66 -64.86
CA THR D 728 -6.56 -6.29 -63.52
C THR D 728 -6.00 -7.19 -62.42
N LEU D 729 -6.11 -6.72 -61.19
CA LEU D 729 -5.64 -7.45 -60.02
C LEU D 729 -6.80 -7.61 -59.04
N TYR D 730 -7.01 -8.83 -58.56
CA TYR D 730 -8.11 -9.09 -57.63
C TYR D 730 -7.67 -8.85 -56.18
N TYR D 731 -7.97 -9.80 -55.30
CA TYR D 731 -7.61 -9.66 -53.89
C TYR D 731 -6.10 -9.54 -53.68
N GLN D 732 -5.73 -9.28 -52.44
CA GLN D 732 -4.33 -9.23 -52.03
C GLN D 732 -4.20 -10.00 -50.74
N ASN D 733 -4.37 -11.31 -50.80
CA ASN D 733 -4.43 -12.10 -49.59
C ASN D 733 -3.15 -11.92 -48.79
N THR D 734 -3.32 -11.68 -47.50
CA THR D 734 -2.18 -11.61 -46.61
C THR D 734 -2.31 -12.76 -45.62
N ARG D 735 -1.28 -13.60 -45.57
CA ARG D 735 -1.26 -14.69 -44.62
C ARG D 735 -1.39 -14.20 -43.18
N ASP D 736 -2.44 -14.66 -42.51
CA ASP D 736 -2.72 -14.28 -41.14
C ASP D 736 -2.45 -15.44 -40.19
N GLY D 737 -1.42 -15.29 -39.35
CA GLY D 737 -1.07 -16.33 -38.41
C GLY D 737 0.41 -16.35 -38.09
N ALA E 1 -13.86 83.62 20.21
CA ALA E 1 -12.86 83.14 19.26
C ALA E 1 -12.94 81.63 19.09
N TYR E 2 -11.90 81.05 18.49
CA TYR E 2 -11.86 79.61 18.29
C TYR E 2 -10.99 78.94 19.36
N THR E 3 -11.44 77.77 19.81
CA THR E 3 -10.71 76.98 20.79
C THR E 3 -10.60 75.54 20.34
N THR E 4 -9.43 74.93 20.52
CA THR E 4 -9.24 73.53 20.20
C THR E 4 -9.97 72.65 21.21
N PHE E 5 -10.25 73.24 22.35
CA PHE E 5 -11.12 72.66 23.34
C PHE E 5 -12.01 73.77 23.84
N SER E 6 -13.31 73.49 23.92
CA SER E 6 -14.26 74.43 24.52
C SER E 6 -14.53 74.01 25.97
N GLN E 7 -14.32 74.95 26.90
CA GLN E 7 -14.49 74.68 28.32
C GLN E 7 -15.92 74.32 28.65
N THR E 8 -16.86 75.01 28.00
CA THR E 8 -18.28 74.84 28.30
C THR E 8 -18.76 73.42 28.00
N LYS E 9 -19.63 72.91 28.87
CA LYS E 9 -20.15 71.56 28.74
C LYS E 9 -21.43 71.59 27.91
N ASN E 10 -21.29 71.82 26.60
CA ASN E 10 -22.42 71.88 25.70
C ASN E 10 -22.84 70.49 25.24
N ASP E 11 -24.10 70.37 24.79
CA ASP E 11 -24.62 69.11 24.31
C ASP E 11 -24.31 68.97 22.82
N GLN E 12 -23.48 67.99 22.48
CA GLN E 12 -23.09 67.75 21.10
C GLN E 12 -24.24 67.31 20.19
N LEU E 13 -25.35 66.89 20.80
CA LEU E 13 -26.50 66.44 20.04
C LEU E 13 -27.39 67.60 19.59
N LYS E 14 -27.47 68.64 20.42
CA LYS E 14 -28.29 69.81 20.11
C LYS E 14 -27.54 70.82 19.24
N GLU E 15 -26.23 70.91 19.43
CA GLU E 15 -25.41 71.85 18.68
C GLU E 15 -25.57 71.66 17.17
N PRO E 16 -25.62 72.79 16.42
CA PRO E 16 -25.77 72.75 14.97
C PRO E 16 -24.53 72.18 14.29
N MET E 17 -24.61 71.94 12.99
CA MET E 17 -23.47 71.40 12.25
C MET E 17 -22.31 72.39 12.21
N PHE E 18 -22.62 73.64 11.90
CA PHE E 18 -21.58 74.67 11.81
C PHE E 18 -21.96 75.91 12.62
N PHE E 19 -20.95 76.75 12.87
CA PHE E 19 -21.14 77.98 13.61
C PHE E 19 -21.59 77.76 15.06
N GLY E 20 -21.60 76.50 15.48
CA GLY E 20 -22.00 76.18 16.84
C GLY E 20 -20.89 76.45 17.83
N GLN E 21 -20.51 75.42 18.57
CA GLN E 21 -19.43 75.54 19.56
C GLN E 21 -18.32 74.54 19.25
N PRO E 22 -17.06 75.00 19.27
CA PRO E 22 -15.90 74.14 18.98
C PRO E 22 -15.96 72.81 19.73
N VAL E 23 -16.00 71.73 18.98
CA VAL E 23 -16.06 70.39 19.55
C VAL E 23 -14.95 70.21 20.58
N ASN E 24 -15.33 69.83 21.80
CA ASN E 24 -14.37 69.63 22.87
C ASN E 24 -13.98 68.18 23.05
N VAL E 25 -14.96 67.32 23.33
CA VAL E 25 -14.71 65.90 23.53
C VAL E 25 -15.03 65.11 22.27
N ALA E 26 -14.25 64.07 22.00
CA ALA E 26 -14.46 63.24 20.82
C ALA E 26 -15.11 61.91 21.17
N ARG E 27 -16.43 61.88 21.16
CA ARG E 27 -17.19 60.66 21.47
C ARG E 27 -17.96 60.21 20.24
N TYR E 28 -18.11 58.90 20.08
CA TYR E 28 -18.82 58.36 18.93
C TYR E 28 -19.90 57.37 19.34
N ASP E 29 -20.32 57.44 20.60
CA ASP E 29 -21.35 56.53 21.11
C ASP E 29 -22.73 57.09 20.80
N GLN E 30 -22.77 58.27 20.20
CA GLN E 30 -24.03 58.92 19.84
C GLN E 30 -23.77 60.05 18.85
N GLN E 31 -24.57 60.10 17.78
CA GLN E 31 -24.43 61.13 16.77
C GLN E 31 -25.77 61.79 16.46
N LYS E 32 -25.74 63.09 16.18
CA LYS E 32 -26.95 63.82 15.85
C LYS E 32 -27.36 63.44 14.43
N TYR E 33 -26.37 63.17 13.60
CA TYR E 33 -26.61 62.78 12.21
C TYR E 33 -25.79 61.54 11.89
N ASP E 34 -26.39 60.38 12.14
CA ASP E 34 -25.74 59.09 11.89
C ASP E 34 -25.19 58.98 10.46
N ILE E 35 -25.66 59.86 9.59
CA ILE E 35 -25.23 59.87 8.20
C ILE E 35 -23.71 59.99 8.09
N PHE E 36 -23.14 60.92 8.86
CA PHE E 36 -21.70 61.13 8.85
C PHE E 36 -20.95 59.97 9.48
N GLU E 37 -21.46 59.47 10.60
CA GLU E 37 -20.84 58.36 11.30
C GLU E 37 -20.69 57.15 10.39
N LYS E 38 -21.65 56.96 9.49
CA LYS E 38 -21.62 55.84 8.56
C LYS E 38 -20.55 56.04 7.50
N LEU E 39 -20.35 57.29 7.10
CA LEU E 39 -19.35 57.63 6.09
C LEU E 39 -17.94 57.33 6.58
N ILE E 40 -17.72 57.55 7.87
CA ILE E 40 -16.42 57.31 8.48
C ILE E 40 -16.07 55.83 8.44
N GLU E 41 -16.94 55.01 9.02
CA GLU E 41 -16.73 53.57 9.05
C GLU E 41 -16.62 52.99 7.65
N LYS E 42 -17.39 53.57 6.73
CA LYS E 42 -17.39 53.10 5.34
C LYS E 42 -16.11 53.53 4.62
N GLN E 43 -15.64 54.74 4.93
CA GLN E 43 -14.43 55.27 4.31
C GLN E 43 -13.18 54.54 4.79
N LEU E 44 -13.14 54.25 6.08
CA LEU E 44 -12.01 53.55 6.69
C LEU E 44 -11.82 52.15 6.11
N SER E 45 -12.92 51.54 5.68
CA SER E 45 -12.88 50.19 5.13
C SER E 45 -12.30 50.18 3.71
N PHE E 46 -12.40 51.32 3.03
CA PHE E 46 -11.88 51.42 1.66
C PHE E 46 -10.42 51.86 1.65
N PHE E 47 -9.79 51.84 2.81
CA PHE E 47 -8.39 52.25 2.92
C PHE E 47 -7.54 51.45 1.95
N TRP E 48 -6.88 52.14 1.02
CA TRP E 48 -6.03 51.49 0.04
C TRP E 48 -4.64 52.12 0.00
N ARG E 49 -3.67 51.35 -0.49
CA ARG E 49 -2.29 51.83 -0.59
C ARG E 49 -1.91 51.90 -2.07
N PRO E 50 -1.79 53.13 -2.62
CA PRO E 50 -1.43 53.34 -4.02
C PRO E 50 -0.27 52.48 -4.53
N GLU E 51 0.58 52.03 -3.60
CA GLU E 51 1.72 51.20 -3.96
C GLU E 51 1.33 49.77 -4.33
N GLU E 52 0.32 49.23 -3.68
CA GLU E 52 0.01 47.83 -3.88
C GLU E 52 -0.25 47.65 -5.36
N VAL E 53 -0.80 48.70 -5.99
CA VAL E 53 -1.25 48.61 -7.36
C VAL E 53 -0.09 48.35 -8.30
N ASP E 54 -0.32 47.48 -9.28
CA ASP E 54 0.69 47.22 -10.27
C ASP E 54 0.45 48.16 -11.44
N VAL E 55 1.38 49.11 -11.62
CA VAL E 55 1.33 50.05 -12.74
C VAL E 55 2.49 49.92 -13.75
N SER E 56 3.26 48.84 -13.61
CA SER E 56 4.51 48.66 -14.35
C SER E 56 4.33 48.60 -15.87
N ARG E 57 3.29 47.90 -16.31
CA ARG E 57 3.05 47.74 -17.74
C ARG E 57 2.52 49.03 -18.35
N ASP E 58 2.17 49.99 -17.50
CA ASP E 58 1.64 51.27 -17.96
C ASP E 58 2.74 52.11 -18.63
N ARG E 59 3.98 51.83 -18.27
CA ARG E 59 5.11 52.57 -18.83
C ARG E 59 5.27 52.33 -20.33
N ILE E 60 4.95 51.11 -20.77
CA ILE E 60 5.07 50.76 -22.18
C ILE E 60 3.80 51.13 -22.94
N ASP E 61 2.65 51.00 -22.28
CA ASP E 61 1.38 51.32 -22.91
C ASP E 61 1.27 52.82 -23.20
N TYR E 62 1.92 53.62 -22.36
CA TYR E 62 1.91 55.06 -22.53
C TYR E 62 2.77 55.47 -23.72
N GLN E 63 3.88 54.77 -23.91
CA GLN E 63 4.80 55.05 -25.01
C GLN E 63 4.16 54.67 -26.34
N ALA E 64 3.28 53.67 -26.31
CA ALA E 64 2.61 53.20 -27.51
C ALA E 64 1.46 54.13 -27.90
N LEU E 65 0.87 54.78 -26.90
CA LEU E 65 -0.25 55.68 -27.14
C LEU E 65 0.13 56.78 -28.12
N PRO E 66 -0.75 57.05 -29.07
CA PRO E 66 -0.46 58.07 -30.10
C PRO E 66 -0.26 59.41 -29.43
N GLU E 67 0.57 60.26 -30.03
CA GLU E 67 1.04 61.46 -29.37
C GLU E 67 -0.16 62.31 -29.00
N HIS E 68 -1.14 62.35 -29.89
CA HIS E 68 -2.39 63.03 -29.60
C HIS E 68 -3.01 62.39 -28.36
N GLU E 69 -2.91 61.06 -28.28
CA GLU E 69 -3.49 60.34 -27.15
C GLU E 69 -2.74 60.62 -25.87
N LYS E 70 -1.41 60.67 -25.93
CA LYS E 70 -0.61 60.96 -24.75
C LYS E 70 -1.15 62.25 -24.14
N HIS E 71 -1.51 63.19 -25.01
CA HIS E 71 -2.07 64.48 -24.60
C HIS E 71 -3.28 64.23 -23.70
N ILE E 72 -4.28 63.55 -24.27
CA ILE E 72 -5.51 63.24 -23.55
C ILE E 72 -5.26 62.68 -22.15
N PHE E 73 -4.38 61.70 -22.07
CA PHE E 73 -4.07 61.06 -20.79
C PHE E 73 -3.34 61.98 -19.82
N ILE E 74 -2.13 62.37 -20.16
CA ILE E 74 -1.31 63.24 -19.31
C ILE E 74 -2.06 64.50 -18.87
N SER E 75 -2.80 65.10 -19.80
CA SER E 75 -3.56 66.32 -19.50
C SER E 75 -4.63 66.06 -18.45
N ASN E 76 -5.41 65.00 -18.66
CA ASN E 76 -6.48 64.63 -17.73
C ASN E 76 -5.90 64.28 -16.37
N LEU E 77 -4.72 63.68 -16.37
CA LEU E 77 -4.05 63.28 -15.13
C LEU E 77 -3.58 64.51 -14.35
N LYS E 78 -3.12 65.53 -15.07
CA LYS E 78 -2.65 66.76 -14.43
C LYS E 78 -3.77 67.45 -13.68
N TYR E 79 -4.94 67.54 -14.32
CA TYR E 79 -6.10 68.18 -13.71
C TYR E 79 -6.51 67.47 -12.42
N GLN E 80 -6.57 66.15 -12.48
CA GLN E 80 -6.96 65.35 -11.32
C GLN E 80 -6.02 65.62 -10.15
N THR E 81 -4.72 65.64 -10.44
CA THR E 81 -3.72 65.88 -9.41
C THR E 81 -3.94 67.25 -8.79
N LEU E 82 -4.38 68.20 -9.60
CA LEU E 82 -4.65 69.55 -9.14
C LEU E 82 -5.79 69.60 -8.13
N LEU E 83 -6.94 69.05 -8.51
CA LEU E 83 -8.10 69.05 -7.65
C LEU E 83 -7.76 68.51 -6.26
N ASP E 84 -7.20 67.31 -6.23
CA ASP E 84 -7.05 66.56 -4.98
C ASP E 84 -5.90 67.10 -4.15
N SER E 85 -5.07 67.95 -4.76
CA SER E 85 -4.11 68.75 -4.02
C SER E 85 -4.86 69.82 -3.23
N ILE E 86 -5.93 70.33 -3.81
CA ILE E 86 -6.74 71.36 -3.17
C ILE E 86 -7.66 70.74 -2.12
N GLN E 87 -8.44 69.74 -2.54
CA GLN E 87 -9.35 69.05 -1.65
C GLN E 87 -8.59 68.43 -0.48
N GLY E 88 -7.29 68.27 -0.64
CA GLY E 88 -6.48 67.62 0.38
C GLY E 88 -6.30 68.46 1.63
N ARG E 89 -6.27 69.78 1.47
CA ARG E 89 -6.09 70.68 2.59
C ARG E 89 -7.33 71.54 2.85
N SER E 90 -7.94 72.02 1.77
CA SER E 90 -9.13 72.87 1.86
C SER E 90 -10.15 72.44 2.91
N PRO E 91 -10.55 71.15 2.90
CA PRO E 91 -11.52 70.64 3.87
C PRO E 91 -11.23 71.03 5.32
N ASN E 92 -10.15 70.48 5.88
CA ASN E 92 -9.75 70.75 7.25
C ASN E 92 -9.66 72.25 7.55
N VAL E 93 -8.94 72.97 6.70
CA VAL E 93 -8.74 74.41 6.88
C VAL E 93 -10.03 75.22 6.95
N ALA E 94 -10.97 74.93 6.06
CA ALA E 94 -12.23 75.67 6.02
C ALA E 94 -13.41 75.02 6.72
N LEU E 95 -13.28 73.76 7.10
CA LEU E 95 -14.38 73.07 7.77
C LEU E 95 -14.23 72.92 9.28
N LEU E 96 -13.03 72.58 9.73
CA LEU E 96 -12.79 72.39 11.15
C LEU E 96 -13.12 73.63 11.99
N PRO E 97 -12.69 74.81 11.56
CA PRO E 97 -12.97 76.05 12.30
C PRO E 97 -14.45 76.36 12.51
N LEU E 98 -15.30 75.72 11.72
CA LEU E 98 -16.75 75.94 11.82
C LEU E 98 -17.49 74.79 12.48
N ILE E 99 -17.10 73.56 12.14
CA ILE E 99 -17.74 72.38 12.70
C ILE E 99 -17.92 72.50 14.21
N SER E 100 -19.08 72.06 14.70
CA SER E 100 -19.39 72.11 16.11
C SER E 100 -19.96 70.77 16.60
N ILE E 101 -19.73 69.74 15.81
CA ILE E 101 -20.20 68.39 16.14
C ILE E 101 -19.12 67.36 15.80
N PRO E 102 -18.98 66.33 16.65
CA PRO E 102 -17.99 65.27 16.45
C PRO E 102 -18.18 64.40 15.20
N GLU E 103 -19.37 63.83 15.05
CA GLU E 103 -19.67 62.97 13.90
C GLU E 103 -19.26 63.60 12.57
N LEU E 104 -19.38 64.92 12.48
CA LEU E 104 -19.03 65.63 11.25
C LEU E 104 -17.56 66.05 11.27
N GLU E 105 -17.07 66.42 12.43
CA GLU E 105 -15.67 66.84 12.58
C GLU E 105 -14.71 65.76 12.10
N THR E 106 -14.84 64.57 12.67
CA THR E 106 -13.97 63.45 12.30
C THR E 106 -14.11 63.14 10.81
N TRP E 107 -15.33 63.23 10.31
CA TRP E 107 -15.61 62.97 8.90
C TRP E 107 -14.73 63.83 8.01
N VAL E 108 -14.81 65.14 8.18
CA VAL E 108 -14.03 66.08 7.40
C VAL E 108 -12.54 65.75 7.39
N GLU E 109 -11.99 65.48 8.57
CA GLU E 109 -10.58 65.15 8.69
C GLU E 109 -10.25 63.85 7.98
N THR E 110 -11.17 62.89 8.05
CA THR E 110 -10.98 61.60 7.38
C THR E 110 -11.20 61.80 5.89
N TRP E 111 -12.11 62.71 5.56
CA TRP E 111 -12.42 63.02 4.16
C TRP E 111 -11.25 63.72 3.50
N ALA E 112 -10.61 64.62 4.24
CA ALA E 112 -9.45 65.35 3.73
C ALA E 112 -8.26 64.41 3.65
N PHE E 113 -8.23 63.43 4.54
CA PHE E 113 -7.15 62.45 4.57
C PHE E 113 -7.15 61.62 3.30
N SER E 114 -8.29 60.99 3.03
CA SER E 114 -8.43 60.15 1.83
C SER E 114 -7.98 60.90 0.59
N GLU E 115 -8.10 62.22 0.62
CA GLU E 115 -7.70 63.06 -0.51
C GLU E 115 -6.18 63.08 -0.66
N THR E 116 -5.46 63.14 0.46
CA THR E 116 -4.01 63.16 0.42
C THR E 116 -3.52 61.87 -0.23
N ILE E 117 -4.17 60.77 0.11
CA ILE E 117 -3.83 59.46 -0.44
C ILE E 117 -3.97 59.50 -1.95
N HIS E 118 -5.02 60.18 -2.42
CA HIS E 118 -5.26 60.30 -3.86
C HIS E 118 -4.14 61.10 -4.49
N SER E 119 -3.71 62.16 -3.82
CA SER E 119 -2.62 62.99 -4.31
C SER E 119 -1.33 62.18 -4.36
N ARG E 120 -1.26 61.17 -3.50
CA ARG E 120 -0.09 60.30 -3.44
C ARG E 120 -0.09 59.30 -4.59
N SER E 121 -1.25 58.77 -4.92
CA SER E 121 -1.39 57.80 -6.00
C SER E 121 -0.94 58.39 -7.34
N TYR E 122 -1.38 59.61 -7.61
CA TYR E 122 -1.03 60.29 -8.86
C TYR E 122 0.49 60.38 -9.01
N THR E 123 1.17 60.70 -7.92
CA THR E 123 2.62 60.81 -7.92
C THR E 123 3.26 59.45 -8.20
N HIS E 124 2.58 58.39 -7.78
CA HIS E 124 3.08 57.04 -7.98
C HIS E 124 2.82 56.57 -9.42
N ILE E 125 1.79 57.14 -10.04
CA ILE E 125 1.44 56.78 -11.41
C ILE E 125 2.34 57.49 -12.42
N ILE E 126 2.62 58.77 -12.15
CA ILE E 126 3.46 59.57 -13.04
C ILE E 126 4.88 59.02 -13.16
N ARG E 127 5.55 58.85 -12.03
CA ARG E 127 6.92 58.34 -12.03
C ARG E 127 7.06 57.03 -12.79
N ASN E 128 5.99 56.26 -12.89
CA ASN E 128 6.02 54.99 -13.60
C ASN E 128 5.81 55.14 -15.10
N ILE E 129 5.06 56.16 -15.50
CA ILE E 129 4.78 56.39 -16.91
C ILE E 129 5.82 57.29 -17.59
N VAL E 130 6.25 58.34 -16.91
CA VAL E 130 7.23 59.26 -17.47
C VAL E 130 8.62 59.06 -16.87
N ASN E 131 9.61 59.72 -17.45
CA ASN E 131 10.98 59.63 -17.00
C ASN E 131 11.28 60.69 -15.93
N ASP E 132 10.83 61.92 -16.20
CA ASP E 132 11.04 63.02 -15.26
C ASP E 132 9.71 63.60 -14.79
N PRO E 133 9.23 63.16 -13.62
CA PRO E 133 7.96 63.62 -13.04
C PRO E 133 7.85 65.14 -12.96
N SER E 134 8.98 65.81 -12.75
CA SER E 134 9.01 67.26 -12.65
C SER E 134 8.42 67.93 -13.89
N VAL E 135 8.58 67.28 -15.04
CA VAL E 135 8.06 67.81 -16.29
C VAL E 135 6.54 67.99 -16.24
N VAL E 136 5.87 67.09 -15.53
CA VAL E 136 4.42 67.13 -15.40
C VAL E 136 3.97 68.07 -14.29
N PHE E 137 4.53 67.89 -13.10
CA PHE E 137 4.18 68.71 -11.95
C PHE E 137 4.39 70.21 -12.18
N ASP E 138 5.55 70.58 -12.70
CA ASP E 138 5.86 71.98 -12.95
C ASP E 138 4.89 72.62 -13.94
N ASP E 139 4.16 71.79 -14.67
CA ASP E 139 3.20 72.28 -15.66
C ASP E 139 1.85 72.64 -15.04
N ILE E 140 1.37 71.79 -14.14
CA ILE E 140 0.08 72.02 -13.48
C ILE E 140 -0.05 73.44 -12.94
N VAL E 141 1.08 74.10 -12.73
CA VAL E 141 1.10 75.46 -12.20
C VAL E 141 1.16 76.51 -13.31
N THR E 142 1.91 76.23 -14.36
CA THR E 142 2.05 77.16 -15.47
C THR E 142 1.00 77.02 -16.55
N ASN E 143 0.50 75.79 -16.73
CA ASN E 143 -0.52 75.52 -17.74
C ASN E 143 -1.64 76.56 -17.72
N GLU E 144 -2.13 76.91 -18.91
CA GLU E 144 -3.18 77.90 -19.06
C GLU E 144 -4.55 77.30 -18.69
N GLN E 145 -4.96 76.28 -19.44
CA GLN E 145 -6.24 75.63 -19.22
C GLN E 145 -6.41 75.09 -17.79
N ILE E 146 -5.30 74.77 -17.13
CA ILE E 146 -5.34 74.45 -15.70
C ILE E 146 -5.74 75.64 -14.81
N GLN E 147 -5.23 76.81 -15.19
CA GLN E 147 -5.25 77.98 -14.33
C GLN E 147 -6.63 78.51 -13.94
N LYS E 148 -7.56 78.55 -14.89
CA LYS E 148 -8.88 79.06 -14.56
C LYS E 148 -9.55 78.19 -13.50
N ARG E 149 -9.45 76.88 -13.70
CA ARG E 149 -10.01 75.93 -12.76
C ARG E 149 -9.34 76.05 -11.41
N ALA E 150 -8.03 76.28 -11.40
CA ALA E 150 -7.31 76.42 -10.15
C ALA E 150 -7.79 77.66 -9.40
N GLU E 151 -7.92 78.76 -10.13
CA GLU E 151 -8.35 80.03 -9.54
C GLU E 151 -9.77 79.95 -8.99
N GLY E 152 -10.66 79.31 -9.74
CA GLY E 152 -12.04 79.20 -9.32
C GLY E 152 -12.22 78.40 -8.04
N ILE E 153 -11.51 77.29 -7.93
CA ILE E 153 -11.56 76.45 -6.73
C ILE E 153 -11.02 77.22 -5.53
N SER E 154 -9.93 77.94 -5.74
CA SER E 154 -9.30 78.72 -4.68
C SER E 154 -10.21 79.81 -4.15
N SER E 155 -10.92 80.47 -5.06
CA SER E 155 -11.78 81.61 -4.69
C SER E 155 -12.78 81.38 -3.54
N TYR E 156 -13.39 80.20 -3.53
CA TYR E 156 -14.53 79.89 -2.68
C TYR E 156 -14.07 79.41 -1.30
N TYR E 157 -12.98 78.66 -1.27
CA TYR E 157 -12.43 78.16 -0.03
C TYR E 157 -11.82 79.29 0.78
N ASP E 158 -10.96 80.08 0.12
CA ASP E 158 -10.30 81.21 0.77
C ASP E 158 -11.33 82.22 1.26
N GLU E 159 -12.29 82.56 0.40
CA GLU E 159 -13.33 83.52 0.75
C GLU E 159 -14.04 83.11 2.04
N LEU E 160 -14.16 81.80 2.25
CA LEU E 160 -14.81 81.28 3.45
C LEU E 160 -13.85 81.29 4.63
N ILE E 161 -12.55 81.25 4.34
CA ILE E 161 -11.54 81.28 5.37
C ILE E 161 -11.21 82.71 5.79
N GLU E 162 -11.05 83.58 4.81
CA GLU E 162 -10.76 84.99 5.07
C GLU E 162 -11.77 85.58 6.05
N MET E 163 -13.05 85.42 5.72
CA MET E 163 -14.12 85.93 6.57
C MET E 163 -14.12 85.23 7.92
N THR E 164 -13.77 83.94 7.91
CA THR E 164 -13.72 83.15 9.13
C THR E 164 -12.67 83.70 10.09
N SER E 165 -11.61 84.27 9.54
CA SER E 165 -10.54 84.84 10.34
C SER E 165 -11.00 86.12 11.04
N TYR E 166 -11.93 86.82 10.40
CA TYR E 166 -12.47 88.06 10.95
C TYR E 166 -13.57 87.78 11.96
N TRP E 167 -14.13 86.58 11.89
CA TRP E 167 -15.21 86.19 12.80
C TRP E 167 -14.67 85.84 14.18
N HIS E 168 -13.71 84.91 14.23
CA HIS E 168 -13.12 84.49 15.49
C HIS E 168 -12.27 85.59 16.10
N LEU E 169 -11.98 86.63 15.30
CA LEU E 169 -11.12 87.73 15.72
C LEU E 169 -11.88 88.99 16.17
N LEU E 170 -12.88 89.40 15.39
CA LEU E 170 -13.55 90.67 15.61
C LEU E 170 -14.98 90.47 16.13
N GLY E 171 -15.53 89.29 15.86
CA GLY E 171 -16.95 89.05 16.06
C GLY E 171 -17.81 89.94 15.19
N GLU E 172 -19.12 89.71 15.23
CA GLU E 172 -20.04 90.41 14.37
C GLU E 172 -20.09 91.91 14.59
N GLY E 173 -20.11 92.75 13.55
CA GLY E 173 -20.35 94.16 13.76
C GLY E 173 -19.71 94.97 12.66
N THR E 174 -19.72 96.28 12.81
CA THR E 174 -19.06 97.17 11.85
C THR E 174 -17.81 97.79 12.46
N HIS E 175 -16.66 97.38 11.95
CA HIS E 175 -15.39 97.64 12.63
C HIS E 175 -14.57 98.68 11.89
N THR E 176 -13.53 99.19 12.54
CA THR E 176 -12.54 100.05 11.88
C THR E 176 -11.15 99.45 11.97
N VAL E 177 -10.66 98.93 10.85
CA VAL E 177 -9.38 98.22 10.83
C VAL E 177 -8.35 98.97 10.00
N ASN E 178 -7.50 99.74 10.67
CA ASN E 178 -6.77 100.82 10.01
C ASN E 178 -7.66 101.65 9.10
N GLY E 179 -8.74 102.19 9.67
CA GLY E 179 -9.59 103.13 8.96
C GLY E 179 -10.67 102.43 8.18
N LYS E 180 -10.33 101.30 7.56
CA LYS E 180 -11.29 100.52 6.78
C LYS E 180 -12.43 100.04 7.66
N THR E 181 -13.58 99.77 7.05
CA THR E 181 -14.75 99.30 7.77
C THR E 181 -15.08 97.87 7.36
N VAL E 182 -15.07 96.96 8.34
CA VAL E 182 -15.36 95.56 8.09
C VAL E 182 -16.70 95.16 8.70
N THR E 183 -17.58 94.59 7.88
CA THR E 183 -18.89 94.15 8.34
C THR E 183 -18.93 92.64 8.46
N VAL E 184 -18.94 92.15 9.70
CA VAL E 184 -18.97 90.72 9.95
C VAL E 184 -20.34 90.27 10.42
N SER E 185 -21.12 89.70 9.50
CA SER E 185 -22.46 89.22 9.81
C SER E 185 -22.54 87.71 9.61
N LEU E 186 -22.94 87.00 10.66
CA LEU E 186 -23.05 85.55 10.61
C LEU E 186 -23.93 85.10 9.44
N ARG E 187 -24.87 85.94 9.05
CA ARG E 187 -25.77 85.61 7.95
C ARG E 187 -25.00 85.47 6.64
N GLU E 188 -24.02 86.34 6.44
CA GLU E 188 -23.20 86.31 5.23
C GLU E 188 -22.20 85.16 5.29
N LEU E 189 -21.67 84.91 6.49
CA LEU E 189 -20.70 83.85 6.69
C LEU E 189 -21.31 82.50 6.36
N LYS E 190 -22.63 82.40 6.50
CA LYS E 190 -23.33 81.16 6.20
C LYS E 190 -23.49 80.94 4.70
N LYS E 191 -23.54 82.03 3.95
CA LYS E 191 -23.67 81.94 2.50
C LYS E 191 -22.39 81.36 1.91
N LYS E 192 -21.26 81.91 2.34
CA LYS E 192 -19.96 81.45 1.85
C LYS E 192 -19.78 79.97 2.14
N LEU E 193 -20.18 79.55 3.33
CA LEU E 193 -20.07 78.15 3.73
C LEU E 193 -20.95 77.28 2.85
N TYR E 194 -22.15 77.78 2.55
CA TYR E 194 -23.10 77.06 1.71
C TYR E 194 -22.61 77.03 0.26
N LEU E 195 -22.34 78.20 -0.28
CA LEU E 195 -21.87 78.33 -1.66
C LEU E 195 -20.61 77.49 -1.87
N CYS E 196 -19.74 77.47 -0.87
CA CYS E 196 -18.50 76.71 -0.94
C CYS E 196 -18.79 75.23 -1.11
N LEU E 197 -19.66 74.70 -0.26
CA LEU E 197 -20.03 73.29 -0.32
C LEU E 197 -20.62 72.95 -1.69
N MET E 198 -21.35 73.90 -2.26
CA MET E 198 -21.96 73.70 -3.57
C MET E 198 -20.87 73.48 -4.63
N SER E 199 -19.76 74.17 -4.46
CA SER E 199 -18.63 74.05 -5.38
C SER E 199 -17.89 72.75 -5.12
N VAL E 200 -17.71 72.41 -3.85
CA VAL E 200 -17.03 71.18 -3.46
C VAL E 200 -17.80 69.99 -4.00
N ASN E 201 -19.12 70.10 -4.01
CA ASN E 201 -19.98 69.03 -4.50
C ASN E 201 -19.78 68.84 -6.00
N ALA E 202 -20.02 69.90 -6.76
CA ALA E 202 -19.86 69.86 -8.21
C ALA E 202 -18.49 69.35 -8.61
N LEU E 203 -17.47 69.73 -7.85
CA LEU E 203 -16.10 69.31 -8.14
C LEU E 203 -15.93 67.81 -7.92
N GLU E 204 -16.58 67.37 -6.67
CA GLU E 204 -16.44 65.91 -6.58
C GLU E 204 -17.46 65.13 -7.36
N ALA E 205 -18.68 65.66 -7.51
CA ALA E 205 -19.75 64.91 -8.15
C ALA E 205 -19.80 65.08 -9.66
N ILE E 206 -19.24 66.16 -10.19
CA ILE E 206 -19.24 66.39 -11.64
C ILE E 206 -17.85 66.45 -12.20
N ARG E 207 -17.03 67.38 -11.74
CA ARG E 207 -15.72 67.54 -12.34
C ARG E 207 -14.90 66.27 -12.27
N PHE E 208 -14.79 65.71 -11.15
CA PHE E 208 -14.00 64.49 -11.04
C PHE E 208 -14.52 63.37 -11.93
N TYR E 209 -15.83 63.20 -11.98
CA TYR E 209 -16.43 62.14 -12.79
C TYR E 209 -16.24 62.38 -14.28
N VAL E 210 -15.97 63.64 -14.66
CA VAL E 210 -15.75 63.97 -16.06
C VAL E 210 -14.35 63.53 -16.49
N SER E 211 -13.48 63.33 -15.51
CA SER E 211 -12.12 62.89 -15.79
C SER E 211 -12.01 61.37 -15.77
N PHE E 212 -12.82 60.75 -14.91
CA PHE E 212 -12.81 59.29 -14.80
C PHE E 212 -13.17 58.65 -16.14
N ALA E 213 -14.10 59.27 -16.86
CA ALA E 213 -14.52 58.77 -18.15
C ALA E 213 -13.32 58.55 -19.07
N CYS E 214 -12.39 59.50 -19.05
CA CYS E 214 -11.19 59.43 -19.86
C CYS E 214 -10.22 58.39 -19.28
N SER E 215 -10.16 58.32 -17.95
CA SER E 215 -9.29 57.38 -17.27
C SER E 215 -9.70 55.95 -17.58
N PHE E 216 -10.99 55.66 -17.45
CA PHE E 216 -11.51 54.33 -17.71
C PHE E 216 -11.63 54.09 -19.22
N ALA E 217 -11.53 55.16 -19.99
CA ALA E 217 -11.61 55.07 -21.44
C ALA E 217 -10.48 54.19 -21.97
N PHE E 218 -9.29 54.39 -21.41
CA PHE E 218 -8.11 53.61 -21.82
C PHE E 218 -8.23 52.19 -21.28
N ALA E 219 -8.97 52.03 -20.19
CA ALA E 219 -9.16 50.72 -19.57
C ALA E 219 -9.93 49.80 -20.50
N GLU E 220 -10.99 50.33 -21.11
CA GLU E 220 -11.81 49.54 -22.03
C GLU E 220 -10.96 49.08 -23.21
N ARG E 221 -9.89 49.82 -23.48
CA ARG E 221 -8.98 49.48 -24.57
C ARG E 221 -7.93 48.49 -24.09
N GLU E 222 -8.02 48.12 -22.81
CA GLU E 222 -7.03 47.25 -22.19
C GLU E 222 -5.70 47.99 -22.09
N LEU E 223 -5.77 49.32 -22.15
CA LEU E 223 -4.59 50.17 -22.06
C LEU E 223 -4.49 50.79 -20.68
N MET E 224 -3.26 50.98 -20.21
CA MET E 224 -3.01 51.57 -18.90
C MET E 224 -3.76 50.80 -17.82
N GLU E 225 -3.49 49.50 -17.72
CA GLU E 225 -4.14 48.64 -16.74
C GLU E 225 -3.95 49.18 -15.32
N GLY E 226 -2.71 49.44 -14.94
CA GLY E 226 -2.41 49.93 -13.62
C GLY E 226 -3.19 51.18 -13.24
N ASN E 227 -3.06 52.22 -14.07
CA ASN E 227 -3.75 53.49 -13.83
C ASN E 227 -5.26 53.28 -13.67
N ALA E 228 -5.80 52.32 -14.41
CA ALA E 228 -7.23 52.03 -14.35
C ALA E 228 -7.64 51.59 -12.95
N LYS E 229 -6.81 50.77 -12.32
CA LYS E 229 -7.08 50.27 -10.98
C LYS E 229 -7.07 51.38 -9.95
N ILE E 230 -5.98 52.15 -9.92
CA ILE E 230 -5.84 53.25 -8.97
C ILE E 230 -7.00 54.23 -9.10
N ILE E 231 -7.23 54.73 -10.31
CA ILE E 231 -8.31 55.67 -10.56
C ILE E 231 -9.64 55.09 -10.11
N ARG E 232 -9.81 53.78 -10.31
CA ARG E 232 -11.03 53.10 -9.92
C ARG E 232 -11.24 53.17 -8.42
N LEU E 233 -10.17 52.95 -7.67
CA LEU E 233 -10.23 53.00 -6.21
C LEU E 233 -10.58 54.40 -5.72
N ILE E 234 -10.05 55.40 -6.40
CA ILE E 234 -10.31 56.79 -6.05
C ILE E 234 -11.79 57.11 -6.23
N ALA E 235 -12.39 56.53 -7.27
CA ALA E 235 -13.80 56.74 -7.56
C ALA E 235 -14.67 56.27 -6.40
N ARG E 236 -14.37 55.09 -5.89
CA ARG E 236 -15.12 54.53 -4.77
C ARG E 236 -15.10 55.48 -3.58
N ASP E 237 -13.90 55.91 -3.20
CA ASP E 237 -13.73 56.83 -2.08
C ASP E 237 -14.37 58.17 -2.39
N GLU E 238 -14.33 58.56 -3.67
CA GLU E 238 -14.90 59.83 -4.11
C GLU E 238 -16.42 59.89 -3.87
N ALA E 239 -17.09 58.77 -4.13
CA ALA E 239 -18.54 58.71 -3.96
C ALA E 239 -18.94 59.18 -2.57
N LEU E 240 -18.26 58.65 -1.56
CA LEU E 240 -18.53 59.00 -0.17
C LEU E 240 -18.36 60.50 0.05
N HIS E 241 -17.44 61.10 -0.68
CA HIS E 241 -17.16 62.52 -0.57
C HIS E 241 -18.36 63.37 -1.01
N LEU E 242 -18.81 63.15 -2.24
CA LEU E 242 -19.94 63.89 -2.78
C LEU E 242 -21.22 63.63 -2.00
N THR E 243 -21.30 62.45 -1.39
CA THR E 243 -22.48 62.07 -0.61
C THR E 243 -22.58 62.94 0.65
N GLY E 244 -21.47 63.02 1.40
CA GLY E 244 -21.46 63.80 2.61
C GLY E 244 -21.81 65.26 2.38
N THR E 245 -21.28 65.82 1.30
CA THR E 245 -21.54 67.23 0.96
C THR E 245 -23.02 67.47 0.68
N GLN E 246 -23.64 66.54 -0.05
CA GLN E 246 -25.05 66.65 -0.40
C GLN E 246 -25.92 66.75 0.86
N HIS E 247 -25.78 65.76 1.74
CA HIS E 247 -26.55 65.72 2.97
C HIS E 247 -26.40 67.01 3.78
N MET E 248 -25.19 67.56 3.81
CA MET E 248 -24.94 68.80 4.55
C MET E 248 -25.73 69.94 3.94
N LEU E 249 -25.83 69.95 2.61
CA LEU E 249 -26.57 70.98 1.89
C LEU E 249 -28.06 70.86 2.15
N ASN E 250 -28.57 69.64 2.11
CA ASN E 250 -29.99 69.38 2.34
C ASN E 250 -30.41 69.78 3.75
N LEU E 251 -29.63 69.35 4.73
CA LEU E 251 -29.92 69.66 6.13
C LEU E 251 -29.93 71.16 6.38
N LEU E 252 -29.21 71.90 5.55
CA LEU E 252 -29.14 73.36 5.67
C LEU E 252 -30.22 74.04 4.86
N ARG E 253 -30.58 73.44 3.73
CA ARG E 253 -31.61 74.01 2.85
C ARG E 253 -33.00 73.62 3.33
N SER E 254 -33.07 72.62 4.20
CA SER E 254 -34.35 72.15 4.72
C SER E 254 -34.64 72.80 6.07
N GLY E 255 -33.72 73.63 6.54
CA GLY E 255 -33.89 74.31 7.81
C GLY E 255 -33.90 73.34 8.98
N ALA E 256 -33.43 72.12 8.74
CA ALA E 256 -33.38 71.10 9.77
C ALA E 256 -32.41 71.49 10.88
N ASP E 257 -31.14 71.65 10.51
CA ASP E 257 -30.11 72.03 11.48
C ASP E 257 -30.28 73.47 11.94
N ASP E 258 -30.25 74.40 10.98
CA ASP E 258 -30.40 75.82 11.29
C ASP E 258 -31.57 76.43 10.52
N PRO E 259 -32.57 76.95 11.24
CA PRO E 259 -33.76 77.57 10.65
C PRO E 259 -33.43 78.71 9.69
N GLU E 260 -32.42 79.51 10.04
CA GLU E 260 -32.00 80.63 9.21
C GLU E 260 -31.44 80.18 7.87
N MET E 261 -30.76 79.04 7.90
CA MET E 261 -29.91 78.60 6.80
C MET E 261 -30.74 78.36 5.55
N ALA E 262 -31.93 77.78 5.74
CA ALA E 262 -32.76 77.37 4.62
C ALA E 262 -33.15 78.58 3.78
N GLU E 263 -33.44 79.69 4.45
CA GLU E 263 -33.76 80.94 3.76
C GLU E 263 -32.56 81.43 2.95
N ILE E 264 -31.36 81.29 3.49
CA ILE E 264 -30.14 81.64 2.78
C ILE E 264 -29.95 80.78 1.53
N ALA E 265 -30.26 79.50 1.66
CA ALA E 265 -30.20 78.57 0.54
C ALA E 265 -31.20 78.99 -0.53
N GLU E 266 -32.36 79.43 -0.08
CA GLU E 266 -33.38 79.97 -0.97
C GLU E 266 -32.88 81.22 -1.67
N GLU E 267 -32.15 82.07 -0.95
CA GLU E 267 -31.66 83.30 -1.55
C GLU E 267 -30.55 83.02 -2.56
N CYS E 268 -29.74 82.02 -2.28
CA CYS E 268 -28.62 81.66 -3.14
C CYS E 268 -28.97 80.62 -4.20
N LYS E 269 -30.17 80.04 -4.11
CA LYS E 269 -30.59 79.03 -5.07
C LYS E 269 -30.25 79.44 -6.50
N GLN E 270 -30.54 80.68 -6.85
CA GLN E 270 -30.25 81.19 -8.19
C GLN E 270 -28.76 81.25 -8.44
N GLU E 271 -28.02 81.75 -7.47
CA GLU E 271 -26.56 81.87 -7.59
C GLU E 271 -25.91 80.50 -7.59
N CYS E 272 -26.52 79.55 -6.87
CA CYS E 272 -26.00 78.19 -6.80
C CYS E 272 -26.22 77.48 -8.13
N TYR E 273 -27.32 77.81 -8.79
CA TYR E 273 -27.65 77.21 -10.08
C TYR E 273 -26.61 77.62 -11.11
N ASP E 274 -26.30 78.92 -11.15
CA ASP E 274 -25.31 79.45 -12.08
C ASP E 274 -23.94 78.85 -11.79
N LEU E 275 -23.75 78.40 -10.55
CA LEU E 275 -22.48 77.81 -10.14
C LEU E 275 -22.28 76.48 -10.87
N PHE E 276 -23.24 75.58 -10.72
CA PHE E 276 -23.16 74.27 -11.38
C PHE E 276 -23.03 74.44 -12.88
N VAL E 277 -23.82 75.35 -13.45
CA VAL E 277 -23.79 75.59 -14.88
C VAL E 277 -22.40 76.12 -15.27
N GLN E 278 -21.81 76.90 -14.37
CA GLN E 278 -20.48 77.46 -14.60
C GLN E 278 -19.46 76.33 -14.74
N ALA E 279 -19.44 75.44 -13.76
CA ALA E 279 -18.52 74.31 -13.76
C ALA E 279 -18.88 73.33 -14.88
N ALA E 280 -20.15 73.00 -14.97
CA ALA E 280 -20.63 72.08 -16.00
C ALA E 280 -20.18 72.52 -17.39
N GLN E 281 -20.14 73.84 -17.59
CA GLN E 281 -19.71 74.38 -18.87
C GLN E 281 -18.19 74.27 -19.04
N GLN E 282 -17.46 74.68 -18.01
CA GLN E 282 -16.00 74.63 -18.04
C GLN E 282 -15.53 73.21 -18.37
N GLU E 283 -16.35 72.22 -18.03
CA GLU E 283 -16.02 70.83 -18.30
C GLU E 283 -16.00 70.58 -19.79
N LYS E 284 -16.94 71.20 -20.50
CA LYS E 284 -17.04 71.07 -21.95
C LYS E 284 -15.84 71.67 -22.65
N ASP E 285 -15.48 72.89 -22.27
CA ASP E 285 -14.34 73.59 -22.86
C ASP E 285 -13.08 72.74 -22.79
N TRP E 286 -12.85 72.12 -21.64
CA TRP E 286 -11.68 71.28 -21.46
C TRP E 286 -11.70 70.11 -22.43
N ALA E 287 -12.88 69.52 -22.62
CA ALA E 287 -13.03 68.40 -23.54
C ALA E 287 -12.53 68.77 -24.93
N ASP E 288 -12.70 70.04 -25.29
CA ASP E 288 -12.27 70.54 -26.58
C ASP E 288 -10.75 70.61 -26.62
N TYR E 289 -10.16 71.03 -25.52
CA TYR E 289 -8.70 71.15 -25.40
C TYR E 289 -8.08 69.77 -25.27
N LEU E 290 -8.79 68.87 -24.59
CA LEU E 290 -8.32 67.50 -24.38
C LEU E 290 -8.34 66.74 -25.70
N PHE E 291 -9.13 67.23 -26.65
CA PHE E 291 -9.07 66.75 -28.02
C PHE E 291 -8.72 67.88 -28.98
N ARG E 292 -7.42 68.12 -29.17
CA ARG E 292 -6.97 69.10 -30.16
C ARG E 292 -6.54 68.49 -31.51
N ASP E 293 -5.73 67.44 -31.46
CA ASP E 293 -5.19 66.81 -32.67
C ASP E 293 -5.94 65.56 -33.16
N GLY E 294 -6.97 65.19 -32.40
CA GLY E 294 -7.74 63.98 -32.64
C GLY E 294 -8.32 63.44 -31.33
N SER E 295 -9.03 62.32 -31.40
CA SER E 295 -9.65 61.72 -30.21
C SER E 295 -9.52 60.19 -30.21
N MET E 296 -9.60 59.61 -29.02
CA MET E 296 -9.18 58.24 -28.78
C MET E 296 -10.39 57.33 -28.71
N ILE E 297 -10.30 56.16 -29.32
CA ILE E 297 -11.50 55.52 -29.84
C ILE E 297 -12.49 55.26 -28.70
N GLY E 298 -13.77 55.54 -28.99
CA GLY E 298 -14.82 55.68 -28.02
C GLY E 298 -15.03 57.09 -27.45
N LEU E 299 -13.97 57.70 -26.94
CA LEU E 299 -14.11 59.02 -26.33
C LEU E 299 -13.70 60.12 -27.29
N ASN E 300 -14.55 61.13 -27.43
CA ASN E 300 -14.21 62.33 -28.19
C ASN E 300 -14.90 63.57 -27.62
N LYS E 301 -14.58 64.72 -28.21
CA LYS E 301 -15.14 65.99 -27.79
C LYS E 301 -16.67 65.94 -27.66
N ASP E 302 -17.32 65.47 -28.72
CA ASP E 302 -18.78 65.37 -28.75
C ASP E 302 -19.36 64.41 -27.72
N ILE E 303 -18.94 63.15 -27.79
CA ILE E 303 -19.45 62.13 -26.87
C ILE E 303 -19.17 62.44 -25.40
N LEU E 304 -18.06 63.10 -25.11
CA LEU E 304 -17.71 63.43 -23.74
C LEU E 304 -18.61 64.53 -23.18
N CYS E 305 -18.75 65.62 -23.93
CA CYS E 305 -19.59 66.73 -23.51
C CYS E 305 -21.00 66.25 -23.15
N GLN E 306 -21.46 65.21 -23.84
CA GLN E 306 -22.79 64.66 -23.60
C GLN E 306 -22.90 64.11 -22.17
N TYR E 307 -21.84 63.44 -21.72
CA TYR E 307 -21.80 62.86 -20.39
C TYR E 307 -21.84 63.95 -19.33
N VAL E 308 -21.18 65.07 -19.62
CA VAL E 308 -21.13 66.19 -18.69
C VAL E 308 -22.53 66.64 -18.29
N GLU E 309 -23.41 66.77 -19.29
CA GLU E 309 -24.78 67.19 -19.05
C GLU E 309 -25.56 66.13 -18.28
N TYR E 310 -25.47 64.89 -18.74
CA TYR E 310 -26.17 63.76 -18.12
C TYR E 310 -25.93 63.70 -16.61
N ILE E 311 -24.67 63.82 -16.20
CA ILE E 311 -24.32 63.75 -14.78
C ILE E 311 -24.69 65.01 -14.02
N THR E 312 -24.53 66.17 -14.66
CA THR E 312 -24.85 67.44 -14.02
C THR E 312 -26.28 67.46 -13.51
N ASN E 313 -27.22 66.99 -14.34
CA ASN E 313 -28.62 66.97 -13.97
C ASN E 313 -28.87 66.12 -12.73
N ILE E 314 -28.24 64.94 -12.69
CA ILE E 314 -28.39 64.03 -11.57
C ILE E 314 -27.82 64.62 -10.29
N ARG E 315 -26.68 65.28 -10.40
CA ARG E 315 -26.02 65.88 -9.25
C ARG E 315 -26.77 67.10 -8.74
N MET E 316 -27.26 67.93 -9.66
CA MET E 316 -28.00 69.14 -9.29
C MET E 316 -29.36 68.80 -8.70
N GLN E 317 -30.05 67.84 -9.31
CA GLN E 317 -31.37 67.43 -8.84
C GLN E 317 -31.25 66.83 -7.44
N ALA E 318 -30.05 66.34 -7.12
CA ALA E 318 -29.80 65.72 -5.82
C ALA E 318 -29.80 66.75 -4.69
N VAL E 319 -29.20 67.91 -4.94
CA VAL E 319 -29.14 68.96 -3.94
C VAL E 319 -30.41 69.80 -3.93
N GLY E 320 -31.12 69.80 -5.05
CA GLY E 320 -32.35 70.57 -5.14
C GLY E 320 -32.25 71.76 -6.07
N LEU E 321 -31.93 71.50 -7.33
CA LEU E 321 -31.82 72.56 -8.32
C LEU E 321 -32.41 72.15 -9.66
N ASP E 322 -32.91 73.13 -10.41
CA ASP E 322 -33.52 72.87 -11.71
C ASP E 322 -32.50 72.30 -12.70
N LEU E 323 -32.96 71.38 -13.54
CA LEU E 323 -32.10 70.76 -14.53
C LEU E 323 -31.77 71.75 -15.65
N PRO E 324 -30.51 72.17 -15.74
CA PRO E 324 -30.06 73.13 -16.76
C PRO E 324 -29.98 72.52 -18.16
N PHE E 325 -29.59 71.25 -18.24
CA PHE E 325 -29.46 70.57 -19.52
C PHE E 325 -30.65 69.66 -19.80
N GLN E 326 -30.89 69.38 -21.08
CA GLN E 326 -31.99 68.53 -21.50
C GLN E 326 -31.81 67.11 -20.98
N THR E 327 -32.93 66.43 -20.73
CA THR E 327 -32.92 65.07 -20.24
C THR E 327 -32.31 64.16 -21.30
N ARG E 328 -31.49 63.20 -20.86
CA ARG E 328 -30.85 62.27 -21.78
C ARG E 328 -30.36 61.02 -21.07
N SER E 329 -30.15 59.96 -21.82
CA SER E 329 -29.69 58.69 -21.26
C SER E 329 -28.17 58.73 -21.10
N ASN E 330 -27.62 57.71 -20.43
CA ASN E 330 -26.19 57.64 -20.21
C ASN E 330 -25.46 57.42 -21.54
N PRO E 331 -24.65 58.41 -21.96
CA PRO E 331 -23.90 58.33 -23.21
C PRO E 331 -22.74 57.33 -23.18
N ILE E 332 -22.38 56.90 -21.98
CA ILE E 332 -21.30 55.93 -21.80
C ILE E 332 -21.60 54.93 -20.69
N PRO E 333 -22.58 54.05 -20.91
CA PRO E 333 -22.98 53.03 -19.93
C PRO E 333 -21.82 52.20 -19.39
N TRP E 334 -20.74 52.13 -20.16
CA TRP E 334 -19.57 51.37 -19.75
C TRP E 334 -18.88 51.93 -18.51
N ILE E 335 -19.13 53.19 -18.22
CA ILE E 335 -18.51 53.83 -17.05
C ILE E 335 -19.06 53.28 -15.75
N ASN E 336 -20.33 52.86 -15.77
CA ASN E 336 -20.98 52.31 -14.59
C ASN E 336 -20.27 51.04 -14.11
N THR E 337 -19.48 50.45 -14.99
CA THR E 337 -18.76 49.23 -14.67
C THR E 337 -17.61 49.49 -13.70
N TRP E 338 -17.21 50.75 -13.59
CA TRP E 338 -16.10 51.12 -12.71
C TRP E 338 -16.58 51.93 -11.51
N LEU E 339 -17.89 52.15 -11.43
CA LEU E 339 -18.48 52.91 -10.33
C LEU E 339 -19.20 51.97 -9.36
N SER E 363 -39.66 7.13 -15.70
CA SER E 363 -40.44 6.01 -16.22
C SER E 363 -41.53 5.58 -15.24
N GLU E 364 -42.75 5.61 -15.72
CA GLU E 364 -43.89 5.12 -14.98
C GLU E 364 -45.04 4.91 -15.96
N VAL E 365 -46.00 4.08 -15.55
CA VAL E 365 -47.29 3.99 -16.20
C VAL E 365 -48.37 3.67 -15.17
N ASP E 366 -49.56 4.22 -15.40
CA ASP E 366 -50.77 3.80 -14.71
C ASP E 366 -51.88 3.69 -15.75
N THR E 367 -52.57 2.54 -15.76
CA THR E 367 -53.83 2.31 -16.48
C THR E 367 -55.12 2.99 -15.96
N ASP E 368 -55.33 2.93 -14.65
CA ASP E 368 -56.50 3.45 -13.95
C ASP E 368 -56.57 4.97 -13.91
N ASP E 369 -55.42 5.61 -13.70
CA ASP E 369 -55.37 7.07 -13.61
C ASP E 369 -55.76 7.74 -14.93
N LEU E 370 -55.41 7.10 -16.05
CA LEU E 370 -55.73 7.65 -17.37
C LEU E 370 -57.05 7.12 -17.91
N SER E 371 -57.51 6.00 -17.36
CA SER E 371 -58.76 5.40 -17.81
C SER E 371 -59.95 6.29 -17.48
N ASN E 372 -59.76 7.21 -16.54
CA ASN E 372 -60.81 8.13 -16.14
C ASN E 372 -60.91 9.30 -17.11
N PHE E 373 -59.92 9.43 -17.98
CA PHE E 373 -59.90 10.51 -18.96
C PHE E 373 -60.68 10.12 -20.21
N GLN E 374 -61.74 10.86 -20.49
CA GLN E 374 -62.58 10.58 -21.65
C GLN E 374 -62.08 11.35 -22.87
N LEU E 375 -61.99 10.65 -24.01
CA LEU E 375 -61.52 11.26 -25.25
C LEU E 375 -62.66 12.00 -25.94
N ALA F 1 1.50 -84.70 -13.18
CA ALA F 1 0.12 -84.58 -12.61
C ALA F 1 -0.16 -83.14 -12.21
N TYR F 2 0.71 -82.22 -12.63
CA TYR F 2 0.55 -80.81 -12.32
C TYR F 2 -0.06 -80.07 -13.50
N THR F 3 -0.91 -79.08 -13.19
CA THR F 3 -1.47 -78.21 -14.22
C THR F 3 -1.47 -76.76 -13.76
N THR F 4 -1.06 -75.86 -14.65
CA THR F 4 -1.14 -74.43 -14.38
C THR F 4 -2.58 -73.96 -14.20
N PHE F 5 -3.50 -74.69 -14.84
CA PHE F 5 -4.92 -74.56 -14.58
C PHE F 5 -5.55 -75.92 -14.31
N SER F 6 -6.33 -76.04 -13.23
CA SER F 6 -7.09 -77.25 -12.97
C SER F 6 -8.51 -77.09 -13.49
N GLN F 7 -8.94 -78.03 -14.32
CA GLN F 7 -10.26 -77.98 -14.93
C GLN F 7 -11.36 -78.06 -13.88
N THR F 8 -11.14 -78.91 -12.88
CA THR F 8 -12.15 -79.17 -11.87
C THR F 8 -12.51 -77.92 -11.07
N LYS F 9 -13.79 -77.77 -10.77
CA LYS F 9 -14.27 -76.61 -10.03
C LYS F 9 -14.25 -76.91 -8.54
N ASN F 10 -13.04 -76.93 -7.96
CA ASN F 10 -12.88 -77.20 -6.54
C ASN F 10 -13.06 -75.94 -5.70
N ASP F 11 -13.37 -76.12 -4.43
CA ASP F 11 -13.56 -75.00 -3.51
C ASP F 11 -12.21 -74.63 -2.90
N GLN F 12 -11.73 -73.44 -3.25
CA GLN F 12 -10.45 -72.97 -2.75
C GLN F 12 -10.41 -72.92 -1.23
N LEU F 13 -11.56 -72.68 -0.62
CA LEU F 13 -11.64 -72.48 0.83
C LEU F 13 -11.44 -73.78 1.60
N LYS F 14 -11.90 -74.88 1.03
CA LYS F 14 -11.77 -76.19 1.68
C LYS F 14 -10.43 -76.85 1.40
N GLU F 15 -9.90 -76.63 0.19
CA GLU F 15 -8.62 -77.20 -0.21
C GLU F 15 -7.52 -76.90 0.80
N PRO F 16 -6.65 -77.89 1.08
CA PRO F 16 -5.54 -77.72 2.02
C PRO F 16 -4.49 -76.76 1.47
N MET F 17 -3.51 -76.40 2.30
CA MET F 17 -2.46 -75.50 1.87
C MET F 17 -1.59 -76.11 0.78
N PHE F 18 -1.16 -77.35 1.00
CA PHE F 18 -0.32 -78.04 0.03
C PHE F 18 -0.87 -79.41 -0.33
N PHE F 19 -0.35 -79.98 -1.42
CA PHE F 19 -0.75 -81.30 -1.88
C PHE F 19 -2.23 -81.37 -2.27
N GLY F 20 -2.88 -80.22 -2.31
CA GLY F 20 -4.29 -80.18 -2.67
C GLY F 20 -4.47 -80.24 -4.18
N GLN F 21 -5.14 -79.23 -4.74
CA GLN F 21 -5.37 -79.16 -6.17
C GLN F 21 -4.81 -77.86 -6.73
N PRO F 22 -4.06 -77.96 -7.85
CA PRO F 22 -3.46 -76.77 -8.49
C PRO F 22 -4.44 -75.61 -8.63
N VAL F 23 -4.09 -74.48 -8.01
CA VAL F 23 -4.94 -73.29 -8.07
C VAL F 23 -5.25 -72.93 -9.51
N ASN F 24 -6.54 -72.85 -9.84
CA ASN F 24 -6.96 -72.52 -11.19
C ASN F 24 -7.28 -71.04 -11.35
N VAL F 25 -8.19 -70.53 -10.53
CA VAL F 25 -8.58 -69.13 -10.58
C VAL F 25 -7.90 -68.32 -9.48
N ALA F 26 -7.55 -67.07 -9.80
CA ALA F 26 -6.88 -66.20 -8.85
C ALA F 26 -7.83 -65.15 -8.30
N ARG F 27 -8.53 -65.49 -7.22
CA ARG F 27 -9.47 -64.57 -6.58
C ARG F 27 -8.96 -64.21 -5.19
N TYR F 28 -9.25 -62.99 -4.74
CA TYR F 28 -8.80 -62.53 -3.44
C TYR F 28 -9.93 -61.92 -2.63
N ASP F 29 -11.16 -62.25 -3.00
CA ASP F 29 -12.34 -61.73 -2.29
C ASP F 29 -12.66 -62.60 -1.08
N GLN F 30 -11.88 -63.67 -0.91
CA GLN F 30 -12.06 -64.59 0.21
C GLN F 30 -10.85 -65.50 0.36
N GLN F 31 -10.37 -65.65 1.59
CA GLN F 31 -9.20 -66.47 1.86
C GLN F 31 -9.47 -67.43 3.01
N LYS F 32 -8.91 -68.64 2.92
CA LYS F 32 -9.08 -69.64 3.97
C LYS F 32 -8.22 -69.23 5.17
N TYR F 33 -7.09 -68.61 4.87
CA TYR F 33 -6.16 -68.14 5.89
C TYR F 33 -5.79 -66.69 5.62
N ASP F 34 -6.59 -65.77 6.16
CA ASP F 34 -6.36 -64.34 5.98
C ASP F 34 -4.94 -63.93 6.36
N ILE F 35 -4.25 -64.79 7.09
CA ILE F 35 -2.88 -64.50 7.51
C ILE F 35 -1.99 -64.19 6.31
N PHE F 36 -2.10 -65.01 5.27
CA PHE F 36 -1.29 -64.82 4.07
C PHE F 36 -1.71 -63.58 3.29
N GLU F 37 -3.02 -63.37 3.17
CA GLU F 37 -3.55 -62.22 2.46
C GLU F 37 -3.03 -60.92 3.04
N LYS F 38 -2.83 -60.91 4.36
CA LYS F 38 -2.33 -59.72 5.04
C LYS F 38 -0.85 -59.49 4.72
N LEU F 39 -0.10 -60.58 4.59
CA LEU F 39 1.32 -60.50 4.29
C LEU F 39 1.55 -59.90 2.91
N ILE F 40 0.66 -60.19 1.97
CA ILE F 40 0.77 -59.67 0.62
C ILE F 40 0.62 -58.15 0.60
N GLU F 41 -0.50 -57.67 1.13
CA GLU F 41 -0.78 -56.24 1.18
C GLU F 41 0.30 -55.50 1.97
N LYS F 42 0.80 -56.16 3.01
CA LYS F 42 1.83 -55.56 3.87
C LYS F 42 3.18 -55.54 3.15
N GLN F 43 3.47 -56.59 2.39
CA GLN F 43 4.73 -56.70 1.67
C GLN F 43 4.79 -55.71 0.50
N LEU F 44 3.67 -55.57 -0.19
CA LEU F 44 3.59 -54.66 -1.34
C LEU F 44 3.80 -53.21 -0.93
N SER F 45 3.45 -52.88 0.30
CA SER F 45 3.59 -51.51 0.80
C SER F 45 5.04 -51.19 1.12
N PHE F 46 5.85 -52.22 1.39
CA PHE F 46 7.25 -52.02 1.71
C PHE F 46 8.13 -52.04 0.46
N PHE F 47 7.49 -51.98 -0.71
CA PHE F 47 8.22 -51.99 -1.97
C PHE F 47 9.27 -50.87 -1.99
N TRP F 48 10.53 -51.26 -2.13
CA TRP F 48 11.62 -50.29 -2.15
C TRP F 48 12.53 -50.50 -3.36
N ARG F 49 13.17 -49.43 -3.79
CA ARG F 49 14.17 -49.53 -4.84
C ARG F 49 15.53 -49.36 -4.20
N PRO F 50 16.37 -50.38 -4.40
CA PRO F 50 17.77 -50.32 -3.95
C PRO F 50 18.55 -49.11 -4.46
N GLU F 51 18.14 -48.61 -5.61
CA GLU F 51 18.75 -47.43 -6.22
C GLU F 51 18.56 -46.14 -5.42
N GLU F 52 17.38 -45.96 -4.84
CA GLU F 52 17.04 -44.69 -4.26
C GLU F 52 18.10 -44.41 -3.22
N VAL F 53 18.57 -45.48 -2.57
CA VAL F 53 19.56 -45.37 -1.52
C VAL F 53 20.85 -44.74 -2.04
N ASP F 54 21.18 -43.55 -1.53
CA ASP F 54 22.51 -42.99 -1.67
C ASP F 54 23.53 -43.85 -0.93
N VAL F 55 24.33 -44.60 -1.69
CA VAL F 55 25.40 -45.41 -1.10
C VAL F 55 26.77 -44.94 -1.58
N SER F 56 26.96 -43.62 -1.62
CA SER F 56 28.14 -43.04 -2.22
C SER F 56 29.28 -42.83 -1.23
N ARG F 57 28.94 -42.41 -0.02
CA ARG F 57 29.96 -42.17 1.00
C ARG F 57 30.50 -43.48 1.56
N ASP F 58 29.87 -44.58 1.21
CA ASP F 58 30.30 -45.90 1.68
C ASP F 58 31.59 -46.33 1.02
N ARG F 59 31.88 -45.75 -0.15
CA ARG F 59 33.10 -46.07 -0.88
C ARG F 59 34.35 -45.63 -0.12
N ILE F 60 34.26 -44.52 0.58
CA ILE F 60 35.39 -43.99 1.33
C ILE F 60 35.46 -44.61 2.73
N ASP F 61 34.30 -44.86 3.32
CA ASP F 61 34.23 -45.46 4.65
C ASP F 61 34.78 -46.87 4.65
N TYR F 62 34.63 -47.56 3.51
CA TYR F 62 35.12 -48.93 3.38
C TYR F 62 36.64 -48.95 3.26
N GLN F 63 37.19 -47.94 2.59
CA GLN F 63 38.63 -47.83 2.41
C GLN F 63 39.31 -47.49 3.73
N ALA F 64 38.59 -46.78 4.60
CA ALA F 64 39.12 -46.39 5.89
C ALA F 64 39.08 -47.54 6.89
N LEU F 65 38.11 -48.43 6.71
CA LEU F 65 37.96 -49.59 7.59
C LEU F 65 39.24 -50.41 7.64
N PRO F 66 39.66 -50.78 8.86
CA PRO F 66 40.93 -51.50 9.09
C PRO F 66 40.97 -52.90 8.46
N GLU F 67 42.16 -53.34 8.04
CA GLU F 67 42.25 -54.44 7.10
C GLU F 67 41.46 -55.63 7.63
N HIS F 68 41.50 -55.83 8.94
CA HIS F 68 40.71 -56.88 9.59
C HIS F 68 39.22 -56.60 9.48
N GLU F 69 38.86 -55.32 9.49
CA GLU F 69 37.46 -54.92 9.46
C GLU F 69 36.85 -55.13 8.08
N LYS F 70 37.61 -54.81 7.03
CA LYS F 70 37.12 -55.00 5.67
C LYS F 70 36.65 -56.44 5.55
N HIS F 71 37.42 -57.34 6.17
CA HIS F 71 37.11 -58.76 6.17
C HIS F 71 35.70 -58.98 6.70
N ILE F 72 35.47 -58.53 7.93
CA ILE F 72 34.19 -58.65 8.60
C ILE F 72 33.02 -58.20 7.71
N PHE F 73 33.16 -57.03 7.10
CA PHE F 73 32.11 -56.49 6.25
C PHE F 73 31.90 -57.28 4.97
N ILE F 74 32.92 -57.28 4.10
CA ILE F 74 32.85 -57.98 2.83
C ILE F 74 32.41 -59.44 2.98
N SER F 75 32.94 -60.12 4.00
CA SER F 75 32.61 -61.51 4.23
C SER F 75 31.13 -61.67 4.56
N ASN F 76 30.64 -60.87 5.49
CA ASN F 76 29.24 -60.91 5.90
C ASN F 76 28.33 -60.57 4.73
N LEU F 77 28.79 -59.68 3.86
CA LEU F 77 28.02 -59.27 2.70
C LEU F 77 27.91 -60.39 1.68
N LYS F 78 28.99 -61.15 1.53
CA LYS F 78 29.02 -62.27 0.60
C LYS F 78 27.99 -63.33 0.98
N TYR F 79 27.94 -63.66 2.26
CA TYR F 79 27.01 -64.67 2.76
C TYR F 79 25.56 -64.24 2.50
N GLN F 80 25.24 -62.99 2.81
CA GLN F 80 23.90 -62.47 2.61
C GLN F 80 23.49 -62.59 1.15
N THR F 81 24.40 -62.22 0.25
CA THR F 81 24.13 -62.30 -1.18
C THR F 81 23.83 -63.74 -1.58
N LEU F 82 24.51 -64.66 -0.93
CA LEU F 82 24.33 -66.09 -1.19
C LEU F 82 22.93 -66.56 -0.84
N LEU F 83 22.53 -66.33 0.40
CA LEU F 83 21.20 -66.73 0.87
C LEU F 83 20.10 -66.24 -0.05
N ASP F 84 20.00 -64.92 -0.21
CA ASP F 84 18.85 -64.31 -0.85
C ASP F 84 18.80 -64.65 -2.34
N SER F 85 19.93 -65.10 -2.88
CA SER F 85 19.97 -65.64 -4.23
C SER F 85 19.29 -67.00 -4.29
N ILE F 86 19.48 -67.81 -3.26
CA ILE F 86 18.78 -69.09 -3.13
C ILE F 86 17.30 -68.86 -2.86
N GLN F 87 17.01 -68.07 -1.84
CA GLN F 87 15.63 -67.77 -1.46
C GLN F 87 15.00 -66.79 -2.45
N GLY F 88 15.67 -66.57 -3.58
CA GLY F 88 15.08 -65.85 -4.68
C GLY F 88 14.35 -66.74 -5.67
N ARG F 89 14.84 -67.97 -5.83
CA ARG F 89 14.23 -68.92 -6.75
C ARG F 89 13.59 -70.10 -6.04
N SER F 90 14.27 -70.61 -5.02
CA SER F 90 13.79 -71.75 -4.24
C SER F 90 12.30 -71.74 -3.94
N PRO F 91 11.79 -70.62 -3.40
CA PRO F 91 10.37 -70.51 -3.07
C PRO F 91 9.42 -70.96 -4.18
N ASN F 92 9.38 -70.20 -5.27
CA ASN F 92 8.51 -70.52 -6.40
C ASN F 92 8.68 -71.95 -6.89
N VAL F 93 9.93 -72.34 -7.11
CA VAL F 93 10.24 -73.68 -7.62
C VAL F 93 9.73 -74.82 -6.74
N ALA F 94 9.93 -74.71 -5.43
CA ALA F 94 9.51 -75.77 -4.51
C ALA F 94 8.16 -75.56 -3.82
N LEU F 95 7.60 -74.36 -3.95
CA LEU F 95 6.32 -74.10 -3.31
C LEU F 95 5.12 -74.08 -4.24
N LEU F 96 5.26 -73.43 -5.39
CA LEU F 96 4.17 -73.36 -6.35
C LEU F 96 3.61 -74.72 -6.75
N PRO F 97 4.49 -75.69 -7.07
CA PRO F 97 4.05 -77.03 -7.47
C PRO F 97 3.19 -77.75 -6.43
N LEU F 98 3.24 -77.30 -5.19
CA LEU F 98 2.48 -77.92 -4.12
C LEU F 98 1.26 -77.11 -3.69
N ILE F 99 1.43 -75.80 -3.61
CA ILE F 99 0.34 -74.90 -3.21
C ILE F 99 -0.96 -75.26 -3.91
N SER F 100 -2.07 -75.17 -3.18
CA SER F 100 -3.38 -75.48 -3.72
C SER F 100 -4.40 -74.41 -3.32
N ILE F 101 -3.89 -73.28 -2.85
CA ILE F 101 -4.74 -72.16 -2.44
C ILE F 101 -4.16 -70.85 -2.95
N PRO F 102 -5.04 -69.91 -3.37
CA PRO F 102 -4.63 -68.60 -3.89
C PRO F 102 -3.92 -67.69 -2.90
N GLU F 103 -4.54 -67.44 -1.75
CA GLU F 103 -3.96 -66.58 -0.73
C GLU F 103 -2.51 -66.91 -0.42
N LEU F 104 -2.16 -68.19 -0.48
CA LEU F 104 -0.80 -68.63 -0.21
C LEU F 104 0.05 -68.62 -1.48
N GLU F 105 -0.57 -68.98 -2.60
CA GLU F 105 0.13 -69.02 -3.88
C GLU F 105 0.76 -67.67 -4.21
N THR F 106 -0.07 -66.62 -4.23
CA THR F 106 0.40 -65.28 -4.53
C THR F 106 1.48 -64.86 -3.55
N TRP F 107 1.30 -65.22 -2.28
CA TRP F 107 2.26 -64.89 -1.24
C TRP F 107 3.66 -65.36 -1.60
N VAL F 108 3.78 -66.66 -1.84
CA VAL F 108 5.07 -67.26 -2.19
C VAL F 108 5.75 -66.54 -3.35
N GLU F 109 5.01 -66.26 -4.40
CA GLU F 109 5.55 -65.57 -5.57
C GLU F 109 5.99 -64.15 -5.20
N THR F 110 5.21 -63.50 -4.35
CA THR F 110 5.53 -62.14 -3.91
C THR F 110 6.69 -62.22 -2.93
N TRP F 111 6.73 -63.30 -2.16
CA TRP F 111 7.78 -63.53 -1.18
C TRP F 111 9.11 -63.78 -1.90
N ALA F 112 9.06 -64.57 -2.97
CA ALA F 112 10.26 -64.87 -3.74
C ALA F 112 10.71 -63.64 -4.50
N PHE F 113 9.74 -62.80 -4.88
CA PHE F 113 10.03 -61.58 -5.61
C PHE F 113 10.87 -60.63 -4.75
N SER F 114 10.36 -60.31 -3.57
CA SER F 114 11.05 -59.42 -2.65
C SER F 114 12.49 -59.87 -2.45
N GLU F 115 12.73 -61.17 -2.60
CA GLU F 115 14.07 -61.71 -2.43
C GLU F 115 14.98 -61.31 -3.59
N THR F 116 14.43 -61.29 -4.80
CA THR F 116 15.21 -60.91 -5.98
C THR F 116 15.68 -59.47 -5.79
N ILE F 117 14.79 -58.63 -5.26
CA ILE F 117 15.10 -57.22 -5.03
C ILE F 117 16.28 -57.14 -4.07
N HIS F 118 16.31 -58.03 -3.08
CA HIS F 118 17.39 -58.06 -2.10
C HIS F 118 18.69 -58.42 -2.79
N SER F 119 18.62 -59.39 -3.70
CA SER F 119 19.79 -59.83 -4.45
C SER F 119 20.29 -58.68 -5.33
N ARG F 120 19.37 -57.80 -5.70
CA ARG F 120 19.70 -56.65 -6.54
C ARG F 120 20.40 -55.56 -5.72
N SER F 121 19.93 -55.36 -4.50
CA SER F 121 20.51 -54.35 -3.62
C SER F 121 21.98 -54.63 -3.33
N TYR F 122 22.30 -55.89 -3.04
CA TYR F 122 23.68 -56.27 -2.74
C TYR F 122 24.59 -55.91 -3.91
N THR F 123 24.13 -56.18 -5.13
CA THR F 123 24.90 -55.89 -6.32
C THR F 123 25.12 -54.38 -6.45
N HIS F 124 24.17 -53.61 -5.96
CA HIS F 124 24.25 -52.16 -6.00
C HIS F 124 25.18 -51.62 -4.93
N ILE F 125 25.31 -52.37 -3.83
CA ILE F 125 26.16 -51.97 -2.72
C ILE F 125 27.63 -52.27 -3.01
N ILE F 126 27.87 -53.44 -3.62
CA ILE F 126 29.22 -53.87 -3.94
C ILE F 126 29.92 -52.94 -4.93
N ARG F 127 29.30 -52.72 -6.08
CA ARG F 127 29.87 -51.86 -7.11
C ARG F 127 30.27 -50.50 -6.58
N ASN F 128 29.59 -50.02 -5.54
CA ASN F 128 29.88 -48.72 -4.95
C ASN F 128 31.04 -48.78 -3.95
N ILE F 129 31.22 -49.92 -3.31
CA ILE F 129 32.29 -50.08 -2.33
C ILE F 129 33.61 -50.55 -2.94
N VAL F 130 33.53 -51.52 -3.84
CA VAL F 130 34.74 -52.04 -4.48
C VAL F 130 34.90 -51.55 -5.91
N ASN F 131 36.07 -51.82 -6.49
CA ASN F 131 36.35 -51.41 -7.86
C ASN F 131 35.89 -52.46 -8.87
N ASP F 132 36.20 -53.71 -8.57
CA ASP F 132 35.81 -54.82 -9.44
C ASP F 132 34.89 -55.80 -8.71
N PRO F 133 33.56 -55.64 -8.90
CA PRO F 133 32.55 -56.49 -8.26
C PRO F 133 32.80 -57.98 -8.48
N SER F 134 33.37 -58.33 -9.63
CA SER F 134 33.64 -59.72 -9.96
C SER F 134 34.53 -60.39 -8.91
N VAL F 135 35.39 -59.59 -8.27
CA VAL F 135 36.29 -60.11 -7.25
C VAL F 135 35.51 -60.69 -6.07
N VAL F 136 34.36 -60.09 -5.78
CA VAL F 136 33.53 -60.55 -4.67
C VAL F 136 32.61 -61.70 -5.07
N PHE F 137 31.89 -61.52 -6.17
CA PHE F 137 30.96 -62.54 -6.65
C PHE F 137 31.64 -63.89 -6.94
N ASP F 138 32.74 -63.86 -7.67
CA ASP F 138 33.46 -65.08 -8.02
C ASP F 138 33.93 -65.84 -6.79
N ASP F 139 33.93 -65.17 -5.64
CA ASP F 139 34.37 -65.78 -4.40
C ASP F 139 33.27 -66.57 -3.71
N ILE F 140 32.07 -66.00 -3.66
CA ILE F 140 30.94 -66.65 -3.02
C ILE F 140 30.78 -68.11 -3.44
N VAL F 141 31.32 -68.43 -4.62
CA VAL F 141 31.23 -69.79 -5.15
C VAL F 141 32.43 -70.66 -4.75
N THR F 142 33.61 -70.06 -4.75
CA THR F 142 34.84 -70.78 -4.40
C THR F 142 35.14 -70.81 -2.91
N ASN F 143 34.76 -69.75 -2.21
CA ASN F 143 34.99 -69.65 -0.77
C ASN F 143 34.68 -70.96 -0.05
N GLU F 144 35.49 -71.29 0.95
CA GLU F 144 35.28 -72.50 1.74
C GLU F 144 34.12 -72.33 2.71
N GLN F 145 34.18 -71.28 3.52
CA GLN F 145 33.23 -71.10 4.62
C GLN F 145 31.82 -70.80 4.10
N ILE F 146 31.75 -70.28 2.88
CA ILE F 146 30.48 -69.87 2.29
C ILE F 146 29.71 -71.07 1.75
N GLN F 147 30.45 -71.99 1.16
CA GLN F 147 29.88 -73.10 0.40
C GLN F 147 29.03 -74.04 1.22
N LYS F 148 29.47 -74.35 2.44
CA LYS F 148 28.75 -75.34 3.24
C LYS F 148 27.31 -74.92 3.48
N ARG F 149 27.14 -73.66 3.87
CA ARG F 149 25.81 -73.11 4.16
C ARG F 149 24.93 -73.11 2.92
N ALA F 150 25.54 -72.75 1.79
CA ALA F 150 24.84 -72.76 0.52
C ALA F 150 24.47 -74.20 0.16
N GLU F 151 25.40 -75.12 0.39
CA GLU F 151 25.16 -76.52 0.12
C GLU F 151 24.03 -77.05 1.00
N GLY F 152 24.03 -76.64 2.25
CA GLY F 152 22.98 -77.04 3.18
C GLY F 152 21.63 -76.54 2.72
N ILE F 153 21.59 -75.30 2.25
CA ILE F 153 20.35 -74.72 1.75
C ILE F 153 19.87 -75.50 0.53
N SER F 154 20.82 -75.88 -0.32
CA SER F 154 20.53 -76.62 -1.54
C SER F 154 19.95 -77.99 -1.25
N SER F 155 20.47 -78.67 -0.24
CA SER F 155 20.02 -80.03 0.05
C SER F 155 18.51 -80.23 0.26
N TYR F 156 17.88 -79.27 0.95
CA TYR F 156 16.51 -79.44 1.42
C TYR F 156 15.50 -79.05 0.35
N TYR F 157 15.77 -77.93 -0.33
CA TYR F 157 14.93 -77.49 -1.44
C TYR F 157 14.89 -78.53 -2.55
N ASP F 158 16.07 -78.94 -3.03
CA ASP F 158 16.17 -79.92 -4.09
C ASP F 158 15.48 -81.23 -3.70
N GLU F 159 15.77 -81.71 -2.49
CA GLU F 159 15.19 -82.95 -2.00
C GLU F 159 13.67 -82.91 -2.05
N LEU F 160 13.10 -81.72 -1.86
CA LEU F 160 11.66 -81.54 -1.90
C LEU F 160 11.16 -81.49 -3.35
N ILE F 161 11.92 -80.83 -4.21
CA ILE F 161 11.57 -80.71 -5.61
C ILE F 161 11.60 -82.06 -6.31
N GLU F 162 12.59 -82.88 -5.96
CA GLU F 162 12.74 -84.20 -6.56
C GLU F 162 11.49 -85.05 -6.38
N MET F 163 11.05 -85.21 -5.13
CA MET F 163 9.86 -86.00 -4.84
C MET F 163 8.61 -85.38 -5.46
N THR F 164 8.50 -84.06 -5.37
CA THR F 164 7.35 -83.35 -5.93
C THR F 164 7.19 -83.72 -7.39
N SER F 165 8.30 -83.94 -8.08
CA SER F 165 8.29 -84.30 -9.48
C SER F 165 7.73 -85.71 -9.66
N TYR F 166 8.15 -86.62 -8.78
CA TYR F 166 7.70 -88.00 -8.82
C TYR F 166 6.23 -88.12 -8.42
N TRP F 167 5.79 -87.25 -7.52
CA TRP F 167 4.42 -87.27 -7.05
C TRP F 167 3.46 -86.86 -8.17
N HIS F 168 4.01 -86.24 -9.21
CA HIS F 168 3.22 -85.80 -10.36
C HIS F 168 3.41 -86.74 -11.53
N LEU F 169 4.63 -87.25 -11.69
CA LEU F 169 4.93 -88.16 -12.79
C LEU F 169 4.52 -89.60 -12.47
N LEU F 170 4.56 -89.95 -11.20
CA LEU F 170 4.56 -91.35 -10.78
C LEU F 170 3.43 -91.64 -9.80
N GLY F 171 3.14 -90.67 -8.94
CA GLY F 171 2.13 -90.83 -7.91
C GLY F 171 2.61 -91.69 -6.76
N GLU F 172 1.79 -91.77 -5.72
CA GLU F 172 1.94 -92.82 -4.70
C GLU F 172 2.18 -94.18 -5.35
N GLY F 173 3.06 -94.97 -4.75
CA GLY F 173 3.32 -96.31 -5.22
C GLY F 173 4.79 -96.55 -5.53
N THR F 174 5.17 -97.82 -5.59
CA THR F 174 6.55 -98.19 -5.91
C THR F 174 6.72 -98.39 -7.41
N HIS F 175 7.67 -97.65 -8.00
CA HIS F 175 7.88 -97.69 -9.44
C HIS F 175 9.34 -97.96 -9.77
N THR F 176 9.59 -98.55 -10.94
CA THR F 176 10.93 -98.92 -11.35
C THR F 176 11.39 -98.10 -12.56
N VAL F 177 12.50 -97.40 -12.40
CA VAL F 177 13.13 -96.71 -13.52
C VAL F 177 14.49 -97.34 -13.86
N ASN F 178 14.53 -98.12 -14.93
CA ASN F 178 15.76 -98.76 -15.37
C ASN F 178 16.30 -99.72 -14.31
N GLY F 179 15.43 -100.60 -13.82
CA GLY F 179 15.84 -101.61 -12.86
C GLY F 179 15.63 -101.18 -11.42
N LYS F 180 15.51 -99.86 -11.22
CA LYS F 180 15.48 -99.30 -9.88
C LYS F 180 14.04 -99.26 -9.36
N THR F 181 13.90 -99.25 -8.04
CA THR F 181 12.58 -99.20 -7.41
C THR F 181 12.40 -97.88 -6.67
N VAL F 182 11.38 -97.12 -7.08
CA VAL F 182 11.09 -95.84 -6.46
C VAL F 182 9.80 -95.90 -5.64
N THR F 183 9.89 -95.50 -4.38
CA THR F 183 8.73 -95.51 -3.49
C THR F 183 8.23 -94.08 -3.27
N VAL F 184 7.09 -93.75 -3.88
CA VAL F 184 6.51 -92.42 -3.75
C VAL F 184 5.30 -92.43 -2.81
N SER F 185 5.53 -92.00 -1.57
CA SER F 185 4.47 -91.94 -0.58
C SER F 185 4.22 -90.50 -0.15
N LEU F 186 2.98 -90.05 -0.29
CA LEU F 186 2.60 -88.69 0.07
C LEU F 186 3.00 -88.37 1.51
N ARG F 187 3.05 -89.39 2.35
CA ARG F 187 3.41 -89.21 3.75
C ARG F 187 4.85 -88.70 3.88
N GLU F 188 5.75 -89.31 3.11
CA GLU F 188 7.14 -88.87 3.03
C GLU F 188 7.30 -87.49 2.41
N LEU F 189 6.54 -87.24 1.34
CA LEU F 189 6.62 -85.97 0.62
C LEU F 189 6.24 -84.82 1.53
N LYS F 190 5.42 -85.10 2.54
CA LYS F 190 4.99 -84.08 3.49
C LYS F 190 6.09 -83.74 4.49
N LYS F 191 6.95 -84.72 4.78
CA LYS F 191 8.06 -84.49 5.70
C LYS F 191 9.06 -83.53 5.08
N LYS F 192 9.42 -83.79 3.83
CA LYS F 192 10.38 -82.94 3.13
C LYS F 192 9.86 -81.50 3.07
N LEU F 193 8.58 -81.34 2.79
CA LEU F 193 7.97 -80.02 2.72
C LEU F 193 8.03 -79.35 4.08
N TYR F 194 7.77 -80.10 5.13
CA TYR F 194 7.79 -79.59 6.49
C TYR F 194 9.23 -79.25 6.90
N LEU F 195 10.11 -80.24 6.80
CA LEU F 195 11.51 -80.06 7.17
C LEU F 195 12.13 -78.89 6.39
N CYS F 196 11.74 -78.76 5.13
CA CYS F 196 12.26 -77.68 4.29
C CYS F 196 11.88 -76.33 4.88
N LEU F 197 10.60 -76.16 5.20
CA LEU F 197 10.10 -74.91 5.77
C LEU F 197 10.86 -74.59 7.06
N MET F 198 11.19 -75.64 7.82
CA MET F 198 11.91 -75.47 9.07
C MET F 198 13.27 -74.83 8.81
N SER F 199 13.88 -75.20 7.68
CA SER F 199 15.18 -74.66 7.31
C SER F 199 15.02 -73.24 6.79
N VAL F 200 13.98 -73.02 5.99
CA VAL F 200 13.71 -71.71 5.43
C VAL F 200 13.47 -70.72 6.55
N ASN F 201 12.82 -71.18 7.61
CA ASN F 201 12.52 -70.34 8.77
C ASN F 201 13.81 -69.94 9.47
N ALA F 202 14.58 -70.94 9.91
CA ALA F 202 15.85 -70.69 10.60
C ALA F 202 16.76 -69.78 9.79
N LEU F 203 16.73 -69.93 8.47
CA LEU F 203 17.56 -69.12 7.59
C LEU F 203 17.07 -67.68 7.56
N GLU F 204 15.77 -67.49 7.46
CA GLU F 204 15.17 -66.16 7.42
C GLU F 204 14.84 -65.61 8.79
N ALA F 205 15.16 -66.37 9.84
CA ALA F 205 14.89 -65.93 11.20
C ALA F 205 16.16 -65.78 12.01
N ILE F 206 17.06 -66.77 11.90
CA ILE F 206 18.31 -66.74 12.63
C ILE F 206 19.50 -66.41 11.72
N ARG F 207 19.71 -67.22 10.69
CA ARG F 207 20.81 -67.01 9.76
C ARG F 207 20.94 -65.58 9.27
N PHE F 208 19.83 -65.00 8.82
CA PHE F 208 19.86 -63.63 8.31
C PHE F 208 20.04 -62.59 9.42
N TYR F 209 19.37 -62.79 10.55
CA TYR F 209 19.48 -61.85 11.66
C TYR F 209 20.87 -61.86 12.29
N VAL F 210 21.60 -62.94 12.09
CA VAL F 210 22.96 -63.04 12.63
C VAL F 210 23.92 -62.18 11.82
N SER F 211 23.52 -61.86 10.58
CA SER F 211 24.34 -61.05 9.70
C SER F 211 23.98 -59.57 9.86
N PHE F 212 22.72 -59.30 10.16
CA PHE F 212 22.26 -57.92 10.33
C PHE F 212 23.02 -57.24 11.47
N ALA F 213 23.31 -58.01 12.51
CA ALA F 213 24.04 -57.49 13.66
C ALA F 213 25.35 -56.85 13.22
N CYS F 214 26.05 -57.51 12.31
CA CYS F 214 27.31 -57.00 11.79
C CYS F 214 27.07 -55.82 10.86
N SER F 215 26.00 -55.89 10.09
CA SER F 215 25.65 -54.82 9.15
C SER F 215 25.34 -53.54 9.89
N PHE F 216 24.49 -53.64 10.92
CA PHE F 216 24.12 -52.49 11.72
C PHE F 216 25.23 -52.12 12.69
N ALA F 217 26.19 -53.03 12.86
CA ALA F 217 27.31 -52.80 13.76
C ALA F 217 28.11 -51.59 13.29
N PHE F 218 28.31 -51.50 11.97
CA PHE F 218 29.05 -50.39 11.38
C PHE F 218 28.20 -49.13 11.43
N ALA F 219 26.88 -49.30 11.41
CA ALA F 219 25.96 -48.18 11.46
C ALA F 219 26.09 -47.41 12.76
N GLU F 220 26.18 -48.13 13.87
CA GLU F 220 26.33 -47.51 15.18
C GLU F 220 27.63 -46.70 15.22
N ARG F 221 28.56 -47.06 14.36
CA ARG F 221 29.85 -46.38 14.28
C ARG F 221 29.77 -45.28 13.24
N GLU F 222 28.56 -45.00 12.76
CA GLU F 222 28.35 -43.98 11.75
C GLU F 222 29.13 -44.32 10.49
N LEU F 223 29.46 -45.60 10.36
CA LEU F 223 30.21 -46.09 9.20
C LEU F 223 29.28 -46.82 8.25
N MET F 224 29.57 -46.72 6.95
CA MET F 224 28.76 -47.36 5.92
C MET F 224 27.30 -46.96 6.06
N GLU F 225 27.04 -45.66 6.02
CA GLU F 225 25.69 -45.13 6.14
C GLU F 225 24.74 -45.74 5.12
N GLY F 226 25.13 -45.69 3.84
CA GLY F 226 24.31 -46.23 2.78
C GLY F 226 23.93 -47.69 3.00
N ASN F 227 24.93 -48.54 3.17
CA ASN F 227 24.71 -49.98 3.21
C ASN F 227 23.79 -50.39 4.36
N ALA F 228 23.82 -49.62 5.44
CA ALA F 228 22.98 -49.89 6.60
C ALA F 228 21.51 -49.62 6.30
N LYS F 229 21.26 -48.55 5.55
CA LYS F 229 19.91 -48.22 5.11
C LYS F 229 19.30 -49.35 4.29
N ILE F 230 20.01 -49.76 3.24
CA ILE F 230 19.58 -50.89 2.42
C ILE F 230 19.33 -52.13 3.26
N ILE F 231 20.32 -52.52 4.05
CA ILE F 231 20.19 -53.69 4.91
C ILE F 231 19.00 -53.54 5.85
N ARG F 232 18.76 -52.32 6.30
CA ARG F 232 17.65 -52.04 7.20
C ARG F 232 16.32 -52.35 6.51
N LEU F 233 16.19 -51.93 5.26
CA LEU F 233 14.98 -52.18 4.49
C LEU F 233 14.74 -53.66 4.28
N ILE F 234 15.82 -54.40 4.05
CA ILE F 234 15.74 -55.84 3.84
C ILE F 234 15.22 -56.52 5.10
N ALA F 235 15.61 -56.00 6.25
CA ALA F 235 15.19 -56.56 7.53
C ALA F 235 13.68 -56.49 7.67
N ARG F 236 13.11 -55.34 7.32
CA ARG F 236 11.67 -55.15 7.41
C ARG F 236 10.94 -56.19 6.57
N ASP F 237 11.34 -56.31 5.31
CA ASP F 237 10.73 -57.27 4.39
C ASP F 237 10.99 -58.69 4.86
N GLU F 238 12.16 -58.90 5.48
CA GLU F 238 12.55 -60.21 5.97
C GLU F 238 11.59 -60.70 7.05
N ALA F 239 11.19 -59.81 7.95
CA ALA F 239 10.29 -60.18 9.04
C ALA F 239 9.05 -60.89 8.51
N LEU F 240 8.44 -60.31 7.48
CA LEU F 240 7.25 -60.88 6.86
C LEU F 240 7.52 -62.29 6.36
N HIS F 241 8.75 -62.52 5.91
CA HIS F 241 9.13 -63.83 5.38
C HIS F 241 9.10 -64.90 6.46
N LEU F 242 9.84 -64.68 7.55
CA LEU F 242 9.87 -65.64 8.65
C LEU F 242 8.51 -65.82 9.29
N THR F 243 7.68 -64.80 9.21
CA THR F 243 6.34 -64.86 9.79
C THR F 243 5.47 -65.86 9.03
N GLY F 244 5.43 -65.71 7.71
CA GLY F 244 4.63 -66.59 6.89
C GLY F 244 5.00 -68.05 7.06
N THR F 245 6.30 -68.33 7.15
CA THR F 245 6.79 -69.69 7.31
C THR F 245 6.33 -70.29 8.63
N GLN F 246 6.38 -69.49 9.69
CA GLN F 246 5.98 -69.95 11.02
C GLN F 246 4.52 -70.41 11.01
N HIS F 247 3.64 -69.54 10.55
CA HIS F 247 2.21 -69.86 10.49
C HIS F 247 1.94 -71.13 9.72
N MET F 248 2.67 -71.33 8.62
CA MET F 248 2.49 -72.52 7.80
C MET F 248 2.87 -73.77 8.59
N LEU F 249 3.91 -73.65 9.41
CA LEU F 249 4.38 -74.76 10.23
C LEU F 249 3.38 -75.09 11.32
N ASN F 250 2.85 -74.05 11.98
CA ASN F 250 1.87 -74.23 13.03
C ASN F 250 0.59 -74.89 12.52
N LEU F 251 0.07 -74.37 11.42
CA LEU F 251 -1.15 -74.91 10.83
C LEU F 251 -0.99 -76.38 10.45
N LEU F 252 0.24 -76.78 10.19
CA LEU F 252 0.54 -78.17 9.82
C LEU F 252 0.82 -79.03 11.04
N ARG F 253 1.42 -78.42 12.07
CA ARG F 253 1.75 -79.14 13.28
C ARG F 253 0.55 -79.21 14.23
N SER F 254 -0.45 -78.37 13.96
CA SER F 254 -1.65 -78.33 14.78
C SER F 254 -2.75 -79.20 14.16
N GLY F 255 -2.44 -79.79 13.01
CA GLY F 255 -3.42 -80.63 12.33
C GLY F 255 -4.62 -79.84 11.85
N ALA F 256 -4.48 -78.52 11.80
CA ALA F 256 -5.56 -77.66 11.35
C ALA F 256 -5.87 -77.90 9.89
N ASP F 257 -4.89 -77.65 9.03
CA ASP F 257 -5.06 -77.83 7.60
C ASP F 257 -5.16 -79.31 7.24
N ASP F 258 -4.14 -80.08 7.59
CA ASP F 258 -4.12 -81.52 7.30
C ASP F 258 -3.93 -82.33 8.58
N PRO F 259 -4.91 -83.18 8.91
CA PRO F 259 -4.87 -84.03 10.10
C PRO F 259 -3.63 -84.92 10.16
N GLU F 260 -3.22 -85.44 9.02
CA GLU F 260 -2.05 -86.31 8.95
C GLU F 260 -0.77 -85.57 9.32
N MET F 261 -0.70 -84.30 8.96
CA MET F 261 0.54 -83.54 9.03
C MET F 261 0.99 -83.35 10.48
N ALA F 262 0.02 -83.21 11.38
CA ALA F 262 0.30 -83.02 12.79
C ALA F 262 1.04 -84.22 13.36
N GLU F 263 0.52 -85.42 13.12
CA GLU F 263 1.28 -86.65 13.28
C GLU F 263 2.70 -86.49 12.73
N ILE F 264 2.79 -86.34 11.41
CA ILE F 264 4.08 -86.24 10.74
C ILE F 264 4.98 -85.23 11.44
N ALA F 265 4.39 -84.10 11.84
CA ALA F 265 5.14 -83.05 12.51
C ALA F 265 5.70 -83.54 13.84
N GLU F 266 4.94 -84.38 14.53
CA GLU F 266 5.36 -84.92 15.81
C GLU F 266 6.54 -85.89 15.66
N GLU F 267 6.60 -86.56 14.51
CA GLU F 267 7.66 -87.52 14.26
C GLU F 267 8.99 -86.82 13.96
N CYS F 268 8.92 -85.70 13.25
CA CYS F 268 10.11 -84.94 12.88
C CYS F 268 10.54 -83.93 13.93
N LYS F 269 9.72 -83.71 14.95
CA LYS F 269 10.04 -82.76 16.00
C LYS F 269 11.49 -82.89 16.45
N GLN F 270 11.92 -84.11 16.70
CA GLN F 270 13.29 -84.36 17.14
C GLN F 270 14.29 -83.99 16.04
N GLU F 271 13.99 -84.38 14.81
CA GLU F 271 14.86 -84.07 13.68
C GLU F 271 14.86 -82.57 13.38
N CYS F 272 13.72 -81.93 13.63
CA CYS F 272 13.59 -80.49 13.40
C CYS F 272 14.39 -79.72 14.44
N TYR F 273 14.45 -80.26 15.65
CA TYR F 273 15.20 -79.63 16.74
C TYR F 273 16.68 -79.62 16.38
N ASP F 274 17.19 -80.76 15.95
CA ASP F 274 18.59 -80.89 15.59
C ASP F 274 18.91 -79.98 14.40
N LEU F 275 17.88 -79.64 13.64
CA LEU F 275 18.05 -78.77 12.47
C LEU F 275 18.41 -77.36 12.94
N PHE F 276 17.58 -76.78 13.79
CA PHE F 276 17.84 -75.45 14.31
C PHE F 276 19.18 -75.39 15.02
N VAL F 277 19.48 -76.42 15.82
CA VAL F 277 20.74 -76.48 16.54
C VAL F 277 21.89 -76.55 15.55
N GLN F 278 21.65 -77.24 14.43
CA GLN F 278 22.66 -77.39 13.39
C GLN F 278 23.02 -76.02 12.83
N ALA F 279 22.01 -75.27 12.42
CA ALA F 279 22.21 -73.93 11.86
C ALA F 279 22.70 -72.98 12.94
N ALA F 280 22.04 -72.99 14.09
CA ALA F 280 22.41 -72.13 15.21
C ALA F 280 23.88 -72.28 15.53
N GLN F 281 24.41 -73.48 15.38
CA GLN F 281 25.82 -73.75 15.65
C GLN F 281 26.70 -73.19 14.54
N GLN F 282 26.34 -73.50 13.30
CA GLN F 282 27.10 -73.04 12.15
C GLN F 282 27.27 -71.52 12.19
N GLU F 283 26.31 -70.84 12.80
CA GLU F 283 26.34 -69.38 12.92
C GLU F 283 27.53 -68.98 13.79
N LYS F 284 27.78 -69.76 14.83
CA LYS F 284 28.88 -69.49 15.76
C LYS F 284 30.23 -69.65 15.07
N ASP F 285 30.40 -70.77 14.36
CA ASP F 285 31.65 -71.05 13.66
C ASP F 285 32.02 -69.89 12.74
N TRP F 286 31.05 -69.38 12.00
CA TRP F 286 31.28 -68.27 11.08
C TRP F 286 31.76 -67.02 11.83
N ALA F 287 31.20 -66.79 13.01
CA ALA F 287 31.58 -65.66 13.84
C ALA F 287 33.08 -65.72 14.15
N ASP F 288 33.60 -66.94 14.26
CA ASP F 288 35.02 -67.14 14.55
C ASP F 288 35.85 -66.79 13.33
N TYR F 289 35.35 -67.16 12.15
CA TYR F 289 36.03 -66.87 10.89
C TYR F 289 35.90 -65.40 10.55
N LEU F 290 34.75 -64.82 10.90
CA LEU F 290 34.48 -63.41 10.63
C LEU F 290 35.37 -62.53 11.51
N PHE F 291 35.85 -63.09 12.62
CA PHE F 291 36.72 -62.36 13.55
C PHE F 291 38.17 -62.85 13.70
N ARG F 292 38.58 -63.75 12.80
CA ARG F 292 39.86 -64.44 12.91
C ARG F 292 41.06 -63.51 12.83
N ASP F 293 40.94 -62.50 11.96
CA ASP F 293 41.78 -61.29 12.02
C ASP F 293 41.66 -60.38 13.26
N GLY F 294 40.44 -60.11 13.73
CA GLY F 294 40.29 -59.25 14.89
C GLY F 294 38.84 -58.88 15.15
N SER F 295 38.63 -57.77 15.85
CA SER F 295 37.31 -57.42 16.36
C SER F 295 36.96 -55.98 16.00
N MET F 296 35.67 -55.64 16.12
CA MET F 296 35.22 -54.26 16.00
C MET F 296 34.96 -53.66 17.38
N ILE F 297 34.75 -52.34 17.41
CA ILE F 297 34.21 -51.68 18.59
C ILE F 297 32.76 -52.08 18.83
N GLY F 298 32.53 -52.83 19.91
CA GLY F 298 31.19 -53.30 20.23
C GLY F 298 30.69 -54.34 19.25
N LEU F 299 31.59 -55.21 18.81
CA LEU F 299 31.20 -56.51 18.26
C LEU F 299 32.41 -57.42 18.13
N ASN F 300 32.24 -58.68 18.48
CA ASN F 300 33.33 -59.65 18.41
C ASN F 300 32.82 -61.09 18.46
N LYS F 301 33.74 -62.03 18.31
CA LYS F 301 33.42 -63.46 18.33
C LYS F 301 32.51 -63.83 19.51
N ASP F 302 32.93 -63.44 20.71
CA ASP F 302 32.18 -63.75 21.92
C ASP F 302 30.79 -63.11 21.97
N ILE F 303 30.75 -61.78 21.90
CA ILE F 303 29.48 -61.05 21.96
C ILE F 303 28.50 -61.45 20.87
N LEU F 304 29.00 -61.79 19.69
CA LEU F 304 28.13 -62.17 18.58
C LEU F 304 27.48 -63.53 18.83
N CYS F 305 28.30 -64.52 19.17
CA CYS F 305 27.79 -65.86 19.44
C CYS F 305 26.66 -65.85 20.46
N GLN F 306 26.74 -64.90 21.39
CA GLN F 306 25.72 -64.77 22.43
C GLN F 306 24.37 -64.44 21.81
N TYR F 307 24.37 -63.56 20.82
CA TYR F 307 23.14 -63.16 20.15
C TYR F 307 22.52 -64.33 19.39
N VAL F 308 23.37 -65.18 18.83
CA VAL F 308 22.91 -66.34 18.08
C VAL F 308 21.97 -67.19 18.92
N GLU F 309 22.38 -67.45 20.16
CA GLU F 309 21.58 -68.25 21.09
C GLU F 309 20.29 -67.54 21.46
N TYR F 310 20.41 -66.29 21.87
CA TYR F 310 19.27 -65.47 22.27
C TYR F 310 18.13 -65.52 21.25
N ILE F 311 18.48 -65.33 19.98
CA ILE F 311 17.47 -65.33 18.91
C ILE F 311 16.96 -66.72 18.57
N THR F 312 17.86 -67.71 18.62
CA THR F 312 17.48 -69.08 18.31
C THR F 312 16.32 -69.57 19.18
N ASN F 313 16.41 -69.28 20.48
CA ASN F 313 15.38 -69.68 21.43
C ASN F 313 14.03 -69.08 21.07
N ILE F 314 14.02 -67.78 20.75
CA ILE F 314 12.79 -67.08 20.39
C ILE F 314 12.18 -67.65 19.12
N ARG F 315 13.02 -67.93 18.14
CA ARG F 315 12.56 -68.46 16.86
C ARG F 315 12.06 -69.90 16.99
N MET F 316 12.77 -70.71 17.75
CA MET F 316 12.39 -72.10 17.94
C MET F 316 11.12 -72.23 18.78
N GLN F 317 11.03 -71.44 19.85
CA GLN F 317 9.86 -71.47 20.72
C GLN F 317 8.63 -71.02 19.94
N ALA F 318 8.86 -70.25 18.87
CA ALA F 318 7.77 -69.74 18.05
C ALA F 318 7.10 -70.85 17.24
N VAL F 319 7.89 -71.77 16.70
CA VAL F 319 7.37 -72.87 15.92
C VAL F 319 6.91 -74.03 16.81
N GLY F 320 7.47 -74.09 18.01
CA GLY F 320 7.09 -75.15 18.94
C GLY F 320 8.20 -76.15 19.16
N LEU F 321 9.34 -75.68 19.66
CA LEU F 321 10.48 -76.55 19.93
C LEU F 321 11.18 -76.15 21.23
N ASP F 322 11.78 -77.15 21.89
CA ASP F 322 12.47 -76.92 23.15
C ASP F 322 13.66 -75.98 22.96
N LEU F 323 13.89 -75.13 23.96
CA LEU F 323 15.01 -74.18 23.92
C LEU F 323 16.33 -74.91 24.11
N PRO F 324 17.17 -74.97 23.06
CA PRO F 324 18.47 -75.63 23.12
C PRO F 324 19.50 -74.87 23.93
N PHE F 325 19.46 -73.55 23.86
CA PHE F 325 20.41 -72.70 24.59
C PHE F 325 19.80 -72.14 25.87
N GLN F 326 20.67 -71.79 26.82
CA GLN F 326 20.25 -71.23 28.10
C GLN F 326 19.60 -69.86 27.95
N THR F 327 18.60 -69.59 28.79
CA THR F 327 17.87 -68.33 28.72
C THR F 327 18.83 -67.17 28.97
N ARG F 328 18.71 -66.12 28.18
CA ARG F 328 19.58 -64.96 28.34
C ARG F 328 18.91 -63.63 27.99
N SER F 329 19.39 -62.57 28.61
CA SER F 329 18.99 -61.22 28.23
C SER F 329 19.64 -60.90 26.89
N ASN F 330 19.03 -60.01 26.12
CA ASN F 330 19.57 -59.69 24.80
C ASN F 330 20.97 -59.08 24.96
N PRO F 331 21.89 -59.54 24.11
CA PRO F 331 23.29 -59.10 24.17
C PRO F 331 23.61 -57.84 23.36
N ILE F 332 22.67 -57.43 22.51
CA ILE F 332 22.87 -56.23 21.68
C ILE F 332 21.54 -55.49 21.47
N PRO F 333 21.00 -54.90 22.55
CA PRO F 333 19.73 -54.15 22.51
C PRO F 333 19.68 -53.10 21.40
N TRP F 334 20.85 -52.64 20.95
CA TRP F 334 20.93 -51.63 19.90
C TRP F 334 20.40 -52.12 18.55
N ILE F 335 20.35 -53.44 18.39
CA ILE F 335 19.83 -54.03 17.16
C ILE F 335 18.34 -53.74 16.99
N ASN F 336 17.69 -53.38 18.09
CA ASN F 336 16.26 -53.05 18.05
C ASN F 336 16.01 -51.65 17.51
N THR F 337 17.04 -50.80 17.55
CA THR F 337 16.95 -49.46 17.01
C THR F 337 16.86 -49.48 15.49
N TRP F 338 17.34 -50.56 14.88
CA TRP F 338 17.30 -50.72 13.44
C TRP F 338 16.19 -51.68 13.02
N LEU F 339 15.55 -52.30 14.01
CA LEU F 339 14.49 -53.28 13.74
C LEU F 339 13.12 -52.71 14.11
N VAL F 340 12.94 -51.42 13.87
CA VAL F 340 11.66 -50.76 14.11
C VAL F 340 11.74 -49.80 15.29
N GLN F 360 -0.50 -17.45 35.67
CA GLN F 360 -0.46 -18.87 36.01
C GLN F 360 -0.84 -19.09 37.47
N ILE F 361 -0.70 -18.05 38.28
CA ILE F 361 -1.03 -18.13 39.70
C ILE F 361 -2.45 -17.61 39.97
N ASP F 362 -3.21 -18.39 40.73
CA ASP F 362 -4.57 -17.99 41.11
C ASP F 362 -4.55 -17.07 42.32
N SER F 363 -5.30 -15.98 42.26
CA SER F 363 -5.34 -15.02 43.36
C SER F 363 -6.55 -15.17 44.29
N GLU F 364 -7.32 -16.23 44.08
CA GLU F 364 -8.63 -16.39 44.68
C GLU F 364 -8.50 -16.43 46.19
N VAL F 365 -9.38 -15.68 46.85
CA VAL F 365 -9.41 -15.67 48.31
C VAL F 365 -10.84 -15.78 48.85
N ASP F 366 -11.03 -16.65 49.83
CA ASP F 366 -12.32 -16.75 50.51
C ASP F 366 -12.05 -16.85 52.01
N THR F 367 -12.76 -16.03 52.78
CA THR F 367 -12.58 -16.01 54.23
C THR F 367 -13.38 -17.09 54.93
N ASP F 368 -14.61 -17.31 54.47
CA ASP F 368 -15.50 -18.31 55.08
C ASP F 368 -14.97 -19.74 54.96
N ASP F 369 -14.41 -20.09 53.80
CA ASP F 369 -13.88 -21.43 53.58
C ASP F 369 -12.72 -21.77 54.52
N LEU F 370 -11.91 -20.76 54.84
CA LEU F 370 -10.77 -20.97 55.72
C LEU F 370 -11.09 -20.68 57.18
N SER F 371 -12.17 -19.94 57.41
CA SER F 371 -12.58 -19.61 58.77
C SER F 371 -13.02 -20.84 59.54
N ASN F 372 -13.34 -21.91 58.80
CA ASN F 372 -13.78 -23.16 59.42
C ASN F 372 -12.59 -23.99 59.88
N PHE F 373 -11.40 -23.59 59.45
CA PHE F 373 -10.17 -24.29 59.82
C PHE F 373 -9.64 -23.78 61.15
N GLN F 374 -9.58 -24.68 62.14
CA GLN F 374 -9.10 -24.32 63.46
C GLN F 374 -7.59 -24.55 63.58
N LEU F 375 -6.90 -23.55 64.12
CA LEU F 375 -5.45 -23.64 64.29
C LEU F 375 -5.09 -24.43 65.54
N ALA G 1 17.86 -83.38 -11.21
CA ALA G 1 19.17 -82.82 -11.64
C ALA G 1 19.17 -81.30 -11.49
N TYR G 2 18.16 -80.78 -10.80
CA TYR G 2 18.05 -79.34 -10.58
C TYR G 2 18.56 -78.97 -9.20
N THR G 3 19.25 -77.83 -9.12
CA THR G 3 19.74 -77.30 -7.86
C THR G 3 19.39 -75.83 -7.71
N THR G 4 18.96 -75.44 -6.52
CA THR G 4 18.67 -74.03 -6.25
C THR G 4 19.97 -73.22 -6.20
N PHE G 5 21.09 -73.93 -6.16
CA PHE G 5 22.41 -73.31 -6.10
C PHE G 5 23.49 -74.28 -6.60
N SER G 6 23.97 -74.02 -7.80
CA SER G 6 24.94 -74.90 -8.47
C SER G 6 26.33 -74.68 -7.88
N GLN G 7 26.95 -75.76 -7.42
CA GLN G 7 28.26 -75.68 -6.79
C GLN G 7 29.30 -75.18 -7.77
N THR G 8 29.20 -75.63 -9.01
CA THR G 8 30.21 -75.33 -10.03
C THR G 8 30.30 -73.84 -10.32
N LYS G 9 31.52 -73.35 -10.51
CA LYS G 9 31.76 -71.94 -10.77
C LYS G 9 31.72 -71.67 -12.27
N ASN G 10 30.53 -71.70 -12.84
CA ASN G 10 30.35 -71.48 -14.27
C ASN G 10 30.27 -69.99 -14.59
N ASP G 11 30.54 -69.64 -15.84
CA ASP G 11 30.50 -68.26 -16.29
C ASP G 11 29.08 -67.93 -16.76
N GLN G 12 28.41 -67.06 -16.03
CA GLN G 12 27.04 -66.67 -16.35
C GLN G 12 26.90 -65.96 -17.70
N LEU G 13 28.01 -65.47 -18.23
CA LEU G 13 27.99 -64.77 -19.52
C LEU G 13 28.01 -65.75 -20.70
N LYS G 14 28.69 -66.86 -20.54
CA LYS G 14 28.79 -67.86 -21.60
C LYS G 14 27.61 -68.82 -21.61
N GLU G 15 27.08 -69.11 -20.42
CA GLU G 15 25.95 -70.02 -20.29
C GLU G 15 24.76 -69.59 -21.16
N PRO G 16 24.09 -70.56 -21.80
CA PRO G 16 22.94 -70.28 -22.66
C PRO G 16 21.73 -69.79 -21.84
N MET G 17 20.70 -69.33 -22.52
CA MET G 17 19.51 -68.84 -21.84
C MET G 17 18.80 -69.95 -21.06
N PHE G 18 18.61 -71.09 -21.73
CA PHE G 18 17.94 -72.23 -21.10
C PHE G 18 18.74 -73.51 -21.24
N PHE G 19 18.38 -74.51 -20.43
CA PHE G 19 19.04 -75.81 -20.46
C PHE G 19 20.52 -75.74 -20.07
N GLY G 20 20.95 -74.58 -19.60
CA GLY G 20 22.33 -74.41 -19.19
C GLY G 20 22.57 -74.96 -17.80
N GLN G 21 23.07 -74.12 -16.91
CA GLN G 21 23.34 -74.54 -15.53
C GLN G 21 22.56 -73.66 -14.56
N PRO G 22 21.89 -74.28 -13.57
CA PRO G 22 21.10 -73.55 -12.57
C PRO G 22 21.85 -72.36 -11.99
N VAL G 23 21.28 -71.17 -12.19
CA VAL G 23 21.89 -69.94 -11.70
C VAL G 23 22.19 -70.07 -10.20
N ASN G 24 23.46 -69.87 -9.85
CA ASN G 24 23.90 -69.97 -8.46
C ASN G 24 23.91 -68.61 -7.76
N VAL G 25 24.70 -67.68 -8.30
CA VAL G 25 24.81 -66.35 -7.71
C VAL G 25 23.95 -65.35 -8.48
N ALA G 26 23.41 -64.37 -7.76
CA ALA G 26 22.57 -63.35 -8.36
C ALA G 26 23.29 -62.01 -8.47
N ARG G 27 23.98 -61.82 -9.59
CA ARG G 27 24.71 -60.58 -9.84
C ARG G 27 24.09 -59.84 -11.02
N TYR G 28 24.11 -58.52 -10.98
CA TYR G 28 23.54 -57.71 -12.05
C TYR G 28 24.51 -56.66 -12.56
N ASP G 29 25.80 -56.85 -12.28
CA ASP G 29 26.83 -55.92 -12.72
C ASP G 29 27.25 -56.23 -14.15
N GLN G 30 26.69 -57.29 -14.72
CA GLN G 30 27.01 -57.70 -16.08
C GLN G 30 25.96 -58.69 -16.59
N GLN G 31 25.47 -58.48 -17.80
CA GLN G 31 24.47 -59.35 -18.38
C GLN G 31 24.87 -59.77 -19.80
N LYS G 32 24.54 -61.01 -20.16
CA LYS G 32 24.84 -61.52 -21.50
C LYS G 32 23.89 -60.87 -22.49
N TYR G 33 22.66 -60.61 -22.03
CA TYR G 33 21.63 -59.99 -22.85
C TYR G 33 21.02 -58.82 -22.08
N ASP G 34 21.61 -57.64 -22.24
CA ASP G 34 21.13 -56.44 -21.56
C ASP G 34 19.64 -56.18 -21.80
N ILE G 35 19.09 -56.85 -22.82
CA ILE G 35 17.68 -56.69 -23.14
C ILE G 35 16.79 -57.00 -21.94
N PHE G 36 17.08 -58.11 -21.27
CA PHE G 36 16.31 -58.51 -20.10
C PHE G 36 16.52 -57.56 -18.92
N GLU G 37 17.77 -57.20 -18.68
CA GLU G 37 18.12 -56.29 -17.59
C GLU G 37 17.32 -54.99 -17.69
N LYS G 38 17.09 -54.53 -18.92
CA LYS G 38 16.35 -53.30 -19.15
C LYS G 38 14.88 -53.48 -18.81
N LEU G 39 14.35 -54.66 -19.11
CA LEU G 39 12.95 -54.96 -18.84
C LEU G 39 12.66 -54.93 -17.34
N ILE G 40 13.62 -55.38 -16.55
CA ILE G 40 13.46 -55.42 -15.10
C ILE G 40 13.34 -54.00 -14.55
N GLU G 41 14.33 -53.17 -14.83
CA GLU G 41 14.34 -51.79 -14.35
C GLU G 41 13.12 -51.03 -14.86
N LYS G 42 12.70 -51.34 -16.09
CA LYS G 42 11.55 -50.68 -16.70
C LYS G 42 10.25 -51.17 -16.06
N GLN G 43 10.18 -52.45 -15.74
CA GLN G 43 8.99 -53.04 -15.14
C GLN G 43 8.81 -52.56 -13.69
N LEU G 44 9.90 -52.47 -12.96
CA LEU G 44 9.87 -52.04 -11.56
C LEU G 44 9.37 -50.60 -11.43
N SER G 45 9.61 -49.79 -12.45
CA SER G 45 9.19 -48.40 -12.44
C SER G 45 7.69 -48.25 -12.67
N PHE G 46 7.09 -49.24 -13.32
CA PHE G 46 5.66 -49.21 -13.59
C PHE G 46 4.85 -49.82 -12.46
N PHE G 47 5.51 -50.08 -11.33
CA PHE G 47 4.84 -50.68 -10.18
C PHE G 47 3.61 -49.85 -9.80
N TRP G 48 2.45 -50.48 -9.83
CA TRP G 48 1.20 -49.81 -9.50
C TRP G 48 0.39 -50.60 -8.49
N ARG G 49 -0.47 -49.91 -7.76
CA ARG G 49 -1.31 -50.53 -6.74
C ARG G 49 -2.77 -50.43 -7.17
N PRO G 50 -3.37 -51.56 -7.59
CA PRO G 50 -4.77 -51.60 -8.03
C PRO G 50 -5.75 -50.83 -7.15
N GLU G 51 -5.38 -50.64 -5.88
CA GLU G 51 -6.23 -49.93 -4.94
C GLU G 51 -6.26 -48.42 -5.18
N GLU G 52 -5.14 -47.85 -5.60
CA GLU G 52 -5.07 -46.41 -5.70
C GLU G 52 -6.18 -45.98 -6.64
N VAL G 53 -6.48 -46.85 -7.60
CA VAL G 53 -7.41 -46.49 -8.66
C VAL G 53 -8.79 -46.25 -8.10
N ASP G 54 -9.46 -45.22 -8.62
CA ASP G 54 -10.81 -44.95 -8.21
C ASP G 54 -11.75 -45.66 -9.18
N VAL G 55 -12.40 -46.70 -8.69
CA VAL G 55 -13.38 -47.46 -9.46
C VAL G 55 -14.82 -47.29 -8.96
N SER G 56 -15.03 -46.36 -8.05
CA SER G 56 -16.32 -46.24 -7.36
C SER G 56 -17.52 -45.92 -8.25
N ARG G 57 -17.34 -45.04 -9.22
CA ARG G 57 -18.42 -44.63 -10.11
C ARG G 57 -18.74 -45.73 -11.11
N ASP G 58 -17.90 -46.76 -11.15
CA ASP G 58 -18.09 -47.87 -12.08
C ASP G 58 -19.27 -48.74 -11.66
N ARG G 59 -19.61 -48.69 -10.38
CA ARG G 59 -20.72 -49.47 -9.85
C ARG G 59 -22.06 -49.03 -10.44
N ILE G 60 -22.20 -47.73 -10.68
CA ILE G 60 -23.44 -47.20 -11.24
C ILE G 60 -23.44 -47.28 -12.76
N ASP G 61 -22.28 -47.08 -13.37
CA ASP G 61 -22.16 -47.13 -14.82
C ASP G 61 -22.44 -48.54 -15.33
N TYR G 62 -22.12 -49.54 -14.52
CA TYR G 62 -22.25 -50.92 -14.94
C TYR G 62 -23.68 -51.43 -14.75
N GLN G 63 -24.25 -51.15 -13.59
CA GLN G 63 -25.67 -51.37 -13.35
C GLN G 63 -26.51 -50.86 -14.53
N ALA G 64 -26.02 -49.82 -15.18
CA ALA G 64 -26.76 -49.17 -16.26
C ALA G 64 -26.65 -49.95 -17.56
N LEU G 65 -25.51 -50.60 -17.76
CA LEU G 65 -25.30 -51.42 -18.95
C LEU G 65 -26.44 -52.41 -19.14
N PRO G 66 -27.07 -52.33 -20.31
CA PRO G 66 -28.20 -53.21 -20.60
C PRO G 66 -27.63 -54.61 -20.54
N GLU G 67 -28.45 -55.60 -20.24
CA GLU G 67 -27.96 -56.86 -19.75
C GLU G 67 -26.96 -57.39 -20.76
N HIS G 68 -27.23 -57.17 -22.04
CA HIS G 68 -26.27 -57.58 -23.07
C HIS G 68 -24.93 -56.83 -23.09
N GLU G 69 -24.98 -55.51 -22.95
CA GLU G 69 -23.79 -54.70 -22.78
C GLU G 69 -23.07 -55.05 -21.48
N LYS G 70 -23.84 -55.46 -20.47
CA LYS G 70 -23.25 -56.03 -19.26
C LYS G 70 -22.63 -57.40 -19.55
N HIS G 71 -23.15 -58.06 -20.58
CA HIS G 71 -22.59 -59.30 -21.07
C HIS G 71 -21.19 -59.05 -21.61
N ILE G 72 -21.10 -58.16 -22.58
CA ILE G 72 -19.83 -57.80 -23.22
C ILE G 72 -18.74 -57.49 -22.20
N PHE G 73 -19.07 -56.66 -21.22
CA PHE G 73 -18.10 -56.27 -20.20
C PHE G 73 -17.71 -57.41 -19.27
N ILE G 74 -18.67 -57.90 -18.49
CA ILE G 74 -18.42 -58.99 -17.55
C ILE G 74 -17.74 -60.20 -18.20
N SER G 75 -18.17 -60.55 -19.41
CA SER G 75 -17.61 -61.69 -20.12
C SER G 75 -16.13 -61.45 -20.44
N ASN G 76 -15.84 -60.28 -20.99
CA ASN G 76 -14.47 -59.93 -21.35
C ASN G 76 -13.59 -59.86 -20.11
N LEU G 77 -14.18 -59.43 -18.99
CA LEU G 77 -13.45 -59.32 -17.74
C LEU G 77 -13.09 -60.71 -17.19
N LYS G 78 -14.01 -61.65 -17.35
CA LYS G 78 -13.79 -63.01 -16.86
C LYS G 78 -12.61 -63.66 -17.57
N TYR G 79 -12.54 -63.49 -18.89
CA TYR G 79 -11.46 -64.06 -19.69
C TYR G 79 -10.11 -63.51 -19.25
N GLN G 80 -10.04 -62.18 -19.09
CA GLN G 80 -8.80 -61.54 -18.67
C GLN G 80 -8.32 -62.09 -17.34
N THR G 81 -9.25 -62.24 -16.39
CA THR G 81 -8.92 -62.77 -15.08
C THR G 81 -8.35 -64.17 -15.22
N LEU G 82 -8.88 -64.93 -16.17
CA LEU G 82 -8.35 -66.26 -16.47
C LEU G 82 -6.93 -66.19 -17.03
N LEU G 83 -6.68 -65.21 -17.90
CA LEU G 83 -5.40 -65.08 -18.59
C LEU G 83 -4.23 -64.81 -17.65
N ASP G 84 -4.45 -63.95 -16.66
CA ASP G 84 -3.40 -63.59 -15.71
C ASP G 84 -3.37 -64.44 -14.46
N SER G 85 -4.43 -65.17 -14.15
CA SER G 85 -4.33 -66.34 -13.28
C SER G 85 -3.18 -67.26 -13.73
N ILE G 86 -3.27 -67.72 -14.97
CA ILE G 86 -2.25 -68.60 -15.53
C ILE G 86 -0.90 -67.90 -15.61
N GLN G 87 -0.90 -66.66 -16.12
CA GLN G 87 0.31 -65.86 -16.19
C GLN G 87 0.82 -65.51 -14.81
N GLY G 88 0.02 -65.80 -13.79
CA GLY G 88 0.46 -65.69 -12.41
C GLY G 88 1.60 -66.65 -12.09
N ARG G 89 1.43 -67.91 -12.47
CA ARG G 89 2.25 -68.99 -11.93
C ARG G 89 3.06 -69.70 -13.02
N SER G 90 2.43 -69.95 -14.16
CA SER G 90 3.07 -70.63 -15.27
C SER G 90 4.53 -70.23 -15.51
N PRO G 91 4.80 -68.92 -15.62
CA PRO G 91 6.17 -68.44 -15.85
C PRO G 91 7.22 -69.07 -14.95
N ASN G 92 7.16 -68.74 -13.65
CA ASN G 92 8.11 -69.27 -12.68
C ASN G 92 8.23 -70.79 -12.72
N VAL G 93 7.08 -71.47 -12.72
CA VAL G 93 7.05 -72.92 -12.76
C VAL G 93 7.82 -73.46 -13.96
N ALA G 94 7.30 -73.22 -15.16
CA ALA G 94 7.95 -73.71 -16.38
C ALA G 94 9.29 -73.05 -16.69
N LEU G 95 9.33 -71.73 -16.57
CA LEU G 95 10.49 -70.93 -16.93
C LEU G 95 11.74 -71.16 -16.07
N LEU G 96 11.52 -71.30 -14.77
CA LEU G 96 12.57 -71.17 -13.77
C LEU G 96 13.53 -72.35 -13.82
N PRO G 97 12.98 -73.56 -13.79
CA PRO G 97 13.78 -74.79 -13.87
C PRO G 97 14.85 -74.69 -14.95
N LEU G 98 14.50 -74.10 -16.09
CA LEU G 98 15.33 -74.15 -17.27
C LEU G 98 16.36 -73.02 -17.33
N ILE G 99 15.94 -71.82 -16.94
CA ILE G 99 16.82 -70.66 -16.96
C ILE G 99 18.20 -70.99 -16.38
N SER G 100 19.24 -70.45 -17.01
CA SER G 100 20.61 -70.68 -16.56
C SER G 100 21.39 -69.37 -16.55
N ILE G 101 20.67 -68.26 -16.55
CA ILE G 101 21.28 -66.94 -16.53
C ILE G 101 20.50 -66.01 -15.60
N PRO G 102 21.21 -65.16 -14.87
CA PRO G 102 20.65 -64.49 -13.70
C PRO G 102 19.76 -63.31 -14.08
N GLU G 103 20.18 -62.56 -15.11
CA GLU G 103 19.35 -61.49 -15.66
C GLU G 103 17.95 -61.99 -15.99
N LEU G 104 17.87 -63.22 -16.48
CA LEU G 104 16.61 -63.75 -17.01
C LEU G 104 15.80 -64.44 -15.91
N GLU G 105 16.48 -65.21 -15.07
CA GLU G 105 15.90 -65.70 -13.83
C GLU G 105 15.06 -64.62 -13.15
N THR G 106 15.63 -63.43 -13.03
CA THR G 106 15.01 -62.36 -12.26
C THR G 106 13.92 -61.66 -13.06
N TRP G 107 14.09 -61.64 -14.38
CA TRP G 107 13.04 -61.13 -15.27
C TRP G 107 11.78 -61.95 -15.14
N VAL G 108 11.89 -63.25 -15.38
CA VAL G 108 10.76 -64.16 -15.32
C VAL G 108 9.99 -64.04 -14.00
N GLU G 109 10.72 -64.02 -12.89
CA GLU G 109 10.10 -63.91 -11.57
C GLU G 109 9.41 -62.56 -11.42
N THR G 110 10.00 -61.51 -11.97
CA THR G 110 9.44 -60.17 -11.90
C THR G 110 8.26 -60.11 -12.88
N TRP G 111 8.39 -60.83 -13.98
CA TRP G 111 7.36 -60.88 -15.01
C TRP G 111 6.13 -61.62 -14.47
N ALA G 112 6.37 -62.70 -13.75
CA ALA G 112 5.28 -63.49 -13.18
C ALA G 112 4.63 -62.71 -12.04
N PHE G 113 5.45 -61.91 -11.35
CA PHE G 113 4.96 -61.09 -10.24
C PHE G 113 3.94 -60.08 -10.73
N SER G 114 4.35 -59.28 -11.71
CA SER G 114 3.47 -58.25 -12.28
C SER G 114 2.13 -58.85 -12.67
N GLU G 115 2.13 -60.14 -13.00
CA GLU G 115 0.91 -60.82 -13.40
C GLU G 115 -0.02 -61.04 -12.20
N THR G 116 0.56 -61.35 -11.04
CA THR G 116 -0.24 -61.56 -9.84
C THR G 116 -0.96 -60.26 -9.50
N ILE G 117 -0.27 -59.14 -9.67
CA ILE G 117 -0.84 -57.83 -9.41
C ILE G 117 -2.06 -57.62 -10.30
N HIS G 118 -1.95 -58.08 -11.54
CA HIS G 118 -3.04 -57.96 -12.49
C HIS G 118 -4.23 -58.78 -12.02
N SER G 119 -3.94 -59.99 -11.53
CA SER G 119 -4.98 -60.88 -11.04
C SER G 119 -5.65 -60.24 -9.82
N ARG G 120 -4.90 -59.40 -9.12
CA ARG G 120 -5.41 -58.72 -7.94
C ARG G 120 -6.32 -57.55 -8.33
N SER G 121 -5.94 -56.84 -9.37
CA SER G 121 -6.73 -55.70 -9.85
C SER G 121 -8.14 -56.13 -10.27
N TYR G 122 -8.23 -57.23 -11.00
CA TYR G 122 -9.52 -57.73 -11.45
C TYR G 122 -10.44 -57.99 -10.26
N THR G 123 -9.89 -58.58 -9.21
CA THR G 123 -10.65 -58.89 -8.00
C THR G 123 -11.15 -57.60 -7.36
N HIS G 124 -10.37 -56.53 -7.51
CA HIS G 124 -10.71 -55.23 -6.95
C HIS G 124 -11.77 -54.53 -7.79
N ILE G 125 -11.79 -54.85 -9.07
CA ILE G 125 -12.75 -54.25 -10.00
C ILE G 125 -14.12 -54.90 -9.89
N ILE G 126 -14.13 -56.22 -9.75
CA ILE G 126 -15.36 -56.99 -9.64
C ILE G 126 -16.18 -56.62 -8.41
N ARG G 127 -15.56 -56.70 -7.24
CA ARG G 127 -16.25 -56.39 -5.99
C ARG G 127 -16.90 -55.01 -6.00
N ASN G 128 -16.36 -54.10 -6.82
CA ASN G 128 -16.90 -52.75 -6.91
C ASN G 128 -18.08 -52.65 -7.88
N ILE G 129 -18.09 -53.50 -8.90
CA ILE G 129 -19.16 -53.48 -9.88
C ILE G 129 -20.34 -54.39 -9.53
N VAL G 130 -20.04 -55.58 -9.03
CA VAL G 130 -21.09 -56.53 -8.67
C VAL G 130 -21.29 -56.62 -7.16
N ASN G 131 -22.37 -57.28 -6.74
CA ASN G 131 -22.68 -57.44 -5.33
C ASN G 131 -21.99 -58.68 -4.76
N ASP G 132 -22.08 -59.79 -5.48
CA ASP G 132 -21.46 -61.04 -5.05
C ASP G 132 -20.41 -61.49 -6.05
N PRO G 133 -19.13 -61.18 -5.77
CA PRO G 133 -17.99 -61.54 -6.63
C PRO G 133 -17.95 -63.03 -6.99
N SER G 134 -18.40 -63.87 -6.05
CA SER G 134 -18.41 -65.31 -6.26
C SER G 134 -19.19 -65.70 -7.51
N VAL G 135 -20.22 -64.92 -7.84
CA VAL G 135 -21.04 -65.19 -9.01
C VAL G 135 -20.21 -65.17 -10.28
N VAL G 136 -19.21 -64.30 -10.32
CA VAL G 136 -18.35 -64.16 -11.49
C VAL G 136 -17.22 -65.19 -11.49
N PHE G 137 -16.50 -65.28 -10.37
CA PHE G 137 -15.38 -66.21 -10.25
C PHE G 137 -15.77 -67.67 -10.48
N ASP G 138 -16.85 -68.10 -9.83
CA ASP G 138 -17.31 -69.48 -9.98
C ASP G 138 -17.68 -69.82 -11.41
N ASP G 139 -17.87 -68.80 -12.23
CA ASP G 139 -18.24 -69.00 -13.63
C ASP G 139 -17.04 -69.28 -14.52
N ILE G 140 -15.91 -68.67 -14.24
CA ILE G 140 -14.76 -68.85 -15.13
C ILE G 140 -14.45 -70.34 -15.19
N VAL G 141 -14.57 -71.03 -14.07
CA VAL G 141 -14.39 -72.49 -14.03
C VAL G 141 -15.42 -73.29 -14.85
N THR G 142 -16.68 -72.89 -14.80
CA THR G 142 -17.77 -73.66 -15.42
C THR G 142 -18.11 -73.22 -16.83
N ASN G 143 -17.86 -71.95 -17.14
CA ASN G 143 -18.15 -71.52 -18.47
C ASN G 143 -17.32 -72.42 -19.37
N GLU G 144 -18.01 -72.98 -20.36
CA GLU G 144 -17.40 -73.79 -21.41
C GLU G 144 -16.46 -72.98 -22.31
N GLN G 145 -16.86 -71.76 -22.64
CA GLN G 145 -16.09 -70.92 -23.54
C GLN G 145 -14.73 -70.62 -22.92
N ILE G 146 -14.73 -70.39 -21.62
CA ILE G 146 -13.49 -70.22 -20.87
C ILE G 146 -12.70 -71.51 -20.95
N GLN G 147 -13.42 -72.63 -20.94
CA GLN G 147 -12.80 -73.95 -20.88
C GLN G 147 -11.91 -74.26 -22.08
N LYS G 148 -12.31 -73.89 -23.29
CA LYS G 148 -11.47 -74.18 -24.44
C LYS G 148 -10.15 -73.43 -24.30
N ARG G 149 -10.27 -72.19 -23.85
CA ARG G 149 -9.13 -71.33 -23.51
C ARG G 149 -8.29 -71.95 -22.40
N ALA G 150 -8.87 -72.08 -21.22
CA ALA G 150 -8.12 -72.49 -20.04
C ALA G 150 -7.30 -73.74 -20.31
N GLU G 151 -7.97 -74.79 -20.79
CA GLU G 151 -7.30 -76.06 -21.04
C GLU G 151 -6.12 -75.91 -21.99
N GLY G 152 -6.29 -75.11 -23.03
CA GLY G 152 -5.22 -74.92 -24.01
C GLY G 152 -3.99 -74.26 -23.42
N ILE G 153 -4.19 -73.23 -22.60
CA ILE G 153 -3.08 -72.55 -21.95
C ILE G 153 -2.35 -73.49 -21.00
N SER G 154 -3.11 -74.29 -20.26
CA SER G 154 -2.54 -75.23 -19.31
C SER G 154 -1.68 -76.27 -20.01
N SER G 155 -2.12 -76.70 -21.19
CA SER G 155 -1.54 -77.86 -21.86
C SER G 155 -0.06 -77.63 -22.18
N TYR G 156 0.24 -76.47 -22.75
CA TYR G 156 1.59 -76.18 -23.22
C TYR G 156 2.54 -75.94 -22.06
N TYR G 157 2.07 -75.21 -21.05
CA TYR G 157 2.84 -75.00 -19.83
C TYR G 157 3.11 -76.33 -19.12
N ASP G 158 2.10 -77.19 -19.08
CA ASP G 158 2.23 -78.48 -18.42
C ASP G 158 3.12 -79.42 -19.23
N GLU G 159 2.89 -79.48 -20.54
CA GLU G 159 3.67 -80.33 -21.42
C GLU G 159 5.16 -80.03 -21.30
N LEU G 160 5.49 -78.77 -21.06
CA LEU G 160 6.88 -78.36 -20.92
C LEU G 160 7.41 -78.73 -19.54
N ILE G 161 6.57 -78.57 -18.53
CA ILE G 161 6.95 -78.89 -17.15
C ILE G 161 7.20 -80.38 -16.97
N GLU G 162 6.37 -81.19 -17.63
CA GLU G 162 6.48 -82.64 -17.55
C GLU G 162 7.87 -83.12 -17.97
N MET G 163 8.26 -82.73 -19.18
CA MET G 163 9.57 -83.11 -19.72
C MET G 163 10.73 -82.54 -18.89
N THR G 164 10.57 -81.29 -18.47
CA THR G 164 11.59 -80.63 -17.65
C THR G 164 11.88 -81.46 -16.40
N SER G 165 10.85 -82.13 -15.90
CA SER G 165 10.99 -82.96 -14.71
C SER G 165 11.80 -84.21 -15.03
N TYR G 166 11.52 -84.81 -16.20
CA TYR G 166 12.23 -86.00 -16.63
C TYR G 166 13.68 -85.70 -16.99
N TRP G 167 13.91 -84.50 -17.53
CA TRP G 167 15.26 -84.09 -17.92
C TRP G 167 16.15 -83.93 -16.70
N HIS G 168 15.53 -83.86 -15.53
CA HIS G 168 16.26 -83.71 -14.28
C HIS G 168 16.30 -85.03 -13.51
N LEU G 169 15.21 -85.79 -13.59
CA LEU G 169 15.11 -87.06 -12.90
C LEU G 169 15.79 -88.18 -13.69
N LEU G 170 15.77 -88.06 -15.01
CA LEU G 170 16.36 -89.07 -15.88
C LEU G 170 17.52 -88.50 -16.70
N GLY G 171 17.24 -87.48 -17.49
CA GLY G 171 18.26 -86.88 -18.33
C GLY G 171 18.17 -87.40 -19.74
N GLU G 172 19.10 -86.97 -20.60
CA GLU G 172 19.09 -87.42 -21.99
C GLU G 172 19.21 -88.94 -22.09
N GLY G 173 18.56 -89.52 -23.08
CA GLY G 173 18.60 -90.95 -23.27
C GLY G 173 17.24 -91.58 -23.09
N THR G 174 17.11 -92.85 -23.47
CA THR G 174 15.85 -93.56 -23.34
C THR G 174 15.80 -94.34 -22.03
N HIS G 175 14.74 -94.11 -21.26
CA HIS G 175 14.57 -94.69 -19.92
C HIS G 175 13.17 -95.31 -19.75
N THR G 176 13.07 -96.25 -18.82
CA THR G 176 11.85 -97.03 -18.64
C THR G 176 11.28 -96.90 -17.23
N VAL G 177 9.97 -96.68 -17.15
CA VAL G 177 9.29 -96.51 -15.87
C VAL G 177 8.08 -97.44 -15.78
N ASN G 178 8.14 -98.40 -14.86
CA ASN G 178 7.05 -99.34 -14.66
C ASN G 178 6.70 -100.06 -15.97
N GLY G 179 7.72 -100.57 -16.64
CA GLY G 179 7.50 -101.27 -17.90
C GLY G 179 7.45 -100.32 -19.08
N LYS G 180 6.82 -99.17 -18.88
CA LYS G 180 6.69 -98.16 -19.93
C LYS G 180 8.08 -97.67 -20.36
N THR G 181 8.16 -97.16 -21.57
CA THR G 181 9.43 -96.66 -22.10
C THR G 181 9.35 -95.15 -22.31
N VAL G 182 10.22 -94.42 -21.64
CA VAL G 182 10.24 -92.96 -21.75
C VAL G 182 11.48 -92.49 -22.49
N THR G 183 11.29 -91.69 -23.53
CA THR G 183 12.39 -91.16 -24.32
C THR G 183 12.61 -89.68 -24.01
N VAL G 184 13.70 -89.40 -23.28
CA VAL G 184 14.01 -88.02 -22.90
C VAL G 184 15.16 -87.47 -23.75
N SER G 185 14.81 -86.67 -24.75
CA SER G 185 15.81 -86.07 -25.63
C SER G 185 15.78 -84.56 -25.51
N LEU G 186 16.92 -83.96 -25.18
CA LEU G 186 17.02 -82.52 -25.01
C LEU G 186 16.53 -81.78 -26.25
N ARG G 187 16.62 -82.43 -27.41
CA ARG G 187 16.18 -81.83 -28.66
C ARG G 187 14.68 -81.58 -28.64
N GLU G 188 13.94 -82.54 -28.10
CA GLU G 188 12.48 -82.42 -28.01
C GLU G 188 12.09 -81.45 -26.92
N LEU G 189 12.84 -81.45 -25.81
CA LEU G 189 12.57 -80.57 -24.70
C LEU G 189 12.69 -79.11 -25.11
N LYS G 190 13.50 -78.86 -26.13
CA LYS G 190 13.69 -77.50 -26.64
C LYS G 190 12.51 -77.04 -27.48
N LYS G 191 11.84 -78.00 -28.13
CA LYS G 191 10.68 -77.67 -28.95
C LYS G 191 9.54 -77.19 -28.06
N LYS G 192 9.28 -77.93 -26.99
CA LYS G 192 8.22 -77.59 -26.06
C LYS G 192 8.45 -76.20 -25.49
N LEU G 193 9.70 -75.92 -25.12
CA LEU G 193 10.06 -74.63 -24.55
C LEU G 193 9.82 -73.53 -25.59
N TYR G 194 10.18 -73.81 -26.84
CA TYR G 194 10.01 -72.84 -27.92
C TYR G 194 8.53 -72.66 -28.23
N LEU G 195 7.85 -73.77 -28.51
CA LEU G 195 6.42 -73.73 -28.83
C LEU G 195 5.64 -73.05 -27.71
N CYS G 196 6.03 -73.31 -26.47
CA CYS G 196 5.36 -72.71 -25.32
C CYS G 196 5.45 -71.20 -25.37
N LEU G 197 6.67 -70.69 -25.56
CA LEU G 197 6.89 -69.25 -25.64
C LEU G 197 6.06 -68.64 -26.76
N MET G 198 5.90 -69.38 -27.85
CA MET G 198 5.12 -68.91 -28.98
C MET G 198 3.67 -68.67 -28.56
N SER G 199 3.18 -69.53 -27.66
CA SER G 199 1.82 -69.42 -27.15
C SER G 199 1.74 -68.26 -26.17
N VAL G 200 2.73 -68.16 -25.29
CA VAL G 200 2.78 -67.11 -24.30
C VAL G 200 2.79 -65.75 -24.99
N ASN G 201 3.48 -65.68 -26.12
CA ASN G 201 3.57 -64.45 -26.89
C ASN G 201 2.20 -64.07 -27.44
N ALA G 202 1.62 -64.95 -28.23
CA ALA G 202 0.31 -64.72 -28.83
C ALA G 202 -0.72 -64.34 -27.77
N LEU G 203 -0.61 -64.95 -26.60
CA LEU G 203 -1.55 -64.69 -25.51
C LEU G 203 -1.34 -63.28 -24.95
N GLU G 204 -0.08 -62.90 -24.75
CA GLU G 204 0.25 -61.59 -24.20
C GLU G 204 0.43 -60.53 -25.28
N ALA G 205 0.22 -60.91 -26.54
CA ALA G 205 0.36 -59.97 -27.65
C ALA G 205 -0.95 -59.79 -28.40
N ILE G 206 -1.64 -60.91 -28.66
CA ILE G 206 -2.90 -60.86 -29.39
C ILE G 206 -4.10 -61.09 -28.47
N ARG G 207 -4.10 -62.24 -27.78
CA ARG G 207 -5.20 -62.58 -26.87
C ARG G 207 -5.57 -61.46 -25.91
N PHE G 208 -4.58 -60.88 -25.24
CA PHE G 208 -4.83 -59.81 -24.29
C PHE G 208 -5.24 -58.50 -24.96
N TYR G 209 -4.60 -58.16 -26.06
CA TYR G 209 -4.91 -56.93 -26.77
C TYR G 209 -6.29 -56.96 -27.41
N VAL G 210 -6.83 -58.17 -27.60
CA VAL G 210 -8.16 -58.31 -28.19
C VAL G 210 -9.22 -57.98 -27.15
N SER G 211 -8.85 -58.07 -25.88
CA SER G 211 -9.77 -57.78 -24.79
C SER G 211 -9.70 -56.30 -24.40
N PHE G 212 -8.52 -55.71 -24.53
CA PHE G 212 -8.33 -54.30 -24.19
C PHE G 212 -9.24 -53.42 -25.04
N ALA G 213 -9.42 -53.81 -26.31
CA ALA G 213 -10.27 -53.06 -27.23
C ALA G 213 -11.66 -52.87 -26.62
N CYS G 214 -12.19 -53.93 -26.01
CA CYS G 214 -13.50 -53.88 -25.40
C CYS G 214 -13.45 -53.08 -24.09
N SER G 215 -12.35 -53.23 -23.36
CA SER G 215 -12.17 -52.52 -22.10
C SER G 215 -12.14 -51.02 -22.33
N PHE G 216 -11.32 -50.59 -23.29
CA PHE G 216 -11.20 -49.18 -23.61
C PHE G 216 -12.39 -48.69 -24.42
N ALA G 217 -13.17 -49.65 -24.94
CA ALA G 217 -14.35 -49.33 -25.73
C ALA G 217 -15.34 -48.54 -24.88
N PHE G 218 -15.51 -48.97 -23.63
CA PHE G 218 -16.42 -48.30 -22.70
C PHE G 218 -15.82 -46.97 -22.26
N ALA G 219 -14.50 -46.89 -22.28
CA ALA G 219 -13.78 -45.68 -21.89
C ALA G 219 -14.11 -44.53 -22.83
N GLU G 220 -14.12 -44.82 -24.13
CA GLU G 220 -14.42 -43.80 -25.13
C GLU G 220 -15.83 -43.29 -24.92
N ARG G 221 -16.66 -44.09 -24.28
CA ARG G 221 -18.05 -43.74 -24.01
C ARG G 221 -18.14 -43.08 -22.64
N GLU G 222 -16.98 -42.78 -22.06
CA GLU G 222 -16.92 -42.16 -20.73
C GLU G 222 -17.57 -43.08 -19.71
N LEU G 223 -17.66 -44.35 -20.06
CA LEU G 223 -18.26 -45.36 -19.19
C LEU G 223 -17.17 -46.20 -18.51
N MET G 224 -17.43 -46.62 -17.28
CA MET G 224 -16.48 -47.43 -16.53
C MET G 224 -15.12 -46.73 -16.46
N GLU G 225 -15.11 -45.51 -15.94
CA GLU G 225 -13.88 -44.74 -15.83
C GLU G 225 -12.80 -45.49 -15.05
N GLY G 226 -13.15 -45.97 -13.86
CA GLY G 226 -12.20 -46.70 -13.04
C GLY G 226 -11.57 -47.87 -13.75
N ASN G 227 -12.40 -48.78 -14.25
CA ASN G 227 -11.91 -49.97 -14.96
C ASN G 227 -10.98 -49.59 -16.10
N ALA G 228 -11.26 -48.47 -16.76
CA ALA G 228 -10.44 -48.01 -17.87
C ALA G 228 -9.01 -47.73 -17.43
N LYS G 229 -8.87 -47.12 -16.25
CA LYS G 229 -7.55 -46.81 -15.71
C LYS G 229 -6.75 -48.06 -15.39
N ILE G 230 -7.34 -48.95 -14.60
CA ILE G 230 -6.67 -50.20 -14.22
C ILE G 230 -6.23 -50.99 -15.45
N ILE G 231 -7.16 -51.25 -16.35
CA ILE G 231 -6.87 -52.00 -17.57
C ILE G 231 -5.75 -51.31 -18.35
N ARG G 232 -5.76 -49.99 -18.34
CA ARG G 232 -4.75 -49.21 -19.04
C ARG G 232 -3.36 -49.48 -18.46
N LEU G 233 -3.27 -49.52 -17.14
CA LEU G 233 -2.01 -49.78 -16.47
C LEU G 233 -1.49 -51.18 -16.80
N ILE G 234 -2.41 -52.14 -16.88
CA ILE G 234 -2.05 -53.52 -17.19
C ILE G 234 -1.46 -53.60 -18.59
N ALA G 235 -1.99 -52.78 -19.49
CA ALA G 235 -1.52 -52.76 -20.88
C ALA G 235 -0.05 -52.37 -20.94
N ARG G 236 0.32 -51.34 -20.19
CA ARG G 236 1.70 -50.86 -20.16
C ARG G 236 2.63 -51.98 -19.72
N ASP G 237 2.30 -52.62 -18.60
CA ASP G 237 3.09 -53.72 -18.08
C ASP G 237 3.08 -54.90 -19.04
N GLU G 238 1.94 -55.08 -19.71
CA GLU G 238 1.80 -56.18 -20.66
C GLU G 238 2.78 -56.08 -21.82
N ALA G 239 2.99 -54.86 -22.31
CA ALA G 239 3.90 -54.64 -23.44
C ALA G 239 5.27 -55.26 -23.15
N LEU G 240 5.80 -54.96 -21.96
CA LEU G 240 7.10 -55.48 -21.56
C LEU G 240 7.12 -57.00 -21.60
N HIS G 241 5.97 -57.61 -21.30
CA HIS G 241 5.85 -59.07 -21.29
C HIS G 241 6.05 -59.66 -22.69
N LEU G 242 5.23 -59.21 -23.64
CA LEU G 242 5.31 -59.70 -25.00
C LEU G 242 6.67 -59.40 -25.64
N THR G 243 7.30 -58.32 -25.17
CA THR G 243 8.61 -57.92 -25.70
C THR G 243 9.67 -58.94 -25.30
N GLY G 244 9.72 -59.27 -24.02
CA GLY G 244 10.71 -60.22 -23.54
C GLY G 244 10.60 -61.57 -24.22
N THR G 245 9.37 -62.02 -24.45
CA THR G 245 9.15 -63.31 -25.11
C THR G 245 9.66 -63.31 -26.54
N GLN G 246 9.41 -62.22 -27.26
CA GLN G 246 9.90 -62.05 -28.62
C GLN G 246 11.42 -62.15 -28.67
N HIS G 247 12.09 -61.24 -27.96
CA HIS G 247 13.54 -61.25 -27.86
C HIS G 247 14.05 -62.65 -27.56
N MET G 248 13.27 -63.42 -26.80
CA MET G 248 13.68 -64.76 -26.38
C MET G 248 13.60 -65.74 -27.53
N LEU G 249 12.60 -65.56 -28.40
CA LEU G 249 12.40 -66.47 -29.53
C LEU G 249 13.41 -66.19 -30.63
N ASN G 250 13.66 -64.91 -30.91
CA ASN G 250 14.61 -64.52 -31.94
C ASN G 250 16.00 -65.07 -31.65
N LEU G 251 16.46 -64.89 -30.42
CA LEU G 251 17.78 -65.37 -30.02
C LEU G 251 17.91 -66.88 -30.19
N LEU G 252 16.77 -67.57 -30.14
CA LEU G 252 16.77 -69.02 -30.29
C LEU G 252 16.58 -69.43 -31.75
N ARG G 253 15.85 -68.62 -32.50
CA ARG G 253 15.60 -68.91 -33.92
C ARG G 253 16.77 -68.42 -34.78
N SER G 254 17.59 -67.55 -34.21
CA SER G 254 18.75 -67.01 -34.93
C SER G 254 20.00 -67.82 -34.62
N GLY G 255 19.85 -68.82 -33.76
CA GLY G 255 20.99 -69.65 -33.40
C GLY G 255 22.04 -68.89 -32.63
N ALA G 256 21.67 -67.72 -32.13
CA ALA G 256 22.60 -66.88 -31.36
C ALA G 256 22.99 -67.56 -30.07
N ASP G 257 22.02 -67.84 -29.21
CA ASP G 257 22.27 -68.48 -27.93
C ASP G 257 22.66 -69.94 -28.11
N ASP G 258 21.78 -70.71 -28.76
CA ASP G 258 22.03 -72.12 -29.00
C ASP G 258 21.95 -72.46 -30.50
N PRO G 259 23.06 -72.94 -31.07
CA PRO G 259 23.13 -73.30 -32.49
C PRO G 259 22.07 -74.31 -32.91
N GLU G 260 21.81 -75.28 -32.04
CA GLU G 260 20.81 -76.32 -32.32
C GLU G 260 19.42 -75.74 -32.44
N MET G 261 19.13 -74.71 -31.65
CA MET G 261 17.77 -74.21 -31.49
C MET G 261 17.28 -73.52 -32.76
N ALA G 262 18.20 -72.83 -33.44
CA ALA G 262 17.92 -72.28 -34.76
C ALA G 262 17.31 -73.32 -35.69
N GLU G 263 17.97 -74.47 -35.78
CA GLU G 263 17.45 -75.60 -36.56
C GLU G 263 16.07 -76.02 -36.05
N ILE G 264 16.00 -76.34 -34.76
CA ILE G 264 14.73 -76.74 -34.14
C ILE G 264 13.63 -75.73 -34.47
N ALA G 265 13.97 -74.45 -34.41
CA ALA G 265 13.01 -73.38 -34.69
C ALA G 265 12.50 -73.47 -36.13
N GLU G 266 13.38 -73.86 -37.04
CA GLU G 266 13.02 -73.97 -38.44
C GLU G 266 12.07 -75.15 -38.68
N GLU G 267 12.17 -76.16 -37.85
CA GLU G 267 11.33 -77.35 -37.97
C GLU G 267 9.91 -77.07 -37.49
N CYS G 268 9.78 -76.22 -36.47
CA CYS G 268 8.48 -75.89 -35.89
C CYS G 268 7.82 -74.67 -36.53
N LYS G 269 8.57 -73.95 -37.37
CA LYS G 269 8.03 -72.76 -38.02
C LYS G 269 6.61 -72.99 -38.53
N GLN G 270 6.40 -74.11 -39.19
CA GLN G 270 5.08 -74.44 -39.73
C GLN G 270 4.08 -74.67 -38.61
N GLU G 271 4.49 -75.42 -37.59
CA GLU G 271 3.62 -75.70 -36.45
C GLU G 271 3.36 -74.44 -35.64
N CYS G 272 4.34 -73.54 -35.61
CA CYS G 272 4.21 -72.29 -34.88
C CYS G 272 3.25 -71.36 -35.59
N TYR G 273 3.24 -71.44 -36.92
CA TYR G 273 2.35 -70.62 -37.74
C TYR G 273 0.90 -71.00 -37.45
N ASP G 274 0.63 -72.30 -37.46
CA ASP G 274 -0.71 -72.81 -37.20
C ASP G 274 -1.14 -72.45 -35.79
N LEU G 275 -0.16 -72.22 -34.91
CA LEU G 275 -0.44 -71.87 -33.53
C LEU G 275 -1.08 -70.49 -33.47
N PHE G 276 -0.40 -69.49 -34.03
CA PHE G 276 -0.91 -68.13 -34.04
C PHE G 276 -2.27 -68.08 -34.73
N VAL G 277 -2.40 -68.78 -35.85
CA VAL G 277 -3.66 -68.82 -36.59
C VAL G 277 -4.74 -69.46 -35.72
N GLN G 278 -4.34 -70.43 -34.92
CA GLN G 278 -5.26 -71.13 -34.03
C GLN G 278 -5.84 -70.14 -33.02
N ALA G 279 -4.96 -69.41 -32.35
CA ALA G 279 -5.39 -68.43 -31.35
C ALA G 279 -6.09 -67.25 -32.03
N ALA G 280 -5.48 -66.73 -33.09
CA ALA G 280 -6.04 -65.61 -33.84
C ALA G 280 -7.48 -65.90 -34.24
N GLN G 281 -7.76 -67.17 -34.55
CA GLN G 281 -9.10 -67.57 -34.94
C GLN G 281 -10.03 -67.63 -33.74
N GLN G 282 -9.58 -68.29 -32.68
CA GLN G 282 -10.37 -68.41 -31.46
C GLN G 282 -10.81 -67.05 -30.96
N GLU G 283 -10.02 -66.03 -31.27
CA GLU G 283 -10.33 -64.66 -30.86
C GLU G 283 -11.60 -64.19 -31.56
N LYS G 284 -11.74 -64.58 -32.82
CA LYS G 284 -12.91 -64.20 -33.61
C LYS G 284 -14.18 -64.85 -33.07
N ASP G 285 -14.11 -66.15 -32.82
CA ASP G 285 -15.28 -66.93 -32.41
C ASP G 285 -15.84 -66.44 -31.09
N TRP G 286 -14.94 -66.10 -30.16
CA TRP G 286 -15.33 -65.61 -28.85
C TRP G 286 -16.10 -64.30 -28.99
N ALA G 287 -15.65 -63.45 -29.90
CA ALA G 287 -16.26 -62.15 -30.12
C ALA G 287 -17.71 -62.31 -30.57
N ASP G 288 -17.96 -63.27 -31.45
CA ASP G 288 -19.32 -63.61 -31.84
C ASP G 288 -20.16 -63.88 -30.59
N TYR G 289 -19.55 -64.54 -29.61
CA TYR G 289 -20.25 -64.91 -28.38
C TYR G 289 -20.11 -63.81 -27.33
N LEU G 290 -19.30 -62.81 -27.63
CA LEU G 290 -19.37 -61.53 -26.94
C LEU G 290 -20.75 -60.89 -27.12
N PHE G 291 -21.19 -60.78 -28.36
CA PHE G 291 -22.48 -60.14 -28.66
C PHE G 291 -23.71 -61.04 -28.86
N ARG G 292 -23.58 -62.35 -28.67
CA ARG G 292 -24.67 -63.22 -29.06
C ARG G 292 -25.99 -62.45 -28.90
N ASP G 293 -26.09 -61.68 -27.82
CA ASP G 293 -27.31 -60.94 -27.49
C ASP G 293 -27.41 -59.46 -27.91
N GLY G 294 -26.35 -58.89 -28.48
CA GLY G 294 -26.36 -57.50 -28.88
C GLY G 294 -24.96 -56.96 -29.14
N SER G 295 -24.95 -55.73 -29.67
CA SER G 295 -23.74 -54.95 -29.90
C SER G 295 -23.94 -53.47 -29.52
N MET G 296 -22.83 -52.80 -29.22
CA MET G 296 -22.89 -51.51 -28.55
C MET G 296 -21.89 -50.57 -29.21
N ILE G 297 -22.18 -49.27 -29.16
CA ILE G 297 -21.57 -48.42 -30.15
C ILE G 297 -20.08 -48.63 -29.96
N GLY G 298 -19.42 -48.91 -31.07
CA GLY G 298 -17.96 -48.92 -31.16
C GLY G 298 -17.41 -50.30 -31.47
N LEU G 299 -17.52 -51.20 -30.49
CA LEU G 299 -17.42 -52.62 -30.75
C LEU G 299 -18.45 -53.06 -31.78
N ASN G 300 -17.99 -53.76 -32.82
CA ASN G 300 -18.81 -54.74 -33.52
C ASN G 300 -18.19 -56.14 -33.49
N LYS G 301 -19.02 -57.15 -33.73
CA LYS G 301 -18.53 -58.49 -33.97
C LYS G 301 -17.69 -58.44 -35.23
N ASP G 302 -18.18 -57.66 -36.20
CA ASP G 302 -17.44 -57.37 -37.42
C ASP G 302 -16.20 -56.50 -37.20
N ILE G 303 -16.39 -55.32 -36.64
CA ILE G 303 -15.29 -54.38 -36.41
C ILE G 303 -14.20 -54.95 -35.50
N LEU G 304 -14.59 -55.77 -34.52
CA LEU G 304 -13.62 -56.35 -33.59
C LEU G 304 -12.74 -57.38 -34.29
N CYS G 305 -13.37 -58.32 -34.99
CA CYS G 305 -12.63 -59.36 -35.70
C CYS G 305 -11.56 -58.77 -36.61
N GLN G 306 -11.85 -57.60 -37.17
CA GLN G 306 -10.92 -56.92 -38.06
C GLN G 306 -9.62 -56.59 -37.32
N TYR G 307 -9.76 -56.13 -36.08
CA TYR G 307 -8.60 -55.78 -35.27
C TYR G 307 -7.75 -57.00 -34.96
N VAL G 308 -8.40 -58.14 -34.78
CA VAL G 308 -7.71 -59.39 -34.48
C VAL G 308 -6.67 -59.70 -35.54
N GLU G 309 -7.06 -59.56 -36.81
CA GLU G 309 -6.16 -59.83 -37.92
C GLU G 309 -5.03 -58.80 -37.98
N TYR G 310 -5.41 -57.52 -37.92
CA TYR G 310 -4.43 -56.43 -37.97
C TYR G 310 -3.28 -56.62 -36.99
N ILE G 311 -3.60 -56.96 -35.75
CA ILE G 311 -2.58 -57.15 -34.73
C ILE G 311 -1.81 -58.47 -34.89
N THR G 312 -2.51 -59.52 -35.32
CA THR G 312 -1.88 -60.82 -35.50
C THR G 312 -0.69 -60.73 -36.45
N ASN G 313 -0.88 -60.02 -37.56
CA ASN G 313 0.18 -59.86 -38.56
C ASN G 313 1.41 -59.18 -37.98
N ILE G 314 1.18 -58.11 -37.21
CA ILE G 314 2.27 -57.37 -36.58
C ILE G 314 3.03 -58.22 -35.57
N ARG G 315 2.28 -59.01 -34.79
CA ARG G 315 2.89 -59.86 -33.77
C ARG G 315 3.65 -61.04 -34.38
N MET G 316 3.07 -61.64 -35.41
CA MET G 316 3.69 -62.77 -36.08
C MET G 316 4.93 -62.35 -36.87
N GLN G 317 4.83 -61.23 -37.56
CA GLN G 317 5.95 -60.73 -38.35
C GLN G 317 7.11 -60.37 -37.44
N ALA G 318 6.79 -60.10 -36.18
CA ALA G 318 7.79 -59.73 -35.19
C ALA G 318 8.69 -60.90 -34.82
N VAL G 319 8.09 -62.07 -34.66
CA VAL G 319 8.85 -63.27 -34.30
C VAL G 319 9.47 -63.92 -35.53
N GLY G 320 8.90 -63.65 -36.70
CA GLY G 320 9.41 -64.23 -37.93
C GLY G 320 8.50 -65.27 -38.53
N LEU G 321 7.27 -64.86 -38.86
CA LEU G 321 6.30 -65.78 -39.46
C LEU G 321 5.50 -65.09 -40.56
N ASP G 322 5.07 -65.86 -41.54
CA ASP G 322 4.30 -65.34 -42.66
C ASP G 322 2.96 -64.76 -42.20
N LEU G 323 2.54 -63.67 -42.83
CA LEU G 323 1.29 -63.02 -42.48
C LEU G 323 0.11 -63.87 -42.97
N PRO G 324 -0.67 -64.44 -42.03
CA PRO G 324 -1.82 -65.28 -42.35
C PRO G 324 -3.01 -64.48 -42.88
N PHE G 325 -3.21 -63.29 -42.34
CA PHE G 325 -4.32 -62.43 -42.75
C PHE G 325 -3.88 -61.35 -43.72
N GLN G 326 -4.83 -60.85 -44.51
CA GLN G 326 -4.55 -59.77 -45.45
C GLN G 326 -3.95 -58.56 -44.75
N THR G 327 -3.28 -57.71 -45.52
CA THR G 327 -2.78 -56.45 -45.00
C THR G 327 -3.89 -55.41 -44.88
N ARG G 328 -3.95 -54.74 -43.73
CA ARG G 328 -5.02 -53.80 -43.46
C ARG G 328 -4.56 -52.72 -42.48
N SER G 329 -5.27 -51.60 -42.47
CA SER G 329 -4.96 -50.51 -41.54
C SER G 329 -5.64 -50.76 -40.20
N ASN G 330 -5.28 -49.95 -39.20
CA ASN G 330 -5.83 -50.10 -37.86
C ASN G 330 -7.33 -49.79 -37.89
N PRO G 331 -8.17 -50.80 -37.59
CA PRO G 331 -9.62 -50.63 -37.58
C PRO G 331 -10.14 -49.80 -36.40
N ILE G 332 -9.29 -49.62 -35.41
CA ILE G 332 -9.65 -48.84 -34.22
C ILE G 332 -8.49 -48.00 -33.72
N PRO G 333 -8.10 -46.97 -34.50
CA PRO G 333 -7.00 -46.07 -34.15
C PRO G 333 -7.09 -45.49 -32.74
N TRP G 334 -8.32 -45.44 -32.20
CA TRP G 334 -8.54 -44.90 -30.86
C TRP G 334 -7.88 -45.74 -29.77
N ILE G 335 -7.56 -46.99 -30.06
CA ILE G 335 -6.95 -47.87 -29.08
C ILE G 335 -5.51 -47.45 -28.78
N ASN G 336 -4.84 -46.88 -29.78
CA ASN G 336 -3.47 -46.42 -29.62
C ASN G 336 -3.35 -45.34 -28.54
N THR G 337 -4.48 -44.74 -28.20
CA THR G 337 -4.51 -43.68 -27.20
C THR G 337 -4.31 -44.25 -25.80
N TRP G 338 -4.51 -45.55 -25.65
CA TRP G 338 -4.35 -46.21 -24.36
C TRP G 338 -3.01 -46.92 -24.27
N LEU G 339 -2.47 -47.31 -25.42
CA LEU G 339 -1.19 -47.99 -25.47
C LEU G 339 -0.06 -47.09 -24.96
N VAL G 340 -0.12 -45.82 -25.32
CA VAL G 340 0.90 -44.86 -24.89
C VAL G 340 0.47 -43.43 -25.19
N GLN G 360 1.08 -1.81 -39.23
CA GLN G 360 1.29 -3.25 -39.38
C GLN G 360 2.22 -3.55 -40.56
N ILE G 361 2.92 -2.53 -41.02
CA ILE G 361 3.85 -2.69 -42.14
C ILE G 361 4.81 -1.50 -42.23
N ASP G 362 5.72 -1.56 -43.21
CA ASP G 362 6.69 -0.50 -43.40
C ASP G 362 6.35 0.28 -44.65
N SER G 363 6.43 1.60 -44.55
CA SER G 363 6.31 2.42 -45.73
C SER G 363 7.71 2.80 -46.15
N GLU G 364 8.14 2.24 -47.28
CA GLU G 364 9.42 2.59 -47.86
C GLU G 364 9.21 2.97 -49.30
N VAL G 365 9.70 4.14 -49.68
CA VAL G 365 9.58 4.57 -51.07
C VAL G 365 10.96 4.82 -51.65
N ASP G 366 11.25 4.16 -52.76
CA ASP G 366 12.44 4.44 -53.55
C ASP G 366 12.06 4.68 -55.01
N THR G 367 12.58 5.74 -55.61
CA THR G 367 12.33 6.00 -57.02
C THR G 367 13.39 5.39 -57.94
N ASP G 368 14.65 5.47 -57.51
CA ASP G 368 15.77 4.96 -58.29
C ASP G 368 15.72 3.44 -58.49
N ASP G 369 15.36 2.71 -57.45
CA ASP G 369 15.29 1.25 -57.52
C ASP G 369 14.25 0.77 -58.53
N LEU G 370 13.14 1.49 -58.65
CA LEU G 370 12.08 1.12 -59.56
C LEU G 370 12.22 1.78 -60.93
N SER G 371 12.99 2.86 -60.98
CA SER G 371 13.21 3.59 -62.22
C SER G 371 13.97 2.74 -63.23
N ASN G 372 14.64 1.70 -62.74
CA ASN G 372 15.41 0.82 -63.59
C ASN G 372 14.52 -0.24 -64.24
N PHE G 373 13.28 -0.34 -63.75
CA PHE G 373 12.33 -1.30 -64.28
C PHE G 373 11.60 -0.73 -65.48
N GLN G 374 11.77 -1.38 -66.64
CA GLN G 374 11.13 -0.93 -67.86
C GLN G 374 9.76 -1.59 -68.04
N LEU G 375 8.76 -0.78 -68.38
CA LEU G 375 7.41 -1.27 -68.58
C LEU G 375 7.24 -1.86 -69.98
N ALA H 1 -4.36 86.18 3.93
CA ALA H 1 -3.18 86.03 3.03
C ALA H 1 -2.90 84.56 2.76
N TYR H 2 -3.84 83.71 3.14
CA TYR H 2 -3.70 82.27 2.93
C TYR H 2 -4.48 81.82 1.70
N THR H 3 -3.89 80.89 0.95
CA THR H 3 -4.54 80.32 -0.23
C THR H 3 -4.44 78.80 -0.19
N THR H 4 -5.53 78.13 -0.55
CA THR H 4 -5.53 76.68 -0.65
C THR H 4 -4.70 76.21 -1.84
N PHE H 5 -4.52 77.14 -2.77
CA PHE H 5 -3.59 76.97 -3.86
C PHE H 5 -2.86 78.29 -4.02
N SER H 6 -1.54 78.22 -4.13
CA SER H 6 -0.73 79.39 -4.44
C SER H 6 -0.44 79.43 -5.94
N GLN H 7 -0.78 80.56 -6.57
CA GLN H 7 -0.60 80.71 -8.01
C GLN H 7 0.86 80.65 -8.39
N THR H 8 1.71 81.26 -7.57
CA THR H 8 3.13 81.37 -7.86
C THR H 8 3.78 79.98 -7.98
N LYS H 9 4.72 79.87 -8.91
CA LYS H 9 5.42 78.61 -9.14
C LYS H 9 6.70 78.59 -8.31
N ASN H 10 6.55 78.41 -7.00
CA ASN H 10 7.69 78.36 -6.09
C ASN H 10 8.30 76.97 -6.03
N ASP H 11 9.55 76.90 -5.60
CA ASP H 11 10.26 75.64 -5.49
C ASP H 11 10.01 75.05 -4.11
N GLN H 12 9.29 73.93 -4.07
CA GLN H 12 8.95 73.25 -2.82
C GLN H 12 10.16 72.76 -2.05
N LEU H 13 11.31 72.66 -2.72
CA LEU H 13 12.53 72.17 -2.08
C LEU H 13 13.25 73.27 -1.30
N LYS H 14 13.18 74.50 -1.81
CA LYS H 14 13.84 75.63 -1.17
C LYS H 14 12.99 76.25 -0.07
N GLU H 15 11.67 76.23 -0.26
CA GLU H 15 10.74 76.79 0.71
C GLU H 15 10.96 76.22 2.10
N PRO H 16 10.87 77.08 3.13
CA PRO H 16 11.06 76.67 4.52
C PRO H 16 9.91 75.78 4.99
N MET H 17 10.05 75.18 6.18
CA MET H 17 9.01 74.31 6.71
C MET H 17 7.73 75.09 7.01
N PHE H 18 7.86 76.24 7.66
CA PHE H 18 6.70 77.06 8.00
C PHE H 18 6.89 78.50 7.57
N PHE H 19 5.78 79.25 7.55
CA PHE H 19 5.79 80.65 7.18
C PHE H 19 6.25 80.89 5.75
N GLY H 20 6.40 79.81 4.99
CA GLY H 20 6.82 79.94 3.61
C GLY H 20 5.66 80.32 2.70
N GLN H 21 5.42 79.49 1.68
CA GLN H 21 4.32 79.75 0.75
C GLN H 21 3.36 78.57 0.75
N PRO H 22 2.05 78.84 0.83
CA PRO H 22 1.02 77.80 0.84
C PRO H 22 1.25 76.75 -0.25
N VAL H 23 1.43 75.50 0.18
CA VAL H 23 1.66 74.39 -0.75
C VAL H 23 0.57 74.37 -1.81
N ASN H 24 0.98 74.43 -3.08
CA ASN H 24 0.03 74.42 -4.19
C ASN H 24 -0.17 73.03 -4.78
N VAL H 25 0.93 72.41 -5.23
CA VAL H 25 0.86 71.08 -5.81
C VAL H 25 1.33 70.03 -4.82
N ALA H 26 0.70 68.86 -4.87
CA ALA H 26 1.06 67.76 -3.97
C ALA H 26 1.87 66.69 -4.69
N ARG H 27 3.19 66.82 -4.62
CA ARG H 27 4.09 65.86 -5.26
C ARG H 27 4.94 65.18 -4.18
N TYR H 28 5.21 63.89 -4.37
CA TYR H 28 6.01 63.14 -3.42
C TYR H 28 7.20 62.45 -4.06
N ASP H 29 7.59 62.93 -5.25
CA ASP H 29 8.71 62.36 -5.97
C ASP H 29 10.02 62.98 -5.49
N GLN H 30 9.91 63.94 -4.57
CA GLN H 30 11.07 64.63 -4.02
C GLN H 30 10.69 65.39 -2.75
N GLN H 31 11.50 65.25 -1.71
CA GLN H 31 11.23 65.93 -0.45
C GLN H 31 12.47 66.65 0.06
N LYS H 32 12.27 67.81 0.69
CA LYS H 32 13.38 68.57 1.23
C LYS H 32 13.88 67.87 2.50
N TYR H 33 12.94 67.25 3.21
CA TYR H 33 13.25 66.54 4.44
C TYR H 33 12.61 65.14 4.38
N ASP H 34 13.36 64.19 3.83
CA ASP H 34 12.88 62.82 3.69
C ASP H 34 12.38 62.24 5.02
N ILE H 35 12.74 62.90 6.12
CA ILE H 35 12.34 62.45 7.45
C ILE H 35 10.82 62.35 7.54
N PHE H 36 10.12 63.36 7.06
CA PHE H 36 8.66 63.37 7.09
C PHE H 36 8.06 62.34 6.15
N GLU H 37 8.62 62.25 4.95
CA GLU H 37 8.14 61.30 3.95
C GLU H 37 8.16 59.88 4.50
N LYS H 38 9.16 59.58 5.32
CA LYS H 38 9.30 58.25 5.90
C LYS H 38 8.22 58.01 6.96
N LEU H 39 7.87 59.05 7.69
CA LEU H 39 6.85 58.95 8.74
C LEU H 39 5.49 58.63 8.14
N ILE H 40 5.21 59.18 6.95
CA ILE H 40 3.94 58.95 6.28
C ILE H 40 3.79 57.48 5.90
N GLU H 41 4.75 56.96 5.13
CA GLU H 41 4.74 55.57 4.70
C GLU H 41 4.73 54.62 5.89
N LYS H 42 5.43 55.02 6.95
CA LYS H 42 5.52 54.19 8.16
C LYS H 42 4.20 54.23 8.94
N GLN H 43 3.56 55.40 8.97
CA GLN H 43 2.30 55.56 9.68
C GLN H 43 1.15 54.84 8.98
N LEU H 44 1.14 54.92 7.65
CA LEU H 44 0.09 54.27 6.87
C LEU H 44 0.11 52.77 7.01
N SER H 45 1.28 52.21 7.28
CA SER H 45 1.44 50.77 7.45
C SER H 45 0.89 50.29 8.79
N PHE H 46 0.84 51.19 9.76
CA PHE H 46 0.34 50.84 11.09
C PHE H 46 -1.17 51.06 11.20
N PHE H 47 -1.82 51.31 10.06
CA PHE H 47 -3.26 51.52 10.05
C PHE H 47 -3.97 50.37 10.74
N TRP H 48 -4.71 50.70 11.80
CA TRP H 48 -5.44 49.69 12.55
C TRP H 48 -6.90 50.09 12.75
N ARG H 49 -7.77 49.09 12.95
CA ARG H 49 -9.18 49.33 13.14
C ARG H 49 -9.54 48.94 14.58
N PRO H 50 -9.90 49.94 15.38
CA PRO H 50 -10.12 49.75 16.83
C PRO H 50 -11.25 48.77 17.14
N GLU H 51 -12.30 48.77 16.34
CA GLU H 51 -13.46 47.92 16.57
C GLU H 51 -13.08 46.44 16.53
N GLU H 52 -12.16 46.10 15.64
CA GLU H 52 -11.77 44.70 15.43
C GLU H 52 -11.17 44.02 16.66
N VAL H 53 -10.38 44.76 17.45
CA VAL H 53 -9.71 44.18 18.60
C VAL H 53 -10.72 43.67 19.63
N ASP H 54 -10.42 42.53 20.24
CA ASP H 54 -11.36 41.85 21.12
C ASP H 54 -11.30 42.40 22.54
N VAL H 55 -12.30 43.18 22.91
CA VAL H 55 -12.36 43.78 24.24
C VAL H 55 -13.66 43.37 24.94
N SER H 56 -14.05 42.12 24.74
CA SER H 56 -15.28 41.60 25.35
C SER H 56 -15.08 41.12 26.78
N ARG H 57 -13.94 40.49 27.03
CA ARG H 57 -13.58 40.08 28.39
C ARG H 57 -13.39 41.29 29.30
N ASP H 58 -13.08 42.43 28.70
CA ASP H 58 -12.76 43.63 29.46
C ASP H 58 -13.92 44.06 30.35
N ARG H 59 -15.11 43.59 30.01
CA ARG H 59 -16.33 44.00 30.72
C ARG H 59 -16.56 43.13 31.95
N ILE H 60 -15.78 42.06 32.06
CA ILE H 60 -15.79 41.24 33.27
C ILE H 60 -14.58 41.54 34.15
N ASP H 61 -13.48 41.94 33.53
CA ASP H 61 -12.25 42.24 34.26
C ASP H 61 -12.34 43.59 34.96
N TYR H 62 -13.25 44.44 34.48
CA TYR H 62 -13.43 45.77 35.04
C TYR H 62 -14.31 45.71 36.28
N GLN H 63 -15.32 44.84 36.23
CA GLN H 63 -16.24 44.69 37.35
C GLN H 63 -15.54 44.04 38.54
N ALA H 64 -14.55 43.20 38.25
CA ALA H 64 -13.80 42.50 39.29
C ALA H 64 -12.78 43.43 39.94
N LEU H 65 -12.29 44.40 39.17
CA LEU H 65 -11.30 45.36 39.68
C LEU H 65 -11.82 46.07 40.92
N PRO H 66 -10.98 46.14 41.96
CA PRO H 66 -11.38 46.73 43.26
C PRO H 66 -11.73 48.21 43.19
N GLU H 67 -12.72 48.61 43.98
CA GLU H 67 -13.26 49.97 43.95
C GLU H 67 -12.21 51.00 43.62
N HIS H 68 -11.12 50.98 44.37
CA HIS H 68 -10.03 51.94 44.18
C HIS H 68 -9.34 51.74 42.84
N GLU H 69 -9.35 50.52 42.34
CA GLU H 69 -8.70 50.22 41.06
C GLU H 69 -9.51 50.75 39.89
N LYS H 70 -10.83 50.60 39.94
CA LYS H 70 -11.68 51.10 38.87
C LYS H 70 -11.33 52.57 38.66
N HIS H 71 -11.07 53.26 39.76
CA HIS H 71 -10.71 54.67 39.74
C HIS H 71 -9.44 54.77 38.90
N ILE H 72 -8.45 53.94 39.22
CA ILE H 72 -7.16 54.02 38.56
C ILE H 72 -7.30 53.91 37.03
N PHE H 73 -8.04 52.90 36.60
CA PHE H 73 -8.32 52.74 35.17
C PHE H 73 -9.18 53.80 34.47
N ILE H 74 -10.44 53.91 34.88
CA ILE H 74 -11.37 54.86 34.29
C ILE H 74 -10.80 56.28 34.24
N SER H 75 -10.13 56.69 35.30
CA SER H 75 -9.55 58.04 35.37
C SER H 75 -8.47 58.21 34.30
N ASN H 76 -7.55 57.27 34.24
CA ASN H 76 -6.46 57.32 33.26
C ASN H 76 -7.01 57.28 31.85
N LEU H 77 -8.11 56.55 31.65
CA LEU H 77 -8.74 56.43 30.34
C LEU H 77 -9.36 57.76 29.92
N LYS H 78 -9.96 58.46 30.88
CA LYS H 78 -10.60 59.75 30.61
C LYS H 78 -9.59 60.77 30.10
N TYR H 79 -8.43 60.82 30.77
CA TYR H 79 -7.37 61.76 30.38
C TYR H 79 -6.90 61.49 28.96
N GLN H 80 -6.65 60.22 28.64
CA GLN H 80 -6.18 59.85 27.32
C GLN H 80 -7.17 60.29 26.25
N THR H 81 -8.46 60.06 26.51
CA THR H 81 -9.51 60.45 25.57
C THR H 81 -9.47 61.95 25.35
N LEU H 82 -9.15 62.70 26.40
CA LEU H 82 -8.96 64.14 26.30
C LEU H 82 -7.86 64.48 25.31
N LEU H 83 -6.64 64.01 25.59
CA LEU H 83 -5.47 64.37 24.80
C LEU H 83 -5.76 64.21 23.31
N ASP H 84 -6.31 63.07 22.93
CA ASP H 84 -6.40 62.69 21.53
C ASP H 84 -7.66 63.26 20.88
N SER H 85 -8.50 63.88 21.70
CA SER H 85 -9.57 64.73 21.19
C SER H 85 -8.98 66.06 20.73
N ILE H 86 -8.12 66.63 21.58
CA ILE H 86 -7.37 67.84 21.28
C ILE H 86 -6.34 67.61 20.18
N GLN H 87 -5.67 66.46 20.24
CA GLN H 87 -4.63 66.09 19.31
C GLN H 87 -5.19 65.98 17.90
N GLY H 88 -6.41 65.45 17.82
CA GLY H 88 -7.03 65.17 16.54
C GLY H 88 -7.25 66.39 15.67
N ARG H 89 -7.65 67.51 16.26
CA ARG H 89 -7.97 68.67 15.42
C ARG H 89 -6.85 69.72 15.43
N SER H 90 -6.30 69.96 16.61
CA SER H 90 -5.23 70.95 16.78
C SER H 90 -4.18 70.95 15.67
N PRO H 91 -3.62 69.78 15.33
CA PRO H 91 -2.61 69.70 14.28
C PRO H 91 -2.97 70.43 12.99
N ASN H 92 -3.99 69.92 12.28
CA ASN H 92 -4.43 70.52 11.03
C ASN H 92 -4.74 72.01 11.16
N VAL H 93 -5.54 72.36 12.16
CA VAL H 93 -5.94 73.74 12.39
C VAL H 93 -4.78 74.72 12.58
N ALA H 94 -3.78 74.32 13.34
CA ALA H 94 -2.64 75.19 13.62
C ALA H 94 -1.39 74.91 12.79
N LEU H 95 -1.34 73.78 12.10
CA LEU H 95 -0.16 73.46 11.31
C LEU H 95 -0.31 73.71 9.81
N LEU H 96 -1.47 73.37 9.26
CA LEU H 96 -1.70 73.54 7.82
C LEU H 96 -1.56 75.00 7.36
N PRO H 97 -2.13 75.96 8.11
CA PRO H 97 -2.04 77.38 7.75
C PRO H 97 -0.61 77.92 7.65
N LEU H 98 0.34 77.20 8.25
CA LEU H 98 1.73 77.65 8.24
C LEU H 98 2.61 76.83 7.29
N ILE H 99 2.40 75.52 7.27
CA ILE H 99 3.18 74.63 6.42
C ILE H 99 3.33 75.19 5.02
N SER H 100 4.52 75.04 4.44
CA SER H 100 4.80 75.52 3.11
C SER H 100 5.53 74.46 2.29
N ILE H 101 5.45 73.22 2.75
CA ILE H 101 6.10 72.10 2.07
C ILE H 101 5.18 70.88 2.08
N PRO H 102 5.16 70.11 0.99
CA PRO H 102 4.33 68.91 0.85
C PRO H 102 4.65 67.77 1.81
N GLU H 103 5.91 67.33 1.83
CA GLU H 103 6.33 66.24 2.70
C GLU H 103 5.88 66.41 4.13
N LEU H 104 5.81 67.66 4.60
CA LEU H 104 5.39 67.96 5.96
C LEU H 104 3.88 68.16 6.04
N GLU H 105 3.32 68.77 5.00
CA GLU H 105 1.89 69.04 4.94
C GLU H 105 1.08 67.75 5.10
N THR H 106 1.34 66.79 4.22
CA THR H 106 0.64 65.51 4.25
C THR H 106 0.83 64.82 5.60
N TRP H 107 2.05 64.93 6.14
CA TRP H 107 2.38 64.32 7.43
C TRP H 107 1.40 64.77 8.51
N VAL H 108 1.31 66.09 8.69
CA VAL H 108 0.43 66.67 9.70
C VAL H 108 -1.00 66.15 9.58
N GLU H 109 -1.53 66.14 8.36
CA GLU H 109 -2.90 65.68 8.13
C GLU H 109 -3.03 64.20 8.45
N THR H 110 -1.99 63.43 8.13
CA THR H 110 -1.99 61.99 8.39
C THR H 110 -1.78 61.79 9.89
N TRP H 111 -1.01 62.69 10.49
CA TRP H 111 -0.72 62.62 11.93
C TRP H 111 -1.94 63.00 12.76
N ALA H 112 -2.71 63.95 12.25
CA ALA H 112 -3.95 64.35 12.93
C ALA H 112 -5.01 63.27 12.72
N PHE H 113 -4.93 62.59 11.58
CA PHE H 113 -5.87 61.52 11.25
C PHE H 113 -5.73 60.37 12.25
N SER H 114 -4.52 59.85 12.35
CA SER H 114 -4.25 58.74 13.27
C SER H 114 -4.77 59.05 14.66
N GLU H 115 -4.83 60.33 15.00
CA GLU H 115 -5.31 60.75 16.30
C GLU H 115 -6.82 60.55 16.43
N THR H 116 -7.56 60.80 15.36
CA THR H 116 -9.00 60.63 15.37
C THR H 116 -9.31 59.15 15.63
N ILE H 117 -8.51 58.28 15.01
CA ILE H 117 -8.68 56.84 15.16
C ILE H 117 -8.51 56.48 16.64
N HIS H 118 -7.57 57.14 17.29
CA HIS H 118 -7.31 56.90 18.71
C HIS H 118 -8.53 57.32 19.52
N SER H 119 -9.11 58.46 19.15
CA SER H 119 -10.29 58.98 19.85
C SER H 119 -11.45 58.01 19.63
N ARG H 120 -11.42 57.28 18.53
CA ARG H 120 -12.46 56.33 18.20
C ARG H 120 -12.31 55.05 19.03
N SER H 121 -11.06 54.62 19.21
CA SER H 121 -10.78 53.41 19.99
C SER H 121 -11.28 53.53 21.43
N TYR H 122 -11.01 54.68 22.05
CA TYR H 122 -11.44 54.91 23.42
C TYR H 122 -12.95 54.75 23.55
N THR H 123 -13.68 55.29 22.58
CA THR H 123 -15.14 55.20 22.58
C THR H 123 -15.57 53.74 22.46
N HIS H 124 -14.77 52.94 21.78
CA HIS H 124 -15.07 51.53 21.59
C HIS H 124 -14.73 50.72 22.84
N ILE H 125 -13.79 51.23 23.62
CA ILE H 125 -13.36 50.56 24.85
C ILE H 125 -14.32 50.84 26.00
N ILE H 126 -14.79 52.08 26.08
CA ILE H 126 -15.71 52.49 27.13
C ILE H 126 -17.04 51.75 27.08
N ARG H 127 -17.73 51.82 25.95
CA ARG H 127 -19.02 51.15 25.79
C ARG H 127 -18.96 49.67 26.15
N ASN H 128 -17.80 49.06 26.01
CA ASN H 128 -17.63 47.64 26.33
C ASN H 128 -17.42 47.39 27.82
N ILE H 129 -16.83 48.37 28.51
CA ILE H 129 -16.56 48.23 29.95
C ILE H 129 -17.69 48.75 30.83
N VAL H 130 -18.28 49.89 30.44
CA VAL H 130 -19.37 50.48 31.23
C VAL H 130 -20.72 50.28 30.56
N ASN H 131 -21.78 50.58 31.30
CA ASN H 131 -23.14 50.44 30.80
C ASN H 131 -23.58 51.72 30.07
N ASP H 132 -23.30 52.86 30.68
CA ASP H 132 -23.67 54.15 30.09
C ASP H 132 -22.42 54.99 29.83
N PRO H 133 -21.91 54.96 28.59
CA PRO H 133 -20.73 55.72 28.19
C PRO H 133 -20.80 57.20 28.52
N SER H 134 -22.02 57.75 28.48
CA SER H 134 -22.23 59.16 28.77
C SER H 134 -21.72 59.53 30.16
N VAL H 135 -21.78 58.59 31.09
CA VAL H 135 -21.32 58.81 32.45
C VAL H 135 -19.84 59.19 32.48
N VAL H 136 -19.07 58.63 31.56
CA VAL H 136 -17.64 58.90 31.49
C VAL H 136 -17.33 60.16 30.68
N PHE H 137 -17.89 60.25 29.48
CA PHE H 137 -17.66 61.40 28.61
C PHE H 137 -18.07 62.73 29.23
N ASP H 138 -19.26 62.79 29.81
CA ASP H 138 -19.74 64.02 30.43
C ASP H 138 -18.85 64.47 31.59
N ASP H 139 -18.11 63.51 32.15
CA ASP H 139 -17.09 63.76 33.16
C ASP H 139 -15.86 64.57 32.71
N ILE H 140 -15.34 64.24 31.53
CA ILE H 140 -14.01 64.69 31.16
C ILE H 140 -14.09 66.21 31.30
N VAL H 141 -15.26 66.75 30.98
CA VAL H 141 -15.40 68.20 30.73
C VAL H 141 -15.48 69.20 31.92
N THR H 142 -16.40 68.97 32.86
CA THR H 142 -16.33 69.55 34.20
C THR H 142 -15.13 69.08 35.04
N ASN H 143 -14.76 67.82 34.88
CA ASN H 143 -13.92 67.23 35.88
C ASN H 143 -12.67 68.10 36.03
N GLU H 144 -12.35 68.41 37.29
CA GLU H 144 -11.26 69.33 37.61
C GLU H 144 -9.88 68.87 37.16
N GLN H 145 -9.58 67.58 37.33
CA GLN H 145 -8.28 67.05 36.96
C GLN H 145 -8.08 67.22 35.46
N ILE H 146 -9.14 66.95 34.71
CA ILE H 146 -9.17 67.18 33.28
C ILE H 146 -9.03 68.67 32.96
N GLN H 147 -9.61 69.48 33.85
CA GLN H 147 -9.84 70.90 33.59
C GLN H 147 -8.56 71.72 33.39
N LYS H 148 -7.54 71.47 34.21
CA LYS H 148 -6.32 72.26 34.08
C LYS H 148 -5.53 71.82 32.86
N ARG H 149 -5.42 70.51 32.70
CA ARG H 149 -4.72 69.92 31.57
C ARG H 149 -5.41 70.31 30.27
N ALA H 150 -6.74 70.31 30.28
CA ALA H 150 -7.48 70.67 29.07
C ALA H 150 -7.21 72.13 28.71
N GLU H 151 -7.26 73.00 29.71
CA GLU H 151 -7.05 74.42 29.47
C GLU H 151 -5.64 74.73 28.98
N GLY H 152 -4.65 74.06 29.56
CA GLY H 152 -3.27 74.28 29.17
C GLY H 152 -2.97 73.89 27.74
N ILE H 153 -3.50 72.75 27.32
CA ILE H 153 -3.32 72.29 25.95
C ILE H 153 -3.98 73.24 24.96
N SER H 154 -5.17 73.71 25.32
CA SER H 154 -5.93 74.62 24.48
C SER H 154 -5.21 75.95 24.29
N SER H 155 -4.62 76.45 25.37
CA SER H 155 -3.95 77.76 25.34
C SER H 155 -2.94 78.00 24.21
N TYR H 156 -2.16 76.99 23.89
CA TYR H 156 -0.99 77.15 23.04
C TYR H 156 -1.37 77.01 21.56
N TYR H 157 -2.16 76.00 21.25
CA TYR H 157 -2.75 75.86 19.92
C TYR H 157 -3.53 77.13 19.54
N ASP H 158 -4.44 77.53 20.42
CA ASP H 158 -5.25 78.72 20.18
C ASP H 158 -4.37 79.97 20.04
N GLU H 159 -3.43 80.13 20.97
CA GLU H 159 -2.51 81.26 20.94
C GLU H 159 -1.78 81.34 19.60
N LEU H 160 -1.46 80.17 19.04
CA LEU H 160 -0.75 80.10 17.77
C LEU H 160 -1.69 80.39 16.61
N ILE H 161 -2.90 79.87 16.69
CA ILE H 161 -3.90 80.06 15.65
C ILE H 161 -4.31 81.54 15.55
N GLU H 162 -4.43 82.19 16.69
CA GLU H 162 -4.83 83.59 16.73
C GLU H 162 -3.89 84.45 15.89
N MET H 163 -2.60 84.40 16.19
CA MET H 163 -1.62 85.18 15.45
C MET H 163 -1.59 84.80 13.98
N THR H 164 -1.61 83.49 13.71
CA THR H 164 -1.58 82.98 12.35
C THR H 164 -2.68 83.66 11.52
N SER H 165 -3.80 83.96 12.18
CA SER H 165 -4.92 84.60 11.51
C SER H 165 -4.57 86.05 11.18
N TYR H 166 -3.92 86.73 12.12
CA TYR H 166 -3.53 88.12 11.93
C TYR H 166 -2.39 88.24 10.91
N TRP H 167 -1.54 87.22 10.86
CA TRP H 167 -0.41 87.22 9.92
C TRP H 167 -0.92 87.11 8.49
N HIS H 168 -2.18 86.72 8.34
CA HIS H 168 -2.78 86.57 7.01
C HIS H 168 -3.74 87.72 6.72
N LEU H 169 -4.42 88.20 7.76
CA LEU H 169 -5.36 89.29 7.60
C LEU H 169 -4.67 90.66 7.64
N LEU H 170 -3.56 90.72 8.38
CA LEU H 170 -2.81 91.96 8.51
C LEU H 170 -1.40 91.84 7.93
N GLY H 171 -0.64 90.90 8.46
CA GLY H 171 0.72 90.69 8.00
C GLY H 171 1.71 91.38 8.93
N GLU H 172 3.00 91.36 8.57
CA GLU H 172 4.01 91.99 9.40
C GLU H 172 3.75 93.49 9.55
N GLY H 173 4.07 94.02 10.72
CA GLY H 173 3.87 95.44 10.96
C GLY H 173 2.86 95.68 12.06
N THR H 174 2.76 96.92 12.52
CA THR H 174 1.82 97.27 13.58
C THR H 174 0.52 97.81 12.98
N HIS H 175 -0.59 97.20 13.39
CA HIS H 175 -1.92 97.51 12.87
C HIS H 175 -2.94 97.73 13.99
N THR H 176 -4.00 98.48 13.69
CA THR H 176 -4.98 98.89 14.69
C THR H 176 -6.39 98.41 14.36
N VAL H 177 -7.07 97.86 15.36
CA VAL H 177 -8.42 97.34 15.18
C VAL H 177 -9.36 97.90 16.24
N ASN H 178 -10.33 98.70 15.80
CA ASN H 178 -11.30 99.31 16.72
C ASN H 178 -10.61 100.11 17.80
N GLY H 179 -9.68 100.96 17.41
CA GLY H 179 -8.94 101.77 18.37
C GLY H 179 -7.75 101.03 18.95
N LYS H 180 -7.94 99.74 19.21
CA LYS H 180 -6.88 98.91 19.77
C LYS H 180 -5.69 98.85 18.83
N THR H 181 -4.51 98.57 19.37
CA THR H 181 -3.30 98.47 18.56
C THR H 181 -2.77 97.05 18.56
N VAL H 182 -2.68 96.45 17.37
CA VAL H 182 -2.19 95.09 17.24
C VAL H 182 -0.83 95.05 16.57
N THR H 183 0.13 94.40 17.22
CA THR H 183 1.49 94.28 16.69
C THR H 183 1.73 92.88 16.15
N VAL H 184 1.77 92.77 14.83
CA VAL H 184 1.99 91.48 14.19
C VAL H 184 3.41 91.35 13.64
N SER H 185 4.28 90.66 14.39
CA SER H 185 5.66 90.47 13.99
C SER H 185 5.94 88.99 13.75
N LEU H 186 6.41 88.66 12.55
CA LEU H 186 6.72 87.28 12.20
C LEU H 186 7.66 86.64 13.21
N ARG H 187 8.48 87.46 13.84
CA ARG H 187 9.44 86.96 14.83
C ARG H 187 8.72 86.36 16.03
N GLU H 188 7.64 87.01 16.46
CA GLU H 188 6.86 86.53 17.59
C GLU H 188 6.01 85.32 17.18
N LEU H 189 5.49 85.35 15.95
CA LEU H 189 4.67 84.26 15.44
C LEU H 189 5.47 82.97 15.41
N LYS H 190 6.78 83.08 15.28
CA LYS H 190 7.65 81.91 15.22
C LYS H 190 7.85 81.31 16.60
N LYS H 191 7.78 82.15 17.64
CA LYS H 191 7.93 81.68 19.01
C LYS H 191 6.75 80.79 19.39
N LYS H 192 5.55 81.28 19.09
CA LYS H 192 4.34 80.54 19.41
C LYS H 192 4.36 79.18 18.73
N LEU H 193 4.78 79.16 17.46
CA LEU H 193 4.86 77.93 16.70
C LEU H 193 5.86 76.98 17.32
N TYR H 194 6.98 77.53 17.77
CA TYR H 194 8.04 76.75 18.40
C TYR H 194 7.59 76.25 19.76
N LEU H 195 7.15 77.17 20.61
CA LEU H 195 6.69 76.85 21.95
C LEU H 195 5.56 75.83 21.90
N CYS H 196 4.69 75.97 20.90
CA CYS H 196 3.56 75.07 20.74
C CYS H 196 4.05 73.65 20.51
N LEU H 197 4.97 73.48 19.56
CA LEU H 197 5.52 72.17 19.24
C LEU H 197 6.16 71.55 20.48
N MET H 198 6.79 72.39 21.30
CA MET H 198 7.43 71.93 22.52
C MET H 198 6.41 71.28 23.44
N SER H 199 5.21 71.84 23.45
CA SER H 199 4.12 71.31 24.28
C SER H 199 3.56 70.04 23.66
N VAL H 200 3.39 70.07 22.34
CA VAL H 200 2.92 68.89 21.61
C VAL H 200 3.92 67.74 21.71
N ASN H 201 5.20 68.07 21.70
CA ASN H 201 6.25 67.13 22.07
C ASN H 201 5.99 66.52 23.45
N ALA H 202 5.94 67.36 24.48
CA ALA H 202 5.87 66.90 25.85
C ALA H 202 4.61 66.05 26.08
N LEU H 203 3.54 66.38 25.36
CA LEU H 203 2.27 65.69 25.54
C LEU H 203 2.29 64.33 24.88
N GLU H 204 2.88 64.25 23.70
CA GLU H 204 2.97 62.99 22.95
C GLU H 204 4.22 62.18 23.29
N ALA H 205 5.03 62.69 24.19
CA ALA H 205 6.26 62.00 24.58
C ALA H 205 6.23 61.59 26.06
N ILE H 206 5.81 62.53 26.90
CA ILE H 206 5.75 62.27 28.34
C ILE H 206 4.32 62.06 28.82
N ARG H 207 3.47 63.06 28.63
CA ARG H 207 2.08 63.00 29.05
C ARG H 207 1.38 61.69 28.68
N PHE H 208 1.52 61.27 27.43
CA PHE H 208 0.90 60.04 26.97
C PHE H 208 1.57 58.78 27.51
N TYR H 209 2.90 58.79 27.56
CA TYR H 209 3.65 57.64 28.05
C TYR H 209 3.44 57.42 29.55
N VAL H 210 3.02 58.47 30.26
CA VAL H 210 2.79 58.37 31.69
C VAL H 210 1.47 57.64 31.94
N SER H 211 0.61 57.61 30.93
CA SER H 211 -0.69 56.94 31.05
C SER H 211 -0.58 55.48 30.59
N PHE H 212 0.29 55.23 29.62
CA PHE H 212 0.48 53.88 29.11
C PHE H 212 0.92 52.94 30.23
N ALA H 213 1.78 53.46 31.12
CA ALA H 213 2.29 52.67 32.23
C ALA H 213 1.13 52.06 33.02
N CYS H 214 0.08 52.85 33.25
CA CYS H 214 -1.09 52.38 33.98
C CYS H 214 -1.91 51.44 33.12
N SER H 215 -1.98 51.74 31.82
CA SER H 215 -2.73 50.92 30.89
C SER H 215 -2.13 49.51 30.79
N PHE H 216 -0.81 49.47 30.62
CA PHE H 216 -0.11 48.19 30.51
C PHE H 216 0.06 47.56 31.89
N ALA H 217 -0.18 48.35 32.94
CA ALA H 217 -0.06 47.87 34.31
C ALA H 217 -1.06 46.74 34.54
N PHE H 218 -2.27 46.92 34.04
CA PHE H 218 -3.32 45.92 34.18
C PHE H 218 -3.02 44.72 33.29
N ALA H 219 -2.29 44.98 32.20
CA ALA H 219 -1.94 43.93 31.24
C ALA H 219 -1.03 42.89 31.90
N GLU H 220 -0.05 43.37 32.65
CA GLU H 220 0.89 42.48 33.34
C GLU H 220 0.13 41.60 34.33
N ARG H 221 -1.03 42.06 34.77
CA ARG H 221 -1.85 41.31 35.69
C ARG H 221 -2.73 40.32 34.94
N GLU H 222 -2.67 40.40 33.61
CA GLU H 222 -3.56 39.62 32.75
C GLU H 222 -4.96 40.18 32.83
N LEU H 223 -5.08 41.43 33.25
CA LEU H 223 -6.37 42.09 33.38
C LEU H 223 -6.49 43.27 32.41
N MET H 224 -7.69 43.50 31.89
CA MET H 224 -7.93 44.54 30.90
C MET H 224 -7.10 44.33 29.63
N GLU H 225 -6.97 43.08 29.20
CA GLU H 225 -6.16 42.73 28.04
C GLU H 225 -6.65 43.34 26.71
N GLY H 226 -7.96 43.36 26.51
CA GLY H 226 -8.51 43.90 25.27
C GLY H 226 -8.15 45.37 25.13
N ASN H 227 -8.27 46.08 26.24
CA ASN H 227 -7.75 47.44 26.38
C ASN H 227 -6.24 47.49 26.19
N ALA H 228 -5.56 46.44 26.65
CA ALA H 228 -4.11 46.38 26.55
C ALA H 228 -3.67 46.40 25.08
N LYS H 229 -4.40 45.67 24.24
CA LYS H 229 -4.07 45.60 22.82
C LYS H 229 -4.26 46.96 22.13
N ILE H 230 -5.43 47.54 22.29
CA ILE H 230 -5.74 48.83 21.69
C ILE H 230 -4.73 49.89 22.11
N ILE H 231 -4.53 50.05 23.41
CA ILE H 231 -3.58 51.02 23.93
C ILE H 231 -2.19 50.76 23.36
N ARG H 232 -1.85 49.48 23.20
CA ARG H 232 -0.55 49.09 22.66
C ARG H 232 -0.37 49.59 21.23
N LEU H 233 -1.42 49.48 20.43
CA LEU H 233 -1.39 49.95 19.05
C LEU H 233 -1.24 51.45 18.99
N ILE H 234 -1.89 52.16 19.90
CA ILE H 234 -1.82 53.61 19.96
C ILE H 234 -0.39 54.06 20.25
N ALA H 235 0.29 53.29 21.11
CA ALA H 235 1.66 53.60 21.48
C ALA H 235 2.57 53.60 20.26
N ARG H 236 2.42 52.57 19.42
CA ARG H 236 3.23 52.45 18.21
C ARG H 236 3.06 53.68 17.33
N ASP H 237 1.81 54.04 17.06
CA ASP H 237 1.50 55.21 16.24
C ASP H 237 1.97 56.47 16.93
N GLU H 238 1.90 56.48 18.26
CA GLU H 238 2.30 57.64 19.04
C GLU H 238 3.79 57.97 18.86
N ALA H 239 4.61 56.93 18.82
CA ALA H 239 6.05 57.10 18.67
C ALA H 239 6.36 57.99 17.46
N LEU H 240 5.73 57.67 16.33
CA LEU H 240 5.93 58.43 15.11
C LEU H 240 5.57 59.90 15.30
N HIS H 241 4.58 60.14 16.15
CA HIS H 241 4.12 61.50 16.44
C HIS H 241 5.20 62.33 17.12
N LEU H 242 5.69 61.84 18.26
CA LEU H 242 6.72 62.54 19.00
C LEU H 242 8.02 62.68 18.21
N THR H 243 8.24 61.75 17.28
CA THR H 243 9.43 61.77 16.46
C THR H 243 9.40 62.95 15.49
N GLY H 244 8.29 63.09 14.77
CA GLY H 244 8.16 64.17 13.82
C GLY H 244 8.31 65.53 14.46
N THR H 245 7.75 65.69 15.64
CA THR H 245 7.82 66.97 16.36
C THR H 245 9.26 67.31 16.74
N GLN H 246 10.00 66.31 17.20
CA GLN H 246 11.39 66.51 17.60
C GLN H 246 12.22 67.05 16.43
N HIS H 247 12.19 66.35 15.31
CA HIS H 247 12.94 66.75 14.13
C HIS H 247 12.60 68.18 13.69
N MET H 248 11.33 68.55 13.79
CA MET H 248 10.91 69.90 13.42
C MET H 248 11.55 70.93 14.34
N LEU H 249 11.66 70.58 15.62
CA LEU H 249 12.27 71.46 16.61
C LEU H 249 13.76 71.62 16.36
N ASN H 250 14.43 70.51 16.09
CA ASN H 250 15.86 70.53 15.82
C ASN H 250 16.21 71.35 14.59
N LEU H 251 15.48 71.10 13.51
CA LEU H 251 15.71 71.82 12.25
C LEU H 251 15.51 73.33 12.43
N LEU H 252 14.71 73.71 13.42
CA LEU H 252 14.45 75.12 13.69
C LEU H 252 15.44 75.69 14.69
N ARG H 253 15.90 74.85 15.62
CA ARG H 253 16.85 75.28 16.64
C ARG H 253 18.28 75.22 16.10
N SER H 254 18.47 74.51 15.00
CA SER H 254 19.79 74.39 14.39
C SER H 254 19.97 75.42 13.28
N GLY H 255 18.93 76.21 13.04
CA GLY H 255 18.99 77.23 12.02
C GLY H 255 19.11 76.65 10.62
N ALA H 256 18.81 75.35 10.51
CA ALA H 256 18.88 74.66 9.23
C ALA H 256 17.85 75.22 8.24
N ASP H 257 16.58 75.11 8.61
CA ASP H 257 15.50 75.59 7.77
C ASP H 257 15.46 77.12 7.74
N ASP H 258 15.33 77.73 8.91
CA ASP H 258 15.28 79.18 9.01
C ASP H 258 16.37 79.71 9.95
N PRO H 259 17.28 80.53 9.42
CA PRO H 259 18.38 81.11 10.20
C PRO H 259 17.91 81.89 11.43
N GLU H 260 16.81 82.60 11.29
CA GLU H 260 16.26 83.40 12.38
C GLU H 260 15.79 82.52 13.53
N MET H 261 15.26 81.35 13.20
CA MET H 261 14.60 80.50 14.18
C MET H 261 15.59 79.97 15.21
N ALA H 262 16.84 79.81 14.81
CA ALA H 262 17.91 79.46 15.72
C ALA H 262 18.04 80.48 16.84
N GLU H 263 18.18 81.75 16.47
CA GLU H 263 18.17 82.84 17.43
C GLU H 263 16.93 82.76 18.33
N ILE H 264 15.77 82.62 17.72
CA ILE H 264 14.51 82.58 18.46
C ILE H 264 14.48 81.39 19.42
N ALA H 265 14.95 80.24 18.95
CA ALA H 265 14.97 79.03 19.76
C ALA H 265 15.86 79.20 20.98
N GLU H 266 16.96 79.93 20.82
CA GLU H 266 17.89 80.17 21.91
C GLU H 266 17.29 81.09 22.97
N GLU H 267 16.38 81.98 22.54
CA GLU H 267 15.74 82.91 23.46
C GLU H 267 14.69 82.22 24.32
N CYS H 268 14.01 81.24 23.74
CA CYS H 268 12.96 80.51 24.45
C CYS H 268 13.46 79.26 25.18
N LYS H 269 14.73 78.91 24.97
CA LYS H 269 15.29 77.73 25.62
C LYS H 269 14.92 77.66 27.10
N GLN H 270 15.05 78.79 27.79
CA GLN H 270 14.73 78.86 29.20
C GLN H 270 13.24 78.65 29.43
N GLU H 271 12.42 79.31 28.62
CA GLU H 271 10.97 79.20 28.74
C GLU H 271 10.51 77.79 28.35
N CYS H 272 11.23 77.18 27.41
CA CYS H 272 10.89 75.84 26.95
C CYS H 272 11.22 74.82 28.03
N TYR H 273 12.28 75.09 28.79
CA TYR H 273 12.71 74.22 29.87
C TYR H 273 11.64 74.18 30.94
N ASP H 274 11.17 75.36 31.34
CA ASP H 274 10.13 75.47 32.36
C ASP H 274 8.84 74.80 31.88
N LEU H 275 8.69 74.70 30.57
CA LEU H 275 7.51 74.07 29.98
C LEU H 275 7.50 72.59 30.30
N PHE H 276 8.56 71.90 29.93
CA PHE H 276 8.68 70.47 30.19
C PHE H 276 8.55 70.18 31.69
N VAL H 277 9.22 70.99 32.50
CA VAL H 277 9.17 70.82 33.95
C VAL H 277 7.74 71.04 34.43
N GLN H 278 7.03 71.94 33.77
CA GLN H 278 5.64 72.25 34.12
C GLN H 278 4.78 71.01 33.92
N ALA H 279 4.87 70.42 32.73
CA ALA H 279 4.10 69.22 32.40
C ALA H 279 4.60 68.04 33.21
N ALA H 280 5.92 67.86 33.25
CA ALA H 280 6.54 66.76 33.98
C ALA H 280 6.04 66.74 35.42
N GLN H 281 5.83 67.92 35.99
CA GLN H 281 5.35 68.04 37.36
C GLN H 281 3.88 67.68 37.46
N GLN H 282 3.07 68.25 36.57
CA GLN H 282 1.64 67.99 36.55
C GLN H 282 1.36 66.50 36.48
N GLU H 283 2.29 65.76 35.87
CA GLU H 283 2.16 64.31 35.74
C GLU H 283 2.20 63.66 37.11
N LYS H 284 3.06 64.18 37.98
CA LYS H 284 3.21 63.67 39.33
C LYS H 284 1.94 63.88 40.15
N ASP H 285 1.42 65.11 40.12
CA ASP H 285 0.21 65.46 40.85
C ASP H 285 -0.92 64.49 40.53
N TRP H 286 -1.10 64.21 39.25
CA TRP H 286 -2.15 63.29 38.81
C TRP H 286 -1.96 61.92 39.43
N ALA H 287 -0.71 61.46 39.47
CA ALA H 287 -0.39 60.16 40.04
C ALA H 287 -0.92 60.07 41.46
N ASP H 288 -0.90 61.20 42.17
CA ASP H 288 -1.38 61.24 43.54
C ASP H 288 -2.90 61.10 43.56
N TYR H 289 -3.56 61.74 42.60
CA TYR H 289 -5.01 61.70 42.48
C TYR H 289 -5.45 60.33 41.96
N LEU H 290 -4.63 59.76 41.08
CA LEU H 290 -4.92 58.46 40.49
C LEU H 290 -4.78 57.36 41.54
N PHE H 291 -4.05 57.67 42.61
CA PHE H 291 -3.79 56.69 43.67
C PHE H 291 -4.34 57.17 45.00
N ARG H 292 -4.91 58.37 45.01
CA ARG H 292 -5.52 58.93 46.22
C ARG H 292 -6.30 57.86 46.98
N ASP H 293 -6.94 56.95 46.25
CA ASP H 293 -7.79 55.93 46.85
C ASP H 293 -6.99 54.70 47.23
N GLY H 294 -5.95 54.41 46.46
CA GLY H 294 -5.05 53.31 46.76
C GLY H 294 -4.18 52.93 45.58
N SER H 295 -3.17 52.11 45.84
CA SER H 295 -2.21 51.73 44.81
C SER H 295 -2.54 50.36 44.22
N MET H 296 -1.70 49.90 43.29
CA MET H 296 -1.83 48.58 42.72
C MET H 296 -0.53 47.79 42.87
N ILE H 297 -0.58 46.52 42.50
CA ILE H 297 0.63 45.71 42.35
C ILE H 297 1.39 46.09 41.09
N GLY H 298 2.52 46.77 41.28
CA GLY H 298 3.30 47.27 40.16
C GLY H 298 3.45 48.78 40.18
N LEU H 299 2.35 49.48 39.92
CA LEU H 299 2.38 50.93 39.79
C LEU H 299 1.90 51.61 41.07
N ASN H 300 2.68 52.58 41.56
CA ASN H 300 2.35 53.34 42.76
C ASN H 300 3.00 54.73 42.77
N LYS H 301 2.48 55.63 43.57
CA LYS H 301 2.95 57.02 43.57
C LYS H 301 4.46 57.08 43.36
N ASP H 302 5.24 56.63 44.33
CA ASP H 302 6.67 56.87 44.24
C ASP H 302 7.08 56.25 42.91
N ILE H 303 6.45 55.12 42.60
CA ILE H 303 6.62 54.42 41.31
C ILE H 303 6.24 55.03 39.92
N LEU H 304 5.06 55.63 39.78
CA LEU H 304 4.66 56.18 38.51
C LEU H 304 5.41 57.50 38.44
N CYS H 305 5.60 58.13 39.59
CA CYS H 305 6.31 59.41 39.64
C CYS H 305 7.76 59.24 39.20
N GLN H 306 8.39 58.16 39.64
CA GLN H 306 9.77 57.87 39.28
C GLN H 306 9.93 57.77 37.76
N TYR H 307 8.96 57.11 37.12
CA TYR H 307 8.99 56.93 35.67
C TYR H 307 8.85 58.26 34.95
N VAL H 308 8.06 59.17 35.54
CA VAL H 308 7.85 60.49 34.95
C VAL H 308 9.17 61.20 34.72
N GLU H 309 10.04 61.17 35.73
CA GLU H 309 11.34 61.82 35.65
C GLU H 309 12.24 61.13 34.63
N TYR H 310 12.33 59.80 34.73
CA TYR H 310 13.15 59.00 33.84
C TYR H 310 12.90 59.32 32.36
N ILE H 311 11.63 59.37 31.98
CA ILE H 311 11.27 59.66 30.59
C ILE H 311 11.44 61.12 30.21
N THR H 312 11.18 62.02 31.15
CA THR H 312 11.30 63.45 30.90
C THR H 312 12.72 63.80 30.45
N ASN H 313 13.72 63.26 31.14
CA ASN H 313 15.11 63.51 30.81
C ASN H 313 15.44 63.08 29.38
N ILE H 314 14.98 61.90 29.01
CA ILE H 314 15.23 61.36 27.67
C ILE H 314 14.56 62.20 26.60
N ARG H 315 13.33 62.63 26.87
CA ARG H 315 12.59 63.45 25.91
C ARG H 315 13.16 64.86 25.78
N MET H 316 13.55 65.45 26.90
CA MET H 316 14.12 66.79 26.90
C MET H 316 15.50 66.82 26.26
N GLN H 317 16.32 65.82 26.59
CA GLN H 317 17.67 65.74 26.04
C GLN H 317 17.61 65.54 24.54
N ALA H 318 16.49 65.01 24.06
CA ALA H 318 16.30 64.75 22.65
C ALA H 318 16.15 66.04 21.85
N VAL H 319 15.39 66.99 22.39
CA VAL H 319 15.18 68.28 21.72
C VAL H 319 16.33 69.23 21.97
N GLY H 320 17.06 69.02 23.07
CA GLY H 320 18.18 69.87 23.40
C GLY H 320 17.94 70.75 24.62
N LEU H 321 17.68 70.11 25.75
CA LEU H 321 17.43 70.84 26.99
C LEU H 321 18.09 70.14 28.17
N ASP H 322 18.48 70.93 29.18
CA ASP H 322 19.12 70.41 30.37
C ASP H 322 18.22 69.47 31.13
N LEU H 323 18.80 68.41 31.70
CA LEU H 323 18.05 67.42 32.46
C LEU H 323 17.62 68.01 33.79
N PRO H 324 16.30 68.23 33.97
CA PRO H 324 15.75 68.79 35.21
C PRO H 324 15.77 67.81 36.39
N PHE H 325 15.55 66.54 36.10
CA PHE H 325 15.54 65.52 37.14
C PHE H 325 16.85 64.73 37.18
N GLN H 326 17.13 64.14 38.35
CA GLN H 326 18.34 63.35 38.54
C GLN H 326 18.36 62.12 37.64
N THR H 327 19.55 61.70 37.24
CA THR H 327 19.71 60.53 36.39
C THR H 327 19.24 59.29 37.14
N ARG H 328 18.54 58.40 36.44
CA ARG H 328 18.02 57.19 37.05
C ARG H 328 17.72 56.12 36.00
N SER H 329 17.69 54.87 36.43
CA SER H 329 17.39 53.76 35.52
C SER H 329 15.87 53.63 35.36
N ASN H 330 15.45 52.80 34.40
CA ASN H 330 14.03 52.61 34.14
C ASN H 330 13.36 51.94 35.35
N PRO H 331 12.42 52.64 35.98
CA PRO H 331 11.71 52.13 37.16
C PRO H 331 10.72 51.01 36.83
N ILE H 332 10.36 50.90 35.56
CA ILE H 332 9.42 49.87 35.12
C ILE H 332 9.84 49.26 33.78
N PRO H 333 10.94 48.50 33.77
CA PRO H 333 11.46 47.86 32.55
C PRO H 333 10.42 47.07 31.77
N TRP H 334 9.36 46.65 32.46
CA TRP H 334 8.30 45.88 31.82
C TRP H 334 7.52 46.67 30.78
N ILE H 335 7.59 47.99 30.85
CA ILE H 335 6.87 48.85 29.90
C ILE H 335 7.47 48.75 28.50
N ASN H 336 8.78 48.51 28.43
CA ASN H 336 9.48 48.39 27.16
C ASN H 336 8.95 47.22 26.34
N THR H 337 8.25 46.31 27.00
CA THR H 337 7.69 45.13 26.35
C THR H 337 6.50 45.50 25.47
N TRP H 338 5.95 46.69 25.68
CA TRP H 338 4.79 47.14 24.91
C TRP H 338 5.13 48.31 23.99
N LEU H 339 6.38 48.73 24.02
CA LEU H 339 6.84 49.84 23.19
C LEU H 339 7.62 49.35 21.98
N VAL H 340 7.46 50.03 20.86
CA VAL H 340 8.16 49.66 19.63
C VAL H 340 9.66 49.95 19.73
N SER H 341 10.40 49.55 18.71
CA SER H 341 11.84 49.75 18.68
C SER H 341 12.36 49.80 17.25
N ILE H 361 33.68 8.39 21.11
CA ILE H 361 34.83 9.29 20.94
C ILE H 361 35.84 8.69 19.98
N ASP H 362 36.54 9.55 19.24
CA ASP H 362 37.54 9.11 18.28
C ASP H 362 38.77 8.54 18.99
N SER H 363 39.20 7.36 18.57
CA SER H 363 40.34 6.70 19.21
C SER H 363 41.66 6.86 18.44
N GLU H 364 41.68 7.66 17.39
CA GLU H 364 42.78 7.62 16.47
C GLU H 364 43.99 7.81 17.34
N VAL H 365 44.94 6.89 17.18
CA VAL H 365 46.21 6.94 17.90
C VAL H 365 47.41 6.83 16.96
N ASP H 366 48.43 7.67 17.21
CA ASP H 366 49.66 7.66 16.43
C ASP H 366 50.84 7.68 17.40
N THR H 367 51.82 6.81 17.15
CA THR H 367 52.99 6.72 18.02
C THR H 367 54.07 7.74 17.65
N ASP H 368 54.28 7.94 16.36
CA ASP H 368 55.29 8.87 15.88
C ASP H 368 55.04 10.32 16.28
N ASP H 369 53.78 10.74 16.21
CA ASP H 369 53.43 12.12 16.55
C ASP H 369 53.70 12.44 18.02
N LEU H 370 53.52 11.44 18.90
CA LEU H 370 53.74 11.64 20.33
C LEU H 370 55.15 11.27 20.75
N SER H 371 55.83 10.46 19.93
CA SER H 371 57.19 10.04 20.22
C SER H 371 58.15 11.23 20.21
N ASN H 372 57.73 12.31 19.56
CA ASN H 372 58.57 13.51 19.49
C ASN H 372 58.44 14.34 20.75
N PHE H 373 57.46 14.01 21.59
CA PHE H 373 57.24 14.73 22.83
C PHE H 373 58.11 14.17 23.94
N GLN H 374 59.00 15.01 24.46
CA GLN H 374 59.90 14.60 25.53
C GLN H 374 59.29 14.86 26.91
N LEU H 375 59.37 13.86 27.78
CA LEU H 375 58.82 13.98 29.13
C LEU H 375 59.79 14.71 30.05
PG DTP I . 46.57 -52.16 31.66
O1G DTP I . 46.16 -53.21 32.66
O2G DTP I . 47.91 -52.56 31.04
O3G DTP I . 45.50 -52.05 30.59
PB DTP I . 46.81 -49.45 31.59
O1B DTP I . 48.10 -48.76 31.96
O2B DTP I . 46.81 -49.71 30.10
O3B DTP I . 46.71 -50.79 32.39
PA DTP I . 44.13 -49.03 32.11
O1A DTP I . 44.10 -50.40 32.66
O2A DTP I . 43.39 -48.15 33.05
O3A DTP I . 45.59 -48.49 31.96
O5' DTP I . 43.37 -49.00 30.71
C5' DTP I . 42.31 -48.19 30.56
C4' DTP I . 41.44 -48.45 29.46
O4' DTP I . 42.16 -48.35 28.21
C3' DTP I . 40.87 -49.78 29.54
O3' DTP I . 39.57 -49.79 29.19
C2' DTP I . 41.63 -50.58 28.57
C1' DTP I . 42.08 -49.59 27.55
N9 DTP I . 43.32 -50.01 26.89
C8 DTP I . 44.47 -50.39 27.49
N7 DTP I . 45.39 -50.69 26.56
C5 DTP I . 44.82 -50.50 25.35
C6 DTP I . 45.28 -50.66 24.03
N6 DTP I . 46.64 -51.12 23.78
N1 DTP I . 44.45 -50.40 23.00
C2 DTP I . 43.20 -49.98 23.25
N3 DTP I . 42.72 -49.82 24.49
C4 DTP I . 43.52 -50.07 25.55
PB DAT J . 25.21 -32.41 51.72
O1B DAT J . 25.88 -33.37 52.84
O2B DAT J . 24.33 -33.21 50.83
O3B DAT J . 26.27 -31.79 50.92
PA DAT J . 23.47 -31.64 53.61
O1A DAT J . 24.16 -31.55 54.98
O2A DAT J . 22.91 -33.14 53.37
O3A DAT J . 24.38 -31.29 52.43
O5' DAT J . 22.20 -30.69 53.57
C5' DAT J . 22.19 -29.54 54.29
C4' DAT J . 23.46 -28.65 54.27
O4' DAT J . 24.05 -28.33 52.93
C3' DAT J . 23.24 -27.35 54.87
O3' DAT J . 23.28 -27.42 56.31
C2' DAT J . 24.28 -26.46 54.30
C1' DAT J . 24.82 -27.18 53.14
N9 DAT J . 25.05 -26.21 52.03
C8 DAT J . 24.19 -25.30 51.56
N7 DAT J . 24.78 -24.62 50.54
C5 DAT J . 26.02 -25.12 50.39
C6 DAT J . 27.07 -24.80 49.52
N6 DAT J . 26.92 -23.80 48.57
N1 DAT J . 28.23 -25.46 49.60
C2 DAT J . 28.37 -26.44 50.51
N3 DAT J . 27.38 -26.76 51.37
C4 DAT J . 26.21 -26.12 51.32
PG DTP K . 20.94 4.58 68.62
O1G DTP K . 21.14 3.15 68.17
O2G DTP K . 19.78 5.21 67.84
O3G DTP K . 20.60 4.58 70.10
PB DTP K . 23.41 4.83 67.51
O1B DTP K . 24.18 3.77 68.27
O2B DTP K . 24.35 5.95 67.14
O3B DTP K . 22.25 5.39 68.40
PA DTP K . 23.33 2.83 65.65
O1A DTP K . 23.06 1.78 66.66
O2A DTP K . 24.78 2.93 65.44
O3A DTP K . 22.80 4.20 66.17
O5' DTP K . 22.61 2.45 64.28
C5' DTP K . 21.30 2.22 64.26
C4' DTP K . 20.69 1.82 63.04
O4' DTP K . 20.46 2.97 62.18
C3' DTP K . 21.46 0.86 62.23
O3' DTP K . 20.56 0.17 61.51
C2' DTP K . 22.23 1.72 61.34
C1' DTP K . 21.37 2.91 61.13
N9 DTP K . 22.16 4.15 60.97
C8 DTP K . 22.90 4.76 61.93
N7 DTP K . 23.47 5.86 61.41
C5 DTP K . 23.10 5.96 60.11
C6 DTP K . 23.37 6.87 59.09
N6 DTP K . 24.25 8.02 59.37
N1 DTP K . 22.85 6.70 57.87
C2 DTP K . 22.05 5.65 57.65
N3 DTP K . 21.76 4.73 58.59
C4 DTP K . 22.26 4.88 59.83
MG MG L . 21.92 2.03 69.23
PG DTP M . 4.36 39.69 60.28
O1G DTP M . 4.48 39.00 58.95
O2G DTP M . 3.19 39.08 61.07
O3G DTP M . 5.64 39.49 61.05
PB DTP M . 5.22 42.05 59.34
O1B DTP M . 4.74 43.48 59.15
O2B DTP M . 6.48 42.04 60.18
O3B DTP M . 4.11 41.21 60.04
PA DTP M . 6.91 40.72 57.66
O1A DTP M . 7.94 41.77 57.74
O2A DTP M . 7.16 39.68 58.68
O3A DTP M . 5.52 41.40 57.92
O5' DTP M . 6.92 40.06 56.21
C5' DTP M . 5.79 39.62 55.66
C4' DTP M . 5.63 39.76 54.25
O4' DTP M . 4.23 39.81 53.91
C3' DTP M . 6.22 41.02 53.82
O3' DTP M . 6.69 40.87 52.56
C2' DTP M . 5.11 41.96 53.82
C1' DTP M . 3.92 41.13 53.53
N9 DTP M . 2.69 41.67 54.15
C8 DTP M . 2.52 42.04 55.43
N7 DTP M . 1.27 42.48 55.60
C5 DTP M . 0.62 42.41 54.41
C6 DTP M . -0.67 42.74 53.97
N6 DTP M . -1.64 43.28 54.93
N1 DTP M . -1.01 42.55 52.69
C2 DTP M . -0.11 42.05 51.84
N3 DTP M . 1.14 41.73 52.20
C4 DTP M . 1.53 41.90 53.48
PB DAT N . 32.85 22.04 50.26
O1B DAT N . 32.70 22.74 48.82
O2B DAT N . 31.59 21.31 50.58
O3B DAT N . 33.12 23.06 51.27
PA DAT N . 34.91 20.92 48.95
O1A DAT N . 35.62 22.22 48.58
O2A DAT N . 33.94 20.42 47.73
O3A DAT N . 34.04 21.01 50.21
O5' DAT N . 35.96 19.74 49.15
C5' DAT N . 35.65 18.51 48.72
C4' DAT N . 35.28 17.46 49.80
O4' DAT N . 33.83 17.15 49.97
C3' DAT N . 35.91 16.16 49.55
O3' DAT N . 37.19 16.09 50.22
C2' DAT N . 34.95 15.15 50.01
C1' DAT N . 33.78 15.88 50.53
N9 DAT N . 32.54 15.09 50.29
C8 DAT N . 31.94 14.27 51.15
N7 DAT N . 30.83 13.76 50.57
C5 DAT N . 30.74 14.27 49.33
C6 DAT N . 29.82 14.09 48.30
N6 DAT N . 28.74 13.24 48.47
N1 DAT N . 29.99 14.74 47.14
C2 DAT N . 31.05 15.56 46.98
N3 DAT N . 31.95 15.75 47.96
C4 DAT N . 31.82 15.12 49.13
PG DTP O . 47.93 -15.71 52.43
O1G DTP O . 47.68 -14.23 52.30
O2G DTP O . 48.50 -16.24 51.11
O3G DTP O . 48.92 -15.96 53.54
PB DTP O . 45.78 -16.05 54.06
O1B DTP O . 46.64 -15.18 54.94
O2B DTP O . 45.39 -17.30 54.81
O3B DTP O . 46.58 -16.44 52.76
PA DTP O . 44.50 -13.80 53.10
O1A DTP O . 45.48 -13.01 53.86
O2A DTP O . 43.17 -13.21 53.28
O3A DTP O . 44.45 -15.28 53.63
O5' DTP O . 44.86 -13.77 51.55
C5' DTP O . 43.92 -14.00 50.65
C4' DTP O . 43.73 -13.04 49.62
O4' DTP O . 42.79 -13.56 48.64
C3' DTP O . 43.04 -11.84 50.16
O3' DTP O . 43.21 -10.86 49.26
C2' DTP O . 41.64 -12.24 50.17
C1' DTP O . 41.51 -13.32 49.14
N9 DTP O . 40.84 -14.52 49.66
C8 DTP O . 40.96 -15.05 50.89
N7 DTP O . 40.19 -16.14 50.98
C5 DTP O . 39.55 -16.31 49.79
C6 DTP O . 38.65 -17.25 49.31
N6 DTP O . 38.19 -18.35 50.17
N1 DTP O . 38.18 -17.15 48.05
C2 DTP O . 38.60 -16.14 47.28
N3 DTP O . 39.48 -15.22 47.70
C4 DTP O . 39.97 -15.28 48.95
MG MG P . 48.33 -13.16 53.50
PG DTP Q . -17.31 56.65 -47.52
O1G DTP Q . -18.62 57.39 -47.55
O2G DTP Q . -16.25 57.50 -48.26
O3G DTP Q . -16.90 56.44 -46.08
PB DTP Q . -16.40 54.15 -48.09
O1B DTP Q . -15.90 53.78 -49.47
O2B DTP Q . -15.22 54.64 -47.27
O3B DTP Q . -17.49 55.28 -48.23
PA DTP Q . -18.00 52.95 -46.17
O1A DTP Q . -18.83 54.17 -46.24
O2A DTP Q . -18.89 51.77 -46.20
O3A DTP Q . -17.03 52.86 -47.40
O5' DTP Q . -17.18 52.95 -44.81
C5' DTP Q . -17.33 51.92 -43.97
C4' DTP Q . -16.90 52.11 -42.61
O4' DTP Q . -15.48 52.41 -42.58
C3' DTP Q . -17.60 53.22 -41.99
O3' DTP Q . -17.94 52.93 -40.71
C2' DTP Q . -16.65 54.32 -42.00
C1' DTP Q . -15.32 53.66 -41.98
N9 DTP Q . -14.28 54.50 -42.62
C8 DTP Q . -14.34 55.06 -43.83
N7 DTP Q . -13.21 55.75 -44.07
C5 DTP Q . -12.41 55.62 -42.98
C6 DTP Q . -11.15 56.09 -42.65
N6 DTP Q . -10.40 56.94 -43.59
N1 DTP Q . -10.60 55.79 -41.45
C2 DTP Q . -11.29 55.02 -40.60
N3 DTP Q . -12.52 54.54 -40.87
C4 DTP Q . -13.09 54.82 -42.05
PB DAT R . -39.52 29.31 -43.90
O1B DAT R . -39.71 30.11 -42.51
O2B DAT R . -38.12 28.81 -43.99
O3B DAT R . -39.80 30.23 -45.01
PA DAT R . -41.22 27.66 -42.65
O1A DAT R . -42.29 28.64 -42.16
O2A DAT R . -40.07 27.43 -41.52
O3A DAT R . -40.52 28.11 -43.94
O5' DAT R . -41.86 26.23 -42.91
C5' DAT R . -41.08 25.24 -43.39
C4' DAT R . -41.52 24.56 -44.72
O4' DAT R . -40.42 24.30 -45.69
C3' DAT R . -42.14 23.27 -44.49
O3' DAT R . -43.48 23.26 -45.01
C2' DAT R . -41.26 22.27 -45.13
C1' DAT R . -40.07 22.99 -45.58
N9 DAT R . -38.93 22.73 -44.66
C8 DAT R . -39.00 22.31 -43.40
N7 DAT R . -37.75 22.19 -42.89
C5 DAT R . -36.90 22.55 -43.87
C6 DAT R . -35.50 22.63 -43.91
N6 DAT R . -34.74 22.29 -42.80
N1 DAT R . -34.89 23.03 -45.04
C2 DAT R . -35.63 23.35 -46.12
N3 DAT R . -36.98 23.29 -46.09
C4 DAT R . -37.62 22.90 -44.99
PG DTP S . -45.80 -9.12 -55.02
O1G DTP S . -46.89 -8.08 -55.07
O2G DTP S . -44.73 -8.68 -54.01
O3G DTP S . -46.40 -10.44 -54.56
PB DTP S . -43.91 -8.49 -56.87
O1B DTP S . -43.98 -8.22 -58.36
O2B DTP S . -42.68 -9.30 -56.54
O3B DTP S . -45.19 -9.30 -56.44
PA DTP S . -42.60 -6.21 -56.08
O1A DTP S . -42.76 -5.12 -57.07
O2A DTP S . -41.42 -7.02 -56.44
O3A DTP S . -43.88 -7.11 -56.08
O5' DTP S . -42.38 -5.61 -54.62
C5' DTP S . -42.48 -6.41 -53.56
C4' DTP S . -41.93 -5.95 -52.33
O4' DTP S . -40.97 -6.91 -51.84
C3' DTP S . -41.17 -4.69 -52.54
O3' DTP S . -41.17 -4.02 -51.37
C2' DTP S . -39.83 -5.14 -52.83
C1' DTP S . -39.68 -6.42 -52.10
N9 DTP S . -38.81 -7.38 -52.81
C8 DTP S . -38.97 -7.84 -54.06
N7 DTP S . -37.98 -8.70 -54.36
C5 DTP S . -37.16 -8.77 -53.29
C6 DTP S . -35.99 -9.49 -53.02
N6 DTP S . -35.42 -10.37 -54.03
N1 DTP S . -35.39 -9.36 -51.82
C2 DTP S . -35.92 -8.55 -50.91
N3 DTP S . -37.04 -7.84 -51.11
C4 DTP S . -37.68 -7.95 -52.30
MG MG T . -46.75 -6.75 -56.17
PG DTP U . -34.36 -47.71 -43.11
O1G DTP U . -33.79 -48.36 -44.35
O2G DTP U . -35.53 -48.56 -42.59
O3G DTP U . -33.27 -47.64 -42.06
PB DTP U . -35.19 -45.24 -42.32
O1B DTP U . -36.63 -44.80 -42.49
O2B DTP U . -35.04 -45.86 -40.96
O3B DTP U . -34.84 -46.28 -43.46
PA DTP U . -32.71 -44.09 -42.75
O1A DTP U . -32.42 -45.24 -43.62
O2A DTP U . -32.26 -42.86 -43.43
O3A DTP U . -34.24 -43.97 -42.45
O5' DTP U . -31.89 -44.23 -41.39
C5' DTP U . -31.03 -43.28 -41.03
C4' DTP U . -30.04 -43.59 -40.06
O4' DTP U . -30.68 -43.99 -38.81
C3' DTP U . -29.20 -44.69 -40.48
O3' DTP U . -27.91 -44.48 -40.17
C2' DTP U . -29.70 -45.85 -39.75
C1' DTP U . -30.27 -45.29 -38.51
N9 DTP U . -31.36 -46.14 -37.96
C8 DTP U . -32.43 -46.62 -38.64
N7 DTP U . -33.18 -47.34 -37.81
C5 DTP U . -32.59 -47.35 -36.59
C6 DTP U . -32.91 -47.93 -35.36
N6 DTP U . -34.12 -48.75 -35.22
N1 DTP U . -32.09 -47.75 -34.30
C2 DTP U . -31.00 -47.01 -34.45
N3 DTP U . -30.64 -46.43 -35.60
C4 DTP U . -31.43 -46.58 -36.68
PB DAT V . -19.91 -19.54 -58.11
O1B DAT V . -20.57 -20.66 -59.08
O2B DAT V . -18.73 -20.15 -57.43
O3B DAT V . -20.89 -19.12 -57.10
PA DAT V . -18.03 -18.16 -59.42
O1A DAT V . -17.59 -19.20 -60.46
O2A DAT V . -17.08 -18.23 -58.10
O3A DAT V . -19.47 -18.31 -58.96
O5' DAT V . -17.83 -16.70 -60.00
C5' DAT V . -18.16 -15.63 -59.22
C4' DAT V . -19.56 -15.02 -59.41
O4' DAT V . -20.57 -15.35 -58.35
C3' DAT V . -19.52 -13.56 -59.48
O3' DAT V . -19.65 -13.12 -60.84
C2' DAT V . -20.60 -13.09 -58.59
C1' DAT V . -20.83 -14.17 -57.65
N9 DAT V . -19.98 -13.98 -56.44
C8 DAT V . -19.21 -12.92 -56.18
N7 DAT V . -18.59 -13.12 -54.99
C5 DAT V . -19.00 -14.31 -54.51
C6 DAT V . -18.70 -15.00 -53.34
N6 DAT V . -17.82 -14.46 -52.41
N1 DAT V . -19.26 -16.20 -53.11
C2 DAT V . -20.10 -16.72 -54.02
N3 DAT V . -20.41 -16.06 -55.16
C4 DAT V . -19.88 -14.87 -55.43
PG DTP W . -25.11 19.99 -66.23
O1G DTP W . -25.12 19.07 -67.41
O2G DTP W . -24.52 19.24 -65.01
O3G DTP W . -24.24 21.19 -66.55
PB DTP W . -27.65 19.40 -65.49
O1B DTP W . -27.94 18.49 -66.66
O2B DTP W . -28.92 20.12 -65.09
O3B DTP W . -26.56 20.45 -65.91
PA DTP W . -27.54 17.09 -63.97
O1A DTP W . -27.60 16.36 -65.25
O2A DTP W . -28.86 17.06 -63.33
O3A DTP W . -27.10 18.58 -64.24
O5' DTP W . -26.47 16.40 -63.02
C5' DTP W . -25.20 16.81 -63.04
C4' DTP W . -24.28 16.20 -62.13
O4' DTP W . -24.07 17.07 -60.99
C3' DTP W . -24.76 14.92 -61.60
O3' DTP W . -23.68 14.14 -61.40
C2' DTP W . -25.36 15.25 -60.31
C1' DTP W . -24.83 16.57 -59.91
N9 DTP W . -25.87 17.49 -59.44
C8 DTP W . -26.82 18.10 -60.18
N7 DTP W . -27.59 18.86 -59.39
C5 DTP W . -27.14 18.72 -58.11
C6 DTP W . -27.55 19.27 -56.90
N6 DTP W . -28.69 20.18 -56.84
N1 DTP W . -26.88 18.95 -55.77
C2 DTP W . -25.84 18.11 -55.84
N3 DTP W . -25.42 17.56 -56.99
C4 DTP W . -26.06 17.86 -58.15
MG MG X . -25.25 17.36 -67.16
FE1 FEO Y . -9.85 62.64 -4.34
FE2 FEO Y . -12.91 63.73 -3.24
O FEO Y . -11.76 62.17 -3.84
FE1 FEO Z . 16.02 -61.48 1.53
FE2 FEO Z . 13.81 -63.49 3.22
O FEO Z . 14.50 -61.62 2.86
FE1 FEO AA . -1.20 -59.56 -17.09
FE2 FEO AA . 1.28 -60.40 -19.31
O FEO AA . 0.26 -58.91 -18.36
FE1 FEO BA . -3.07 59.59 19.94
FE2 FEO BA . -0.20 61.34 19.25
O FEO BA . -1.13 59.53 19.37
#